data_3V0A
#
_entry.id   3V0A
#
_cell.length_a   156.080
_cell.length_b   156.080
_cell.length_c   324.603
_cell.angle_alpha   90.00
_cell.angle_beta   90.00
_cell.angle_gamma   90.00
#
_symmetry.space_group_name_H-M   'P 41 21 2'
#
loop_
_entity.id
_entity.type
_entity.pdbx_description
1 polymer BoNT/A
2 polymer NTNH
3 polymer 'Llama antibody F12'
4 non-polymer 'ZINC ION'
5 non-polymer 'CALCIUM ION'
6 non-polymer 'SULFATE ION'
7 non-polymer '2-(N-MORPHOLINO)-ETHANESULFONIC ACID'
8 water water
#
loop_
_entity_poly.entity_id
_entity_poly.type
_entity_poly.pdbx_seq_one_letter_code
_entity_poly.pdbx_strand_id
1 'polypeptide(L)'
;MPFVNKQFNYKDPVNGVDIAYIKIPNAGQMQPVKAFKIHNKIWVIPERDTFTNPEEGDLNPPPEAKQVPVSYYDSTYLST
DNEKDNYLKGVTKLFERIYSTDLGRMLLTSIVRGIPFWGGSTIDTELKVIDTNCINVIQPDGSYRSEELNLVIIGPSADI
IQFECKSFGHEVLNLTRNGYGSTQYIRFSPDFTFGFEESLEVDTNPLLGAGKFATDPAVTLAHQLIHAGHRLYGIAINPN
RVFKVNTNAYYEMSGLEVSFEELRTFGGHDAKFIDSLQENEFRLYYYNKFKDIASTLNKAKSIVGTTASLQYMKNVFKEK
YLLSEDTSGKFSVDKLKFDKLYKMLTEIYTEDNFVKFFKVLNAKTFLNFDKAVFKINIVPKVNYTIYDGFNLRNTNLAAN
FNGQNTEINNMNFTKLKNFTGLFEFYKLLCVRGIITSKTKSLDKGYNKALNDLCIKVNNWDLFFSPSEDNFTNDLNKGEE
ITSDTNIEAAEENISLDLIQQYYLTFNFDNEPENISIENLSSDIIGQLELMPNIERFPNGKKYELDKYTMFHYLRAQEFE
HGKSRIALTNSVNEALLNPSRVYTFFSSDYVKKVNKATEAAMFLGWVEQLVYDFTDETSEVSTTDKIADITIIIPYIGPA
LNIGNMLYKDDFVGALIFSGAVILLEFIPEIAIPVLGTFALVSYIANKVLTVQTIDNALSKRNEKWDEVYKYIVTNWLAK
VNTQIDLIRKKMKEALENQAEATKAIINYQYNQYTEEEKNNINFNIDDLSSKLNESINKAMININKFLNQCSVSYLMNSM
IPYGVKRLEDFDASLKDALLKYIYDNRGTLIGQVDRLKDKVNNTLSTDIPFQLSKYVDNQRLLSTFTEYIKNIINTSILN
LRYESNHLIDLSRYASKINIGSKVNFDPIDKNQIQLFNLESSKIEVILKNAIVYNSMYENFSTSFWIRIPKYFNSISLNN
EYTIINCMENNSGWKVSLNYGEIIWTLQDTQEIKQRVVFKYSQMINISDYINRWIFVTITNNRLNNSKIYINGRLIDQKP
ISNLGNIHASNNIMFKLDGCRDTHRYIWIKYFNLFDKELNEKEIKDLYDNQSNSGILKDFWGDYLQYDKPYYMLNLYDPN
KYVDVNNVGIRGYMYLKGPRGSVMTTNIYLNSSLYRGAKFIIKKYASGNKDNIVRNNDRVYINVVVKNKEYRLATNASQA
GVEKILSALEIPDVGNLSQVVVMKSKNDQGITNKCKMNLQDNNGNDIGFIGFHQFNNIAKLVASNWYNRQIERSSRTLGC
SWEFIPVDDGWGERPL
;
A
2 'polypeptide(L)'
;GSMNINDNLSINSPVDNKNVVVVRARKTDTVFKAFKVAPNIWVAPERYYGESLSIDEEYKVDGGIYDSNFLSQDSEKDKF
LQAIITLLKRINSTNAGEKLLSLISTAIPFPYGYIGGGYYAPNMITFGSAPKSNKKLNSLISSTIPFPYAGYRETNYLSS
EDNKSFYASNIVIFGPGANIVENNTVFYKKEDAENGMGTMTEIWFQPFLTYKYDEFYIDPAIELIKCLIKSLYFLYGIKP
SDDLVIPYRLRSELENIEYSQLNIVDLLVSGGIDPKFINTDPYWFTDNYFSNAKKVFEDHRNIYETEIEGNNAIGNDIKL
RLKQKFRININDIWELNLNYFSKEFSIMMPDRFNNALKHFYRKQYYKIDYPENYSINGFVNGQINAQLSLSDRNQDIINK
PEEIINLLNGNNVSLMRSNIYGDGLKSTVDDFYSNYKIPYNRAYEYHFNNSNDSSLDNVNIGVIDNIPEIIDVNPYKENC
DKFSPVQKITSTREINTNIPWPINYLQAQNTNNEKFSLSSDFVEVVSSKDKSLVYSFLSNVMFYLDSIKDNSPIDTDKKY
YLWLREIFRNYSFDITATQEINTNCGINKVVTWFGKALNILNTSDSFVEEFQNLGAISLINKKENLSMPIIESYEIPNDM
LGLPLNDLNEKLFNIYSKNTAYFKKIYYNFLDQWWTQYYSQYFDLICMAKRSVLAQETLIKRIIQKKLSYLIGNSNISSD
NLALMNLTTTNTLRDISNESQIAMNNVDSFLNNAAICVFESNIYPKFISFMEQCINNINIKTKEFIQKCTNINEDEKLQL
INQNVFNSLDFEFLNIQNMKSLFSSETALLIKEETWPYELVLYAFKEPGNNVIGDASGKNTSIEYSKDIGLVYGINSDAL
YLNGSNQSISFSNDFFENGLTNSFSIYFWLRNLGKDTIKSKLIGSKEDNCGWEIYFQDTGLVFNMIDSNGNEKNIYLSDV
SNNSWHYITISVDRLKEQLLIFIDDNLVANESIKEILNIYSSNIISLLSENNPSYIEGLTILNKPTTSQEVLSNYFEVLN
NSYIRDSNEERLEYNKTYQLYNYVFSDKPICEVKQNNNIYLTINNTNNLNLQASKFKLLSINPNKQYVQKLDEVIISVLD
NMEKYIDISEDNRLQLIDNKNNAKKMIISNDIFISNCLTLSYNGKYICLSMKDENHNWMICNNDMSKYLYLWSFKP
;
B
3 'polypeptide(L)'
;AMAISDPNSQVQLVESGGGLVQPGGSLRLSCAASGFTLGSRYMSWVRQAPGEGFEWVSSIEPSGTAWDGDSAKGRFTTSR
DDAKNTLYLQMSNLQPEDTGVYYCATGYRTDTRIPGGSWGQGTQVTVSSEPKTPKPQTSGAPVPYPDPLEPR
;
C
#
# COMPACT_ATOMS: atom_id res chain seq x y z
N MET A 1 12.08 41.19 -8.04
CA MET A 1 10.90 41.37 -7.20
C MET A 1 11.22 41.18 -5.72
N PRO A 2 12.35 41.76 -5.24
CA PRO A 2 12.80 41.61 -3.85
C PRO A 2 12.09 42.55 -2.86
N PHE A 3 12.02 42.14 -1.59
CA PHE A 3 11.37 42.96 -0.57
C PHE A 3 12.24 44.14 -0.14
N VAL A 4 13.52 43.88 0.11
CA VAL A 4 14.49 44.94 0.43
C VAL A 4 15.30 45.24 -0.83
N ASN A 5 15.06 46.40 -1.43
CA ASN A 5 15.64 46.73 -2.72
C ASN A 5 16.99 47.44 -2.66
N LYS A 6 17.42 47.76 -1.45
CA LYS A 6 18.79 48.24 -1.22
C LYS A 6 19.55 47.17 -0.45
N GLN A 7 20.83 47.00 -0.75
CA GLN A 7 21.63 46.15 0.12
C GLN A 7 22.53 47.03 0.97
N PHE A 8 22.15 47.16 2.25
CA PHE A 8 22.80 48.07 3.16
C PHE A 8 24.05 47.44 3.72
N ASN A 9 25.00 48.29 4.14
CA ASN A 9 26.11 47.85 4.97
C ASN A 9 26.16 48.73 6.20
N TYR A 10 26.31 48.12 7.37
CA TYR A 10 26.18 48.86 8.62
C TYR A 10 27.05 50.12 8.71
N LYS A 11 28.18 50.13 8.01
CA LYS A 11 29.05 51.30 8.10
C LYS A 11 28.72 52.39 7.07
N ASP A 12 27.71 52.15 6.24
CA ASP A 12 27.23 53.17 5.32
C ASP A 12 26.84 54.42 6.11
N PRO A 13 27.19 55.61 5.58
CA PRO A 13 26.95 56.85 6.33
C PRO A 13 25.48 57.26 6.22
N VAL A 14 25.01 58.00 7.23
CA VAL A 14 23.60 58.37 7.30
C VAL A 14 23.17 59.34 6.19
N ASN A 15 22.12 58.97 5.45
CA ASN A 15 21.58 59.84 4.41
C ASN A 15 20.33 60.66 4.77
N GLY A 16 19.77 60.43 5.97
CA GLY A 16 18.56 61.12 6.37
C GLY A 16 17.25 60.55 5.82
N VAL A 17 17.36 59.57 4.91
CA VAL A 17 16.17 58.98 4.33
C VAL A 17 15.98 57.53 4.76
N ASP A 18 16.75 56.61 4.19
CA ASP A 18 16.69 55.23 4.62
C ASP A 18 17.81 54.77 5.56
N ILE A 19 18.74 55.67 5.86
CA ILE A 19 19.77 55.41 6.86
C ILE A 19 19.93 56.62 7.76
N ALA A 20 19.59 56.47 9.04
CA ALA A 20 19.65 57.61 9.95
C ALA A 20 19.79 57.20 11.41
N TYR A 21 20.15 58.17 12.24
CA TYR A 21 20.00 58.03 13.67
C TYR A 21 18.60 58.50 14.03
N ILE A 22 17.88 57.69 14.79
CA ILE A 22 16.45 57.92 15.00
C ILE A 22 16.06 57.87 16.48
N LYS A 23 15.00 58.58 16.83
CA LYS A 23 14.45 58.50 18.17
C LYS A 23 13.09 57.78 18.16
N ILE A 24 13.01 56.70 18.94
CA ILE A 24 11.73 56.03 19.15
C ILE A 24 11.04 56.63 20.37
N PRO A 25 9.72 56.47 20.48
CA PRO A 25 9.04 57.00 21.67
C PRO A 25 9.66 56.39 22.91
N ASN A 26 9.76 57.17 23.98
CA ASN A 26 10.29 56.66 25.23
C ASN A 26 9.80 57.44 26.45
N ALA A 27 9.83 56.80 27.62
CA ALA A 27 9.36 57.44 28.84
C ALA A 27 10.18 58.68 29.13
N GLY A 28 11.48 58.49 29.30
CA GLY A 28 12.40 59.60 29.46
C GLY A 28 13.31 59.77 28.26
N GLN A 29 14.44 60.42 28.47
CA GLN A 29 15.41 60.64 27.42
C GLN A 29 15.98 59.34 26.87
N MET A 30 16.11 59.27 25.54
CA MET A 30 16.62 58.07 24.88
C MET A 30 17.73 58.43 23.90
N GLN A 31 18.83 57.68 23.93
CA GLN A 31 19.98 57.95 23.07
C GLN A 31 19.78 57.42 21.65
N PRO A 32 19.88 58.32 20.66
CA PRO A 32 19.62 58.02 19.24
C PRO A 32 20.40 56.82 18.75
N VAL A 33 19.74 55.94 18.00
CA VAL A 33 20.39 54.75 17.47
C VAL A 33 20.38 54.74 15.93
N LYS A 34 21.31 54.01 15.33
CA LYS A 34 21.39 53.96 13.87
C LYS A 34 20.43 52.91 13.28
N ALA A 35 19.53 53.34 12.42
CA ALA A 35 18.53 52.44 11.85
C ALA A 35 18.49 52.45 10.33
N PHE A 36 17.88 51.41 9.75
CA PHE A 36 17.81 51.28 8.31
C PHE A 36 16.38 50.99 7.87
N LYS A 37 15.88 51.75 6.89
CA LYS A 37 14.53 51.51 6.40
C LYS A 37 14.72 50.52 5.26
N ILE A 38 14.34 49.27 5.52
CA ILE A 38 14.53 48.21 4.54
C ILE A 38 13.37 48.11 3.56
N HIS A 39 12.23 48.65 3.98
CA HIS A 39 11.04 48.69 3.14
C HIS A 39 10.15 49.80 3.65
N ASN A 40 9.18 50.21 2.84
CA ASN A 40 8.24 51.23 3.28
C ASN A 40 7.59 50.82 4.59
N LYS A 41 7.66 51.69 5.60
CA LYS A 41 7.06 51.42 6.92
C LYS A 41 7.80 50.38 7.77
N ILE A 42 8.86 49.76 7.24
CA ILE A 42 9.63 48.75 7.98
C ILE A 42 11.09 49.14 8.21
N TRP A 43 11.49 49.26 9.48
CA TRP A 43 12.88 49.63 9.81
C TRP A 43 13.60 48.52 10.57
N VAL A 44 14.93 48.52 10.49
CA VAL A 44 15.74 47.60 11.29
C VAL A 44 16.77 48.38 12.09
N ILE A 45 16.81 48.15 13.40
CA ILE A 45 17.83 48.72 14.27
C ILE A 45 18.73 47.61 14.82
N PRO A 46 19.97 47.48 14.28
CA PRO A 46 20.84 46.38 14.70
C PRO A 46 21.50 46.65 16.06
N GLU A 47 20.71 46.63 17.12
CA GLU A 47 21.20 46.98 18.44
C GLU A 47 20.55 46.09 19.48
N ARG A 48 21.30 45.72 20.51
CA ARG A 48 20.71 45.04 21.64
C ARG A 48 19.72 46.02 22.25
N ASP A 49 18.51 45.57 22.55
CA ASP A 49 17.49 46.54 22.91
C ASP A 49 17.55 46.79 24.40
N THR A 50 18.19 47.89 24.74
CA THR A 50 18.10 48.49 26.06
C THR A 50 17.30 49.80 26.02
N PHE A 51 16.97 50.26 24.82
CA PHE A 51 16.26 51.53 24.64
C PHE A 51 14.73 51.47 24.74
N THR A 52 14.15 50.44 24.15
CA THR A 52 12.71 50.27 24.16
C THR A 52 12.16 50.47 25.56
N ASN A 53 12.81 49.84 26.53
CA ASN A 53 12.35 49.84 27.91
C ASN A 53 13.50 50.13 28.86
N PRO A 54 13.73 51.42 29.17
CA PRO A 54 14.84 51.85 30.05
C PRO A 54 14.85 51.11 31.39
N GLU A 55 13.68 50.66 31.84
CA GLU A 55 13.59 49.83 33.03
C GLU A 55 14.56 48.65 32.98
N GLU A 56 14.39 47.76 32.01
CA GLU A 56 15.34 46.68 31.86
C GLU A 56 16.33 47.07 30.75
N GLY A 57 17.45 47.64 31.19
CA GLY A 57 18.52 48.08 30.32
C GLY A 57 19.85 47.36 30.48
N ASP A 58 19.87 46.33 31.30
CA ASP A 58 21.11 45.63 31.60
C ASP A 58 21.10 44.22 31.03
N LEU A 59 22.15 43.88 30.28
CA LEU A 59 22.16 42.68 29.45
C LEU A 59 22.63 41.45 30.19
N ASN A 60 22.85 41.59 31.49
CA ASN A 60 23.30 40.44 32.27
C ASN A 60 22.16 39.51 32.69
N PRO A 61 22.50 38.25 32.99
CA PRO A 61 21.53 37.26 33.49
C PRO A 61 20.86 37.77 34.75
N PRO A 62 19.57 37.48 34.92
CA PRO A 62 18.81 37.95 36.09
C PRO A 62 19.19 37.17 37.35
N PRO A 63 18.84 37.70 38.53
CA PRO A 63 19.13 37.02 39.80
C PRO A 63 18.49 35.63 39.86
N GLU A 64 17.24 35.52 39.43
CA GLU A 64 16.53 34.24 39.37
C GLU A 64 16.27 33.81 37.94
N ALA A 65 16.63 32.57 37.62
CA ALA A 65 16.45 32.04 36.27
C ALA A 65 15.01 32.22 35.81
N LYS A 66 14.83 32.60 34.56
CA LYS A 66 13.50 32.62 33.98
C LYS A 66 13.00 31.20 33.93
N GLN A 67 11.68 31.04 33.99
CA GLN A 67 11.07 29.72 34.12
C GLN A 67 10.81 29.02 32.78
N VAL A 68 11.35 29.58 31.70
CA VAL A 68 11.42 28.90 30.41
C VAL A 68 12.41 27.71 30.40
N PRO A 69 12.25 26.78 29.45
CA PRO A 69 13.14 25.62 29.28
C PRO A 69 14.50 25.96 28.66
N VAL A 70 14.57 27.01 27.86
CA VAL A 70 15.82 27.42 27.22
C VAL A 70 16.04 28.94 27.25
N SER A 71 17.25 29.34 27.60
CA SER A 71 17.62 30.75 27.60
C SER A 71 19.11 30.87 27.40
N TYR A 72 19.56 32.00 26.86
CA TYR A 72 20.98 32.24 26.65
C TYR A 72 21.33 33.70 26.93
N TYR A 73 22.44 33.92 27.64
CA TYR A 73 22.89 35.27 27.99
C TYR A 73 24.35 35.52 27.60
N ASP A 74 24.56 36.47 26.69
CA ASP A 74 25.88 37.00 26.40
C ASP A 74 25.80 38.52 26.23
N SER A 75 26.43 39.27 27.12
CA SER A 75 26.27 40.72 27.10
C SER A 75 27.02 41.39 25.94
N THR A 76 28.07 40.72 25.45
CA THR A 76 28.91 41.29 24.41
C THR A 76 28.33 41.11 23.02
N TYR A 77 27.35 40.22 22.89
CA TYR A 77 26.75 39.94 21.59
C TYR A 77 26.15 41.19 20.97
N LEU A 78 26.48 41.44 19.71
CA LEU A 78 25.97 42.59 18.97
C LEU A 78 26.49 43.93 19.50
N SER A 79 27.71 43.94 20.02
CA SER A 79 28.37 45.18 20.43
C SER A 79 29.33 45.69 19.37
N THR A 80 29.48 44.94 18.29
CA THR A 80 30.48 45.24 17.27
C THR A 80 29.86 45.64 15.95
N ASP A 81 30.48 46.60 15.28
CA ASP A 81 30.00 47.03 13.97
C ASP A 81 29.94 45.87 12.97
N ASN A 82 30.84 44.89 13.14
CA ASN A 82 30.80 43.69 12.30
C ASN A 82 29.58 42.83 12.58
N GLU A 83 29.29 42.58 13.86
CA GLU A 83 28.09 41.82 14.21
C GLU A 83 26.84 42.59 13.79
N LYS A 84 26.89 43.91 13.83
CA LYS A 84 25.76 44.72 13.42
C LYS A 84 25.55 44.55 11.93
N ASP A 85 26.63 44.56 11.16
CA ASP A 85 26.52 44.40 9.72
C ASP A 85 25.95 43.02 9.37
N ASN A 86 26.24 42.04 10.21
CA ASN A 86 25.77 40.68 9.97
C ASN A 86 24.31 40.46 10.40
N TYR A 87 23.91 41.13 11.47
CA TYR A 87 22.54 41.12 11.93
C TYR A 87 21.66 41.68 10.82
N LEU A 88 22.02 42.85 10.33
CA LEU A 88 21.30 43.53 9.26
C LEU A 88 21.11 42.62 8.04
N LYS A 89 22.18 41.97 7.63
CA LYS A 89 22.15 41.11 6.45
C LYS A 89 21.34 39.84 6.68
N GLY A 90 21.46 39.27 7.87
CA GLY A 90 20.69 38.08 8.21
C GLY A 90 19.21 38.37 8.27
N VAL A 91 18.84 39.44 8.97
CA VAL A 91 17.43 39.83 9.08
C VAL A 91 16.87 40.08 7.68
N THR A 92 17.60 40.83 6.89
CA THR A 92 17.20 41.09 5.51
C THR A 92 16.96 39.80 4.74
N LYS A 93 17.88 38.86 4.85
CA LYS A 93 17.76 37.59 4.13
C LYS A 93 16.49 36.84 4.56
N LEU A 94 16.15 36.91 5.84
CA LEU A 94 14.96 36.23 6.34
C LEU A 94 13.70 36.89 5.81
N PHE A 95 13.69 38.21 5.75
CA PHE A 95 12.58 38.91 5.12
C PHE A 95 12.41 38.44 3.68
N GLU A 96 13.51 38.27 2.97
CA GLU A 96 13.48 37.86 1.58
C GLU A 96 13.02 36.41 1.45
N ARG A 97 13.42 35.57 2.40
CA ARG A 97 13.01 34.18 2.40
C ARG A 97 11.49 34.05 2.59
N ILE A 98 10.96 34.86 3.48
CA ILE A 98 9.54 34.89 3.75
C ILE A 98 8.77 35.44 2.55
N TYR A 99 9.23 36.56 2.03
CA TYR A 99 8.60 37.20 0.87
C TYR A 99 8.53 36.28 -0.35
N SER A 100 9.51 35.39 -0.50
CA SER A 100 9.59 34.53 -1.68
C SER A 100 8.53 33.43 -1.66
N THR A 101 7.78 33.33 -0.56
CA THR A 101 6.66 32.41 -0.48
C THR A 101 5.32 33.12 -0.70
N ASP A 102 4.38 32.45 -1.35
CA ASP A 102 3.06 33.04 -1.54
C ASP A 102 2.49 33.57 -0.22
N LEU A 103 2.48 32.72 0.82
CA LEU A 103 1.98 33.10 2.12
C LEU A 103 2.70 34.32 2.69
N GLY A 104 4.03 34.28 2.70
CA GLY A 104 4.85 35.38 3.21
C GLY A 104 4.68 36.68 2.45
N ARG A 105 4.47 36.58 1.14
CA ARG A 105 4.26 37.75 0.31
C ARG A 105 2.98 38.49 0.70
N MET A 106 1.93 37.74 1.00
CA MET A 106 0.71 38.32 1.53
C MET A 106 0.99 38.96 2.89
N LEU A 107 1.50 38.18 3.84
CA LEU A 107 1.73 38.67 5.18
C LEU A 107 2.52 40.00 5.18
N LEU A 108 3.62 40.03 4.45
CA LEU A 108 4.43 41.23 4.39
C LEU A 108 3.64 42.42 3.82
N THR A 109 2.85 42.18 2.79
CA THR A 109 2.02 43.24 2.23
C THR A 109 0.95 43.68 3.22
N SER A 110 0.32 42.72 3.89
CA SER A 110 -0.69 43.03 4.90
C SER A 110 -0.12 43.92 5.99
N ILE A 111 1.10 43.61 6.42
CA ILE A 111 1.75 44.39 7.47
C ILE A 111 2.00 45.83 7.03
N VAL A 112 2.46 46.02 5.80
CA VAL A 112 2.74 47.35 5.28
C VAL A 112 1.49 48.24 5.18
N ARG A 113 0.37 47.67 4.71
CA ARG A 113 -0.84 48.45 4.56
C ARG A 113 -1.62 48.48 5.88
N GLY A 114 -1.03 47.87 6.91
CA GLY A 114 -1.64 47.74 8.22
C GLY A 114 -1.40 48.97 9.09
N ILE A 115 -1.22 50.12 8.43
CA ILE A 115 -0.89 51.37 9.09
C ILE A 115 -1.74 51.64 10.32
N PRO A 116 -1.09 51.95 11.46
CA PRO A 116 -1.80 52.23 12.70
C PRO A 116 -2.78 53.39 12.56
N PHE A 117 -4.00 53.15 13.03
CA PHE A 117 -5.11 54.07 12.83
C PHE A 117 -4.81 55.44 13.41
N TRP A 118 -5.40 56.49 12.82
CA TRP A 118 -5.23 57.81 13.41
C TRP A 118 -6.38 58.00 14.39
N GLY A 119 -6.07 57.74 15.66
CA GLY A 119 -7.03 57.84 16.75
C GLY A 119 -6.70 58.95 17.72
N GLY A 120 -5.78 59.81 17.33
CA GLY A 120 -5.22 60.80 18.24
C GLY A 120 -6.19 61.90 18.63
N SER A 121 -7.26 62.07 17.85
CA SER A 121 -8.14 63.22 18.04
C SER A 121 -9.17 63.02 19.15
N THR A 122 -9.22 63.99 20.06
CA THR A 122 -10.23 64.01 21.11
C THR A 122 -11.46 64.76 20.60
N ILE A 123 -11.34 65.30 19.40
CA ILE A 123 -12.44 65.95 18.71
C ILE A 123 -12.77 65.12 17.48
N ASP A 124 -13.97 64.55 17.42
CA ASP A 124 -14.28 63.54 16.41
C ASP A 124 -14.53 64.07 15.00
N THR A 125 -14.58 65.38 14.85
CA THR A 125 -14.68 65.97 13.52
C THR A 125 -13.34 66.00 12.81
N GLU A 126 -12.26 65.79 13.57
CA GLU A 126 -10.90 65.85 13.03
C GLU A 126 -10.17 64.52 13.17
N LEU A 127 -9.31 64.23 12.21
CA LEU A 127 -8.54 62.99 12.18
C LEU A 127 -7.07 63.30 12.47
N LYS A 128 -6.53 62.73 13.54
CA LYS A 128 -5.15 63.02 13.94
C LYS A 128 -4.33 61.75 14.16
N VAL A 129 -3.03 61.82 13.89
CA VAL A 129 -2.14 60.71 14.12
C VAL A 129 -1.82 60.57 15.61
N ILE A 130 -1.52 59.34 16.03
CA ILE A 130 -1.10 59.08 17.40
C ILE A 130 0.42 59.07 17.45
N ASP A 131 0.99 59.85 18.36
CA ASP A 131 2.44 60.13 18.39
C ASP A 131 3.36 58.91 18.53
N THR A 132 3.03 58.01 19.45
CA THR A 132 3.87 56.84 19.70
C THR A 132 3.97 55.88 18.52
N ASN A 133 3.20 56.15 17.47
CA ASN A 133 3.23 55.38 16.22
C ASN A 133 4.23 55.93 15.20
N CYS A 134 5.06 56.88 15.65
CA CYS A 134 6.04 57.55 14.80
C CYS A 134 7.47 57.49 15.33
N ILE A 135 8.42 57.86 14.49
CA ILE A 135 9.80 58.10 14.94
C ILE A 135 10.30 59.43 14.42
N ASN A 136 11.43 59.88 14.98
CA ASN A 136 12.11 61.07 14.47
C ASN A 136 13.40 60.71 13.78
N VAL A 137 13.48 61.04 12.50
CA VAL A 137 14.64 60.70 11.69
C VAL A 137 15.58 61.90 11.64
N ILE A 138 16.75 61.77 12.27
CA ILE A 138 17.70 62.86 12.35
C ILE A 138 18.42 63.03 11.01
N GLN A 139 18.36 64.24 10.45
CA GLN A 139 19.02 64.53 9.18
C GLN A 139 20.48 64.92 9.37
N PRO A 140 21.28 64.87 8.29
CA PRO A 140 22.67 65.35 8.35
C PRO A 140 22.80 66.80 8.80
N ASP A 141 21.81 67.64 8.54
CA ASP A 141 21.92 69.06 8.89
C ASP A 141 21.52 69.35 10.34
N GLY A 142 21.23 68.28 11.08
CA GLY A 142 20.96 68.39 12.50
C GLY A 142 19.49 68.47 12.84
N SER A 143 18.67 68.74 11.82
CA SER A 143 17.22 68.75 11.99
C SER A 143 16.68 67.33 12.01
N TYR A 144 15.54 67.14 12.66
CA TYR A 144 14.85 65.86 12.60
C TYR A 144 13.55 65.97 11.80
N ARG A 145 13.17 64.86 11.18
CA ARG A 145 11.92 64.76 10.45
C ARG A 145 11.08 63.69 11.12
N SER A 146 9.81 64.00 11.39
CA SER A 146 8.90 63.04 12.00
C SER A 146 8.29 62.16 10.93
N GLU A 147 8.32 60.86 11.17
CA GLU A 147 7.86 59.90 10.16
C GLU A 147 7.16 58.72 10.81
N GLU A 148 5.99 58.34 10.27
CA GLU A 148 5.22 57.23 10.83
C GLU A 148 5.67 55.88 10.26
N LEU A 149 5.65 54.84 11.10
CA LEU A 149 6.08 53.51 10.70
C LEU A 149 5.26 52.38 11.31
N ASN A 150 5.15 51.28 10.59
CA ASN A 150 4.48 50.07 11.08
C ASN A 150 5.32 49.10 11.92
N LEU A 151 6.56 48.86 11.49
CA LEU A 151 7.34 47.75 12.04
C LEU A 151 8.81 48.09 12.22
N VAL A 152 9.35 47.76 13.38
CA VAL A 152 10.77 47.86 13.64
C VAL A 152 11.33 46.56 14.19
N ILE A 153 12.37 46.03 13.53
CA ILE A 153 13.10 44.88 14.06
C ILE A 153 14.34 45.34 14.84
N ILE A 154 14.39 44.98 16.12
CA ILE A 154 15.51 45.35 16.96
C ILE A 154 16.12 44.11 17.59
N GLY A 155 17.38 44.22 17.99
CA GLY A 155 18.08 43.11 18.61
C GLY A 155 17.46 42.73 19.93
N PRO A 156 17.77 41.53 20.43
CA PRO A 156 17.18 41.04 21.68
C PRO A 156 17.70 41.75 22.92
N SER A 157 16.96 41.62 24.01
CA SER A 157 17.35 42.11 25.32
C SER A 157 18.28 41.10 25.99
N ALA A 158 18.43 41.23 27.31
CA ALA A 158 19.33 40.36 28.05
C ALA A 158 19.19 38.87 27.67
N ASP A 159 17.98 38.38 27.48
CA ASP A 159 17.83 37.00 27.05
C ASP A 159 17.81 36.99 25.53
N ILE A 160 18.88 36.44 24.96
CA ILE A 160 19.15 36.55 23.54
C ILE A 160 18.13 35.82 22.68
N ILE A 161 17.61 34.70 23.17
CA ILE A 161 16.67 33.89 22.40
C ILE A 161 15.18 34.13 22.70
N GLN A 162 14.88 35.14 23.51
CA GLN A 162 13.49 35.47 23.78
C GLN A 162 13.02 36.54 22.80
N PHE A 163 12.14 36.15 21.89
CA PHE A 163 11.67 37.03 20.84
C PHE A 163 10.23 37.41 21.09
N GLU A 164 9.91 38.69 20.92
CA GLU A 164 8.55 39.14 21.18
C GLU A 164 8.20 40.46 20.49
N CYS A 165 6.90 40.71 20.38
CA CYS A 165 6.42 42.00 19.91
C CYS A 165 6.21 42.95 21.07
N LYS A 166 6.74 44.16 20.95
CA LYS A 166 6.54 45.20 21.93
C LYS A 166 5.90 46.37 21.20
N SER A 167 5.09 47.16 21.91
CA SER A 167 4.55 48.38 21.34
C SER A 167 4.10 49.37 22.42
N PHE A 168 4.03 50.64 22.04
CA PHE A 168 3.61 51.71 22.96
C PHE A 168 2.10 51.87 23.12
N GLY A 169 1.70 52.39 24.27
CA GLY A 169 0.31 52.52 24.62
C GLY A 169 -0.29 53.92 24.56
N HIS A 170 -1.55 54.02 25.01
CA HIS A 170 -2.27 55.28 25.07
C HIS A 170 -2.91 55.43 26.46
N GLU A 171 -3.08 56.66 26.91
CA GLU A 171 -3.55 56.91 28.26
C GLU A 171 -4.76 56.04 28.58
N VAL A 172 -5.62 55.86 27.59
CA VAL A 172 -6.87 55.12 27.75
C VAL A 172 -6.92 53.89 26.84
N LEU A 173 -6.85 54.13 25.54
CA LEU A 173 -7.00 53.10 24.51
C LEU A 173 -6.07 51.87 24.61
N ASN A 174 -6.62 50.70 24.26
CA ASN A 174 -5.80 49.52 24.02
C ASN A 174 -5.65 49.34 22.52
N LEU A 175 -4.49 49.67 21.98
CA LEU A 175 -4.34 49.79 20.54
C LEU A 175 -4.21 48.43 19.85
N THR A 176 -3.74 47.43 20.60
CA THR A 176 -3.62 46.10 20.04
C THR A 176 -4.95 45.33 20.05
N ARG A 177 -5.83 45.66 20.99
CA ARG A 177 -7.15 45.04 21.06
C ARG A 177 -8.36 45.84 20.55
N ASN A 178 -8.16 47.09 20.17
CA ASN A 178 -9.27 47.92 19.68
C ASN A 178 -9.37 48.09 18.16
N GLY A 179 -8.50 47.42 17.42
CA GLY A 179 -8.54 47.50 15.97
C GLY A 179 -7.83 48.72 15.41
N TYR A 180 -7.46 49.65 16.27
CA TYR A 180 -6.63 50.78 15.86
C TYR A 180 -5.27 50.30 15.36
N GLY A 181 -4.56 49.59 16.23
CA GLY A 181 -3.20 49.15 15.92
C GLY A 181 -2.15 50.12 16.43
N SER A 182 -0.92 49.62 16.57
CA SER A 182 0.18 50.44 17.04
C SER A 182 1.47 49.94 16.43
N THR A 183 2.43 50.83 16.22
CA THR A 183 3.72 50.46 15.66
C THR A 183 4.36 49.32 16.45
N GLN A 184 4.80 48.28 15.75
CA GLN A 184 5.30 47.08 16.41
C GLN A 184 6.83 46.97 16.46
N TYR A 185 7.36 46.76 17.65
CA TYR A 185 8.80 46.54 17.85
C TYR A 185 9.06 45.09 18.21
N ILE A 186 9.74 44.38 17.32
CA ILE A 186 10.05 42.97 17.54
C ILE A 186 11.51 42.75 17.95
N ARG A 187 11.72 42.16 19.11
CA ARG A 187 13.03 41.72 19.53
C ARG A 187 13.37 40.39 18.85
N PHE A 188 14.39 40.42 18.02
CA PHE A 188 14.72 39.24 17.23
C PHE A 188 16.21 39.13 16.97
N SER A 189 16.67 37.91 16.73
CA SER A 189 18.04 37.69 16.29
C SER A 189 18.10 36.53 15.31
N PRO A 190 18.83 36.73 14.21
CA PRO A 190 19.03 35.71 13.17
C PRO A 190 20.30 34.93 13.44
N ASP A 191 20.94 35.22 14.57
CA ASP A 191 22.26 34.66 14.85
C ASP A 191 22.21 33.48 15.82
N PHE A 192 21.00 33.10 16.19
CA PHE A 192 20.79 31.93 17.06
C PHE A 192 19.49 31.22 16.70
N THR A 193 19.40 29.93 17.06
CA THR A 193 18.16 29.20 16.92
C THR A 193 18.00 28.07 17.96
N PHE A 194 16.85 27.40 17.94
CA PHE A 194 16.55 26.39 18.94
C PHE A 194 16.74 24.99 18.39
N GLY A 195 17.18 24.08 19.25
CA GLY A 195 17.15 22.67 18.91
C GLY A 195 15.91 21.97 19.43
N PHE A 196 15.47 20.92 18.74
CA PHE A 196 14.29 20.17 19.18
C PHE A 196 14.35 18.70 18.75
N GLU A 197 13.50 17.88 19.34
CA GLU A 197 13.47 16.46 19.02
C GLU A 197 12.28 16.13 18.11
N GLU A 198 12.49 15.34 17.07
CA GLU A 198 11.36 14.95 16.21
C GLU A 198 11.32 13.46 15.87
N SER A 199 10.31 12.76 16.38
CA SER A 199 10.09 11.36 16.01
C SER A 199 8.95 11.11 15.00
N LEU A 200 8.18 12.14 14.64
CA LEU A 200 6.96 11.93 13.87
C LEU A 200 7.19 11.66 12.38
N GLU A 201 8.17 12.31 11.77
CA GLU A 201 8.39 12.22 10.33
C GLU A 201 8.96 10.88 9.85
N VAL A 202 9.30 9.99 10.76
CA VAL A 202 9.91 8.71 10.37
C VAL A 202 8.97 7.91 9.47
N ASP A 203 7.68 8.22 9.51
CA ASP A 203 6.71 7.53 8.67
C ASP A 203 7.03 7.75 7.18
N THR A 204 7.17 9.02 6.81
CA THR A 204 7.56 9.40 5.45
C THR A 204 9.07 9.49 5.21
N ASN A 205 9.86 9.57 6.27
CA ASN A 205 11.32 9.72 6.15
C ASN A 205 12.07 8.76 7.06
N PRO A 206 12.10 7.47 6.69
CA PRO A 206 12.67 6.44 7.56
C PRO A 206 14.16 6.63 7.84
N LEU A 207 14.80 7.48 7.04
CA LEU A 207 16.21 7.78 7.18
C LEU A 207 16.49 9.04 8.01
N LEU A 208 15.45 9.58 8.64
CA LEU A 208 15.59 10.79 9.43
C LEU A 208 16.80 10.75 10.38
N GLY A 209 17.59 11.82 10.39
CA GLY A 209 18.79 11.89 11.22
C GLY A 209 18.58 11.81 12.71
N ALA A 210 19.61 11.37 13.42
CA ALA A 210 19.58 11.28 14.89
C ALA A 210 19.84 12.61 15.61
N GLY A 211 19.34 12.72 16.83
CA GLY A 211 19.66 13.84 17.68
C GLY A 211 18.86 15.09 17.35
N LYS A 212 19.34 16.24 17.80
CA LYS A 212 18.59 17.48 17.70
C LYS A 212 18.54 18.10 16.30
N PHE A 213 17.40 18.73 16.01
CA PHE A 213 17.22 19.48 14.77
C PHE A 213 17.09 20.95 15.12
N ALA A 214 17.42 21.80 14.16
CA ALA A 214 17.42 23.24 14.40
C ALA A 214 16.23 23.91 13.75
N THR A 215 15.51 24.73 14.53
CA THR A 215 14.42 25.52 14.00
C THR A 215 14.94 26.42 12.90
N ASP A 216 14.25 26.46 11.77
CA ASP A 216 14.61 27.40 10.73
C ASP A 216 14.22 28.81 11.19
N PRO A 217 15.22 29.69 11.35
CA PRO A 217 14.98 31.04 11.88
C PRO A 217 13.89 31.79 11.13
N ALA A 218 13.70 31.45 9.85
CA ALA A 218 12.66 32.09 9.04
C ALA A 218 11.27 31.80 9.62
N VAL A 219 11.09 30.59 10.14
CA VAL A 219 9.83 30.24 10.80
C VAL A 219 9.66 31.13 12.03
N THR A 220 10.75 31.30 12.78
CA THR A 220 10.69 32.05 14.02
C THR A 220 10.33 33.51 13.78
N LEU A 221 10.90 34.11 12.73
CA LEU A 221 10.60 35.49 12.42
C LEU A 221 9.15 35.60 11.97
N ALA A 222 8.77 34.73 11.06
CA ALA A 222 7.41 34.67 10.58
C ALA A 222 6.43 34.60 11.76
N HIS A 223 6.74 33.76 12.74
CA HIS A 223 5.91 33.66 13.93
C HIS A 223 5.66 35.05 14.53
N GLN A 224 6.72 35.81 14.72
CA GLN A 224 6.59 37.14 15.30
C GLN A 224 5.90 38.14 14.36
N LEU A 225 6.12 38.00 13.06
CA LEU A 225 5.47 38.88 12.10
C LEU A 225 3.94 38.69 12.15
N ILE A 226 3.51 37.47 12.45
CA ILE A 226 2.11 37.16 12.61
C ILE A 226 1.54 37.90 13.82
N HIS A 227 2.23 37.82 14.96
CA HIS A 227 1.82 38.60 16.12
C HIS A 227 1.72 40.07 15.72
N ALA A 228 2.81 40.57 15.14
CA ALA A 228 2.86 41.95 14.68
C ALA A 228 1.63 42.30 13.83
N GLY A 229 1.25 41.37 12.94
CA GLY A 229 0.09 41.57 12.08
C GLY A 229 -1.20 41.75 12.86
N HIS A 230 -1.44 40.90 13.83
CA HIS A 230 -2.58 41.05 14.72
C HIS A 230 -2.53 42.41 15.40
N ARG A 231 -1.41 42.70 16.04
CA ARG A 231 -1.26 43.94 16.79
C ARG A 231 -1.47 45.20 15.94
N LEU A 232 -1.05 45.16 14.68
CA LEU A 232 -1.24 46.29 13.77
C LEU A 232 -2.71 46.48 13.40
N TYR A 233 -3.45 45.39 13.32
CA TYR A 233 -4.87 45.45 12.97
C TYR A 233 -5.76 45.52 14.21
N GLY A 234 -5.12 45.57 15.37
CA GLY A 234 -5.83 45.72 16.63
C GLY A 234 -6.72 44.56 17.01
N ILE A 235 -6.44 43.40 16.42
CA ILE A 235 -7.16 42.16 16.75
C ILE A 235 -6.47 41.16 17.70
N ALA A 236 -5.32 41.52 18.27
CA ALA A 236 -4.66 40.62 19.23
C ALA A 236 -5.57 40.23 20.39
N ILE A 237 -5.50 38.96 20.81
CA ILE A 237 -6.28 38.50 21.95
C ILE A 237 -5.66 38.95 23.27
N ASN A 238 -6.49 39.42 24.19
CA ASN A 238 -6.05 39.92 25.47
C ASN A 238 -5.08 38.95 26.12
N PRO A 239 -3.92 39.47 26.57
CA PRO A 239 -2.86 38.67 27.23
C PRO A 239 -3.31 38.03 28.55
N ASN A 240 -4.42 38.49 29.11
CA ASN A 240 -4.97 37.84 30.31
C ASN A 240 -5.86 36.64 29.96
N ARG A 241 -6.03 36.37 28.67
CA ARG A 241 -6.72 35.17 28.25
C ARG A 241 -5.66 34.08 28.08
N VAL A 242 -5.66 33.14 29.02
CA VAL A 242 -4.62 32.15 29.08
C VAL A 242 -5.20 30.76 29.28
N PHE A 243 -4.49 29.74 28.81
CA PHE A 243 -4.95 28.38 28.95
C PHE A 243 -4.42 27.86 30.29
N LYS A 244 -5.31 27.71 31.27
CA LYS A 244 -4.92 27.27 32.60
C LYS A 244 -4.67 25.77 32.58
N VAL A 245 -3.72 25.32 33.38
CA VAL A 245 -3.44 23.89 33.50
C VAL A 245 -3.55 23.47 34.96
N ASN A 246 -3.70 22.17 35.18
CA ASN A 246 -3.72 21.60 36.51
C ASN A 246 -2.31 21.24 36.94
N THR A 247 -1.83 21.88 38.00
CA THR A 247 -0.49 21.65 38.51
C THR A 247 -0.34 20.79 39.78
N ASN A 248 -1.45 20.40 40.38
CA ASN A 248 -1.43 19.80 41.72
C ASN A 248 -0.94 18.35 41.81
N ALA A 249 -1.16 17.58 40.75
CA ALA A 249 -0.83 16.15 40.73
C ALA A 249 0.63 15.88 40.41
N TYR A 250 1.15 14.79 40.97
CA TYR A 250 2.57 14.46 40.84
C TYR A 250 3.03 14.41 39.38
N TYR A 251 2.15 14.00 38.48
CA TYR A 251 2.52 13.84 37.08
C TYR A 251 2.35 15.12 36.26
N GLU A 252 1.63 16.09 36.81
CA GLU A 252 1.37 17.35 36.09
C GLU A 252 2.54 18.33 36.16
N MET A 253 2.62 19.21 35.17
CA MET A 253 3.62 20.27 35.16
C MET A 253 3.43 21.14 36.40
N SER A 254 4.52 21.71 36.90
CA SER A 254 4.45 22.62 38.04
C SER A 254 3.70 23.87 37.62
N GLY A 255 3.86 24.25 36.37
CA GLY A 255 3.05 25.31 35.78
C GLY A 255 3.51 25.54 34.36
N LEU A 256 2.62 26.07 33.53
CA LEU A 256 2.94 26.43 32.15
C LEU A 256 2.18 27.67 31.75
N GLU A 257 2.86 28.65 31.16
CA GLU A 257 2.17 29.85 30.71
C GLU A 257 2.05 29.90 29.19
N VAL A 258 0.82 29.80 28.68
CA VAL A 258 0.57 29.93 27.25
C VAL A 258 -0.76 30.64 27.02
N SER A 259 -0.78 31.54 26.04
CA SER A 259 -1.91 32.45 25.85
C SER A 259 -2.72 32.12 24.61
N PHE A 260 -4.00 32.50 24.61
CA PHE A 260 -4.86 32.23 23.47
C PHE A 260 -4.25 32.84 22.21
N GLU A 261 -3.66 34.03 22.34
CA GLU A 261 -2.99 34.68 21.22
C GLU A 261 -1.91 33.79 20.62
N GLU A 262 -1.07 33.21 21.48
CA GLU A 262 -0.02 32.31 21.02
C GLU A 262 -0.64 31.09 20.35
N LEU A 263 -1.65 30.51 20.98
CA LEU A 263 -2.35 29.37 20.39
C LEU A 263 -2.87 29.71 19.00
N ARG A 264 -3.47 30.89 18.89
CA ARG A 264 -4.00 31.36 17.61
C ARG A 264 -2.89 31.45 16.57
N THR A 265 -1.74 31.96 17.00
CA THR A 265 -0.61 32.18 16.10
C THR A 265 0.04 30.88 15.61
N PHE A 266 0.25 29.93 16.51
CA PHE A 266 0.84 28.63 16.15
C PHE A 266 0.07 27.93 15.04
N GLY A 267 -1.26 28.02 15.11
CA GLY A 267 -2.12 27.36 14.13
C GLY A 267 -2.22 25.86 14.38
N GLY A 268 -2.53 25.11 13.34
CA GLY A 268 -2.57 23.66 13.46
C GLY A 268 -3.43 23.20 14.63
N HIS A 269 -2.96 22.17 15.32
CA HIS A 269 -3.72 21.59 16.43
C HIS A 269 -3.75 22.51 17.64
N ASP A 270 -2.68 23.25 17.87
CA ASP A 270 -2.61 24.15 19.02
C ASP A 270 -3.81 25.10 19.03
N ALA A 271 -4.16 25.61 17.86
CA ALA A 271 -5.23 26.61 17.74
C ALA A 271 -6.62 26.00 17.91
N LYS A 272 -6.72 24.68 17.71
CA LYS A 272 -7.97 23.97 17.87
C LYS A 272 -8.23 23.68 19.34
N PHE A 273 -7.31 24.12 20.19
CA PHE A 273 -7.48 24.05 21.64
C PHE A 273 -8.54 25.05 22.10
N ILE A 274 -8.71 26.12 21.34
CA ILE A 274 -9.74 27.14 21.64
C ILE A 274 -11.11 26.74 21.04
N ASP A 275 -12.11 26.57 21.90
CA ASP A 275 -13.42 26.10 21.45
C ASP A 275 -14.17 27.11 20.59
N SER A 276 -15.17 26.62 19.85
CA SER A 276 -16.02 27.45 18.98
C SER A 276 -16.67 28.66 19.68
N LEU A 277 -17.21 28.44 20.87
CA LEU A 277 -17.91 29.51 21.56
C LEU A 277 -17.03 30.75 21.73
N GLN A 278 -15.77 30.50 22.10
CA GLN A 278 -14.83 31.59 22.36
C GLN A 278 -14.25 32.16 21.08
N GLU A 279 -13.93 31.29 20.13
CA GLU A 279 -13.50 31.75 18.81
C GLU A 279 -14.53 32.70 18.21
N ASN A 280 -15.81 32.39 18.43
CA ASN A 280 -16.91 33.25 18.01
C ASN A 280 -16.90 34.58 18.74
N GLU A 281 -16.79 34.50 20.07
CA GLU A 281 -16.75 35.67 20.93
C GLU A 281 -15.76 36.70 20.40
N PHE A 282 -14.54 36.25 20.08
CA PHE A 282 -13.50 37.11 19.54
C PHE A 282 -13.90 37.73 18.20
N ARG A 283 -14.30 36.90 17.25
CA ARG A 283 -14.66 37.40 15.93
C ARG A 283 -15.67 38.54 16.04
N LEU A 284 -16.66 38.36 16.90
CA LEU A 284 -17.68 39.38 17.12
C LEU A 284 -17.09 40.60 17.81
N TYR A 285 -16.21 40.36 18.78
CA TYR A 285 -15.59 41.45 19.50
C TYR A 285 -14.89 42.42 18.55
N TYR A 286 -14.03 41.88 17.69
CA TYR A 286 -13.24 42.73 16.80
C TYR A 286 -14.04 43.29 15.64
N TYR A 287 -15.09 42.57 15.25
CA TYR A 287 -16.02 43.07 14.23
C TYR A 287 -16.66 44.37 14.70
N ASN A 288 -17.08 44.40 15.95
CA ASN A 288 -17.65 45.62 16.53
C ASN A 288 -16.62 46.72 16.68
N LYS A 289 -15.38 46.34 16.99
CA LYS A 289 -14.28 47.29 17.03
C LYS A 289 -14.11 47.91 15.65
N PHE A 290 -14.13 47.07 14.63
CA PHE A 290 -14.06 47.54 13.25
C PHE A 290 -15.23 48.47 12.94
N LYS A 291 -16.43 48.10 13.38
CA LYS A 291 -17.60 48.93 13.14
C LYS A 291 -17.44 50.30 13.79
N ASP A 292 -16.80 50.33 14.95
CA ASP A 292 -16.54 51.59 15.65
C ASP A 292 -15.61 52.48 14.83
N ILE A 293 -14.57 51.88 14.27
CA ILE A 293 -13.63 52.64 13.46
C ILE A 293 -14.33 53.23 12.23
N ALA A 294 -15.30 52.50 11.70
CA ALA A 294 -16.13 53.00 10.61
C ALA A 294 -16.88 54.29 10.99
N SER A 295 -17.48 54.29 12.19
CA SER A 295 -18.25 55.45 12.64
C SER A 295 -17.35 56.61 13.07
N THR A 296 -16.11 56.32 13.47
CA THR A 296 -15.16 57.38 13.79
C THR A 296 -14.75 58.11 12.52
N LEU A 297 -14.50 57.34 11.46
CA LEU A 297 -14.17 57.88 10.16
C LEU A 297 -15.33 58.69 9.57
N ASN A 298 -16.54 58.16 9.69
CA ASN A 298 -17.71 58.79 9.10
C ASN A 298 -17.99 60.20 9.65
N LYS A 299 -17.61 60.43 10.89
CA LYS A 299 -17.87 61.73 11.51
C LYS A 299 -16.67 62.67 11.45
N ALA A 300 -15.58 62.23 10.83
CA ALA A 300 -14.39 63.06 10.70
C ALA A 300 -14.49 63.95 9.46
N LYS A 301 -14.55 65.27 9.68
CA LYS A 301 -14.76 66.21 8.59
C LYS A 301 -13.51 66.92 8.07
N SER A 302 -12.37 66.72 8.74
CA SER A 302 -11.10 67.32 8.31
C SER A 302 -9.88 66.59 8.89
N ILE A 303 -8.72 66.85 8.32
CA ILE A 303 -7.49 66.17 8.72
C ILE A 303 -6.54 67.17 9.36
N VAL A 304 -5.65 66.69 10.23
CA VAL A 304 -4.73 67.58 10.92
C VAL A 304 -3.30 67.04 11.04
N GLY A 305 -2.32 67.89 10.76
CA GLY A 305 -0.92 67.52 10.93
C GLY A 305 -0.33 66.78 9.74
N THR A 306 -0.87 67.06 8.56
CA THR A 306 -0.33 66.49 7.32
C THR A 306 -0.73 67.34 6.12
N THR A 307 0.02 67.22 5.04
CA THR A 307 -0.32 67.92 3.81
C THR A 307 -1.17 67.03 2.91
N ALA A 308 -1.30 65.76 3.30
CA ALA A 308 -2.17 64.81 2.61
C ALA A 308 -3.64 65.16 2.82
N SER A 309 -4.50 64.63 1.96
CA SER A 309 -5.93 64.94 2.02
C SER A 309 -6.75 63.93 2.83
N LEU A 310 -7.78 64.41 3.50
CA LEU A 310 -8.73 63.55 4.20
C LEU A 310 -9.21 62.42 3.30
N GLN A 311 -9.45 62.75 2.02
CA GLN A 311 -9.77 61.76 1.01
C GLN A 311 -8.75 60.63 1.02
N TYR A 312 -7.50 60.96 0.69
CA TYR A 312 -6.43 59.95 0.66
C TYR A 312 -6.37 59.14 1.94
N MET A 313 -6.46 59.82 3.08
CA MET A 313 -6.33 59.15 4.37
C MET A 313 -7.47 58.18 4.62
N LYS A 314 -8.71 58.67 4.51
CA LYS A 314 -9.88 57.82 4.66
C LYS A 314 -9.77 56.59 3.75
N ASN A 315 -9.15 56.77 2.59
CA ASN A 315 -8.97 55.68 1.65
C ASN A 315 -7.90 54.70 2.11
N VAL A 316 -6.86 55.22 2.77
CA VAL A 316 -5.85 54.36 3.37
C VAL A 316 -6.51 53.37 4.31
N PHE A 317 -7.40 53.85 5.16
CA PHE A 317 -8.07 53.00 6.13
C PHE A 317 -9.22 52.16 5.56
N LYS A 318 -9.81 52.64 4.47
CA LYS A 318 -10.80 51.83 3.76
C LYS A 318 -10.11 50.58 3.25
N GLU A 319 -8.87 50.73 2.80
CA GLU A 319 -8.14 49.60 2.24
C GLU A 319 -7.52 48.72 3.30
N LYS A 320 -7.33 49.25 4.50
CA LYS A 320 -6.79 48.46 5.60
C LYS A 320 -7.85 47.58 6.26
N TYR A 321 -9.03 48.15 6.48
CA TYR A 321 -10.11 47.46 7.17
C TYR A 321 -11.15 46.84 6.23
N LEU A 322 -10.92 46.94 4.93
CA LEU A 322 -11.87 46.44 3.93
C LEU A 322 -13.29 46.98 4.12
N LEU A 323 -13.39 48.30 4.22
CA LEU A 323 -14.67 48.96 4.44
C LEU A 323 -15.47 49.08 3.16
N SER A 324 -16.79 49.03 3.28
CA SER A 324 -17.69 49.27 2.17
C SER A 324 -18.12 50.74 2.21
N GLU A 325 -18.09 51.40 1.07
CA GLU A 325 -18.39 52.82 0.98
C GLU A 325 -19.55 53.05 0.02
N ASP A 326 -20.66 53.58 0.54
CA ASP A 326 -21.82 53.76 -0.30
C ASP A 326 -21.64 54.95 -1.23
N THR A 327 -22.71 55.32 -1.92
CA THR A 327 -22.68 56.42 -2.88
C THR A 327 -22.38 57.77 -2.22
N SER A 328 -22.73 57.91 -0.95
CA SER A 328 -22.53 59.16 -0.22
C SER A 328 -21.12 59.33 0.36
N GLY A 329 -20.40 58.22 0.55
CA GLY A 329 -19.10 58.25 1.19
C GLY A 329 -19.12 57.69 2.62
N LYS A 330 -20.28 57.26 3.08
CA LYS A 330 -20.42 56.65 4.40
C LYS A 330 -19.78 55.26 4.43
N PHE A 331 -19.11 54.95 5.55
CA PHE A 331 -18.44 53.67 5.70
C PHE A 331 -19.23 52.73 6.59
N SER A 332 -19.21 51.45 6.25
CA SER A 332 -19.69 50.41 7.13
C SER A 332 -18.82 49.17 6.99
N VAL A 333 -19.12 48.14 7.79
CA VAL A 333 -18.35 46.91 7.71
C VAL A 333 -19.26 45.77 7.26
N ASP A 334 -18.91 45.15 6.14
CA ASP A 334 -19.65 44.01 5.63
C ASP A 334 -19.22 42.77 6.38
N LYS A 335 -20.16 42.10 7.06
CA LYS A 335 -19.84 40.90 7.82
C LYS A 335 -19.13 39.88 6.94
N LEU A 336 -19.48 39.84 5.66
CA LEU A 336 -18.85 38.94 4.71
C LEU A 336 -17.39 39.33 4.44
N LYS A 337 -17.17 40.61 4.17
CA LYS A 337 -15.82 41.12 3.94
C LYS A 337 -14.95 40.96 5.18
N PHE A 338 -15.51 41.25 6.35
CA PHE A 338 -14.77 41.17 7.59
C PHE A 338 -14.39 39.73 7.91
N ASP A 339 -15.36 38.82 7.84
CA ASP A 339 -15.09 37.41 8.09
C ASP A 339 -13.90 36.94 7.27
N LYS A 340 -13.86 37.36 6.00
CA LYS A 340 -12.79 36.95 5.09
C LYS A 340 -11.44 37.47 5.56
N LEU A 341 -11.41 38.71 6.02
CA LEU A 341 -10.19 39.39 6.40
C LEU A 341 -9.67 38.89 7.73
N TYR A 342 -10.56 38.76 8.71
CA TYR A 342 -10.20 38.29 10.04
C TYR A 342 -9.70 36.85 9.94
N LYS A 343 -10.26 36.11 9.00
CA LYS A 343 -9.88 34.72 8.76
C LYS A 343 -8.46 34.64 8.21
N MET A 344 -8.14 35.51 7.27
CA MET A 344 -6.81 35.53 6.69
C MET A 344 -5.77 35.85 7.77
N LEU A 345 -6.06 36.87 8.64
CA LEU A 345 -5.11 37.34 9.65
C LEU A 345 -4.90 36.35 10.79
N THR A 346 -5.87 35.47 11.01
CA THR A 346 -5.80 34.58 12.17
C THR A 346 -5.78 33.08 11.86
N GLU A 347 -6.20 32.69 10.66
CA GLU A 347 -6.25 31.27 10.30
C GLU A 347 -5.35 30.92 9.12
N ILE A 348 -5.11 31.98 8.28
CA ILE A 348 -4.19 31.82 7.15
C ILE A 348 -2.73 32.14 7.52
N TYR A 349 -2.54 33.20 8.30
CA TYR A 349 -1.21 33.52 8.78
C TYR A 349 -1.04 32.80 10.10
N THR A 350 -0.30 31.70 10.04
CA THR A 350 -0.08 30.83 11.19
C THR A 350 1.27 30.16 11.02
N GLU A 351 1.93 29.84 12.12
CA GLU A 351 3.22 29.18 12.03
C GLU A 351 3.08 27.86 11.28
N ASP A 352 2.02 27.12 11.60
CA ASP A 352 1.77 25.85 10.95
C ASP A 352 1.83 25.97 9.44
N ASN A 353 1.10 26.93 8.90
CA ASN A 353 1.03 27.09 7.45
C ASN A 353 2.34 27.54 6.80
N PHE A 354 3.12 28.36 7.50
CA PHE A 354 4.43 28.76 7.00
C PHE A 354 5.33 27.55 6.85
N VAL A 355 5.31 26.67 7.83
CA VAL A 355 6.05 25.42 7.74
C VAL A 355 5.69 24.66 6.46
N LYS A 356 4.39 24.59 6.15
CA LYS A 356 3.95 23.93 4.92
C LYS A 356 4.58 24.57 3.69
N PHE A 357 4.78 25.88 3.74
CA PHE A 357 5.39 26.60 2.61
C PHE A 357 6.91 26.47 2.55
N PHE A 358 7.58 26.55 3.70
CA PHE A 358 9.04 26.44 3.76
C PHE A 358 9.56 25.02 3.54
N LYS A 359 8.70 24.04 3.81
CA LYS A 359 9.08 22.63 3.75
C LYS A 359 10.27 22.30 4.65
N VAL A 360 10.17 22.70 5.91
CA VAL A 360 11.23 22.45 6.87
C VAL A 360 10.70 21.63 8.04
N LEU A 361 11.60 21.00 8.78
CA LEU A 361 11.22 20.33 10.02
C LEU A 361 10.95 21.39 11.06
N ASN A 362 9.85 21.22 11.79
CA ASN A 362 9.45 22.18 12.80
C ASN A 362 8.62 21.45 13.83
N ALA A 363 8.61 21.93 15.08
CA ALA A 363 7.76 21.32 16.09
C ALA A 363 6.31 21.39 15.64
N LYS A 364 5.58 20.29 15.81
CA LYS A 364 4.19 20.23 15.39
C LYS A 364 3.29 20.93 16.40
N THR A 365 3.80 21.13 17.61
CA THR A 365 3.05 21.77 18.69
C THR A 365 3.96 22.44 19.69
N PHE A 366 3.47 23.47 20.38
CA PHE A 366 4.28 24.14 21.40
C PHE A 366 4.66 23.17 22.52
N LEU A 367 3.93 22.08 22.64
CA LEU A 367 4.20 21.09 23.67
C LEU A 367 5.43 20.23 23.35
N ASN A 368 6.00 20.45 22.17
CA ASN A 368 7.28 19.83 21.88
C ASN A 368 8.32 20.92 22.16
N PHE A 369 8.92 20.84 23.35
CA PHE A 369 9.64 21.99 23.88
C PHE A 369 11.04 22.06 23.33
N ASP A 370 11.53 23.28 23.13
CA ASP A 370 12.91 23.50 22.69
C ASP A 370 13.82 22.88 23.75
N LYS A 371 14.72 21.99 23.31
CA LYS A 371 15.63 21.34 24.23
C LYS A 371 17.04 21.95 24.26
N ALA A 372 17.34 22.87 23.34
CA ALA A 372 18.71 23.39 23.21
C ALA A 372 18.81 24.72 22.44
N VAL A 373 19.94 25.39 22.59
CA VAL A 373 20.19 26.62 21.81
C VAL A 373 21.48 26.54 20.99
N PHE A 374 21.45 27.15 19.80
CA PHE A 374 22.54 27.01 18.82
C PHE A 374 22.95 28.33 18.17
N LYS A 375 24.26 28.54 18.03
CA LYS A 375 24.80 29.67 17.28
C LYS A 375 24.81 29.30 15.80
N ILE A 376 24.37 30.21 14.95
CA ILE A 376 24.30 29.96 13.51
C ILE A 376 24.78 31.17 12.73
N ASN A 377 25.09 30.97 11.44
CA ASN A 377 25.30 32.10 10.54
C ASN A 377 24.63 31.85 9.21
N ILE A 378 23.60 32.64 8.89
CA ILE A 378 22.83 32.39 7.67
C ILE A 378 23.19 33.30 6.50
N VAL A 379 24.11 34.23 6.73
CA VAL A 379 24.43 35.22 5.72
C VAL A 379 25.14 34.66 4.48
N PRO A 380 26.11 33.75 4.66
CA PRO A 380 26.76 33.10 3.52
C PRO A 380 25.84 32.13 2.81
N LYS A 381 25.84 32.16 1.48
CA LYS A 381 24.95 31.29 0.70
C LYS A 381 25.32 29.82 0.86
N VAL A 382 26.59 29.53 1.14
CA VAL A 382 27.03 28.16 1.33
C VAL A 382 26.42 27.56 2.59
N ASN A 383 25.87 28.42 3.43
CA ASN A 383 25.22 28.01 4.66
C ASN A 383 23.69 27.89 4.55
N TYR A 384 23.06 29.00 4.21
CA TYR A 384 21.62 29.11 4.21
C TYR A 384 21.19 29.97 3.03
N THR A 385 20.25 29.49 2.23
CA THR A 385 19.75 30.28 1.10
C THR A 385 18.27 30.64 1.20
N ILE A 386 17.90 31.71 0.50
CA ILE A 386 16.53 32.22 0.48
C ILE A 386 15.51 31.17 0.08
N TYR A 387 15.82 30.40 -0.94
CA TYR A 387 14.91 29.35 -1.40
C TYR A 387 14.90 28.10 -0.52
N ASP A 388 16.07 27.57 -0.18
CA ASP A 388 16.15 26.28 0.51
C ASP A 388 16.37 26.32 2.03
N GLY A 389 16.61 27.50 2.59
CA GLY A 389 17.00 27.57 4.00
C GLY A 389 18.30 26.82 4.24
N PHE A 390 18.35 26.01 5.30
CA PHE A 390 19.53 25.19 5.56
C PHE A 390 19.61 23.96 4.66
N ASN A 391 18.49 23.54 4.06
CA ASN A 391 18.50 22.27 3.35
C ASN A 391 18.72 22.56 1.88
N LEU A 392 19.98 22.43 1.46
CA LEU A 392 20.42 22.99 0.21
C LEU A 392 20.20 22.01 -0.94
N ARG A 393 19.51 22.49 -1.98
CA ARG A 393 19.15 21.64 -3.08
C ARG A 393 20.34 20.98 -3.74
N ASN A 394 20.12 19.77 -4.26
CA ASN A 394 21.12 19.04 -5.01
C ASN A 394 22.33 18.63 -4.17
N THR A 395 22.09 18.39 -2.88
CA THR A 395 23.13 17.93 -1.95
C THR A 395 22.53 17.05 -0.89
N ASN A 396 23.37 16.32 -0.16
CA ASN A 396 22.92 15.51 0.95
C ASN A 396 21.99 16.30 1.88
N LEU A 397 22.24 17.59 2.00
CA LEU A 397 21.48 18.45 2.91
C LEU A 397 20.01 18.60 2.50
N ALA A 398 19.67 18.20 1.29
CA ALA A 398 18.30 18.34 0.78
C ALA A 398 17.41 17.17 1.20
N ALA A 399 18.04 16.08 1.64
CA ALA A 399 17.32 14.86 1.97
C ALA A 399 17.03 14.77 3.47
N ASN A 400 15.80 14.34 3.80
CA ASN A 400 15.41 14.02 5.18
C ASN A 400 15.70 15.17 6.15
N PHE A 401 15.64 16.39 5.64
CA PHE A 401 15.92 17.57 6.45
C PHE A 401 17.32 17.57 7.07
N ASN A 402 18.29 16.94 6.42
CA ASN A 402 19.65 16.89 6.97
C ASN A 402 20.27 18.26 7.22
N GLY A 403 19.88 19.23 6.40
CA GLY A 403 20.36 20.59 6.57
C GLY A 403 20.08 21.09 7.97
N GLN A 404 19.01 20.59 8.57
CA GLN A 404 18.62 20.99 9.92
C GLN A 404 19.08 20.00 10.99
N ASN A 405 19.64 18.88 10.59
CA ASN A 405 20.18 17.95 11.58
C ASN A 405 21.51 18.51 12.12
N THR A 406 21.56 18.77 13.43
CA THR A 406 22.69 19.50 14.00
C THR A 406 23.98 18.69 13.95
N GLU A 407 23.87 17.36 13.97
CA GLU A 407 25.04 16.50 13.88
C GLU A 407 25.54 16.28 12.45
N ILE A 408 24.63 16.07 11.50
CA ILE A 408 25.04 15.89 10.11
C ILE A 408 25.59 17.19 9.52
N ASN A 409 24.88 18.28 9.79
CA ASN A 409 25.24 19.63 9.35
C ASN A 409 26.11 20.42 10.33
N ASN A 410 26.80 19.72 11.23
CA ASN A 410 27.45 20.35 12.41
C ASN A 410 28.26 21.63 12.19
N MET A 411 28.78 21.87 10.99
CA MET A 411 29.49 23.14 10.75
C MET A 411 28.60 24.39 10.82
N ASN A 412 27.30 24.23 10.61
CA ASN A 412 26.34 25.34 10.67
C ASN A 412 25.71 25.56 12.03
N PHE A 413 25.96 24.63 12.96
CA PHE A 413 25.36 24.72 14.28
C PHE A 413 26.38 24.45 15.36
N THR A 414 26.57 25.43 16.24
CA THR A 414 27.50 25.30 17.35
C THR A 414 26.72 25.28 18.66
N LYS A 415 26.90 24.24 19.45
CA LYS A 415 26.07 24.11 20.63
C LYS A 415 26.54 25.09 21.70
N LEU A 416 25.63 25.95 22.15
CA LEU A 416 25.91 26.83 23.25
C LEU A 416 25.44 26.20 24.55
N LYS A 417 25.72 26.85 25.67
CA LYS A 417 25.31 26.30 26.94
C LYS A 417 23.97 26.89 27.28
N ASN A 418 22.97 26.05 27.49
CA ASN A 418 21.68 26.53 27.96
C ASN A 418 21.87 27.15 29.34
N PHE A 419 21.44 28.39 29.49
CA PHE A 419 21.54 29.10 30.75
C PHE A 419 20.53 28.54 31.76
N THR A 420 19.47 27.90 31.25
CA THR A 420 18.52 27.22 32.11
C THR A 420 19.17 25.93 32.57
N GLY A 421 19.30 25.81 33.89
CA GLY A 421 20.09 24.74 34.47
C GLY A 421 19.50 23.35 34.37
N LEU A 422 20.31 22.39 34.80
CA LEU A 422 19.90 21.01 34.92
C LEU A 422 18.93 20.92 36.10
N PHE A 423 17.71 20.47 35.81
CA PHE A 423 16.67 20.38 36.83
C PHE A 423 16.46 21.73 37.54
N GLU A 424 16.61 22.83 36.81
CA GLU A 424 16.34 24.16 37.36
C GLU A 424 14.96 24.18 37.98
N PHE A 425 13.96 23.74 37.21
CA PHE A 425 12.58 23.68 37.68
C PHE A 425 12.08 22.26 37.52
N TYR A 426 11.71 21.65 38.62
CA TYR A 426 11.39 20.24 38.62
C TYR A 426 10.33 19.90 39.67
N LYS A 427 9.94 18.62 39.68
CA LYS A 427 9.20 18.06 40.79
C LYS A 427 10.03 16.91 41.33
N LEU A 428 9.80 16.55 42.58
CA LEU A 428 10.55 15.48 43.19
C LEU A 428 9.62 14.31 43.46
N LEU A 429 9.83 13.21 42.75
CA LEU A 429 8.97 12.04 42.88
C LEU A 429 9.68 10.91 43.64
N CYS A 430 9.06 10.46 44.73
CA CYS A 430 9.69 9.48 45.62
C CYS A 430 8.84 8.24 45.82
N VAL A 431 9.39 7.07 45.52
CA VAL A 431 8.74 5.80 45.87
C VAL A 431 9.05 5.47 47.32
N ARG A 432 8.13 4.75 47.97
CA ARG A 432 8.19 4.55 49.41
C ARG A 432 8.72 3.16 49.77
N GLY A 433 9.96 3.12 50.27
CA GLY A 433 10.54 1.93 50.86
C GLY A 433 10.36 0.59 50.13
N ILE A 434 10.43 0.61 48.80
CA ILE A 434 10.27 -0.62 48.01
C ILE A 434 11.58 -1.41 47.97
N LEU A 450 16.36 -0.37 53.24
CA LEU A 450 15.53 0.14 52.15
C LEU A 450 14.74 1.38 52.58
N ASN A 451 15.06 2.51 51.96
CA ASN A 451 14.35 3.77 52.20
C ASN A 451 14.05 4.50 50.89
N ASP A 452 13.55 5.73 51.00
CA ASP A 452 13.11 6.50 49.83
C ASP A 452 14.15 6.61 48.70
N LEU A 453 13.70 6.32 47.48
CA LEU A 453 14.49 6.62 46.29
C LEU A 453 13.80 7.70 45.46
N CYS A 454 14.35 8.91 45.51
CA CYS A 454 13.72 10.07 44.90
C CYS A 454 14.41 10.45 43.59
N ILE A 455 13.65 10.93 42.63
CA ILE A 455 14.25 11.50 41.43
C ILE A 455 13.61 12.84 41.08
N LYS A 456 14.39 13.70 40.46
CA LYS A 456 13.90 15.00 40.04
C LYS A 456 13.41 14.85 38.61
N VAL A 457 12.25 15.43 38.32
CA VAL A 457 11.73 15.43 36.96
C VAL A 457 11.61 16.85 36.41
N ASN A 458 12.29 17.10 35.31
CA ASN A 458 12.25 18.39 34.62
C ASN A 458 10.79 18.80 34.37
N ASN A 459 10.46 20.06 34.64
CA ASN A 459 9.09 20.55 34.47
C ASN A 459 8.51 20.24 33.09
N TRP A 460 9.33 20.34 32.06
CA TRP A 460 8.87 20.16 30.68
C TRP A 460 8.96 18.71 30.23
N ASP A 461 9.25 17.83 31.18
CA ASP A 461 9.08 16.40 30.98
C ASP A 461 7.76 15.87 31.56
N LEU A 462 6.97 16.74 32.19
CA LEU A 462 5.71 16.36 32.82
C LEU A 462 4.48 16.56 31.93
N PHE A 463 3.31 16.19 32.44
CA PHE A 463 2.10 16.15 31.61
C PHE A 463 1.32 17.46 31.56
N PHE A 464 0.96 17.85 30.34
CA PHE A 464 0.05 18.97 30.13
C PHE A 464 -1.37 18.47 30.36
N SER A 465 -2.03 19.04 31.36
CA SER A 465 -3.38 18.66 31.76
C SER A 465 -4.27 19.90 31.84
N PRO A 466 -4.97 20.23 30.74
CA PRO A 466 -5.68 21.51 30.70
C PRO A 466 -6.80 21.57 31.73
N SER A 467 -7.01 22.76 32.28
CA SER A 467 -8.05 22.97 33.27
C SER A 467 -9.42 22.90 32.62
N GLU A 468 -10.40 22.36 33.34
CA GLU A 468 -11.74 22.20 32.77
C GLU A 468 -12.42 23.53 32.47
N ASP A 469 -11.96 24.61 33.11
CA ASP A 469 -12.60 25.91 32.89
C ASP A 469 -12.07 26.55 31.61
N ASN A 470 -11.21 25.84 30.91
CA ASN A 470 -10.78 26.23 29.57
C ASN A 470 -11.84 25.98 28.49
N PHE A 471 -12.69 24.97 28.66
CA PHE A 471 -13.65 24.65 27.62
C PHE A 471 -15.07 25.04 28.01
N THR A 472 -15.53 26.14 27.42
CA THR A 472 -16.84 26.66 27.71
C THR A 472 -17.71 26.41 26.49
N ASN A 473 -18.97 26.07 26.74
CA ASN A 473 -19.89 25.84 25.65
C ASN A 473 -21.27 26.36 26.03
N ASP A 474 -22.05 26.72 25.03
CA ASP A 474 -23.45 27.08 25.25
C ASP A 474 -24.38 25.89 25.04
N LEU A 475 -23.81 24.71 24.90
CA LEU A 475 -24.58 23.52 24.49
C LEU A 475 -25.90 23.35 25.23
N ASN A 476 -25.95 23.76 26.50
CA ASN A 476 -27.16 23.62 27.30
C ASN A 476 -28.15 24.77 27.16
N LYS A 477 -27.79 25.78 26.38
CA LYS A 477 -28.70 26.90 26.13
C LYS A 477 -29.66 26.57 25.00
N GLY A 478 -30.96 26.72 25.27
CA GLY A 478 -31.98 26.52 24.26
C GLY A 478 -32.02 27.62 23.23
N GLU A 479 -32.70 27.37 22.13
CA GLU A 479 -32.87 28.37 21.08
C GLU A 479 -34.34 28.56 20.73
N GLU A 480 -34.63 29.64 20.01
CA GLU A 480 -35.96 29.89 19.48
C GLU A 480 -35.89 29.78 17.96
N ILE A 481 -36.53 28.76 17.41
CA ILE A 481 -36.56 28.60 15.96
C ILE A 481 -37.64 29.50 15.39
N THR A 482 -37.37 30.04 14.21
CA THR A 482 -38.16 31.12 13.66
C THR A 482 -38.30 30.94 12.15
N SER A 483 -39.39 31.44 11.57
CA SER A 483 -39.58 31.35 10.12
C SER A 483 -38.33 31.86 9.43
N ASP A 484 -37.72 32.87 10.05
CA ASP A 484 -36.52 33.50 9.55
C ASP A 484 -35.22 32.80 9.93
N THR A 485 -35.19 32.14 11.09
CA THR A 485 -33.92 31.70 11.67
C THR A 485 -33.09 31.03 10.61
N ASN A 486 -31.83 31.44 10.49
CA ASN A 486 -31.01 30.94 9.40
C ASN A 486 -29.67 30.36 9.80
N ILE A 487 -29.09 29.65 8.85
CA ILE A 487 -28.08 28.65 9.13
C ILE A 487 -26.68 29.19 8.95
N GLU A 488 -25.84 28.99 9.96
CA GLU A 488 -24.42 29.27 9.81
C GLU A 488 -23.83 28.27 8.81
N ALA A 489 -22.85 28.73 8.03
CA ALA A 489 -22.28 27.91 6.97
C ALA A 489 -21.44 26.75 7.50
N ALA A 490 -20.85 25.99 6.58
CA ALA A 490 -20.06 24.82 6.93
C ALA A 490 -18.83 25.15 7.78
N GLU A 491 -18.22 26.31 7.53
CA GLU A 491 -16.95 26.69 8.15
C GLU A 491 -15.83 25.72 7.77
N GLU A 492 -15.43 25.78 6.51
CA GLU A 492 -14.46 24.87 5.92
C GLU A 492 -13.05 24.98 6.49
N ASN A 493 -12.34 23.85 6.52
CA ASN A 493 -10.96 23.81 7.00
C ASN A 493 -9.98 24.50 6.05
N ILE A 494 -8.90 25.03 6.61
CA ILE A 494 -7.87 25.72 5.82
C ILE A 494 -7.00 24.73 5.05
N SER A 495 -6.76 25.04 3.78
CA SER A 495 -5.99 24.15 2.92
C SER A 495 -5.20 24.94 1.91
N LEU A 496 -4.15 24.34 1.36
CA LEU A 496 -3.27 25.04 0.43
C LEU A 496 -4.03 25.66 -0.73
N ASP A 497 -5.15 25.06 -1.12
CA ASP A 497 -5.95 25.60 -2.22
C ASP A 497 -6.82 26.78 -1.81
N LEU A 498 -7.31 26.79 -0.57
CA LEU A 498 -8.01 27.97 -0.06
C LEU A 498 -7.05 29.15 0.00
N ILE A 499 -5.84 28.90 0.51
CA ILE A 499 -4.80 29.92 0.56
C ILE A 499 -4.58 30.47 -0.84
N GLN A 500 -4.53 29.58 -1.83
CA GLN A 500 -4.36 30.00 -3.22
C GLN A 500 -5.51 30.88 -3.68
N GLN A 501 -6.68 30.67 -3.09
CA GLN A 501 -7.84 31.50 -3.37
C GLN A 501 -7.58 32.94 -2.92
N TYR A 502 -7.21 33.09 -1.65
CA TYR A 502 -6.83 34.39 -1.11
C TYR A 502 -5.70 35.01 -1.92
N TYR A 503 -4.69 34.20 -2.21
CA TYR A 503 -3.52 34.66 -2.93
C TYR A 503 -3.85 35.32 -4.27
N LEU A 504 -4.59 34.61 -5.11
CA LEU A 504 -4.92 35.11 -6.44
C LEU A 504 -5.89 36.28 -6.43
N THR A 505 -6.57 36.47 -5.31
CA THR A 505 -7.49 37.62 -5.19
C THR A 505 -6.86 38.77 -4.42
N PHE A 506 -5.64 38.57 -3.95
CA PHE A 506 -4.93 39.56 -3.12
C PHE A 506 -4.48 40.74 -3.97
N ASN A 507 -4.57 41.94 -3.40
CA ASN A 507 -4.11 43.14 -4.09
C ASN A 507 -2.71 43.62 -3.68
N PHE A 508 -1.77 43.50 -4.61
CA PHE A 508 -0.38 43.85 -4.34
C PHE A 508 0.03 45.23 -4.82
N ASP A 509 -0.88 45.94 -5.47
CA ASP A 509 -0.55 47.22 -6.09
C ASP A 509 -0.35 48.37 -5.11
N ASN A 510 -1.32 48.61 -4.24
CA ASN A 510 -1.35 49.88 -3.55
C ASN A 510 -0.79 49.80 -2.14
N GLU A 511 0.43 50.31 -1.99
CA GLU A 511 1.00 50.55 -0.68
C GLU A 511 0.72 51.98 -0.33
N PRO A 512 0.39 52.24 0.93
CA PRO A 512 0.16 53.62 1.37
C PRO A 512 1.45 54.42 1.28
N GLU A 513 1.36 55.67 0.84
CA GLU A 513 2.54 56.53 0.66
C GLU A 513 3.19 56.85 2.00
N ASN A 514 4.43 57.32 1.97
CA ASN A 514 5.05 57.80 3.19
C ASN A 514 4.86 59.32 3.17
N ILE A 515 3.85 59.78 3.91
CA ILE A 515 3.38 61.16 3.81
C ILE A 515 4.15 62.14 4.68
N SER A 516 4.12 63.39 4.28
CA SER A 516 4.64 64.48 5.10
C SER A 516 3.71 64.76 6.27
N ILE A 517 4.25 64.70 7.49
CA ILE A 517 3.47 64.94 8.68
C ILE A 517 4.09 66.03 9.54
N GLU A 518 3.25 66.78 10.23
CA GLU A 518 3.71 67.86 11.11
C GLU A 518 4.75 67.30 12.07
N ASN A 519 5.82 68.06 12.29
CA ASN A 519 6.89 67.62 13.17
C ASN A 519 6.47 67.44 14.62
N LEU A 520 6.72 66.26 15.17
CA LEU A 520 6.47 65.99 16.57
C LEU A 520 7.55 66.69 17.39
N SER A 521 7.43 66.61 18.71
CA SER A 521 8.45 67.18 19.58
C SER A 521 9.73 66.35 19.46
N SER A 522 10.86 66.96 19.85
CA SER A 522 12.16 66.30 19.73
C SER A 522 12.20 64.92 20.39
N ASP A 523 11.64 64.83 21.60
CA ASP A 523 11.45 63.56 22.26
C ASP A 523 9.98 63.16 22.20
N ILE A 524 9.72 61.91 21.85
CA ILE A 524 8.35 61.42 21.78
C ILE A 524 8.03 60.64 23.04
N ILE A 525 7.05 61.14 23.81
CA ILE A 525 6.75 60.58 25.13
C ILE A 525 5.76 59.43 25.08
N GLY A 526 6.14 58.31 25.67
CA GLY A 526 5.28 57.13 25.72
C GLY A 526 5.92 55.99 26.47
N GLN A 527 5.11 55.02 26.91
CA GLN A 527 5.63 53.82 27.55
C GLN A 527 5.05 52.60 26.87
N LEU A 528 5.69 51.45 27.06
CA LEU A 528 5.20 50.20 26.50
C LEU A 528 3.89 49.77 27.15
N GLU A 529 3.10 49.00 26.43
CA GLU A 529 1.92 48.40 27.02
C GLU A 529 2.36 47.52 28.18
N LEU A 530 1.63 47.60 29.30
CA LEU A 530 1.95 46.80 30.47
C LEU A 530 1.58 45.33 30.23
N MET A 531 2.51 44.43 30.53
CA MET A 531 2.20 43.01 30.54
C MET A 531 1.81 42.55 31.95
N PRO A 532 0.81 41.67 32.05
CA PRO A 532 0.31 41.20 33.35
C PRO A 532 1.42 40.51 34.11
N ASN A 533 1.49 40.69 35.42
CA ASN A 533 2.49 39.96 36.20
C ASN A 533 2.07 38.52 36.44
N ILE A 534 2.93 37.59 36.07
CA ILE A 534 2.66 36.18 36.26
C ILE A 534 3.42 35.61 37.47
N GLU A 535 2.70 34.86 38.29
CA GLU A 535 3.29 34.21 39.45
C GLU A 535 4.32 33.19 38.99
N ARG A 536 5.55 33.31 39.49
CA ARG A 536 6.52 32.26 39.24
C ARG A 536 5.95 31.00 39.87
N PHE A 537 5.84 29.93 39.10
CA PHE A 537 5.24 28.71 39.64
C PHE A 537 6.17 28.03 40.66
N PRO A 538 5.59 27.20 41.55
CA PRO A 538 6.34 26.57 42.63
C PRO A 538 7.46 25.67 42.11
N ASN A 539 8.49 25.46 42.92
CA ASN A 539 9.64 24.68 42.51
C ASN A 539 9.97 23.56 43.49
N GLY A 540 10.27 22.38 42.98
CA GLY A 540 10.69 21.26 43.82
C GLY A 540 9.63 20.77 44.79
N LYS A 541 8.38 20.77 44.35
CA LYS A 541 7.30 20.17 45.11
C LYS A 541 7.65 18.67 45.25
N LYS A 542 7.48 18.13 46.45
CA LYS A 542 7.78 16.72 46.71
C LYS A 542 6.52 15.84 46.76
N TYR A 543 6.66 14.60 46.28
CA TYR A 543 5.53 13.68 46.24
C TYR A 543 5.91 12.27 46.74
N GLU A 544 5.07 11.73 47.62
CA GLU A 544 5.28 10.38 48.17
C GLU A 544 4.35 9.38 47.49
N LEU A 545 4.93 8.38 46.83
CA LEU A 545 4.17 7.44 46.00
C LEU A 545 4.40 6.00 46.42
N ASP A 546 3.39 5.15 46.21
CA ASP A 546 3.47 3.75 46.61
C ASP A 546 4.05 2.86 45.52
N LYS A 547 4.08 3.36 44.29
CA LYS A 547 4.45 2.56 43.13
C LYS A 547 5.40 3.31 42.20
N TYR A 548 6.33 2.57 41.59
CA TYR A 548 7.24 3.16 40.62
C TYR A 548 6.42 3.81 39.52
N THR A 549 6.81 5.01 39.11
CA THR A 549 6.10 5.68 38.03
C THR A 549 6.83 5.57 36.70
N MET A 550 6.22 6.13 35.67
CA MET A 550 6.76 6.16 34.33
C MET A 550 8.09 6.91 34.34
N PHE A 551 8.12 8.00 35.11
CA PHE A 551 9.31 8.82 35.20
C PHE A 551 10.48 8.05 35.81
N HIS A 552 10.17 7.17 36.77
CA HIS A 552 11.20 6.32 37.37
C HIS A 552 11.71 5.28 36.38
N TYR A 553 10.80 4.66 35.64
CA TYR A 553 11.17 3.62 34.69
C TYR A 553 12.07 4.19 33.59
N LEU A 554 11.81 5.42 33.22
CA LEU A 554 12.59 6.07 32.18
C LEU A 554 13.94 6.52 32.73
N ARG A 555 13.93 7.11 33.93
CA ARG A 555 15.15 7.53 34.58
C ARG A 555 16.11 6.35 34.79
N ALA A 556 15.56 5.19 35.09
CA ALA A 556 16.36 4.00 35.36
C ALA A 556 17.11 3.51 34.12
N GLN A 557 16.80 4.12 32.98
CA GLN A 557 17.40 3.71 31.72
C GLN A 557 18.61 4.55 31.35
N GLU A 558 19.03 5.42 32.28
CA GLU A 558 20.07 6.40 32.01
C GLU A 558 21.36 6.02 32.74
N PHE A 559 22.49 6.48 32.21
CA PHE A 559 23.76 6.34 32.90
C PHE A 559 24.67 7.53 32.64
N GLU A 560 25.65 7.74 33.51
CA GLU A 560 26.68 8.77 33.29
C GLU A 560 27.90 8.11 32.62
N HIS A 561 28.56 8.85 31.74
CA HIS A 561 29.76 8.33 31.10
C HIS A 561 30.88 8.08 32.11
N GLY A 562 31.74 7.12 31.78
CA GLY A 562 32.83 6.73 32.67
C GLY A 562 33.62 5.55 32.17
N LYS A 563 34.69 5.21 32.89
CA LYS A 563 35.60 4.16 32.46
C LYS A 563 35.09 2.76 32.84
N SER A 564 34.12 2.70 33.75
CA SER A 564 33.61 1.43 34.28
C SER A 564 32.65 0.74 33.33
N ARG A 565 32.55 -0.58 33.43
CA ARG A 565 31.62 -1.31 32.57
C ARG A 565 30.23 -1.39 33.19
N ILE A 566 29.26 -0.82 32.48
CA ILE A 566 27.87 -0.92 32.90
C ILE A 566 27.24 -2.24 32.48
N ALA A 567 26.20 -2.67 33.19
CA ALA A 567 25.46 -3.86 32.81
C ALA A 567 23.97 -3.53 32.77
N LEU A 568 23.26 -4.16 31.83
CA LEU A 568 21.81 -4.04 31.79
C LEU A 568 21.18 -4.94 32.85
N THR A 569 20.08 -4.50 33.40
CA THR A 569 19.34 -5.30 34.36
C THR A 569 17.85 -5.23 34.04
N ASN A 570 17.12 -6.29 34.39
CA ASN A 570 15.68 -6.28 34.26
C ASN A 570 15.01 -5.79 35.54
N SER A 571 15.83 -5.39 36.52
CA SER A 571 15.28 -4.86 37.75
C SER A 571 15.34 -3.34 37.85
N VAL A 572 14.18 -2.69 37.80
CA VAL A 572 14.09 -1.24 37.89
C VAL A 572 14.75 -0.79 39.18
N ASN A 573 14.47 -1.51 40.25
CA ASN A 573 15.04 -1.21 41.55
C ASN A 573 16.58 -1.19 41.50
N GLU A 574 17.18 -2.27 41.03
CA GLU A 574 18.62 -2.33 40.92
C GLU A 574 19.10 -1.11 40.16
N ALA A 575 18.55 -0.90 38.98
CA ALA A 575 19.02 0.15 38.08
C ALA A 575 18.99 1.54 38.72
N LEU A 576 17.92 1.81 39.47
CA LEU A 576 17.79 3.11 40.12
C LEU A 576 18.78 3.23 41.27
N LEU A 577 19.16 2.11 41.86
CA LEU A 577 20.09 2.11 43.00
C LEU A 577 21.59 2.16 42.66
N ASN A 578 21.96 1.75 41.46
CA ASN A 578 23.38 1.68 41.13
C ASN A 578 23.72 2.36 39.82
N PRO A 579 24.76 3.19 39.83
CA PRO A 579 25.21 3.96 38.67
C PRO A 579 25.70 3.12 37.51
N SER A 580 26.07 1.86 37.79
CA SER A 580 26.59 0.97 36.77
C SER A 580 25.51 0.07 36.20
N ARG A 581 24.31 0.19 36.75
CA ARG A 581 23.19 -0.65 36.33
C ARG A 581 22.12 0.14 35.56
N VAL A 582 21.86 -0.28 34.34
CA VAL A 582 20.89 0.37 33.48
C VAL A 582 19.73 -0.59 33.23
N TYR A 583 18.51 -0.14 33.47
CA TYR A 583 17.31 -0.97 33.24
C TYR A 583 17.01 -1.15 31.75
N THR A 584 16.64 -2.36 31.38
CA THR A 584 16.21 -2.62 30.01
C THR A 584 14.86 -3.34 29.97
N PHE A 585 14.07 -3.05 28.95
CA PHE A 585 12.81 -3.75 28.73
C PHE A 585 12.95 -4.90 27.75
N PHE A 586 14.16 -5.09 27.23
CA PHE A 586 14.49 -6.23 26.42
C PHE A 586 14.46 -7.50 27.26
N SER A 587 14.38 -8.64 26.57
CA SER A 587 14.32 -9.95 27.22
C SER A 587 15.57 -10.23 28.05
N SER A 588 15.42 -11.14 29.02
CA SER A 588 16.53 -11.61 29.84
C SER A 588 17.63 -12.24 28.99
N ASP A 589 17.26 -12.76 27.83
CA ASP A 589 18.23 -13.33 26.91
C ASP A 589 19.17 -12.24 26.40
N TYR A 590 18.59 -11.11 26.03
CA TYR A 590 19.39 -9.97 25.59
C TYR A 590 20.30 -9.51 26.72
N VAL A 591 19.78 -9.53 27.94
CA VAL A 591 20.53 -9.10 29.11
C VAL A 591 21.77 -9.97 29.30
N LYS A 592 21.56 -11.28 29.32
CA LYS A 592 22.65 -12.24 29.51
C LYS A 592 23.73 -12.09 28.44
N LYS A 593 23.30 -11.82 27.21
CA LYS A 593 24.20 -11.78 26.06
C LYS A 593 25.04 -10.50 26.04
N VAL A 594 24.39 -9.35 26.25
CA VAL A 594 25.10 -8.08 26.20
C VAL A 594 26.09 -7.92 27.38
N ASN A 595 25.82 -8.61 28.48
CA ASN A 595 26.65 -8.52 29.68
C ASN A 595 27.91 -9.39 29.66
N LYS A 596 27.90 -10.45 28.86
CA LYS A 596 28.96 -11.45 28.93
C LYS A 596 30.32 -10.89 28.47
N ALA A 597 31.38 -11.28 29.17
CA ALA A 597 32.72 -10.91 28.75
C ALA A 597 33.00 -11.67 27.47
N THR A 598 33.34 -10.95 26.41
CA THR A 598 33.51 -11.54 25.09
C THR A 598 34.95 -11.54 24.61
N GLU A 599 35.43 -12.72 24.25
CA GLU A 599 36.76 -12.88 23.69
C GLU A 599 36.91 -12.02 22.43
N ALA A 600 38.12 -11.53 22.19
CA ALA A 600 38.37 -10.69 21.03
C ALA A 600 38.00 -11.37 19.72
N ALA A 601 38.32 -12.65 19.60
CA ALA A 601 38.06 -13.40 18.37
C ALA A 601 36.57 -13.50 18.04
N MET A 602 35.72 -13.41 19.06
CA MET A 602 34.27 -13.45 18.89
C MET A 602 33.56 -12.09 18.88
N PHE A 603 34.33 -11.01 19.02
CA PHE A 603 33.76 -9.67 19.20
C PHE A 603 32.84 -9.19 18.08
N LEU A 604 33.28 -9.33 16.83
CA LEU A 604 32.45 -8.85 15.72
C LEU A 604 31.15 -9.62 15.59
N GLY A 605 31.25 -10.94 15.65
CA GLY A 605 30.05 -11.78 15.58
C GLY A 605 29.11 -11.49 16.74
N TRP A 606 29.71 -11.16 17.89
CA TRP A 606 28.95 -10.77 19.06
C TRP A 606 28.16 -9.50 18.80
N VAL A 607 28.81 -8.51 18.20
CA VAL A 607 28.17 -7.24 17.90
C VAL A 607 27.04 -7.46 16.90
N GLU A 608 27.33 -8.27 15.88
CA GLU A 608 26.33 -8.57 14.86
C GLU A 608 25.08 -9.11 15.53
N GLN A 609 25.28 -10.06 16.43
CA GLN A 609 24.15 -10.67 17.13
C GLN A 609 23.40 -9.65 17.96
N LEU A 610 24.13 -8.76 18.62
CA LEU A 610 23.50 -7.74 19.44
C LEU A 610 22.66 -6.81 18.57
N VAL A 611 23.22 -6.39 17.44
CA VAL A 611 22.50 -5.53 16.51
C VAL A 611 21.24 -6.22 15.97
N TYR A 612 21.34 -7.51 15.73
CA TYR A 612 20.20 -8.27 15.27
C TYR A 612 19.16 -8.35 16.37
N ASP A 613 19.58 -8.77 17.56
CA ASP A 613 18.65 -8.93 18.67
C ASP A 613 17.97 -7.61 18.98
N PHE A 614 18.73 -6.52 18.91
CA PHE A 614 18.19 -5.20 19.18
C PHE A 614 17.07 -4.92 18.19
N THR A 615 17.40 -5.07 16.91
CA THR A 615 16.45 -4.78 15.86
C THR A 615 15.22 -5.68 15.97
N ASP A 616 15.44 -6.93 16.33
CA ASP A 616 14.38 -7.89 16.49
C ASP A 616 13.42 -7.47 17.59
N GLU A 617 13.93 -7.20 18.77
CA GLU A 617 13.07 -6.91 19.90
C GLU A 617 12.30 -5.58 19.79
N THR A 618 12.94 -4.57 19.20
CA THR A 618 12.31 -3.27 19.02
C THR A 618 11.35 -3.23 17.83
N SER A 619 11.46 -4.22 16.93
CA SER A 619 10.60 -4.29 15.76
C SER A 619 9.37 -5.14 16.01
N GLU A 620 9.30 -5.76 17.18
CA GLU A 620 8.21 -6.68 17.50
C GLU A 620 6.84 -6.00 17.43
N VAL A 621 5.93 -6.60 16.68
CA VAL A 621 4.56 -6.12 16.59
C VAL A 621 3.60 -7.29 16.68
N SER A 622 2.72 -7.28 17.67
CA SER A 622 1.67 -8.28 17.77
C SER A 622 0.41 -7.76 17.09
N THR A 623 -0.14 -8.54 16.17
CA THR A 623 -1.41 -8.15 15.55
C THR A 623 -2.57 -8.73 16.34
N THR A 624 -3.63 -7.95 16.50
CA THR A 624 -4.85 -8.46 17.10
C THR A 624 -6.00 -8.40 16.12
N ASP A 625 -6.72 -9.50 16.00
CA ASP A 625 -7.92 -9.54 15.16
C ASP A 625 -9.22 -9.36 15.97
N LYS A 626 -9.09 -9.18 17.29
CA LYS A 626 -10.24 -9.14 18.20
C LYS A 626 -11.00 -7.82 18.27
N ILE A 627 -10.27 -6.71 18.20
CA ILE A 627 -10.88 -5.41 18.42
C ILE A 627 -10.87 -4.51 17.19
N ALA A 628 -11.76 -3.52 17.20
CA ALA A 628 -12.09 -2.76 16.01
C ALA A 628 -11.00 -1.81 15.53
N ASP A 629 -10.72 -0.78 16.33
CA ASP A 629 -9.93 0.34 15.83
C ASP A 629 -8.40 0.21 15.99
N ILE A 630 -7.97 -0.80 16.75
CA ILE A 630 -6.56 -1.03 16.97
C ILE A 630 -6.13 -2.36 16.36
N THR A 631 -5.42 -2.28 15.24
CA THR A 631 -4.98 -3.48 14.52
C THR A 631 -3.69 -4.09 15.07
N ILE A 632 -2.73 -3.23 15.42
CA ILE A 632 -1.43 -3.67 15.92
C ILE A 632 -1.19 -3.23 17.37
N ILE A 633 -0.32 -3.95 18.05
CA ILE A 633 0.09 -3.56 19.39
C ILE A 633 1.59 -3.75 19.53
N ILE A 634 2.28 -2.75 20.09
CA ILE A 634 3.69 -2.92 20.45
C ILE A 634 3.75 -3.27 21.94
N PRO A 635 4.04 -4.54 22.25
CA PRO A 635 3.93 -5.10 23.61
C PRO A 635 4.99 -4.58 24.58
N TYR A 636 6.14 -4.16 24.08
CA TYR A 636 7.22 -3.77 24.98
C TYR A 636 7.02 -2.38 25.60
N ILE A 637 6.00 -1.67 25.15
CA ILE A 637 5.68 -0.37 25.73
C ILE A 637 5.35 -0.53 27.20
N GLY A 638 4.74 -1.66 27.57
CA GLY A 638 4.35 -1.91 28.94
C GLY A 638 5.51 -1.90 29.92
N PRO A 639 6.51 -2.78 29.73
CA PRO A 639 7.69 -2.82 30.60
C PRO A 639 8.62 -1.62 30.40
N ALA A 640 8.50 -0.93 29.27
CA ALA A 640 9.37 0.21 28.99
C ALA A 640 8.97 1.43 29.80
N LEU A 641 7.68 1.75 29.79
CA LEU A 641 7.16 2.87 30.58
C LEU A 641 6.41 2.49 31.87
N ASN A 642 6.35 1.20 32.17
CA ASN A 642 5.50 0.70 33.26
C ASN A 642 4.03 1.11 33.09
N ILE A 643 3.54 0.99 31.86
CA ILE A 643 2.18 1.36 31.51
C ILE A 643 1.19 0.37 32.13
N GLY A 644 0.22 0.91 32.86
CA GLY A 644 -0.63 0.07 33.69
C GLY A 644 0.22 -0.53 34.79
N ASN A 645 0.23 -1.85 34.88
CA ASN A 645 1.03 -2.54 35.89
C ASN A 645 1.21 -4.05 35.64
N MET A 646 1.56 -4.77 36.70
CA MET A 646 1.94 -6.18 36.70
C MET A 646 3.23 -6.51 35.95
N LEU A 647 3.29 -7.68 35.29
CA LEU A 647 4.59 -8.23 34.91
C LEU A 647 4.83 -8.43 33.42
N TYR A 648 4.28 -9.52 32.88
CA TYR A 648 4.61 -9.93 31.52
C TYR A 648 4.03 -8.95 30.51
N LYS A 649 4.74 -8.75 29.39
CA LYS A 649 4.25 -7.91 28.31
C LYS A 649 2.98 -8.53 27.72
N ASP A 650 2.74 -9.80 28.05
CA ASP A 650 1.52 -10.48 27.64
C ASP A 650 0.35 -9.95 28.47
N ASP A 651 0.68 -9.34 29.60
CA ASP A 651 -0.32 -8.66 30.41
C ASP A 651 -0.74 -7.36 29.73
N PHE A 652 0.23 -6.68 29.13
CA PHE A 652 -0.05 -5.42 28.46
C PHE A 652 -0.92 -5.64 27.21
N VAL A 653 -0.49 -6.54 26.35
CA VAL A 653 -1.28 -6.92 25.19
C VAL A 653 -2.69 -7.32 25.65
N GLY A 654 -2.75 -8.08 26.73
CA GLY A 654 -4.01 -8.55 27.27
C GLY A 654 -4.87 -7.44 27.83
N ALA A 655 -4.26 -6.54 28.60
CA ALA A 655 -5.01 -5.45 29.22
C ALA A 655 -5.52 -4.44 28.20
N LEU A 656 -4.77 -4.26 27.11
CA LEU A 656 -5.19 -3.33 26.07
C LEU A 656 -6.40 -3.89 25.34
N ILE A 657 -6.29 -5.14 24.91
CA ILE A 657 -7.38 -5.84 24.26
C ILE A 657 -8.63 -5.81 25.13
N PHE A 658 -8.45 -6.04 26.43
CA PHE A 658 -9.60 -6.04 27.33
C PHE A 658 -10.17 -4.67 27.68
N SER A 659 -9.32 -3.75 28.15
CA SER A 659 -9.80 -2.47 28.66
C SER A 659 -9.81 -1.32 27.65
N GLY A 660 -9.22 -1.55 26.48
CA GLY A 660 -9.12 -0.49 25.48
C GLY A 660 -7.98 0.47 25.75
N ALA A 661 -8.00 1.60 25.05
CA ALA A 661 -6.89 2.55 25.06
C ALA A 661 -6.71 3.28 26.39
N VAL A 662 -7.70 3.19 27.28
CA VAL A 662 -7.66 3.96 28.53
C VAL A 662 -6.46 3.61 29.42
N ILE A 663 -5.89 2.42 29.21
CA ILE A 663 -4.79 1.98 30.05
C ILE A 663 -3.50 2.76 29.74
N LEU A 664 -3.46 3.43 28.60
CA LEU A 664 -2.31 4.25 28.22
C LEU A 664 -2.30 5.60 28.93
N LEU A 665 -3.48 6.09 29.29
CA LEU A 665 -3.60 7.45 29.83
C LEU A 665 -3.06 7.60 31.25
N GLU A 666 -2.44 8.74 31.52
CA GLU A 666 -1.92 9.04 32.84
C GLU A 666 -3.06 9.49 33.73
N PHE A 667 -3.98 10.23 33.14
CA PHE A 667 -5.22 10.63 33.82
C PHE A 667 -6.41 10.43 32.88
N ILE A 668 -7.57 10.14 33.45
CA ILE A 668 -8.77 10.03 32.64
C ILE A 668 -9.42 11.40 32.55
N PRO A 669 -9.53 11.95 31.34
CA PRO A 669 -9.99 13.32 31.14
C PRO A 669 -11.47 13.41 31.45
N GLU A 670 -11.92 14.55 31.96
CA GLU A 670 -13.35 14.76 32.08
C GLU A 670 -13.90 15.22 30.73
N ILE A 671 -14.88 14.49 30.23
CA ILE A 671 -15.62 14.99 29.09
C ILE A 671 -17.04 15.28 29.58
N ALA A 672 -17.35 16.56 29.72
CA ALA A 672 -18.63 16.94 30.32
C ALA A 672 -19.56 17.50 29.25
N ILE A 673 -20.54 16.70 28.86
CA ILE A 673 -21.54 17.09 27.86
C ILE A 673 -22.92 17.09 28.47
N PRO A 674 -23.52 18.28 28.58
CA PRO A 674 -24.78 18.43 29.31
C PRO A 674 -26.02 18.05 28.50
N VAL A 675 -27.17 18.09 29.15
CA VAL A 675 -28.45 18.02 28.46
C VAL A 675 -28.50 19.19 27.48
N LEU A 676 -28.72 18.91 26.20
CA LEU A 676 -28.69 19.97 25.21
C LEU A 676 -29.94 20.83 25.25
N GLY A 677 -29.75 22.13 25.06
CA GLY A 677 -30.86 23.08 25.09
C GLY A 677 -31.86 22.81 23.99
N THR A 678 -33.11 22.62 24.37
CA THR A 678 -34.18 22.30 23.42
C THR A 678 -34.66 23.48 22.58
N PHE A 679 -35.33 23.17 21.47
CA PHE A 679 -35.85 24.19 20.56
C PHE A 679 -37.27 24.60 20.92
N ALA A 680 -37.55 25.89 20.81
CA ALA A 680 -38.89 26.42 21.00
C ALA A 680 -39.30 27.13 19.71
N LEU A 681 -40.43 26.72 19.15
CA LEU A 681 -40.85 27.22 17.84
C LEU A 681 -41.90 28.31 17.93
N VAL A 682 -41.68 29.41 17.23
CA VAL A 682 -42.68 30.48 17.18
C VAL A 682 -43.77 30.11 16.17
N SER A 683 -45.02 30.16 16.62
CA SER A 683 -46.14 29.81 15.77
C SER A 683 -46.59 30.99 14.94
N TYR A 684 -46.97 30.73 13.70
CA TYR A 684 -47.52 31.76 12.83
C TYR A 684 -48.95 31.38 12.44
N ILE A 685 -49.92 32.11 12.97
CA ILE A 685 -51.33 31.77 12.74
C ILE A 685 -51.75 32.01 11.30
N ALA A 686 -52.36 31.00 10.70
CA ALA A 686 -52.92 31.08 9.35
C ALA A 686 -51.86 31.21 8.26
N ASN A 687 -50.60 31.40 8.63
CA ASN A 687 -49.56 31.46 7.63
C ASN A 687 -48.91 30.10 7.41
N LYS A 688 -49.20 29.52 6.25
CA LYS A 688 -48.77 28.17 5.93
C LYS A 688 -47.28 28.15 5.63
N VAL A 689 -46.84 29.09 4.80
CA VAL A 689 -45.46 29.12 4.33
C VAL A 689 -44.47 29.36 5.47
N LEU A 690 -44.82 30.26 6.38
CA LEU A 690 -43.98 30.52 7.55
C LEU A 690 -43.91 29.32 8.47
N THR A 691 -45.04 28.65 8.66
CA THR A 691 -45.10 27.53 9.58
C THR A 691 -44.21 26.38 9.10
N VAL A 692 -44.16 26.19 7.78
CA VAL A 692 -43.37 25.14 7.17
C VAL A 692 -41.88 25.47 7.18
N GLN A 693 -41.55 26.75 7.01
CA GLN A 693 -40.16 27.19 7.09
C GLN A 693 -39.60 27.01 8.50
N THR A 694 -40.39 27.39 9.51
CA THR A 694 -40.00 27.16 10.90
C THR A 694 -39.67 25.69 11.15
N ILE A 695 -40.50 24.79 10.65
CA ILE A 695 -40.22 23.36 10.78
C ILE A 695 -38.91 22.95 10.12
N ASP A 696 -38.64 23.49 8.93
CA ASP A 696 -37.40 23.17 8.22
C ASP A 696 -36.17 23.72 8.93
N ASN A 697 -36.30 24.92 9.48
CA ASN A 697 -35.21 25.56 10.22
C ASN A 697 -34.83 24.80 11.48
N ALA A 698 -35.83 24.32 12.20
CA ALA A 698 -35.58 23.54 13.40
C ALA A 698 -34.82 22.27 13.05
N LEU A 699 -35.08 21.72 11.88
CA LEU A 699 -34.38 20.52 11.43
C LEU A 699 -32.96 20.84 10.98
N SER A 700 -32.77 22.00 10.38
CA SER A 700 -31.44 22.43 9.95
C SER A 700 -30.56 22.69 11.15
N LYS A 701 -31.12 23.38 12.14
CA LYS A 701 -30.38 23.70 13.36
C LYS A 701 -30.09 22.44 14.14
N ARG A 702 -30.89 21.40 13.90
CA ARG A 702 -30.68 20.12 14.57
C ARG A 702 -29.42 19.47 14.02
N ASN A 703 -29.23 19.58 12.71
CA ASN A 703 -28.04 19.03 12.06
C ASN A 703 -26.80 19.75 12.58
N GLU A 704 -26.95 21.03 12.91
CA GLU A 704 -25.86 21.82 13.46
C GLU A 704 -25.55 21.39 14.89
N LYS A 705 -26.59 21.09 15.66
CA LYS A 705 -26.38 20.68 17.03
C LYS A 705 -25.44 19.48 17.05
N TRP A 706 -25.61 18.58 16.07
CA TRP A 706 -24.76 17.41 15.95
C TRP A 706 -23.30 17.79 15.61
N ASP A 707 -23.12 18.73 14.70
CA ASP A 707 -21.80 19.16 14.29
C ASP A 707 -21.11 19.92 15.43
N GLU A 708 -21.88 20.68 16.19
CA GLU A 708 -21.31 21.43 17.31
C GLU A 708 -20.80 20.48 18.39
N VAL A 709 -21.61 19.50 18.75
CA VAL A 709 -21.22 18.56 19.81
C VAL A 709 -19.97 17.76 19.39
N TYR A 710 -19.88 17.43 18.11
CA TYR A 710 -18.72 16.73 17.60
C TYR A 710 -17.45 17.60 17.62
N LYS A 711 -17.57 18.86 17.21
CA LYS A 711 -16.43 19.78 17.25
C LYS A 711 -15.94 19.88 18.69
N TYR A 712 -16.88 20.04 19.60
CA TYR A 712 -16.54 20.23 21.00
C TYR A 712 -15.71 19.07 21.54
N ILE A 713 -16.18 17.85 21.30
CA ILE A 713 -15.48 16.67 21.79
C ILE A 713 -14.09 16.55 21.17
N VAL A 714 -14.03 16.68 19.85
CA VAL A 714 -12.74 16.70 19.16
C VAL A 714 -11.78 17.69 19.84
N THR A 715 -12.31 18.84 20.24
CA THR A 715 -11.51 19.86 20.89
C THR A 715 -11.01 19.41 22.26
N ASN A 716 -11.87 18.74 23.02
CA ASN A 716 -11.49 18.27 24.35
C ASN A 716 -10.52 17.11 24.24
N TRP A 717 -10.56 16.41 23.12
CA TRP A 717 -9.70 15.25 22.91
C TRP A 717 -8.29 15.65 22.49
N LEU A 718 -8.20 16.63 21.59
CA LEU A 718 -6.90 17.18 21.18
C LEU A 718 -6.12 17.68 22.39
N ALA A 719 -6.82 18.33 23.31
CA ALA A 719 -6.17 18.95 24.45
C ALA A 719 -5.85 17.98 25.59
N LYS A 720 -6.81 17.13 25.94
CA LYS A 720 -6.65 16.28 27.13
C LYS A 720 -6.14 14.87 26.90
N VAL A 721 -6.19 14.39 25.68
CA VAL A 721 -5.92 12.97 25.43
C VAL A 721 -4.78 12.81 24.45
N ASN A 722 -4.99 13.34 23.24
CA ASN A 722 -3.96 13.30 22.22
C ASN A 722 -2.63 13.94 22.69
N THR A 723 -2.69 14.81 23.69
CA THR A 723 -1.46 15.37 24.25
C THR A 723 -0.76 14.37 25.18
N GLN A 724 -1.54 13.59 25.93
CA GLN A 724 -0.98 12.52 26.73
C GLN A 724 -0.29 11.47 25.86
N ILE A 725 -0.93 11.09 24.77
CA ILE A 725 -0.40 10.08 23.87
C ILE A 725 0.87 10.62 23.18
N ASP A 726 0.88 11.91 22.87
CA ASP A 726 2.06 12.51 22.23
C ASP A 726 3.26 12.50 23.18
N LEU A 727 3.00 12.62 24.48
CA LEU A 727 4.07 12.53 25.48
C LEU A 727 4.60 11.10 25.58
N ILE A 728 3.69 10.14 25.78
CA ILE A 728 4.05 8.74 25.82
C ILE A 728 4.94 8.43 24.62
N ARG A 729 4.55 8.93 23.45
CA ARG A 729 5.30 8.70 22.23
C ARG A 729 6.73 9.25 22.33
N LYS A 730 6.86 10.53 22.67
CA LYS A 730 8.18 11.14 22.85
C LYS A 730 9.04 10.34 23.83
N LYS A 731 8.42 9.83 24.88
CA LYS A 731 9.13 9.06 25.89
C LYS A 731 9.63 7.71 25.37
N MET A 732 8.85 7.08 24.49
CA MET A 732 9.27 5.82 23.89
C MET A 732 10.51 5.99 23.03
N LYS A 733 10.62 7.12 22.34
CA LYS A 733 11.83 7.41 21.59
C LYS A 733 12.99 7.62 22.56
N GLU A 734 12.72 8.27 23.68
CA GLU A 734 13.75 8.50 24.68
C GLU A 734 14.19 7.16 25.25
N ALA A 735 13.22 6.27 25.45
CA ALA A 735 13.52 4.94 25.96
C ALA A 735 14.41 4.21 24.97
N LEU A 736 14.07 4.32 23.70
CA LEU A 736 14.77 3.57 22.66
C LEU A 736 16.20 4.07 22.49
N GLU A 737 16.37 5.38 22.60
CA GLU A 737 17.68 5.97 22.46
C GLU A 737 18.57 5.59 23.63
N ASN A 738 17.98 5.54 24.83
CA ASN A 738 18.71 5.12 26.01
C ASN A 738 19.23 3.68 25.89
N GLN A 739 18.41 2.81 25.32
CA GLN A 739 18.77 1.42 25.16
C GLN A 739 19.94 1.26 24.19
N ALA A 740 19.97 2.14 23.19
CA ALA A 740 21.02 2.11 22.19
C ALA A 740 22.32 2.62 22.81
N GLU A 741 22.24 3.74 23.53
CA GLU A 741 23.39 4.27 24.23
C GLU A 741 23.97 3.25 25.19
N ALA A 742 23.11 2.58 25.95
CA ALA A 742 23.58 1.58 26.89
C ALA A 742 24.31 0.46 26.18
N THR A 743 23.66 -0.14 25.20
CA THR A 743 24.26 -1.23 24.44
C THR A 743 25.60 -0.81 23.80
N LYS A 744 25.64 0.41 23.25
CA LYS A 744 26.87 0.92 22.64
C LYS A 744 27.98 1.04 23.69
N ALA A 745 27.65 1.61 24.83
CA ALA A 745 28.61 1.79 25.91
C ALA A 745 29.20 0.45 26.36
N ILE A 746 28.36 -0.59 26.40
CA ILE A 746 28.85 -1.90 26.83
C ILE A 746 29.76 -2.51 25.77
N ILE A 747 29.37 -2.38 24.51
CA ILE A 747 30.19 -2.84 23.39
C ILE A 747 31.52 -2.07 23.33
N ASN A 748 31.45 -0.75 23.46
CA ASN A 748 32.65 0.07 23.44
C ASN A 748 33.61 -0.25 24.61
N TYR A 749 33.05 -0.59 25.77
CA TYR A 749 33.86 -1.01 26.90
C TYR A 749 34.59 -2.32 26.56
N GLN A 750 33.86 -3.26 25.98
CA GLN A 750 34.47 -4.54 25.64
C GLN A 750 35.64 -4.39 24.65
N TYR A 751 35.47 -3.51 23.66
CA TYR A 751 36.51 -3.30 22.66
C TYR A 751 37.78 -2.74 23.29
N ASN A 752 37.61 -1.77 24.19
CA ASN A 752 38.75 -1.11 24.84
C ASN A 752 39.49 -1.99 25.85
N GLN A 753 38.96 -3.18 26.11
CA GLN A 753 39.59 -4.14 27.01
C GLN A 753 40.68 -4.92 26.28
N TYR A 754 40.64 -4.88 24.96
CA TYR A 754 41.58 -5.62 24.11
C TYR A 754 42.98 -5.03 24.03
N THR A 755 43.93 -5.86 23.61
CA THR A 755 45.29 -5.44 23.36
C THR A 755 45.37 -4.72 22.03
N GLU A 756 46.37 -3.87 21.88
CA GLU A 756 46.59 -3.13 20.65
C GLU A 756 46.58 -4.09 19.45
N GLU A 757 47.20 -5.25 19.64
CA GLU A 757 47.27 -6.27 18.60
C GLU A 757 45.89 -6.86 18.27
N GLU A 758 45.11 -7.15 19.30
CA GLU A 758 43.76 -7.68 19.10
C GLU A 758 42.90 -6.67 18.37
N LYS A 759 42.92 -5.43 18.85
CA LYS A 759 42.18 -4.34 18.21
C LYS A 759 42.56 -4.21 16.74
N ASN A 760 43.85 -4.27 16.45
CA ASN A 760 44.31 -4.07 15.09
C ASN A 760 43.70 -5.07 14.10
N ASN A 761 43.26 -6.23 14.60
CA ASN A 761 42.64 -7.24 13.74
C ASN A 761 41.12 -7.16 13.73
N ILE A 762 40.59 -6.20 14.47
CA ILE A 762 39.15 -5.97 14.50
C ILE A 762 38.90 -4.57 13.98
N ASN A 763 38.23 -4.49 12.84
CA ASN A 763 37.94 -3.20 12.28
C ASN A 763 36.62 -2.86 12.91
N PHE A 764 36.64 -1.91 13.84
CA PHE A 764 35.41 -1.60 14.56
C PHE A 764 35.12 -0.13 14.55
N ASN A 765 34.03 0.22 13.89
CA ASN A 765 33.65 1.61 13.73
C ASN A 765 32.35 1.91 14.50
N ILE A 766 32.50 2.63 15.60
CA ILE A 766 31.38 2.91 16.49
C ILE A 766 30.34 3.82 15.83
N ASP A 767 30.78 4.62 14.87
CA ASP A 767 29.88 5.54 14.16
C ASP A 767 28.99 4.77 13.20
N ASP A 768 29.54 3.70 12.64
CA ASP A 768 28.78 2.84 11.74
C ASP A 768 27.74 2.03 12.52
N LEU A 769 28.16 1.51 13.67
CA LEU A 769 27.26 0.81 14.59
C LEU A 769 26.15 1.73 15.10
N SER A 770 26.51 2.96 15.43
CA SER A 770 25.52 3.93 15.89
C SER A 770 24.47 4.19 14.81
N SER A 771 24.95 4.35 13.59
CA SER A 771 24.10 4.61 12.44
C SER A 771 23.09 3.47 12.25
N LYS A 772 23.54 2.24 12.47
CA LYS A 772 22.70 1.06 12.33
C LYS A 772 21.62 1.03 13.40
N LEU A 773 22.00 1.30 14.64
CA LEU A 773 21.04 1.28 15.73
C LEU A 773 20.02 2.41 15.59
N ASN A 774 20.44 3.54 15.02
CA ASN A 774 19.54 4.65 14.81
C ASN A 774 18.48 4.32 13.75
N GLU A 775 18.84 3.49 12.77
CA GLU A 775 17.88 3.04 11.76
C GLU A 775 16.87 2.08 12.39
N SER A 776 17.36 1.22 13.28
CA SER A 776 16.48 0.30 13.98
C SER A 776 15.49 1.04 14.87
N ILE A 777 15.94 2.13 15.47
CA ILE A 777 15.09 2.93 16.34
C ILE A 777 14.01 3.62 15.51
N ASN A 778 14.36 3.96 14.28
CA ASN A 778 13.42 4.60 13.38
C ASN A 778 12.30 3.65 12.96
N LYS A 779 12.68 2.45 12.52
CA LYS A 779 11.72 1.40 12.22
C LYS A 779 10.80 1.16 13.40
N ALA A 780 11.37 1.15 14.60
CA ALA A 780 10.57 0.94 15.78
C ALA A 780 9.58 2.08 15.99
N MET A 781 10.03 3.31 15.72
CA MET A 781 9.18 4.47 15.95
C MET A 781 8.03 4.52 14.94
N ILE A 782 8.29 4.07 13.73
CA ILE A 782 7.24 3.96 12.73
C ILE A 782 6.07 3.16 13.30
N ASN A 783 6.35 1.97 13.82
CA ASN A 783 5.33 1.12 14.41
C ASN A 783 4.68 1.78 15.62
N ILE A 784 5.51 2.18 16.58
CA ILE A 784 5.01 2.87 17.77
C ILE A 784 4.10 4.04 17.40
N ASN A 785 4.47 4.78 16.36
CA ASN A 785 3.68 5.93 15.93
C ASN A 785 2.29 5.54 15.47
N LYS A 786 2.22 4.53 14.62
CA LYS A 786 0.96 3.99 14.15
C LYS A 786 0.11 3.43 15.28
N PHE A 787 0.71 2.61 16.14
CA PHE A 787 0.01 2.08 17.28
C PHE A 787 -0.59 3.18 18.15
N LEU A 788 0.21 4.19 18.47
CA LEU A 788 -0.27 5.27 19.34
C LEU A 788 -1.32 6.17 18.69
N ASN A 789 -1.24 6.36 17.37
CA ASN A 789 -2.26 7.13 16.68
C ASN A 789 -3.60 6.40 16.73
N GLN A 790 -3.59 5.11 16.41
CA GLN A 790 -4.78 4.27 16.48
C GLN A 790 -5.34 4.26 17.88
N CYS A 791 -4.45 4.27 18.87
CA CYS A 791 -4.89 4.26 20.26
C CYS A 791 -5.63 5.53 20.61
N SER A 792 -5.03 6.66 20.27
CA SER A 792 -5.63 7.95 20.59
C SER A 792 -7.00 8.07 19.91
N VAL A 793 -7.06 7.69 18.63
CA VAL A 793 -8.28 7.80 17.87
C VAL A 793 -9.34 6.84 18.41
N SER A 794 -8.91 5.64 18.78
CA SER A 794 -9.83 4.64 19.33
C SER A 794 -10.52 5.20 20.57
N TYR A 795 -9.76 5.90 21.40
CA TYR A 795 -10.30 6.47 22.63
C TYR A 795 -11.36 7.52 22.29
N LEU A 796 -11.12 8.27 21.23
CA LEU A 796 -12.09 9.24 20.76
C LEU A 796 -13.37 8.53 20.34
N MET A 797 -13.25 7.61 19.38
CA MET A 797 -14.40 6.93 18.82
C MET A 797 -15.19 6.23 19.92
N ASN A 798 -14.50 5.45 20.72
CA ASN A 798 -15.14 4.61 21.72
C ASN A 798 -15.43 5.22 23.10
N SER A 799 -14.53 6.04 23.62
CA SER A 799 -14.73 6.55 24.99
C SER A 799 -15.25 8.00 25.15
N MET A 800 -15.41 8.74 24.06
CA MET A 800 -15.78 10.15 24.15
C MET A 800 -16.99 10.49 23.30
N ILE A 801 -16.85 10.28 22.00
CA ILE A 801 -17.95 10.49 21.06
C ILE A 801 -19.30 9.93 21.53
N PRO A 802 -19.33 8.71 22.09
CA PRO A 802 -20.61 8.13 22.50
C PRO A 802 -21.38 8.96 23.55
N TYR A 803 -20.70 9.62 24.48
CA TYR A 803 -21.40 10.50 25.41
C TYR A 803 -22.10 11.61 24.68
N GLY A 804 -21.48 12.08 23.59
CA GLY A 804 -22.08 13.10 22.76
C GLY A 804 -23.27 12.58 21.98
N VAL A 805 -23.17 11.33 21.52
CA VAL A 805 -24.23 10.75 20.71
C VAL A 805 -25.47 10.49 21.54
N LYS A 806 -25.28 10.13 22.81
CA LYS A 806 -26.39 9.92 23.73
C LYS A 806 -27.14 11.24 24.00
N ARG A 807 -26.40 12.29 24.26
CA ARG A 807 -27.00 13.60 24.49
C ARG A 807 -27.72 14.07 23.24
N LEU A 808 -27.18 13.70 22.07
CA LEU A 808 -27.77 14.12 20.80
C LEU A 808 -29.08 13.40 20.46
N GLU A 809 -29.14 12.11 20.80
CA GLU A 809 -30.33 11.32 20.54
C GLU A 809 -31.47 11.70 21.47
N ASP A 810 -31.13 12.10 22.69
CA ASP A 810 -32.12 12.59 23.63
C ASP A 810 -32.67 13.90 23.10
N PHE A 811 -31.79 14.68 22.47
CA PHE A 811 -32.19 15.95 21.90
C PHE A 811 -33.12 15.73 20.71
N ASP A 812 -32.78 14.77 19.86
CA ASP A 812 -33.61 14.43 18.71
C ASP A 812 -35.00 13.99 19.17
N ALA A 813 -35.06 13.28 20.29
CA ALA A 813 -36.33 12.78 20.82
C ALA A 813 -37.22 13.92 21.30
N SER A 814 -36.64 14.83 22.07
CA SER A 814 -37.37 16.00 22.51
C SER A 814 -37.87 16.82 21.34
N LEU A 815 -37.02 17.02 20.33
CA LEU A 815 -37.39 17.84 19.18
C LEU A 815 -38.53 17.20 18.37
N LYS A 816 -38.53 15.86 18.29
CA LYS A 816 -39.56 15.12 17.60
C LYS A 816 -40.92 15.39 18.25
N ASP A 817 -40.95 15.30 19.57
CA ASP A 817 -42.17 15.55 20.33
C ASP A 817 -42.65 16.99 20.15
N ALA A 818 -41.70 17.92 20.22
CA ALA A 818 -42.00 19.33 20.01
C ALA A 818 -42.54 19.59 18.60
N LEU A 819 -41.83 19.08 17.59
CA LEU A 819 -42.20 19.30 16.21
C LEU A 819 -43.57 18.70 15.85
N LEU A 820 -43.84 17.50 16.35
CA LEU A 820 -45.14 16.88 16.14
C LEU A 820 -46.22 17.72 16.82
N LYS A 821 -45.98 18.14 18.05
CA LYS A 821 -46.92 18.97 18.77
C LYS A 821 -47.19 20.25 17.97
N TYR A 822 -46.16 20.77 17.31
CA TYR A 822 -46.27 22.01 16.57
C TYR A 822 -47.10 21.78 15.30
N ILE A 823 -46.87 20.64 14.66
CA ILE A 823 -47.63 20.28 13.48
C ILE A 823 -49.11 20.09 13.79
N TYR A 824 -49.41 19.33 14.83
CA TYR A 824 -50.79 19.04 15.22
C TYR A 824 -51.53 20.27 15.73
N ASP A 825 -50.87 21.07 16.58
CA ASP A 825 -51.48 22.32 17.05
C ASP A 825 -51.84 23.20 15.86
N ASN A 826 -51.01 23.14 14.83
CA ASN A 826 -51.18 23.92 13.61
C ASN A 826 -51.89 23.23 12.46
N ARG A 827 -52.48 22.06 12.73
CA ARG A 827 -53.15 21.28 11.70
C ARG A 827 -54.13 22.10 10.85
N GLY A 828 -54.74 23.13 11.45
CA GLY A 828 -55.60 24.04 10.71
C GLY A 828 -54.89 24.78 9.59
N THR A 829 -53.79 25.45 9.92
CA THR A 829 -52.98 26.12 8.90
C THR A 829 -52.37 25.10 7.93
N LEU A 830 -51.95 23.98 8.48
CA LEU A 830 -51.14 23.00 7.77
C LEU A 830 -51.96 21.94 7.04
N ILE A 831 -53.28 22.12 7.01
CA ILE A 831 -54.19 21.11 6.46
C ILE A 831 -53.81 20.61 5.08
N GLY A 832 -53.90 19.29 4.91
CA GLY A 832 -53.52 18.65 3.67
C GLY A 832 -52.05 18.27 3.65
N GLN A 833 -51.26 18.99 4.43
CA GLN A 833 -49.83 18.71 4.56
C GLN A 833 -49.44 17.94 5.82
N VAL A 834 -50.39 17.66 6.71
CA VAL A 834 -50.05 17.11 8.01
C VAL A 834 -49.30 15.79 7.93
N ASP A 835 -49.71 14.92 7.02
CA ASP A 835 -49.09 13.60 6.94
C ASP A 835 -47.66 13.70 6.41
N ARG A 836 -47.47 14.50 5.36
CA ARG A 836 -46.16 14.65 4.74
C ARG A 836 -45.13 15.26 5.69
N LEU A 837 -45.59 16.17 6.56
CA LEU A 837 -44.71 16.79 7.54
C LEU A 837 -44.35 15.84 8.67
N LYS A 838 -45.31 15.06 9.15
CA LYS A 838 -45.03 14.02 10.14
C LYS A 838 -43.88 13.16 9.67
N ASP A 839 -43.97 12.73 8.41
CA ASP A 839 -42.98 11.83 7.84
C ASP A 839 -41.61 12.47 7.75
N LYS A 840 -41.59 13.73 7.34
CA LYS A 840 -40.33 14.46 7.28
C LYS A 840 -39.69 14.47 8.66
N VAL A 841 -40.48 14.87 9.65
CA VAL A 841 -40.00 14.91 11.03
C VAL A 841 -39.62 13.54 11.57
N ASN A 842 -40.49 12.55 11.45
CA ASN A 842 -40.20 11.23 11.99
C ASN A 842 -39.01 10.53 11.32
N ASN A 843 -38.86 10.75 10.01
CA ASN A 843 -37.77 10.13 9.25
C ASN A 843 -36.43 10.81 9.47
N THR A 844 -36.44 12.14 9.47
CA THR A 844 -35.23 12.90 9.75
C THR A 844 -34.71 12.55 11.15
N LEU A 845 -35.56 12.66 12.15
CA LEU A 845 -35.11 12.55 13.53
C LEU A 845 -34.91 11.12 14.04
N SER A 846 -35.21 10.13 13.20
CA SER A 846 -34.94 8.75 13.57
C SER A 846 -33.57 8.28 13.09
N THR A 847 -32.94 9.09 12.24
CA THR A 847 -31.54 8.88 11.83
C THR A 847 -30.51 9.43 12.81
N ASP A 848 -29.32 8.84 12.77
CA ASP A 848 -28.16 9.44 13.40
C ASP A 848 -27.26 10.07 12.34
N ILE A 849 -26.62 11.18 12.70
CA ILE A 849 -25.56 11.76 11.88
C ILE A 849 -24.20 11.21 12.35
N PRO A 850 -23.57 10.36 11.54
CA PRO A 850 -22.33 9.66 11.91
C PRO A 850 -21.13 10.60 12.07
N PHE A 851 -20.33 10.35 13.10
CA PHE A 851 -19.11 11.12 13.33
C PHE A 851 -18.04 10.69 12.33
N GLN A 852 -17.50 11.67 11.61
CA GLN A 852 -16.42 11.40 10.67
C GLN A 852 -15.20 12.22 11.09
N LEU A 853 -14.17 11.56 11.60
CA LEU A 853 -13.02 12.27 12.18
C LEU A 853 -12.30 13.11 11.14
N SER A 854 -12.22 12.59 9.92
CA SER A 854 -11.61 13.29 8.80
C SER A 854 -12.18 14.70 8.59
N LYS A 855 -13.39 14.94 9.07
CA LYS A 855 -14.05 16.22 8.89
C LYS A 855 -13.48 17.31 9.81
N TYR A 856 -13.06 16.93 11.01
CA TYR A 856 -12.62 17.90 12.02
C TYR A 856 -11.11 18.08 12.19
N VAL A 857 -10.31 17.27 11.51
CA VAL A 857 -8.85 17.33 11.67
C VAL A 857 -8.10 16.83 10.45
N ASP A 858 -6.89 17.35 10.27
CA ASP A 858 -6.17 17.29 8.99
C ASP A 858 -5.60 15.92 8.59
N ASN A 859 -5.08 15.18 9.55
CA ASN A 859 -4.19 14.07 9.25
C ASN A 859 -4.87 12.73 8.99
N GLN A 860 -6.19 12.71 9.10
CA GLN A 860 -6.91 11.44 9.12
C GLN A 860 -7.55 10.94 7.82
N ARG A 861 -7.42 11.70 6.74
CA ARG A 861 -8.00 11.27 5.46
C ARG A 861 -7.40 9.91 5.04
N LEU A 862 -8.19 9.09 4.37
CA LEU A 862 -7.75 7.75 3.97
C LEU A 862 -6.59 7.80 2.98
N LEU A 863 -6.70 8.71 2.03
CA LEU A 863 -5.73 8.82 0.96
C LEU A 863 -4.32 9.15 1.46
N SER A 864 -4.25 9.93 2.54
CA SER A 864 -2.97 10.38 3.07
C SER A 864 -2.18 9.23 3.68
N THR A 865 -2.84 8.10 3.91
CA THR A 865 -2.15 6.91 4.38
C THR A 865 -1.35 6.27 3.23
N PHE A 866 -1.98 6.19 2.07
CA PHE A 866 -1.32 5.72 0.87
C PHE A 866 -0.23 6.72 0.47
N THR A 867 -0.55 8.00 0.60
CA THR A 867 0.38 9.09 0.32
C THR A 867 1.72 8.93 1.07
N GLU A 868 1.64 8.67 2.37
CA GLU A 868 2.83 8.47 3.18
C GLU A 868 3.65 7.27 2.70
N TYR A 869 2.96 6.22 2.29
CA TYR A 869 3.64 5.02 1.82
C TYR A 869 4.46 5.30 0.58
N ILE A 870 3.89 6.09 -0.33
CA ILE A 870 4.60 6.46 -1.55
C ILE A 870 5.81 7.32 -1.19
N LYS A 871 5.61 8.31 -0.34
CA LYS A 871 6.69 9.16 0.14
C LYS A 871 7.84 8.32 0.71
N ASN A 872 7.48 7.34 1.55
CA ASN A 872 8.45 6.51 2.22
C ASN A 872 9.40 5.78 1.25
N ILE A 873 8.87 5.34 0.13
CA ILE A 873 9.69 4.65 -0.86
C ILE A 873 10.50 5.65 -1.69
N ILE A 874 9.91 6.81 -1.96
CA ILE A 874 10.61 7.83 -2.73
C ILE A 874 11.76 8.45 -1.94
N ASN A 875 11.58 8.58 -0.62
CA ASN A 875 12.60 9.19 0.23
C ASN A 875 13.68 8.21 0.62
N THR A 876 13.48 6.93 0.28
CA THR A 876 14.54 5.94 0.47
C THR A 876 15.32 5.72 -0.81
N SER A 877 15.01 6.48 -1.86
CA SER A 877 15.71 6.31 -3.13
C SER A 877 16.89 7.28 -3.22
N ILE A 878 18.11 6.76 -3.16
CA ILE A 878 19.29 7.61 -3.21
C ILE A 878 19.83 7.79 -4.63
N LEU A 879 19.33 6.97 -5.55
CA LEU A 879 19.51 7.22 -6.97
C LEU A 879 18.23 6.83 -7.71
N ASN A 880 17.65 7.78 -8.42
CA ASN A 880 16.48 7.48 -9.22
C ASN A 880 16.75 8.02 -10.62
N LEU A 881 17.03 7.12 -11.54
CA LEU A 881 17.61 7.54 -12.81
C LEU A 881 16.55 7.50 -13.92
N ARG A 882 16.11 8.67 -14.36
CA ARG A 882 15.07 8.76 -15.38
C ARG A 882 15.46 9.66 -16.53
N TYR A 883 14.77 9.48 -17.65
CA TYR A 883 14.95 10.39 -18.76
C TYR A 883 13.83 11.42 -18.66
N GLU A 884 14.22 12.68 -18.52
CA GLU A 884 13.26 13.78 -18.46
C GLU A 884 13.69 14.93 -19.37
N SER A 885 12.71 15.61 -19.93
CA SER A 885 13.00 16.62 -20.95
C SER A 885 13.91 16.00 -22.00
N ASN A 886 15.07 16.59 -22.22
CA ASN A 886 16.02 16.06 -23.19
C ASN A 886 17.17 15.24 -22.61
N HIS A 887 17.17 15.04 -21.29
CA HIS A 887 18.34 14.44 -20.63
C HIS A 887 18.03 13.26 -19.73
N LEU A 888 19.02 12.41 -19.55
CA LEU A 888 18.95 11.34 -18.56
C LEU A 888 19.54 11.85 -17.25
N ILE A 889 18.73 11.94 -16.20
CA ILE A 889 19.18 12.53 -14.96
C ILE A 889 18.81 11.74 -13.70
N ASP A 890 19.24 12.26 -12.56
CA ASP A 890 18.89 11.69 -11.26
C ASP A 890 17.77 12.51 -10.60
N LEU A 891 16.60 11.89 -10.42
CA LEU A 891 15.45 12.60 -9.85
C LEU A 891 15.44 12.59 -8.32
N SER A 892 16.44 11.96 -7.72
CA SER A 892 16.56 11.93 -6.25
C SER A 892 17.02 13.30 -5.76
N ARG A 893 16.83 13.55 -4.47
CA ARG A 893 17.22 14.84 -3.91
C ARG A 893 18.73 15.08 -3.90
N TYR A 894 19.52 14.02 -4.12
CA TYR A 894 20.99 14.13 -4.18
C TYR A 894 21.49 14.66 -5.52
N ALA A 895 20.69 14.44 -6.56
CA ALA A 895 20.98 14.97 -7.89
C ALA A 895 22.39 14.64 -8.36
N SER A 896 22.76 13.37 -8.29
CA SER A 896 24.06 12.91 -8.76
C SER A 896 24.22 13.23 -10.23
N LYS A 897 25.47 13.46 -10.64
CA LYS A 897 25.79 13.81 -12.02
C LYS A 897 25.78 12.55 -12.90
N ILE A 898 25.32 12.70 -14.13
CA ILE A 898 25.32 11.58 -15.08
C ILE A 898 26.14 11.88 -16.33
N ASN A 899 27.11 11.02 -16.62
CA ASN A 899 27.94 11.15 -17.82
C ASN A 899 27.53 10.10 -18.85
N ILE A 900 27.12 10.55 -20.03
CA ILE A 900 26.61 9.64 -21.05
C ILE A 900 27.57 9.51 -22.23
N GLY A 901 27.99 8.29 -22.50
CA GLY A 901 28.93 8.04 -23.58
C GLY A 901 28.32 8.39 -24.91
N SER A 902 29.17 8.50 -25.94
CA SER A 902 28.71 8.90 -27.26
C SER A 902 27.92 7.81 -27.97
N LYS A 903 28.20 6.56 -27.62
CA LYS A 903 27.53 5.41 -28.25
C LYS A 903 26.31 4.86 -27.48
N VAL A 904 25.86 5.53 -26.43
CA VAL A 904 24.61 5.14 -25.78
C VAL A 904 23.43 5.45 -26.69
N ASN A 905 22.51 4.52 -26.83
CA ASN A 905 21.34 4.72 -27.67
C ASN A 905 20.04 4.72 -26.86
N PHE A 906 19.16 5.67 -27.15
CA PHE A 906 17.88 5.81 -26.47
C PHE A 906 16.71 5.49 -27.40
N ASP A 907 15.86 4.55 -26.99
CA ASP A 907 14.67 4.20 -27.75
C ASP A 907 13.81 5.45 -27.97
N PRO A 908 13.61 5.81 -29.24
CA PRO A 908 12.85 7.02 -29.61
C PRO A 908 11.41 7.00 -29.12
N ILE A 909 10.80 5.81 -29.10
CA ILE A 909 9.41 5.68 -28.70
C ILE A 909 9.25 5.85 -27.20
N ASP A 910 10.14 5.22 -26.44
CA ASP A 910 10.22 5.41 -24.99
C ASP A 910 11.69 5.63 -24.62
N LYS A 911 12.03 6.84 -24.21
CA LYS A 911 13.43 7.21 -24.12
C LYS A 911 14.07 6.74 -22.82
N ASN A 912 13.26 6.20 -21.91
CA ASN A 912 13.79 5.60 -20.71
C ASN A 912 14.41 4.24 -21.00
N GLN A 913 14.17 3.73 -22.20
CA GLN A 913 14.72 2.46 -22.61
C GLN A 913 16.09 2.69 -23.23
N ILE A 914 17.11 2.18 -22.55
CA ILE A 914 18.48 2.50 -22.89
C ILE A 914 19.18 1.28 -23.47
N GLN A 915 19.85 1.46 -24.60
CA GLN A 915 20.56 0.36 -25.23
C GLN A 915 22.07 0.56 -25.14
N LEU A 916 22.75 -0.38 -24.49
CA LEU A 916 24.20 -0.34 -24.35
C LEU A 916 24.84 -1.45 -25.17
N PHE A 917 25.59 -1.08 -26.19
CA PHE A 917 26.29 -2.05 -27.03
C PHE A 917 27.62 -2.47 -26.41
N ASN A 918 28.37 -3.31 -27.11
CA ASN A 918 29.65 -3.67 -26.57
C ASN A 918 30.67 -2.78 -27.26
N LEU A 919 30.91 -1.64 -26.62
CA LEU A 919 31.82 -0.62 -27.12
C LEU A 919 32.20 0.21 -25.92
N GLU A 920 33.42 0.72 -25.88
CA GLU A 920 33.82 1.56 -24.76
C GLU A 920 32.95 2.81 -24.70
N SER A 921 32.59 3.34 -25.87
CA SER A 921 31.78 4.54 -25.93
C SER A 921 30.33 4.33 -25.48
N SER A 922 29.86 3.09 -25.48
CA SER A 922 28.49 2.90 -25.08
C SER A 922 28.53 2.62 -23.58
N LYS A 923 28.29 3.68 -22.81
CA LYS A 923 28.37 3.58 -21.35
C LYS A 923 27.68 4.74 -20.67
N ILE A 924 27.32 4.54 -19.42
CA ILE A 924 26.73 5.59 -18.59
C ILE A 924 27.39 5.56 -17.23
N GLU A 925 27.84 6.72 -16.77
CA GLU A 925 28.52 6.79 -15.48
C GLU A 925 27.81 7.73 -14.52
N VAL A 926 27.50 7.22 -13.34
CA VAL A 926 26.90 8.03 -12.30
C VAL A 926 27.98 8.40 -11.29
N ILE A 927 28.20 9.70 -11.07
CA ILE A 927 29.13 10.12 -10.05
C ILE A 927 28.36 10.39 -8.76
N LEU A 928 28.50 9.48 -7.79
CA LEU A 928 27.71 9.51 -6.56
C LEU A 928 28.20 10.61 -5.64
N LYS A 929 27.26 11.32 -5.02
CA LYS A 929 27.62 12.26 -3.97
C LYS A 929 28.24 11.48 -2.81
N ASN A 930 29.29 12.03 -2.19
CA ASN A 930 30.02 11.34 -1.12
C ASN A 930 29.15 10.78 -0.01
N ALA A 931 28.19 11.58 0.44
CA ALA A 931 27.29 11.15 1.50
C ALA A 931 26.58 9.83 1.20
N ILE A 932 26.37 9.54 -0.10
CA ILE A 932 25.74 8.26 -0.48
C ILE A 932 26.64 7.13 -1.00
N VAL A 933 27.96 7.32 -1.07
CA VAL A 933 28.81 6.19 -1.46
C VAL A 933 28.84 5.19 -0.30
N TYR A 934 28.62 3.92 -0.63
CA TYR A 934 28.42 2.93 0.42
C TYR A 934 29.75 2.52 1.03
N ASN A 935 29.92 2.81 2.30
CA ASN A 935 31.00 2.22 3.05
C ASN A 935 30.53 1.82 4.43
N SER A 936 30.30 0.53 4.65
CA SER A 936 29.75 0.10 5.93
C SER A 936 29.91 -1.40 6.20
N MET A 937 29.86 -1.77 7.47
CA MET A 937 29.63 -3.16 7.86
C MET A 937 28.14 -3.51 7.92
N TYR A 938 27.34 -2.61 8.48
CA TYR A 938 25.95 -2.87 8.81
C TYR A 938 24.81 -2.32 7.92
N GLU A 939 25.13 -1.53 6.92
CA GLU A 939 24.09 -0.74 6.26
C GLU A 939 23.34 -1.50 5.16
N ASN A 940 22.03 -1.60 5.28
CA ASN A 940 21.23 -2.33 4.29
C ASN A 940 20.98 -1.51 3.03
N PHE A 941 20.90 -2.17 1.87
CA PHE A 941 20.61 -1.47 0.62
C PHE A 941 20.02 -2.36 -0.47
N SER A 942 19.34 -1.73 -1.43
CA SER A 942 18.63 -2.45 -2.49
C SER A 942 18.80 -1.77 -3.82
N THR A 943 18.73 -2.55 -4.89
CA THR A 943 18.76 -2.00 -6.23
C THR A 943 17.65 -2.68 -7.04
N SER A 944 17.04 -1.92 -7.93
CA SER A 944 16.07 -2.48 -8.86
C SER A 944 16.20 -1.83 -10.22
N PHE A 945 15.80 -2.57 -11.24
CA PHE A 945 15.90 -2.10 -12.61
C PHE A 945 15.29 -3.15 -13.54
N TRP A 946 14.95 -2.73 -14.75
CA TRP A 946 14.43 -3.63 -15.76
C TRP A 946 15.52 -3.83 -16.79
N ILE A 947 15.61 -5.04 -17.32
CA ILE A 947 16.64 -5.37 -18.30
C ILE A 947 16.05 -6.27 -19.36
N ARG A 948 16.55 -6.16 -20.59
CA ARG A 948 16.14 -7.04 -21.67
C ARG A 948 17.36 -7.62 -22.36
N ILE A 949 17.52 -8.94 -22.30
CA ILE A 949 18.76 -9.60 -22.72
C ILE A 949 18.56 -10.45 -23.97
N PRO A 950 19.19 -10.05 -25.08
CA PRO A 950 19.07 -10.79 -26.34
C PRO A 950 19.44 -12.25 -26.16
N LYS A 951 18.82 -13.11 -26.95
CA LYS A 951 19.11 -14.54 -26.87
C LYS A 951 20.59 -14.70 -27.13
N TYR A 952 21.20 -15.73 -26.55
CA TYR A 952 22.60 -16.02 -26.82
C TYR A 952 22.68 -16.92 -28.04
N PHE A 953 23.23 -16.38 -29.13
CA PHE A 953 23.28 -17.08 -30.41
C PHE A 953 24.52 -17.95 -30.63
N ASN A 954 25.58 -17.71 -29.88
CA ASN A 954 26.89 -18.20 -30.28
C ASN A 954 27.66 -18.78 -29.11
N SER A 955 28.37 -19.88 -29.38
CA SER A 955 29.15 -20.60 -28.38
C SER A 955 30.18 -19.75 -27.64
N ILE A 956 30.57 -18.62 -28.23
CA ILE A 956 31.50 -17.71 -27.56
C ILE A 956 30.90 -17.12 -26.29
N SER A 957 29.57 -17.16 -26.18
CA SER A 957 28.87 -16.61 -25.02
C SER A 957 28.81 -17.59 -23.86
N LEU A 958 29.08 -18.85 -24.16
CA LEU A 958 29.13 -19.92 -23.16
C LEU A 958 30.33 -19.73 -22.23
N ASN A 959 30.08 -19.81 -20.93
CA ASN A 959 31.11 -19.59 -19.92
C ASN A 959 31.90 -18.29 -20.09
N ASN A 960 31.20 -17.21 -20.41
CA ASN A 960 31.82 -15.89 -20.42
C ASN A 960 30.95 -14.95 -19.60
N GLU A 961 31.42 -14.60 -18.41
CA GLU A 961 30.68 -13.71 -17.53
C GLU A 961 31.20 -12.30 -17.70
N TYR A 962 30.29 -11.39 -18.01
CA TYR A 962 30.65 -10.01 -18.28
C TYR A 962 29.84 -9.11 -17.35
N THR A 963 30.47 -8.05 -16.88
CA THR A 963 29.83 -7.10 -15.98
C THR A 963 28.97 -6.12 -16.76
N ILE A 964 27.88 -5.65 -16.15
CA ILE A 964 27.02 -4.66 -16.80
C ILE A 964 26.78 -3.43 -15.94
N ILE A 965 26.67 -3.62 -14.62
CA ILE A 965 26.57 -2.50 -13.70
C ILE A 965 27.64 -2.66 -12.63
N ASN A 966 28.57 -1.73 -12.64
CA ASN A 966 29.76 -1.88 -11.81
C ASN A 966 29.86 -0.86 -10.66
N CYS A 967 29.90 -1.33 -9.42
CA CYS A 967 30.20 -0.47 -8.29
C CYS A 967 31.34 -1.05 -7.42
N MET A 968 32.37 -1.56 -8.09
CA MET A 968 33.55 -2.11 -7.43
C MET A 968 34.69 -1.10 -7.37
N GLU A 969 35.28 -1.08 -6.23
CA GLU A 969 36.45 -0.21 -6.06
C GLU A 969 37.51 -0.96 -5.30
N ASN A 970 38.66 -1.18 -5.92
CA ASN A 970 39.70 -2.01 -5.32
C ASN A 970 39.15 -3.31 -4.77
N ASN A 971 38.40 -4.02 -5.59
CA ASN A 971 37.87 -5.32 -5.22
C ASN A 971 36.88 -5.31 -4.06
N SER A 972 36.21 -4.18 -3.85
CA SER A 972 35.16 -4.13 -2.85
C SER A 972 34.00 -3.32 -3.40
N GLY A 973 32.80 -3.80 -3.18
CA GLY A 973 31.62 -3.11 -3.68
C GLY A 973 30.59 -4.13 -4.10
N TRP A 974 29.72 -3.72 -5.01
CA TRP A 974 28.79 -4.64 -5.64
C TRP A 974 28.86 -4.48 -7.15
N LYS A 975 28.32 -5.46 -7.86
CA LYS A 975 28.19 -5.36 -9.31
C LYS A 975 27.10 -6.29 -9.79
N VAL A 976 26.55 -6.00 -10.95
CA VAL A 976 25.61 -6.89 -11.60
C VAL A 976 26.32 -7.40 -12.84
N SER A 977 26.29 -8.70 -13.05
CA SER A 977 26.92 -9.28 -14.22
C SER A 977 26.01 -10.32 -14.89
N LEU A 978 26.28 -10.58 -16.16
CA LEU A 978 25.50 -11.54 -16.91
C LEU A 978 26.38 -12.67 -17.38
N ASN A 979 25.76 -13.80 -17.71
CA ASN A 979 26.45 -14.89 -18.39
C ASN A 979 25.39 -15.63 -19.17
N TYR A 980 25.79 -16.72 -19.81
CA TYR A 980 24.85 -17.52 -20.56
C TYR A 980 23.74 -17.92 -19.61
N GLY A 981 22.51 -17.53 -19.95
CA GLY A 981 21.36 -17.78 -19.11
C GLY A 981 21.47 -17.44 -17.63
N GLU A 982 22.17 -16.35 -17.32
CA GLU A 982 22.38 -15.97 -15.93
C GLU A 982 22.29 -14.46 -15.72
N ILE A 983 21.75 -14.07 -14.57
CA ILE A 983 21.85 -12.70 -14.08
C ILE A 983 22.47 -12.81 -12.71
N ILE A 984 23.55 -12.08 -12.46
CA ILE A 984 24.39 -12.33 -11.30
C ILE A 984 24.65 -11.11 -10.43
N TRP A 985 24.50 -11.29 -9.13
CA TRP A 985 24.79 -10.23 -8.15
C TRP A 985 26.00 -10.65 -7.34
N THR A 986 26.97 -9.75 -7.22
CA THR A 986 28.19 -10.02 -6.45
C THR A 986 28.42 -8.99 -5.34
N LEU A 987 28.71 -9.48 -4.13
CA LEU A 987 29.11 -8.63 -3.02
C LEU A 987 30.53 -8.95 -2.57
N GLN A 988 31.34 -7.92 -2.33
CA GLN A 988 32.71 -8.15 -1.85
C GLN A 988 33.17 -7.16 -0.79
N ASP A 989 33.68 -7.69 0.33
CA ASP A 989 34.24 -6.83 1.36
C ASP A 989 35.71 -6.48 1.06
N THR A 990 36.33 -5.70 1.95
CA THR A 990 37.67 -5.18 1.74
C THR A 990 38.75 -6.21 2.00
N GLN A 991 38.34 -7.36 2.53
CA GLN A 991 39.19 -8.55 2.70
C GLN A 991 39.06 -9.59 1.57
N GLU A 992 38.38 -9.23 0.49
CA GLU A 992 38.23 -10.13 -0.64
C GLU A 992 37.37 -11.37 -0.33
N ILE A 993 36.49 -11.24 0.66
CA ILE A 993 35.49 -12.26 0.92
C ILE A 993 34.25 -11.88 0.11
N LYS A 994 33.77 -12.80 -0.71
CA LYS A 994 32.67 -12.48 -1.61
C LYS A 994 31.44 -13.41 -1.53
N GLN A 995 30.33 -12.90 -2.03
CA GLN A 995 29.12 -13.69 -2.12
C GLN A 995 28.45 -13.39 -3.45
N ARG A 996 28.05 -14.44 -4.16
CA ARG A 996 27.35 -14.29 -5.42
C ARG A 996 25.96 -14.92 -5.32
N VAL A 997 24.97 -14.29 -5.95
CA VAL A 997 23.64 -14.88 -6.03
C VAL A 997 23.10 -14.74 -7.44
N VAL A 998 22.59 -15.84 -7.98
CA VAL A 998 22.25 -15.91 -9.40
C VAL A 998 20.83 -16.36 -9.72
N PHE A 999 20.28 -15.80 -10.80
CA PHE A 999 19.05 -16.26 -11.40
C PHE A 999 19.37 -16.99 -12.70
N LYS A 1000 19.14 -18.30 -12.74
CA LYS A 1000 19.39 -19.06 -13.96
C LYS A 1000 18.13 -19.22 -14.81
N TYR A 1001 18.28 -19.08 -16.12
CA TYR A 1001 17.20 -19.34 -17.06
C TYR A 1001 17.68 -20.09 -18.28
N SER A 1002 16.95 -21.12 -18.68
CA SER A 1002 17.37 -21.98 -19.79
C SER A 1002 17.04 -21.35 -21.14
N GLN A 1003 17.88 -21.67 -22.13
CA GLN A 1003 17.55 -21.40 -23.52
C GLN A 1003 17.02 -22.63 -24.26
N MET A 1004 16.91 -23.78 -23.59
CA MET A 1004 16.24 -24.91 -24.23
C MET A 1004 14.83 -24.99 -23.66
N ILE A 1005 13.92 -24.33 -24.36
CA ILE A 1005 12.58 -24.15 -23.82
C ILE A 1005 11.67 -23.83 -25.00
N ASN A 1006 10.43 -24.29 -24.94
CA ASN A 1006 9.48 -23.96 -25.99
C ASN A 1006 9.28 -22.45 -26.12
N ILE A 1007 8.73 -21.84 -25.07
CA ILE A 1007 8.62 -20.39 -25.04
C ILE A 1007 9.00 -19.83 -23.66
N SER A 1008 9.95 -18.90 -23.67
CA SER A 1008 10.57 -18.41 -22.44
C SER A 1008 9.87 -17.16 -21.90
N ASP A 1009 9.72 -17.10 -20.58
CA ASP A 1009 9.26 -15.89 -19.91
C ASP A 1009 10.34 -14.82 -19.86
N TYR A 1010 11.56 -15.17 -20.26
CA TYR A 1010 12.75 -14.35 -20.01
C TYR A 1010 13.52 -13.94 -21.27
N ILE A 1011 13.91 -14.93 -22.06
CA ILE A 1011 14.78 -14.66 -23.19
C ILE A 1011 14.25 -13.50 -24.03
N ASN A 1012 15.10 -12.49 -24.18
CA ASN A 1012 14.82 -11.32 -25.00
C ASN A 1012 13.57 -10.56 -24.58
N ARG A 1013 13.15 -10.77 -23.34
CA ARG A 1013 11.97 -10.09 -22.82
C ARG A 1013 12.37 -9.18 -21.67
N TRP A 1014 11.64 -8.10 -21.49
CA TRP A 1014 11.86 -7.24 -20.34
C TRP A 1014 11.63 -8.00 -19.03
N ILE A 1015 12.63 -7.96 -18.15
CA ILE A 1015 12.56 -8.62 -16.86
C ILE A 1015 12.70 -7.55 -15.80
N PHE A 1016 12.04 -7.73 -14.66
CA PHE A 1016 12.22 -6.82 -13.53
C PHE A 1016 13.10 -7.45 -12.46
N VAL A 1017 14.26 -6.83 -12.23
CA VAL A 1017 15.24 -7.33 -11.27
C VAL A 1017 15.22 -6.51 -9.98
N THR A 1018 15.26 -7.20 -8.85
CA THR A 1018 15.41 -6.52 -7.57
C THR A 1018 16.35 -7.31 -6.69
N ILE A 1019 17.40 -6.64 -6.20
CA ILE A 1019 18.33 -7.25 -5.27
C ILE A 1019 18.27 -6.46 -3.97
N THR A 1020 18.17 -7.18 -2.86
CA THR A 1020 18.11 -6.54 -1.56
C THR A 1020 19.19 -7.11 -0.65
N ASN A 1021 19.75 -6.26 0.20
CA ASN A 1021 20.89 -6.67 1.02
C ASN A 1021 20.70 -6.35 2.49
N ASN A 1022 20.59 -7.40 3.29
CA ASN A 1022 20.52 -7.24 4.73
C ASN A 1022 21.85 -7.70 5.31
N ARG A 1023 22.65 -6.75 5.81
CA ARG A 1023 24.02 -7.07 6.24
C ARG A 1023 24.07 -8.01 7.44
N LEU A 1024 22.99 -8.08 8.21
CA LEU A 1024 22.92 -8.99 9.33
C LEU A 1024 22.43 -10.36 8.90
N ASN A 1025 21.89 -10.45 7.69
CA ASN A 1025 21.30 -11.72 7.26
C ASN A 1025 21.65 -12.27 5.87
N ASN A 1026 21.05 -11.70 4.84
CA ASN A 1026 20.91 -12.38 3.56
C ASN A 1026 20.96 -11.44 2.38
N SER A 1027 21.46 -11.92 1.24
CA SER A 1027 21.34 -11.18 -0.01
C SER A 1027 20.30 -11.88 -0.88
N LYS A 1028 19.33 -11.11 -1.38
CA LYS A 1028 18.15 -11.70 -2.03
C LYS A 1028 17.94 -11.18 -3.45
N ILE A 1029 17.72 -12.09 -4.39
CA ILE A 1029 17.41 -11.68 -5.77
C ILE A 1029 15.98 -12.02 -6.19
N TYR A 1030 15.27 -11.01 -6.70
CA TYR A 1030 13.89 -11.18 -7.14
C TYR A 1030 13.78 -11.03 -8.65
N ILE A 1031 12.88 -11.78 -9.27
CA ILE A 1031 12.59 -11.63 -10.69
C ILE A 1031 11.09 -11.41 -10.88
N ASN A 1032 10.74 -10.37 -11.62
CA ASN A 1032 9.35 -10.00 -11.82
C ASN A 1032 8.54 -10.00 -10.52
N GLY A 1033 9.16 -9.50 -9.45
CA GLY A 1033 8.49 -9.32 -8.18
C GLY A 1033 8.55 -10.49 -7.23
N ARG A 1034 9.04 -11.63 -7.71
CA ARG A 1034 9.09 -12.85 -6.91
C ARG A 1034 10.51 -13.19 -6.46
N LEU A 1035 10.63 -13.74 -5.25
CA LEU A 1035 11.93 -14.15 -4.71
C LEU A 1035 12.47 -15.38 -5.44
N ILE A 1036 13.68 -15.26 -5.98
CA ILE A 1036 14.31 -16.38 -6.67
C ILE A 1036 15.32 -17.16 -5.80
N ASP A 1037 16.38 -16.49 -5.38
CA ASP A 1037 17.39 -17.11 -4.52
C ASP A 1037 17.87 -16.15 -3.45
N GLN A 1038 18.35 -16.72 -2.34
CA GLN A 1038 18.94 -15.91 -1.28
C GLN A 1038 20.25 -16.54 -0.78
N LYS A 1039 21.23 -15.70 -0.42
CA LYS A 1039 22.50 -16.22 0.11
C LYS A 1039 22.89 -15.50 1.40
N PRO A 1040 23.48 -16.23 2.35
CA PRO A 1040 23.91 -15.57 3.61
C PRO A 1040 25.09 -14.63 3.36
N ILE A 1041 24.97 -13.37 3.76
CA ILE A 1041 26.11 -12.44 3.74
C ILE A 1041 26.73 -12.03 5.07
N SER A 1042 26.24 -12.55 6.19
CA SER A 1042 26.62 -11.97 7.50
C SER A 1042 28.08 -12.16 7.87
N ASN A 1043 28.78 -12.98 7.11
CA ASN A 1043 30.20 -13.19 7.34
C ASN A 1043 31.06 -12.16 6.60
N LEU A 1044 30.41 -11.28 5.86
CA LEU A 1044 31.12 -10.23 5.14
C LEU A 1044 31.39 -9.06 6.07
N GLY A 1045 32.62 -8.54 5.99
CA GLY A 1045 33.07 -7.45 6.83
C GLY A 1045 32.67 -6.13 6.24
N ASN A 1046 33.51 -5.11 6.41
CA ASN A 1046 33.21 -3.82 5.81
C ASN A 1046 33.21 -3.87 4.28
N ILE A 1047 32.16 -3.34 3.67
CA ILE A 1047 32.09 -3.21 2.23
C ILE A 1047 32.22 -1.75 1.88
N HIS A 1048 33.22 -1.42 1.06
CA HIS A 1048 33.43 -0.06 0.60
C HIS A 1048 33.31 -0.07 -0.91
N ALA A 1049 32.25 0.55 -1.42
CA ALA A 1049 31.98 0.50 -2.86
C ALA A 1049 32.59 1.70 -3.58
N SER A 1050 32.34 1.77 -4.88
CA SER A 1050 32.93 2.80 -5.73
C SER A 1050 32.26 4.18 -5.60
N ASN A 1051 33.01 5.24 -5.91
CA ASN A 1051 32.45 6.59 -5.90
C ASN A 1051 31.57 6.81 -7.12
N ASN A 1052 31.60 5.86 -8.05
CA ASN A 1052 30.73 5.92 -9.20
C ASN A 1052 30.08 4.58 -9.56
N ILE A 1053 29.09 4.64 -10.43
CA ILE A 1053 28.42 3.45 -10.90
C ILE A 1053 28.60 3.40 -12.42
N MET A 1054 29.16 2.31 -12.93
CA MET A 1054 29.43 2.22 -14.34
C MET A 1054 28.52 1.24 -15.10
N PHE A 1055 27.64 1.77 -15.92
CA PHE A 1055 26.79 0.94 -16.78
C PHE A 1055 27.53 0.76 -18.09
N LYS A 1056 27.97 -0.46 -18.35
CA LYS A 1056 28.76 -0.75 -19.54
C LYS A 1056 29.03 -2.24 -19.57
N LEU A 1057 29.30 -2.77 -20.76
CA LEU A 1057 29.53 -4.19 -20.89
C LEU A 1057 30.99 -4.43 -20.68
N ASP A 1058 31.34 -5.10 -19.58
CA ASP A 1058 32.74 -5.27 -19.21
C ASP A 1058 33.15 -6.74 -19.26
N GLY A 1059 33.96 -7.10 -20.25
CA GLY A 1059 34.47 -8.45 -20.38
C GLY A 1059 33.69 -9.37 -21.32
N CYS A 1060 32.74 -8.80 -22.06
CA CYS A 1060 31.95 -9.61 -22.97
C CYS A 1060 32.71 -9.88 -24.26
N ARG A 1061 32.92 -11.16 -24.57
CA ARG A 1061 33.63 -11.56 -25.79
C ARG A 1061 32.73 -11.66 -27.03
N ASP A 1062 31.42 -11.65 -26.85
CA ASP A 1062 30.52 -11.59 -27.99
C ASP A 1062 30.47 -10.13 -28.42
N THR A 1063 30.93 -9.86 -29.64
CA THR A 1063 31.05 -8.48 -30.10
C THR A 1063 29.72 -7.87 -30.47
N HIS A 1064 28.75 -8.71 -30.82
CA HIS A 1064 27.43 -8.24 -31.24
C HIS A 1064 26.47 -8.14 -30.07
N ARG A 1065 26.97 -8.43 -28.87
CA ARG A 1065 26.12 -8.40 -27.69
C ARG A 1065 25.76 -6.97 -27.27
N TYR A 1066 24.58 -6.82 -26.69
CA TYR A 1066 24.12 -5.56 -26.12
C TYR A 1066 23.06 -5.87 -25.07
N ILE A 1067 22.56 -4.83 -24.40
CA ILE A 1067 21.45 -5.01 -23.47
C ILE A 1067 20.54 -3.80 -23.50
N TRP A 1068 19.28 -4.00 -23.12
CA TRP A 1068 18.39 -2.89 -22.87
C TRP A 1068 18.24 -2.78 -21.36
N ILE A 1069 18.10 -1.56 -20.87
CA ILE A 1069 17.91 -1.36 -19.45
C ILE A 1069 17.08 -0.09 -19.22
N LYS A 1070 16.29 -0.08 -18.15
CA LYS A 1070 15.48 1.10 -17.83
C LYS A 1070 15.12 1.19 -16.35
N TYR A 1071 14.77 2.39 -15.91
CA TYR A 1071 14.23 2.61 -14.56
C TYR A 1071 15.15 2.11 -13.45
N PHE A 1072 16.43 2.45 -13.52
CA PHE A 1072 17.36 2.00 -12.48
C PHE A 1072 17.18 2.77 -11.16
N ASN A 1073 17.09 2.04 -10.05
CA ASN A 1073 17.01 2.65 -8.73
C ASN A 1073 17.98 2.08 -7.72
N LEU A 1074 18.41 2.92 -6.80
CA LEU A 1074 19.22 2.51 -5.66
C LEU A 1074 18.50 2.93 -4.38
N PHE A 1075 18.28 2.01 -3.47
CA PHE A 1075 17.56 2.32 -2.23
C PHE A 1075 18.43 2.15 -1.00
N ASP A 1076 18.19 3.00 0.01
CA ASP A 1076 18.93 2.93 1.27
C ASP A 1076 18.35 1.98 2.30
N LYS A 1077 17.41 1.13 1.91
CA LYS A 1077 16.98 0.07 2.79
C LYS A 1077 16.91 -1.29 2.11
N GLU A 1078 16.46 -2.29 2.85
CA GLU A 1078 16.13 -3.60 2.31
C GLU A 1078 14.64 -3.56 1.99
N LEU A 1079 14.31 -3.58 0.70
CA LEU A 1079 12.93 -3.68 0.27
C LEU A 1079 12.29 -5.01 0.70
N ASN A 1080 11.06 -4.95 1.19
CA ASN A 1080 10.33 -6.17 1.54
C ASN A 1080 9.54 -6.70 0.34
N GLU A 1081 8.90 -7.85 0.52
CA GLU A 1081 8.11 -8.45 -0.56
C GLU A 1081 7.03 -7.51 -1.08
N LYS A 1082 6.28 -6.88 -0.17
CA LYS A 1082 5.19 -5.99 -0.56
C LYS A 1082 5.69 -4.83 -1.43
N GLU A 1083 6.70 -4.12 -0.96
CA GLU A 1083 7.25 -2.97 -1.66
C GLU A 1083 7.76 -3.36 -3.04
N ILE A 1084 8.37 -4.53 -3.12
CA ILE A 1084 8.90 -5.03 -4.39
C ILE A 1084 7.78 -5.28 -5.40
N LYS A 1085 6.71 -5.94 -4.96
CA LYS A 1085 5.54 -6.17 -5.82
C LYS A 1085 4.92 -4.86 -6.26
N ASP A 1086 4.73 -3.95 -5.33
CA ASP A 1086 4.13 -2.66 -5.66
C ASP A 1086 5.00 -1.91 -6.65
N LEU A 1087 6.32 -1.99 -6.45
CA LEU A 1087 7.28 -1.43 -7.38
C LEU A 1087 7.08 -2.05 -8.77
N TYR A 1088 7.11 -3.38 -8.82
CA TYR A 1088 6.91 -4.13 -10.05
C TYR A 1088 5.65 -3.70 -10.78
N ASP A 1089 4.54 -3.66 -10.06
CA ASP A 1089 3.26 -3.26 -10.65
C ASP A 1089 3.28 -1.83 -11.15
N ASN A 1090 3.68 -0.90 -10.29
CA ASN A 1090 3.70 0.51 -10.65
C ASN A 1090 4.48 0.78 -11.93
N GLN A 1091 5.61 0.10 -12.10
CA GLN A 1091 6.49 0.40 -13.22
C GLN A 1091 6.13 -0.33 -14.52
N SER A 1092 5.16 -1.23 -14.45
CA SER A 1092 4.73 -1.97 -15.64
C SER A 1092 3.92 -1.13 -16.64
N ASN A 1093 3.55 0.10 -16.25
CA ASN A 1093 2.84 1.02 -17.15
C ASN A 1093 1.51 0.46 -17.69
N SER A 1094 0.63 0.07 -16.79
CA SER A 1094 -0.56 -0.68 -17.16
C SER A 1094 -1.52 0.04 -18.10
N GLY A 1095 -1.26 1.32 -18.38
CA GLY A 1095 -2.11 2.09 -19.27
C GLY A 1095 -1.79 1.96 -20.76
N ILE A 1096 -0.70 1.27 -21.07
CA ILE A 1096 -0.26 1.08 -22.44
C ILE A 1096 -0.08 -0.39 -22.76
N LEU A 1097 -0.58 -0.83 -23.91
CA LEU A 1097 -0.44 -2.24 -24.27
C LEU A 1097 1.01 -2.58 -24.62
N LYS A 1098 1.40 -3.82 -24.37
CA LYS A 1098 2.77 -4.26 -24.62
C LYS A 1098 2.78 -5.35 -25.68
N ASP A 1099 3.90 -5.47 -26.39
CA ASP A 1099 4.07 -6.59 -27.32
C ASP A 1099 4.70 -7.73 -26.54
N PHE A 1100 4.94 -8.85 -27.19
CA PHE A 1100 5.51 -10.02 -26.55
C PHE A 1100 6.82 -9.69 -25.80
N TRP A 1101 7.63 -8.82 -26.40
CA TRP A 1101 8.95 -8.52 -25.86
C TRP A 1101 8.90 -7.63 -24.63
N GLY A 1102 7.77 -6.95 -24.42
CA GLY A 1102 7.62 -6.04 -23.29
C GLY A 1102 7.63 -4.57 -23.69
N ASP A 1103 7.89 -4.29 -24.96
CA ASP A 1103 7.82 -2.94 -25.51
C ASP A 1103 6.39 -2.43 -25.67
N TYR A 1104 6.25 -1.11 -25.78
CA TYR A 1104 4.95 -0.54 -26.11
C TYR A 1104 4.44 -1.14 -27.41
N LEU A 1105 3.20 -1.63 -27.38
CA LEU A 1105 2.51 -2.08 -28.59
C LEU A 1105 2.26 -0.87 -29.50
N GLN A 1106 2.37 -1.06 -30.80
CA GLN A 1106 2.32 0.06 -31.74
C GLN A 1106 1.36 -0.13 -32.91
N TYR A 1107 0.89 0.99 -33.45
CA TYR A 1107 0.13 0.97 -34.69
C TYR A 1107 1.07 0.75 -35.87
N ASP A 1108 0.53 0.22 -36.96
CA ASP A 1108 1.26 0.11 -38.22
C ASP A 1108 2.52 -0.74 -38.12
N LYS A 1109 2.57 -1.61 -37.12
CA LYS A 1109 3.68 -2.55 -36.95
C LYS A 1109 3.17 -3.99 -37.01
N PRO A 1110 3.60 -4.76 -38.02
CA PRO A 1110 3.14 -6.16 -38.13
C PRO A 1110 3.61 -7.03 -36.96
N TYR A 1111 2.71 -7.87 -36.47
CA TYR A 1111 2.99 -8.76 -35.35
C TYR A 1111 2.55 -10.19 -35.68
N TYR A 1112 3.38 -11.15 -35.32
CA TYR A 1112 2.95 -12.55 -35.35
C TYR A 1112 2.14 -12.79 -34.09
N MET A 1113 1.18 -13.71 -34.14
CA MET A 1113 0.23 -13.86 -33.05
C MET A 1113 0.44 -15.12 -32.22
N LEU A 1114 0.10 -15.03 -30.94
CA LEU A 1114 0.20 -16.16 -30.02
C LEU A 1114 -0.97 -16.15 -29.02
N ASN A 1115 -1.65 -17.28 -28.88
CA ASN A 1115 -2.75 -17.36 -27.91
C ASN A 1115 -2.29 -17.99 -26.59
N LEU A 1116 -2.40 -17.21 -25.52
CA LEU A 1116 -1.92 -17.63 -24.20
C LEU A 1116 -2.47 -18.96 -23.73
N TYR A 1117 -3.62 -19.37 -24.26
CA TYR A 1117 -4.23 -20.64 -23.88
C TYR A 1117 -3.46 -21.82 -24.48
N ASP A 1118 -3.07 -21.69 -25.75
CA ASP A 1118 -2.31 -22.74 -26.44
C ASP A 1118 -1.11 -22.13 -27.16
N PRO A 1119 0.00 -21.94 -26.43
CA PRO A 1119 1.15 -21.22 -26.96
C PRO A 1119 1.78 -21.94 -28.13
N ASN A 1120 1.59 -23.25 -28.23
CA ASN A 1120 2.19 -24.02 -29.32
C ASN A 1120 1.50 -23.76 -30.64
N LYS A 1121 0.42 -22.99 -30.62
CA LYS A 1121 -0.34 -22.73 -31.84
C LYS A 1121 -0.10 -21.32 -32.37
N TYR A 1122 -0.17 -21.18 -33.70
CA TYR A 1122 -0.13 -19.87 -34.33
C TYR A 1122 -1.36 -19.64 -35.19
N VAL A 1123 -1.62 -18.38 -35.53
CA VAL A 1123 -2.80 -18.03 -36.31
C VAL A 1123 -2.57 -18.22 -37.80
N ASP A 1124 -3.53 -18.80 -38.49
CA ASP A 1124 -3.44 -18.91 -39.95
C ASP A 1124 -4.79 -18.65 -40.60
N VAL A 1125 -4.78 -18.45 -41.92
CA VAL A 1125 -5.99 -18.19 -42.66
C VAL A 1125 -6.26 -19.34 -43.61
N ASN A 1126 -7.36 -20.03 -43.36
CA ASN A 1126 -7.86 -21.06 -44.26
C ASN A 1126 -8.00 -20.50 -45.66
N ASN A 1127 -8.99 -19.63 -45.83
CA ASN A 1127 -9.21 -18.91 -47.07
C ASN A 1127 -9.40 -17.43 -46.79
N VAL A 1128 -9.00 -16.59 -47.73
CA VAL A 1128 -9.30 -15.17 -47.64
C VAL A 1128 -10.73 -14.96 -48.14
N GLY A 1129 -11.44 -14.01 -47.54
CA GLY A 1129 -12.82 -13.76 -47.91
C GLY A 1129 -13.84 -14.15 -46.85
N ILE A 1130 -15.08 -13.73 -47.08
CA ILE A 1130 -16.18 -13.93 -46.13
C ILE A 1130 -16.59 -15.40 -45.96
N ARG A 1131 -16.26 -16.23 -46.95
CA ARG A 1131 -16.57 -17.66 -46.88
C ARG A 1131 -15.44 -18.45 -46.23
N GLY A 1132 -14.32 -17.77 -45.97
CA GLY A 1132 -13.18 -18.37 -45.30
C GLY A 1132 -13.05 -17.92 -43.85
N TYR A 1133 -12.01 -18.39 -43.18
CA TYR A 1133 -11.86 -18.14 -41.75
C TYR A 1133 -10.41 -18.18 -41.29
N MET A 1134 -10.16 -17.65 -40.10
CA MET A 1134 -8.85 -17.75 -39.49
C MET A 1134 -8.90 -18.78 -38.39
N TYR A 1135 -7.79 -19.48 -38.17
CA TYR A 1135 -7.75 -20.49 -37.12
C TYR A 1135 -6.38 -20.58 -36.43
N LEU A 1136 -6.35 -21.26 -35.29
CA LEU A 1136 -5.08 -21.57 -34.64
C LEU A 1136 -4.53 -22.88 -35.21
N LYS A 1137 -3.31 -22.82 -35.72
CA LYS A 1137 -2.68 -24.00 -36.32
C LYS A 1137 -1.45 -24.40 -35.51
N GLY A 1138 -0.82 -25.50 -35.91
CA GLY A 1138 0.37 -26.01 -35.24
C GLY A 1138 0.87 -27.29 -35.87
N PRO A 1139 2.00 -27.83 -35.37
CA PRO A 1139 2.83 -27.26 -34.31
C PRO A 1139 3.69 -26.10 -34.82
N ARG A 1140 4.19 -25.26 -33.91
CA ARG A 1140 5.00 -24.12 -34.31
C ARG A 1140 6.29 -24.49 -35.02
N GLY A 1141 6.83 -25.66 -34.67
CA GLY A 1141 8.15 -26.04 -35.13
C GLY A 1141 9.19 -25.38 -34.24
N SER A 1142 10.46 -25.63 -34.51
CA SER A 1142 11.50 -25.12 -33.64
C SER A 1142 12.68 -24.49 -34.37
N VAL A 1143 13.39 -23.64 -33.63
CA VAL A 1143 14.62 -23.04 -34.12
C VAL A 1143 15.73 -23.42 -33.14
N MET A 1144 16.94 -23.64 -33.65
CA MET A 1144 18.02 -24.05 -32.77
C MET A 1144 19.42 -23.68 -33.26
N THR A 1145 20.34 -23.62 -32.31
CA THR A 1145 21.76 -23.67 -32.60
C THR A 1145 22.30 -24.65 -31.57
N THR A 1146 22.94 -25.71 -32.02
CA THR A 1146 23.31 -26.78 -31.10
C THR A 1146 24.10 -26.28 -29.89
N ASN A 1147 23.76 -26.80 -28.72
CA ASN A 1147 24.44 -26.45 -27.46
C ASN A 1147 24.15 -25.04 -26.96
N ILE A 1148 23.43 -24.24 -27.74
CA ILE A 1148 23.18 -22.84 -27.37
C ILE A 1148 21.70 -22.59 -27.05
N TYR A 1149 20.83 -22.80 -28.04
CA TYR A 1149 19.40 -22.67 -27.81
C TYR A 1149 18.56 -23.68 -28.59
N LEU A 1150 17.43 -24.06 -28.02
CA LEU A 1150 16.41 -24.82 -28.75
C LEU A 1150 15.03 -24.26 -28.37
N ASN A 1151 14.34 -23.68 -29.35
CA ASN A 1151 13.12 -22.92 -29.07
C ASN A 1151 12.00 -23.19 -30.06
N SER A 1152 10.79 -22.83 -29.67
CA SER A 1152 9.68 -22.84 -30.61
C SER A 1152 9.76 -21.59 -31.48
N SER A 1153 9.73 -21.79 -32.80
CA SER A 1153 9.74 -20.68 -33.74
C SER A 1153 8.59 -19.71 -33.47
N LEU A 1154 8.91 -18.43 -33.29
CA LEU A 1154 7.90 -17.42 -33.00
C LEU A 1154 7.37 -16.66 -34.22
N TYR A 1155 8.05 -16.78 -35.36
CA TYR A 1155 7.70 -15.98 -36.52
C TYR A 1155 6.77 -16.70 -37.50
N ARG A 1156 6.31 -17.89 -37.13
CA ARG A 1156 5.41 -18.66 -37.98
C ARG A 1156 3.98 -18.18 -37.81
N GLY A 1157 3.32 -17.81 -38.91
CA GLY A 1157 1.91 -17.49 -38.86
C GLY A 1157 1.43 -16.39 -39.82
N ALA A 1158 0.17 -16.01 -39.65
CA ALA A 1158 -0.37 -14.80 -40.26
C ALA A 1158 -0.05 -13.60 -39.37
N LYS A 1159 0.15 -12.44 -39.97
CA LYS A 1159 0.51 -11.26 -39.20
C LYS A 1159 -0.65 -10.27 -39.03
N PHE A 1160 -0.81 -9.78 -37.80
CA PHE A 1160 -1.78 -8.72 -37.50
C PHE A 1160 -1.13 -7.35 -37.54
N ILE A 1161 -1.81 -6.37 -38.11
CA ILE A 1161 -1.36 -4.99 -38.02
C ILE A 1161 -2.46 -4.13 -37.43
N ILE A 1162 -2.15 -3.37 -36.39
CA ILE A 1162 -3.14 -2.51 -35.75
C ILE A 1162 -3.13 -1.13 -36.39
N LYS A 1163 -4.29 -0.72 -36.91
CA LYS A 1163 -4.46 0.56 -37.61
C LYS A 1163 -5.30 1.54 -36.79
N LYS A 1164 -4.95 2.82 -36.85
CA LYS A 1164 -5.73 3.85 -36.16
C LYS A 1164 -7.16 4.00 -36.70
N TYR A 1165 -8.11 4.09 -35.79
CA TYR A 1165 -9.51 4.33 -36.16
C TYR A 1165 -10.03 5.58 -35.47
N ALA A 1166 -10.08 5.53 -34.15
CA ALA A 1166 -10.54 6.67 -33.35
C ALA A 1166 -9.41 7.51 -32.76
N SER A 1167 -8.15 7.12 -32.96
CA SER A 1167 -7.01 7.72 -32.26
C SER A 1167 -6.96 9.25 -32.33
N GLY A 1168 -6.81 9.87 -31.17
CA GLY A 1168 -6.85 11.32 -31.05
C GLY A 1168 -5.49 12.01 -31.03
N ASN A 1169 -4.45 11.29 -31.42
CA ASN A 1169 -3.14 11.89 -31.66
C ASN A 1169 -2.30 11.03 -32.57
N LYS A 1170 -1.09 11.41 -32.77
CA LYS A 1170 -0.13 10.66 -33.57
C LYS A 1170 1.14 10.37 -32.80
N ASP A 1171 1.17 9.25 -32.10
CA ASP A 1171 2.39 8.79 -31.47
C ASP A 1171 2.56 7.28 -31.65
N ASN A 1172 1.68 6.69 -32.47
CA ASN A 1172 1.79 5.28 -32.81
C ASN A 1172 1.89 4.32 -31.64
N ILE A 1173 1.54 4.82 -30.47
CA ILE A 1173 1.50 3.94 -29.30
C ILE A 1173 0.07 3.49 -29.06
N VAL A 1174 -0.13 2.23 -28.73
CA VAL A 1174 -1.49 1.75 -28.47
C VAL A 1174 -1.82 1.77 -26.98
N ARG A 1175 -2.67 2.73 -26.61
CA ARG A 1175 -3.15 2.87 -25.24
C ARG A 1175 -4.33 1.97 -24.91
N ASN A 1176 -4.51 1.66 -23.64
CA ASN A 1176 -5.71 0.96 -23.20
C ASN A 1176 -6.96 1.68 -23.67
N ASN A 1177 -7.95 0.91 -24.12
CA ASN A 1177 -9.22 1.44 -24.62
C ASN A 1177 -9.16 2.29 -25.88
N ASP A 1178 -8.13 2.06 -26.70
CA ASP A 1178 -8.09 2.64 -28.03
C ASP A 1178 -9.05 1.88 -28.93
N ARG A 1179 -9.72 2.59 -29.83
CA ARG A 1179 -10.59 1.94 -30.80
C ARG A 1179 -9.87 1.83 -32.14
N VAL A 1180 -9.75 0.61 -32.63
CA VAL A 1180 -8.88 0.32 -33.77
C VAL A 1180 -9.46 -0.63 -34.81
N TYR A 1181 -8.80 -0.70 -35.96
CA TYR A 1181 -9.03 -1.75 -36.95
C TYR A 1181 -7.86 -2.70 -36.85
N ILE A 1182 -8.09 -3.99 -37.14
CA ILE A 1182 -6.97 -4.92 -37.27
C ILE A 1182 -6.86 -5.44 -38.69
N ASN A 1183 -5.68 -5.30 -39.27
CA ASN A 1183 -5.41 -5.79 -40.61
C ASN A 1183 -4.65 -7.10 -40.55
N VAL A 1184 -4.91 -7.99 -41.50
CA VAL A 1184 -4.26 -9.29 -41.52
C VAL A 1184 -3.38 -9.47 -42.76
N VAL A 1185 -2.11 -9.83 -42.53
CA VAL A 1185 -1.16 -10.03 -43.62
C VAL A 1185 -1.14 -11.49 -44.06
N VAL A 1186 -1.58 -11.72 -45.30
CA VAL A 1186 -1.67 -13.07 -45.85
C VAL A 1186 -0.97 -13.09 -47.20
N LYS A 1187 0.09 -13.88 -47.30
CA LYS A 1187 0.90 -13.90 -48.52
C LYS A 1187 1.28 -12.46 -48.86
N ASN A 1188 1.74 -11.73 -47.84
CA ASN A 1188 2.22 -10.35 -48.01
C ASN A 1188 1.21 -9.39 -48.66
N LYS A 1189 -0.07 -9.54 -48.30
CA LYS A 1189 -1.10 -8.57 -48.70
C LYS A 1189 -1.97 -8.25 -47.49
N GLU A 1190 -2.53 -7.04 -47.47
CA GLU A 1190 -3.30 -6.61 -46.30
C GLU A 1190 -4.82 -6.80 -46.46
N TYR A 1191 -5.44 -7.36 -45.42
CA TYR A 1191 -6.88 -7.55 -45.40
C TYR A 1191 -7.47 -6.99 -44.11
N ARG A 1192 -8.79 -7.05 -43.98
CA ARG A 1192 -9.47 -6.51 -42.79
C ARG A 1192 -10.12 -7.59 -41.95
N LEU A 1193 -9.76 -7.61 -40.67
CA LEU A 1193 -10.36 -8.53 -39.71
C LEU A 1193 -11.79 -8.11 -39.50
N ALA A 1194 -12.73 -9.02 -39.73
CA ALA A 1194 -14.14 -8.69 -39.61
C ALA A 1194 -14.99 -9.93 -39.41
N THR A 1195 -16.23 -9.73 -38.95
CA THR A 1195 -17.20 -10.81 -38.89
C THR A 1195 -18.57 -10.28 -39.22
N ASN A 1196 -19.47 -11.20 -39.59
CA ASN A 1196 -20.88 -10.87 -39.66
C ASN A 1196 -21.53 -11.44 -38.41
N ALA A 1197 -21.87 -10.55 -37.48
CA ALA A 1197 -22.37 -10.97 -36.17
C ALA A 1197 -23.79 -11.53 -36.23
N SER A 1198 -24.42 -11.46 -37.40
CA SER A 1198 -25.78 -11.95 -37.56
C SER A 1198 -25.84 -13.48 -37.66
N GLN A 1199 -24.68 -14.12 -37.89
CA GLN A 1199 -24.62 -15.58 -37.99
C GLN A 1199 -25.12 -16.23 -36.70
N ALA A 1200 -25.78 -17.38 -36.84
CA ALA A 1200 -26.35 -18.07 -35.69
C ALA A 1200 -25.27 -18.48 -34.71
N GLY A 1201 -25.59 -18.42 -33.41
CA GLY A 1201 -24.65 -18.82 -32.39
C GLY A 1201 -23.86 -17.67 -31.80
N VAL A 1202 -23.51 -17.77 -30.51
CA VAL A 1202 -22.85 -16.67 -29.82
C VAL A 1202 -21.36 -16.54 -30.21
N GLU A 1203 -20.78 -17.59 -30.78
CA GLU A 1203 -19.40 -17.51 -31.24
C GLU A 1203 -19.38 -17.08 -32.70
N LYS A 1204 -18.93 -15.85 -32.94
CA LYS A 1204 -18.91 -15.28 -34.28
C LYS A 1204 -17.58 -15.57 -34.94
N ILE A 1205 -17.61 -16.31 -36.04
CA ILE A 1205 -16.39 -16.77 -36.68
C ILE A 1205 -15.72 -15.67 -37.50
N LEU A 1206 -14.47 -15.36 -37.15
CA LEU A 1206 -13.74 -14.24 -37.74
C LEU A 1206 -13.19 -14.57 -39.13
N SER A 1207 -13.24 -13.58 -40.02
CA SER A 1207 -12.72 -13.72 -41.36
C SER A 1207 -11.73 -12.60 -41.69
N ALA A 1208 -10.90 -12.83 -42.70
CA ALA A 1208 -10.05 -11.80 -43.27
C ALA A 1208 -10.64 -11.37 -44.62
N LEU A 1209 -11.02 -10.10 -44.73
CA LEU A 1209 -11.76 -9.63 -45.89
C LEU A 1209 -10.97 -8.64 -46.72
N GLU A 1210 -11.33 -8.56 -48.00
CA GLU A 1210 -10.82 -7.47 -48.84
C GLU A 1210 -11.16 -6.16 -48.13
N ILE A 1211 -10.17 -5.28 -47.99
CA ILE A 1211 -10.37 -4.04 -47.26
C ILE A 1211 -11.52 -3.18 -47.82
N PRO A 1212 -11.67 -3.13 -49.15
CA PRO A 1212 -12.80 -2.40 -49.74
C PRO A 1212 -14.17 -3.07 -49.51
N ASP A 1213 -14.18 -4.38 -49.30
CA ASP A 1213 -15.43 -5.14 -49.24
C ASP A 1213 -16.03 -5.35 -47.83
N VAL A 1214 -15.43 -4.72 -46.82
CA VAL A 1214 -15.90 -4.92 -45.44
C VAL A 1214 -17.34 -4.44 -45.22
N GLY A 1215 -17.76 -3.43 -45.98
CA GLY A 1215 -19.13 -2.95 -45.90
C GLY A 1215 -19.57 -2.60 -44.50
N ASN A 1216 -20.70 -3.17 -44.08
CA ASN A 1216 -21.26 -2.90 -42.75
C ASN A 1216 -20.87 -3.92 -41.67
N LEU A 1217 -19.96 -4.82 -42.01
CA LEU A 1217 -19.56 -5.88 -41.08
C LEU A 1217 -18.94 -5.33 -39.80
N SER A 1218 -18.92 -6.14 -38.74
CA SER A 1218 -18.30 -5.75 -37.48
C SER A 1218 -16.79 -5.80 -37.58
N GLN A 1219 -16.16 -4.64 -37.37
CA GLN A 1219 -14.72 -4.49 -37.54
C GLN A 1219 -14.04 -3.81 -36.35
N VAL A 1220 -14.55 -2.66 -35.93
CA VAL A 1220 -13.95 -1.90 -34.85
C VAL A 1220 -13.63 -2.76 -33.62
N VAL A 1221 -12.39 -2.66 -33.14
CA VAL A 1221 -11.91 -3.47 -32.03
C VAL A 1221 -11.39 -2.57 -30.90
N VAL A 1222 -11.83 -2.85 -29.67
CA VAL A 1222 -11.38 -2.07 -28.52
C VAL A 1222 -10.27 -2.81 -27.80
N MET A 1223 -9.09 -2.19 -27.74
CA MET A 1223 -7.87 -2.80 -27.22
C MET A 1223 -7.74 -2.68 -25.70
N LYS A 1224 -7.45 -3.79 -25.03
CA LYS A 1224 -7.36 -3.81 -23.57
C LYS A 1224 -6.03 -4.31 -23.06
N SER A 1225 -5.56 -3.73 -21.95
CA SER A 1225 -4.30 -4.14 -21.35
C SER A 1225 -4.51 -4.73 -19.96
N LYS A 1226 -4.11 -5.99 -19.80
CA LYS A 1226 -4.32 -6.73 -18.54
C LYS A 1226 -3.00 -7.12 -17.87
N ASN A 1227 -3.03 -7.29 -16.56
CA ASN A 1227 -1.86 -7.73 -15.81
C ASN A 1227 -1.64 -9.23 -15.94
N ASP A 1228 -0.38 -9.64 -16.12
CA ASP A 1228 -0.04 -11.06 -16.18
C ASP A 1228 1.11 -11.38 -15.22
N GLN A 1229 1.07 -12.58 -14.66
CA GLN A 1229 2.12 -13.03 -13.74
C GLN A 1229 3.35 -13.51 -14.51
N GLY A 1230 4.50 -12.93 -14.18
CA GLY A 1230 5.77 -13.35 -14.77
C GLY A 1230 5.90 -13.06 -16.26
N ILE A 1231 4.88 -12.42 -16.82
CA ILE A 1231 4.89 -11.96 -18.21
C ILE A 1231 4.47 -10.48 -18.27
N THR A 1232 3.26 -10.21 -17.77
CA THR A 1232 2.63 -8.88 -17.75
C THR A 1232 2.29 -8.38 -19.15
N ASN A 1233 2.20 -9.32 -20.09
CA ASN A 1233 1.96 -8.97 -21.49
C ASN A 1233 0.53 -9.16 -22.01
N LYS A 1234 -0.39 -9.56 -21.13
CA LYS A 1234 -1.75 -9.90 -21.57
C LYS A 1234 -2.40 -8.80 -22.40
N CYS A 1235 -2.87 -9.16 -23.59
CA CYS A 1235 -3.63 -8.24 -24.43
C CYS A 1235 -5.00 -8.82 -24.76
N LYS A 1236 -6.03 -7.97 -24.72
CA LYS A 1236 -7.38 -8.38 -25.05
C LYS A 1236 -7.93 -7.53 -26.19
N MET A 1237 -8.84 -8.11 -26.97
CA MET A 1237 -9.51 -7.36 -28.03
C MET A 1237 -11.02 -7.56 -28.02
N ASN A 1238 -11.76 -6.49 -27.74
CA ASN A 1238 -13.21 -6.58 -27.69
C ASN A 1238 -13.86 -6.04 -28.96
N LEU A 1239 -14.40 -6.93 -29.77
CA LEU A 1239 -14.96 -6.56 -31.07
C LEU A 1239 -16.34 -5.93 -30.93
N GLN A 1240 -16.58 -4.86 -31.68
CA GLN A 1240 -17.84 -4.13 -31.60
C GLN A 1240 -18.45 -3.87 -32.97
N ASP A 1241 -19.78 -3.89 -33.05
CA ASP A 1241 -20.44 -3.49 -34.29
C ASP A 1241 -20.48 -1.96 -34.42
N ASN A 1242 -21.14 -1.46 -35.45
CA ASN A 1242 -21.12 -0.02 -35.71
C ASN A 1242 -22.16 0.77 -34.95
N ASN A 1243 -22.97 0.08 -34.14
CA ASN A 1243 -23.91 0.74 -33.25
C ASN A 1243 -23.41 0.86 -31.82
N GLY A 1244 -22.17 0.41 -31.60
CA GLY A 1244 -21.56 0.46 -30.28
C GLY A 1244 -21.73 -0.81 -29.48
N ASN A 1245 -22.51 -1.75 -30.01
CA ASN A 1245 -22.78 -3.01 -29.31
C ASN A 1245 -21.55 -3.90 -29.22
N ASP A 1246 -21.58 -4.83 -28.26
CA ASP A 1246 -20.50 -5.78 -28.07
C ASP A 1246 -20.75 -7.07 -28.85
N ILE A 1247 -19.82 -7.43 -29.72
CA ILE A 1247 -19.84 -8.74 -30.35
C ILE A 1247 -19.00 -9.74 -29.53
N GLY A 1248 -18.27 -9.25 -28.54
CA GLY A 1248 -17.46 -10.08 -27.67
C GLY A 1248 -15.96 -9.98 -27.91
N PHE A 1249 -15.17 -10.52 -26.99
CA PHE A 1249 -13.70 -10.55 -27.13
C PHE A 1249 -13.28 -11.55 -28.18
N ILE A 1250 -12.14 -11.29 -28.80
CA ILE A 1250 -11.55 -12.22 -29.76
C ILE A 1250 -10.84 -13.36 -29.05
N GLY A 1251 -11.12 -14.57 -29.52
CA GLY A 1251 -10.77 -15.80 -28.85
C GLY A 1251 -10.90 -16.89 -29.88
N PHE A 1252 -11.01 -18.15 -29.45
CA PHE A 1252 -11.16 -19.23 -30.41
C PHE A 1252 -12.17 -20.26 -29.94
N HIS A 1253 -12.73 -21.00 -30.90
CA HIS A 1253 -13.68 -22.07 -30.56
C HIS A 1253 -13.53 -23.28 -31.48
N GLN A 1254 -13.69 -24.48 -30.93
CA GLN A 1254 -13.57 -25.71 -31.71
C GLN A 1254 -14.81 -25.95 -32.57
N PHE A 1255 -14.61 -26.04 -33.89
CA PHE A 1255 -15.65 -26.40 -34.85
C PHE A 1255 -15.13 -27.60 -35.62
N ASN A 1256 -15.79 -28.75 -35.46
CA ASN A 1256 -15.16 -29.99 -35.87
C ASN A 1256 -13.82 -30.07 -35.14
N ASN A 1257 -12.74 -30.37 -35.86
CA ASN A 1257 -11.43 -30.34 -35.21
C ASN A 1257 -10.66 -29.04 -35.42
N ILE A 1258 -11.30 -28.07 -36.07
CA ILE A 1258 -10.68 -26.78 -36.35
C ILE A 1258 -10.88 -25.82 -35.19
N ALA A 1259 -9.83 -25.08 -34.84
CA ALA A 1259 -9.98 -24.01 -33.84
C ALA A 1259 -10.04 -22.68 -34.56
N LYS A 1260 -11.25 -22.11 -34.65
CA LYS A 1260 -11.48 -20.92 -35.43
C LYS A 1260 -11.49 -19.68 -34.55
N LEU A 1261 -10.85 -18.62 -35.01
CA LEU A 1261 -10.88 -17.36 -34.27
C LEU A 1261 -12.30 -16.84 -34.21
N VAL A 1262 -12.71 -16.45 -33.01
CA VAL A 1262 -14.08 -16.08 -32.73
C VAL A 1262 -14.18 -14.82 -31.87
N ALA A 1263 -15.20 -14.00 -32.12
CA ALA A 1263 -15.60 -13.00 -31.16
C ALA A 1263 -16.81 -13.56 -30.43
N SER A 1264 -16.71 -13.71 -29.11
CA SER A 1264 -17.78 -14.33 -28.33
C SER A 1264 -18.04 -13.58 -27.05
N ASN A 1265 -19.28 -13.14 -26.86
CA ASN A 1265 -19.67 -12.42 -25.66
C ASN A 1265 -19.62 -13.28 -24.40
N TRP A 1266 -19.37 -14.58 -24.57
CA TRP A 1266 -19.21 -15.44 -23.40
C TRP A 1266 -18.02 -15.00 -22.54
N TYR A 1267 -17.05 -14.36 -23.18
CA TYR A 1267 -15.90 -13.85 -22.47
C TYR A 1267 -16.29 -12.67 -21.58
N ASN A 1268 -17.10 -11.78 -22.13
CA ASN A 1268 -17.51 -10.58 -21.40
C ASN A 1268 -18.33 -10.88 -20.15
N ARG A 1269 -18.75 -12.14 -20.00
CA ARG A 1269 -19.54 -12.58 -18.84
C ARG A 1269 -18.65 -13.14 -17.73
N GLN A 1270 -17.34 -13.08 -17.95
CA GLN A 1270 -16.39 -13.77 -17.09
C GLN A 1270 -15.61 -12.78 -16.26
N ILE A 1271 -15.15 -13.20 -15.09
CA ILE A 1271 -14.40 -12.27 -14.26
C ILE A 1271 -12.92 -12.35 -14.60
N GLU A 1272 -12.44 -11.31 -15.26
CA GLU A 1272 -11.02 -10.96 -15.27
C GLU A 1272 -10.10 -12.18 -15.40
N ARG A 1273 -9.24 -12.35 -14.39
CA ARG A 1273 -8.38 -13.52 -14.38
C ARG A 1273 -9.18 -14.72 -13.89
N SER A 1274 -9.34 -15.70 -14.76
CA SER A 1274 -9.99 -16.95 -14.44
C SER A 1274 -9.14 -18.11 -14.95
N SER A 1275 -8.71 -18.93 -14.01
CA SER A 1275 -7.56 -19.80 -14.14
C SER A 1275 -6.33 -18.98 -14.56
N ARG A 1276 -5.40 -19.58 -15.28
CA ARG A 1276 -4.40 -18.84 -16.05
C ARG A 1276 -4.68 -18.97 -17.54
N THR A 1277 -5.69 -19.77 -17.83
CA THR A 1277 -5.96 -20.24 -19.18
C THR A 1277 -7.24 -19.56 -19.65
N LEU A 1278 -7.10 -18.63 -20.58
CA LEU A 1278 -8.21 -17.75 -20.94
C LEU A 1278 -8.82 -18.10 -22.30
N GLY A 1279 -8.03 -17.93 -23.34
CA GLY A 1279 -8.47 -18.18 -24.70
C GLY A 1279 -8.75 -16.86 -25.40
N CYS A 1280 -9.08 -15.85 -24.62
CA CYS A 1280 -9.21 -14.49 -25.13
C CYS A 1280 -7.98 -13.58 -24.85
N SER A 1281 -6.93 -14.13 -24.26
CA SER A 1281 -5.70 -13.38 -24.02
C SER A 1281 -4.66 -13.61 -25.11
N TRP A 1282 -4.09 -12.55 -25.67
CA TRP A 1282 -3.17 -12.66 -26.80
C TRP A 1282 -1.78 -12.04 -26.59
N GLU A 1283 -0.82 -12.43 -27.43
CA GLU A 1283 0.51 -11.80 -27.47
C GLU A 1283 0.81 -11.35 -28.89
N PHE A 1284 1.44 -10.18 -29.02
CA PHE A 1284 1.82 -9.65 -30.33
C PHE A 1284 3.33 -9.70 -30.48
N ILE A 1285 3.82 -10.56 -31.37
CA ILE A 1285 5.26 -10.72 -31.54
C ILE A 1285 5.79 -10.04 -32.80
N PRO A 1286 6.47 -8.90 -32.65
CA PRO A 1286 7.19 -8.21 -33.72
C PRO A 1286 8.56 -8.85 -33.96
N VAL A 1287 9.07 -8.75 -35.19
CA VAL A 1287 10.41 -9.21 -35.45
C VAL A 1287 11.37 -8.34 -34.67
N ASP A 1288 12.29 -8.97 -33.95
CA ASP A 1288 13.22 -8.26 -33.07
C ASP A 1288 14.65 -8.79 -33.23
N ASP A 1289 15.61 -7.88 -33.31
CA ASP A 1289 17.00 -8.23 -33.48
C ASP A 1289 17.49 -9.16 -32.37
N GLY A 1290 16.85 -9.10 -31.21
CA GLY A 1290 17.26 -9.88 -30.07
C GLY A 1290 16.86 -11.35 -30.13
N TRP A 1291 15.95 -11.67 -31.05
CA TRP A 1291 15.50 -13.05 -31.24
C TRP A 1291 15.97 -13.59 -32.58
N GLY A 1292 15.53 -12.96 -33.67
CA GLY A 1292 16.18 -13.12 -34.96
C GLY A 1292 16.27 -14.52 -35.55
N GLU A 1293 15.14 -15.16 -35.79
CA GLU A 1293 15.12 -16.33 -36.66
C GLU A 1293 14.85 -15.85 -38.08
N ARG A 1294 14.73 -16.79 -39.03
CA ARG A 1294 14.50 -16.44 -40.43
C ARG A 1294 13.00 -16.43 -40.81
N PRO A 1295 12.43 -15.24 -41.02
CA PRO A 1295 11.02 -15.15 -41.42
C PRO A 1295 10.75 -15.79 -42.79
N MET B 3 -23.59 -37.01 -24.75
CA MET B 3 -23.94 -36.60 -26.10
C MET B 3 -24.51 -37.78 -26.87
N ASN B 4 -24.01 -38.04 -28.07
CA ASN B 4 -24.54 -39.14 -28.90
C ASN B 4 -24.06 -40.53 -28.46
N ILE B 5 -23.88 -40.68 -27.15
CA ILE B 5 -23.74 -41.99 -26.53
C ILE B 5 -25.13 -42.63 -26.53
N ASN B 6 -25.18 -43.93 -26.69
CA ASN B 6 -26.50 -44.54 -26.86
C ASN B 6 -27.37 -44.46 -25.60
N ASP B 7 -28.50 -43.78 -25.72
CA ASP B 7 -29.41 -43.48 -24.61
C ASP B 7 -30.62 -44.40 -24.51
N ASN B 8 -30.72 -45.33 -25.46
CA ASN B 8 -31.96 -46.06 -25.71
C ASN B 8 -32.15 -47.31 -24.84
N LEU B 9 -31.29 -47.49 -23.85
CA LEU B 9 -31.23 -48.73 -23.09
C LEU B 9 -31.77 -48.70 -21.65
N SER B 10 -32.32 -49.84 -21.24
CA SER B 10 -32.67 -50.10 -19.84
C SER B 10 -32.32 -51.56 -19.53
N ILE B 11 -32.32 -51.91 -18.25
CA ILE B 11 -31.96 -53.28 -17.85
C ILE B 11 -32.93 -54.32 -18.44
N ASN B 12 -34.15 -53.89 -18.75
CA ASN B 12 -35.15 -54.79 -19.33
C ASN B 12 -35.19 -54.76 -20.85
N SER B 13 -34.30 -53.99 -21.47
CA SER B 13 -34.19 -53.99 -22.93
C SER B 13 -33.99 -55.42 -23.45
N PRO B 14 -34.76 -55.80 -24.45
CA PRO B 14 -34.63 -57.16 -24.98
C PRO B 14 -33.28 -57.36 -25.66
N VAL B 15 -32.82 -58.60 -25.76
CA VAL B 15 -31.62 -58.90 -26.52
C VAL B 15 -31.93 -58.75 -28.01
N ASP B 16 -31.23 -57.83 -28.68
CA ASP B 16 -31.34 -57.69 -30.12
C ASP B 16 -30.17 -58.27 -30.91
N ASN B 17 -29.17 -58.79 -30.21
CA ASN B 17 -27.92 -59.21 -30.84
C ASN B 17 -27.15 -58.11 -31.56
N LYS B 18 -27.41 -56.85 -31.21
CA LYS B 18 -26.66 -55.73 -31.78
C LYS B 18 -26.16 -54.75 -30.71
N ASN B 19 -27.08 -54.05 -30.06
CA ASN B 19 -26.72 -53.24 -28.89
C ASN B 19 -27.00 -53.86 -27.52
N VAL B 20 -27.67 -55.01 -27.50
CA VAL B 20 -27.92 -55.72 -26.25
C VAL B 20 -27.69 -57.20 -26.45
N VAL B 21 -26.71 -57.75 -25.74
CA VAL B 21 -26.31 -59.14 -25.93
C VAL B 21 -26.18 -59.86 -24.61
N VAL B 22 -26.14 -61.18 -24.68
CA VAL B 22 -25.83 -62.00 -23.53
C VAL B 22 -24.57 -62.78 -23.89
N VAL B 23 -23.47 -62.45 -23.23
CA VAL B 23 -22.14 -62.95 -23.64
C VAL B 23 -21.38 -63.73 -22.58
N ARG B 24 -20.45 -64.56 -23.04
CA ARG B 24 -19.65 -65.41 -22.16
C ARG B 24 -18.51 -64.62 -21.55
N ALA B 25 -18.24 -64.86 -20.27
CA ALA B 25 -17.12 -64.20 -19.57
C ALA B 25 -15.85 -65.03 -19.68
N ARG B 26 -14.88 -64.51 -20.45
CA ARG B 26 -13.67 -65.27 -20.76
C ARG B 26 -14.02 -66.67 -21.23
N LYS B 27 -13.32 -67.68 -20.74
CA LYS B 27 -13.64 -69.07 -21.10
C LYS B 27 -14.53 -69.77 -20.08
N THR B 28 -15.03 -69.04 -19.09
CA THR B 28 -15.80 -69.65 -18.01
C THR B 28 -17.19 -70.13 -18.43
N ASP B 29 -17.90 -70.77 -17.50
CA ASP B 29 -19.25 -71.28 -17.76
C ASP B 29 -20.27 -70.17 -17.56
N THR B 30 -19.76 -68.98 -17.31
CA THR B 30 -20.55 -67.85 -16.83
C THR B 30 -20.89 -66.90 -17.98
N VAL B 31 -22.07 -66.32 -17.89
CA VAL B 31 -22.60 -65.48 -18.94
C VAL B 31 -23.14 -64.18 -18.34
N PHE B 32 -23.14 -63.10 -19.11
CA PHE B 32 -23.65 -61.83 -18.58
C PHE B 32 -24.23 -60.94 -19.67
N LYS B 33 -25.09 -60.01 -19.26
CA LYS B 33 -25.75 -59.13 -20.21
C LYS B 33 -24.94 -57.87 -20.38
N ALA B 34 -24.79 -57.43 -21.62
CA ALA B 34 -24.00 -56.23 -21.94
C ALA B 34 -24.74 -55.30 -22.90
N PHE B 35 -24.55 -54.00 -22.71
CA PHE B 35 -25.22 -52.99 -23.52
C PHE B 35 -24.19 -52.12 -24.21
N LYS B 36 -24.35 -51.92 -25.52
CA LYS B 36 -23.38 -51.15 -26.28
C LYS B 36 -23.77 -49.67 -26.31
N VAL B 37 -22.98 -48.85 -25.62
CA VAL B 37 -23.27 -47.42 -25.52
C VAL B 37 -22.53 -46.59 -26.57
N ALA B 38 -21.62 -47.23 -27.28
CA ALA B 38 -20.78 -46.55 -28.28
C ALA B 38 -19.94 -47.60 -28.98
N PRO B 39 -19.47 -47.30 -30.19
CA PRO B 39 -18.83 -48.37 -30.97
C PRO B 39 -17.67 -48.98 -30.18
N ASN B 40 -17.67 -50.30 -30.03
CA ASN B 40 -16.58 -50.99 -29.33
C ASN B 40 -16.56 -50.77 -27.82
N ILE B 41 -17.51 -49.99 -27.31
CA ILE B 41 -17.61 -49.71 -25.88
C ILE B 41 -18.91 -50.22 -25.24
N TRP B 42 -18.79 -51.19 -24.32
CA TRP B 42 -19.95 -51.80 -23.68
C TRP B 42 -20.02 -51.54 -22.16
N VAL B 43 -21.25 -51.55 -21.63
CA VAL B 43 -21.48 -51.50 -20.19
C VAL B 43 -22.20 -52.78 -19.76
N ALA B 44 -21.66 -53.44 -18.74
CA ALA B 44 -22.25 -54.67 -18.23
C ALA B 44 -22.64 -54.46 -16.77
N PRO B 45 -23.86 -53.97 -16.54
CA PRO B 45 -24.32 -53.48 -15.22
C PRO B 45 -24.51 -54.55 -14.15
N GLU B 46 -23.47 -55.33 -13.87
CA GLU B 46 -23.49 -56.24 -12.73
C GLU B 46 -22.13 -56.25 -12.06
N ARG B 47 -22.02 -57.00 -10.97
CA ARG B 47 -20.74 -57.19 -10.32
C ARG B 47 -19.77 -57.86 -11.28
N TYR B 48 -18.49 -57.53 -11.18
CA TYR B 48 -17.48 -58.22 -11.98
C TYR B 48 -17.59 -59.72 -11.69
N TYR B 49 -17.56 -60.53 -12.74
CA TYR B 49 -17.77 -61.98 -12.63
C TYR B 49 -16.57 -62.68 -12.03
N GLY B 50 -15.39 -62.09 -12.20
CA GLY B 50 -14.13 -62.77 -11.94
C GLY B 50 -13.71 -62.90 -10.49
N GLU B 51 -14.36 -62.15 -9.62
CA GLU B 51 -14.00 -62.14 -8.21
C GLU B 51 -15.17 -62.58 -7.37
N SER B 52 -14.92 -63.48 -6.43
CA SER B 52 -15.96 -63.93 -5.52
C SER B 52 -16.47 -62.74 -4.71
N LEU B 53 -17.77 -62.69 -4.48
CA LEU B 53 -18.40 -61.58 -3.75
C LEU B 53 -18.26 -61.74 -2.25
N SER B 54 -18.19 -62.98 -1.80
CA SER B 54 -17.95 -63.27 -0.39
C SER B 54 -16.53 -63.77 -0.22
N ILE B 55 -15.73 -63.03 0.54
CA ILE B 55 -14.34 -63.44 0.74
C ILE B 55 -14.01 -63.62 2.23
N ASP B 56 -12.99 -64.41 2.52
CA ASP B 56 -12.58 -64.66 3.90
C ASP B 56 -12.18 -63.35 4.58
N GLU B 57 -12.42 -63.29 5.89
CA GLU B 57 -12.11 -62.08 6.65
C GLU B 57 -10.65 -61.70 6.52
N GLU B 58 -9.78 -62.70 6.43
CA GLU B 58 -8.35 -62.47 6.36
C GLU B 58 -7.95 -61.71 5.10
N TYR B 59 -8.75 -61.85 4.04
CA TYR B 59 -8.39 -61.24 2.75
C TYR B 59 -9.05 -59.89 2.46
N LYS B 60 -9.88 -59.40 3.40
CA LYS B 60 -10.52 -58.10 3.21
C LYS B 60 -9.53 -56.98 3.45
N VAL B 61 -9.37 -56.12 2.45
CA VAL B 61 -8.42 -55.02 2.53
C VAL B 61 -8.90 -53.82 3.34
N ASP B 62 -7.96 -53.09 3.93
CA ASP B 62 -8.30 -51.91 4.72
C ASP B 62 -9.04 -50.89 3.87
N GLY B 63 -10.08 -50.30 4.43
CA GLY B 63 -10.84 -49.26 3.75
C GLY B 63 -11.86 -49.81 2.77
N GLY B 64 -11.95 -51.13 2.68
CA GLY B 64 -12.88 -51.75 1.77
C GLY B 64 -14.28 -51.89 2.34
N ILE B 65 -15.27 -51.91 1.45
CA ILE B 65 -16.64 -52.22 1.83
C ILE B 65 -17.10 -53.47 1.07
N TYR B 66 -17.49 -54.51 1.79
CA TYR B 66 -17.88 -55.77 1.17
C TYR B 66 -19.37 -56.09 1.33
N ASP B 67 -20.10 -56.09 0.23
CA ASP B 67 -21.53 -56.42 0.24
C ASP B 67 -21.90 -57.37 -0.92
N SER B 68 -22.29 -58.59 -0.61
CA SER B 68 -22.57 -59.55 -1.67
C SER B 68 -23.92 -59.30 -2.34
N ASN B 69 -24.81 -58.59 -1.66
CA ASN B 69 -26.13 -58.28 -2.18
C ASN B 69 -26.22 -56.91 -2.89
N PHE B 70 -25.08 -56.25 -3.04
CA PHE B 70 -25.02 -54.98 -3.77
C PHE B 70 -25.02 -55.22 -5.28
N LEU B 71 -25.88 -54.50 -6.00
CA LEU B 71 -26.10 -54.72 -7.44
C LEU B 71 -26.70 -56.09 -7.76
N SER B 72 -27.45 -56.67 -6.82
CA SER B 72 -28.18 -57.92 -7.05
C SER B 72 -29.56 -57.74 -7.73
N GLN B 73 -30.25 -56.67 -7.33
CA GLN B 73 -31.60 -56.38 -7.82
C GLN B 73 -31.61 -55.65 -9.16
N ASP B 74 -32.68 -55.89 -9.93
CA ASP B 74 -32.87 -55.28 -11.24
C ASP B 74 -32.94 -53.76 -11.12
N SER B 75 -33.60 -53.28 -10.07
CA SER B 75 -33.69 -51.85 -9.82
C SER B 75 -32.29 -51.22 -9.71
N GLU B 76 -31.41 -51.87 -8.95
CA GLU B 76 -30.05 -51.40 -8.78
C GLU B 76 -29.30 -51.45 -10.10
N LYS B 77 -29.47 -52.55 -10.83
CA LYS B 77 -28.75 -52.72 -12.09
C LYS B 77 -29.07 -51.63 -13.09
N ASP B 78 -30.34 -51.28 -13.21
CA ASP B 78 -30.73 -50.22 -14.12
C ASP B 78 -30.13 -48.89 -13.68
N LYS B 79 -30.31 -48.55 -12.40
CA LYS B 79 -29.74 -47.33 -11.85
C LYS B 79 -28.26 -47.26 -12.20
N PHE B 80 -27.57 -48.39 -12.10
CA PHE B 80 -26.17 -48.46 -12.49
C PHE B 80 -26.01 -48.13 -13.96
N LEU B 81 -26.70 -48.88 -14.81
CA LEU B 81 -26.58 -48.70 -16.26
C LEU B 81 -26.83 -47.27 -16.69
N GLN B 82 -27.85 -46.64 -16.09
CA GLN B 82 -28.16 -45.24 -16.39
C GLN B 82 -27.07 -44.33 -15.87
N ALA B 83 -26.53 -44.65 -14.69
CA ALA B 83 -25.48 -43.82 -14.08
C ALA B 83 -24.24 -43.76 -14.96
N ILE B 84 -23.77 -44.92 -15.42
CA ILE B 84 -22.63 -44.95 -16.32
C ILE B 84 -22.92 -44.18 -17.62
N ILE B 85 -24.06 -44.48 -18.24
CA ILE B 85 -24.50 -43.76 -19.41
C ILE B 85 -24.47 -42.25 -19.16
N THR B 86 -24.89 -41.84 -17.96
CA THR B 86 -24.88 -40.43 -17.59
C THR B 86 -23.45 -39.89 -17.54
N LEU B 87 -22.53 -40.65 -16.96
CA LEU B 87 -21.14 -40.21 -16.82
C LEU B 87 -20.42 -40.15 -18.18
N LEU B 88 -20.65 -41.15 -19.02
CA LEU B 88 -20.09 -41.17 -20.36
C LEU B 88 -20.62 -39.98 -21.15
N LYS B 89 -21.85 -39.59 -20.87
CA LYS B 89 -22.46 -38.45 -21.55
C LYS B 89 -21.75 -37.17 -21.16
N ARG B 90 -21.46 -37.02 -19.87
CA ARG B 90 -20.74 -35.85 -19.38
C ARG B 90 -19.34 -35.74 -19.98
N ILE B 91 -18.64 -36.86 -20.01
CA ILE B 91 -17.29 -36.94 -20.58
C ILE B 91 -17.30 -36.61 -22.07
N ASN B 92 -18.32 -37.08 -22.77
CA ASN B 92 -18.44 -36.89 -24.21
C ASN B 92 -18.91 -35.48 -24.55
N SER B 93 -19.41 -34.78 -23.53
CA SER B 93 -19.98 -33.45 -23.72
C SER B 93 -18.94 -32.32 -23.67
N THR B 94 -17.69 -32.69 -23.47
CA THR B 94 -16.57 -31.76 -23.48
C THR B 94 -15.54 -32.23 -24.51
N ASN B 95 -15.02 -31.31 -25.32
CA ASN B 95 -14.16 -31.72 -26.43
C ASN B 95 -13.05 -32.68 -26.03
N ALA B 96 -12.40 -32.41 -24.90
CA ALA B 96 -11.32 -33.24 -24.43
C ALA B 96 -11.76 -34.69 -24.23
N GLY B 97 -12.77 -34.90 -23.40
CA GLY B 97 -13.28 -36.23 -23.13
C GLY B 97 -13.99 -36.87 -24.31
N GLU B 98 -14.49 -36.05 -25.23
CA GLU B 98 -15.07 -36.56 -26.44
C GLU B 98 -13.99 -37.20 -27.29
N LYS B 99 -12.83 -36.55 -27.34
CA LYS B 99 -11.67 -37.11 -28.03
C LYS B 99 -11.20 -38.40 -27.37
N LEU B 100 -11.17 -38.41 -26.05
CA LEU B 100 -10.73 -39.59 -25.32
C LEU B 100 -11.58 -40.81 -25.68
N LEU B 101 -12.89 -40.65 -25.64
CA LEU B 101 -13.81 -41.73 -25.98
C LEU B 101 -13.68 -42.15 -27.44
N SER B 102 -13.67 -41.18 -28.35
CA SER B 102 -13.39 -41.43 -29.76
C SER B 102 -12.09 -42.23 -29.99
N LEU B 103 -11.01 -41.85 -29.30
CA LEU B 103 -9.74 -42.56 -29.45
C LEU B 103 -9.87 -44.01 -28.98
N ILE B 104 -10.44 -44.17 -27.80
CA ILE B 104 -10.65 -45.49 -27.20
C ILE B 104 -11.49 -46.35 -28.12
N SER B 105 -12.47 -45.74 -28.76
CA SER B 105 -13.34 -46.42 -29.71
C SER B 105 -12.58 -47.00 -30.91
N THR B 106 -11.61 -46.23 -31.43
CA THR B 106 -10.87 -46.61 -32.64
C THR B 106 -9.57 -47.34 -32.30
N ALA B 107 -9.37 -47.59 -31.01
CA ALA B 107 -8.10 -48.05 -30.49
C ALA B 107 -7.96 -49.57 -30.58
N ILE B 108 -8.80 -50.20 -31.38
CA ILE B 108 -8.91 -51.65 -31.40
C ILE B 108 -7.52 -52.26 -31.44
N PRO B 109 -7.33 -53.37 -30.69
CA PRO B 109 -6.05 -54.07 -30.63
C PRO B 109 -5.61 -54.54 -32.02
N PHE B 110 -4.33 -54.76 -32.21
CA PHE B 110 -3.81 -55.24 -33.48
C PHE B 110 -4.32 -56.66 -33.69
N PRO B 111 -4.78 -56.97 -34.91
CA PRO B 111 -5.26 -58.31 -35.23
C PRO B 111 -4.09 -59.25 -35.49
N TYR B 112 -4.31 -60.56 -35.37
CA TYR B 112 -3.30 -61.54 -35.75
C TYR B 112 -3.39 -61.83 -37.26
N GLY B 113 -2.47 -62.66 -37.76
CA GLY B 113 -2.40 -62.90 -39.20
C GLY B 113 -3.07 -64.18 -39.66
N TYR B 114 -3.05 -64.42 -40.98
CA TYR B 114 -3.60 -65.65 -41.54
C TYR B 114 -2.89 -66.86 -40.94
N ILE B 115 -3.65 -67.78 -40.36
CA ILE B 115 -3.08 -68.97 -39.75
C ILE B 115 -1.87 -68.64 -38.85
N GLY B 151 -9.76 -63.31 -43.12
CA GLY B 151 -8.38 -63.76 -43.08
C GLY B 151 -7.68 -63.44 -41.78
N TYR B 152 -7.58 -62.15 -41.45
CA TYR B 152 -6.99 -61.70 -40.20
C TYR B 152 -7.95 -61.99 -39.05
N ARG B 153 -7.40 -62.32 -37.88
CA ARG B 153 -8.22 -62.71 -36.73
C ARG B 153 -8.17 -61.70 -35.58
N GLU B 154 -9.31 -61.08 -35.27
CA GLU B 154 -9.40 -60.09 -34.19
C GLU B 154 -9.45 -60.72 -32.80
N THR B 155 -8.80 -60.07 -31.84
CA THR B 155 -8.86 -60.54 -30.46
C THR B 155 -9.85 -59.76 -29.60
N ASN B 156 -10.45 -58.70 -30.13
CA ASN B 156 -11.36 -57.94 -29.29
C ASN B 156 -12.81 -58.20 -29.68
N TYR B 157 -13.43 -59.10 -28.95
CA TYR B 157 -14.82 -59.43 -29.21
C TYR B 157 -15.39 -60.15 -28.00
N LEU B 158 -16.69 -60.09 -27.86
CA LEU B 158 -17.40 -60.86 -26.85
C LEU B 158 -18.05 -62.02 -27.59
N SER B 159 -18.07 -63.18 -26.97
CA SER B 159 -18.71 -64.35 -27.57
C SER B 159 -20.13 -64.54 -27.05
N SER B 160 -21.05 -64.85 -27.96
CA SER B 160 -22.38 -65.27 -27.57
C SER B 160 -22.28 -66.61 -26.87
N GLU B 161 -23.27 -66.94 -26.04
CA GLU B 161 -23.24 -68.17 -25.28
C GLU B 161 -23.16 -69.41 -26.17
N ASP B 162 -23.85 -69.37 -27.32
CA ASP B 162 -23.85 -70.49 -28.25
C ASP B 162 -22.56 -70.52 -29.06
N ASN B 163 -21.76 -69.47 -28.91
CA ASN B 163 -20.46 -69.40 -29.53
C ASN B 163 -20.50 -69.39 -31.06
N LYS B 164 -21.64 -69.01 -31.62
CA LYS B 164 -21.73 -68.69 -33.06
C LYS B 164 -21.78 -67.20 -33.44
N SER B 165 -21.71 -66.31 -32.45
CA SER B 165 -21.80 -64.88 -32.73
C SER B 165 -20.79 -64.10 -31.90
N PHE B 166 -20.16 -63.09 -32.52
CA PHE B 166 -19.09 -62.36 -31.87
C PHE B 166 -19.25 -60.85 -32.05
N TYR B 167 -19.07 -60.11 -30.96
CA TYR B 167 -19.36 -58.69 -30.96
C TYR B 167 -18.10 -57.88 -30.66
N ALA B 168 -17.79 -56.90 -31.50
CA ALA B 168 -16.56 -56.13 -31.32
C ALA B 168 -16.62 -55.33 -30.04
N SER B 169 -15.60 -55.49 -29.19
CA SER B 169 -15.48 -54.63 -28.01
C SER B 169 -14.03 -54.31 -27.64
N ASN B 170 -13.74 -53.02 -27.49
CA ASN B 170 -12.49 -52.62 -26.88
C ASN B 170 -12.59 -52.57 -25.36
N ILE B 171 -13.71 -52.04 -24.88
CA ILE B 171 -13.90 -51.72 -23.48
C ILE B 171 -15.22 -52.26 -22.94
N VAL B 172 -15.18 -52.88 -21.76
CA VAL B 172 -16.41 -53.28 -21.08
C VAL B 172 -16.40 -52.79 -19.65
N ILE B 173 -17.44 -52.04 -19.28
CA ILE B 173 -17.52 -51.44 -17.96
C ILE B 173 -18.45 -52.20 -17.03
N PHE B 174 -17.87 -52.86 -16.03
CA PHE B 174 -18.64 -53.61 -15.03
C PHE B 174 -18.84 -52.81 -13.76
N GLY B 175 -19.58 -53.38 -12.83
CA GLY B 175 -19.66 -52.83 -11.50
C GLY B 175 -18.49 -53.40 -10.72
N PRO B 176 -18.40 -53.06 -9.43
CA PRO B 176 -17.28 -53.44 -8.57
C PRO B 176 -17.10 -54.94 -8.46
N GLY B 177 -15.92 -55.34 -8.01
CA GLY B 177 -15.66 -56.70 -7.60
C GLY B 177 -16.07 -56.86 -6.14
N ALA B 178 -15.36 -57.71 -5.40
CA ALA B 178 -15.66 -57.94 -3.99
C ALA B 178 -15.75 -56.64 -3.20
N ASN B 179 -14.68 -55.85 -3.25
CA ASN B 179 -14.64 -54.57 -2.56
C ASN B 179 -15.38 -53.54 -3.40
N ILE B 180 -16.43 -52.95 -2.85
CA ILE B 180 -17.33 -52.14 -3.68
C ILE B 180 -16.97 -50.65 -3.76
N VAL B 181 -15.94 -50.24 -3.03
CA VAL B 181 -15.39 -48.90 -3.20
C VAL B 181 -14.10 -48.81 -4.04
N GLU B 182 -13.60 -49.94 -4.51
CA GLU B 182 -12.36 -49.95 -5.29
C GLU B 182 -12.57 -50.12 -6.79
N ASN B 183 -12.30 -49.06 -7.55
CA ASN B 183 -12.32 -49.15 -9.01
C ASN B 183 -11.12 -49.94 -9.49
N ASN B 184 -11.20 -50.45 -10.71
CA ASN B 184 -10.13 -51.26 -11.25
C ASN B 184 -10.14 -51.28 -12.78
N THR B 185 -8.98 -51.55 -13.37
CA THR B 185 -8.85 -51.67 -14.81
C THR B 185 -8.01 -52.92 -15.07
N VAL B 186 -8.59 -53.90 -15.74
CA VAL B 186 -7.85 -55.13 -16.01
C VAL B 186 -7.75 -55.40 -17.50
N PHE B 187 -6.79 -56.24 -17.87
CA PHE B 187 -6.56 -56.57 -19.26
C PHE B 187 -7.10 -57.95 -19.57
N TYR B 188 -7.55 -58.14 -20.80
CA TYR B 188 -8.12 -59.43 -21.20
C TYR B 188 -7.03 -60.49 -21.27
N LYS B 189 -5.89 -60.12 -21.86
CA LYS B 189 -4.75 -61.01 -22.01
C LYS B 189 -3.47 -60.27 -21.71
N LYS B 190 -2.75 -60.69 -20.67
CA LYS B 190 -1.53 -59.99 -20.25
C LYS B 190 -0.55 -59.87 -21.41
N GLU B 191 -0.24 -60.98 -22.04
CA GLU B 191 0.70 -61.01 -23.16
C GLU B 191 0.40 -59.93 -24.21
N ASP B 192 -0.86 -59.84 -24.63
CA ASP B 192 -1.27 -58.87 -25.64
C ASP B 192 -1.24 -57.44 -25.13
N ALA B 193 -1.25 -57.28 -23.81
CA ALA B 193 -1.16 -55.96 -23.23
C ALA B 193 0.29 -55.49 -23.14
N GLU B 194 1.23 -56.43 -23.12
CA GLU B 194 2.65 -56.07 -23.08
C GLU B 194 3.41 -56.08 -24.42
N ASN B 195 2.85 -56.70 -25.45
CA ASN B 195 3.59 -56.97 -26.69
C ASN B 195 3.39 -56.05 -27.90
N GLY B 196 2.58 -55.00 -27.75
CA GLY B 196 2.31 -54.11 -28.86
C GLY B 196 1.07 -54.41 -29.67
N MET B 197 0.52 -55.62 -29.54
CA MET B 197 -0.75 -55.96 -30.18
C MET B 197 -1.88 -55.15 -29.57
N GLY B 198 -2.04 -55.28 -28.25
CA GLY B 198 -3.12 -54.64 -27.54
C GLY B 198 -4.16 -55.68 -27.12
N THR B 199 -4.89 -55.38 -26.06
CA THR B 199 -5.86 -56.32 -25.54
C THR B 199 -7.11 -55.60 -25.06
N MET B 200 -8.23 -56.32 -25.04
CA MET B 200 -9.48 -55.76 -24.55
C MET B 200 -9.31 -55.38 -23.08
N THR B 201 -10.08 -54.40 -22.63
CA THR B 201 -9.98 -53.93 -21.26
C THR B 201 -11.32 -54.00 -20.53
N GLU B 202 -11.30 -54.58 -19.33
CA GLU B 202 -12.47 -54.63 -18.47
C GLU B 202 -12.27 -53.61 -17.37
N ILE B 203 -13.33 -52.90 -17.02
CA ILE B 203 -13.28 -51.88 -15.97
C ILE B 203 -14.28 -52.22 -14.88
N TRP B 204 -13.87 -52.09 -13.63
CA TRP B 204 -14.78 -52.23 -12.50
C TRP B 204 -15.01 -50.84 -11.96
N PHE B 205 -16.26 -50.36 -11.97
CA PHE B 205 -16.53 -49.01 -11.51
C PHE B 205 -17.66 -48.89 -10.48
N GLN B 206 -17.60 -47.82 -9.68
CA GLN B 206 -18.55 -47.57 -8.59
C GLN B 206 -19.07 -46.14 -8.65
N PRO B 207 -20.19 -45.93 -9.38
CA PRO B 207 -20.81 -44.62 -9.59
C PRO B 207 -21.58 -44.11 -8.38
N PHE B 208 -21.93 -44.99 -7.44
CA PHE B 208 -22.88 -44.62 -6.37
C PHE B 208 -22.30 -44.10 -5.07
N LEU B 209 -21.00 -44.24 -4.88
CA LEU B 209 -20.37 -43.71 -3.68
C LEU B 209 -19.26 -42.74 -4.05
N THR B 210 -19.10 -41.73 -3.22
CA THR B 210 -18.03 -40.76 -3.38
C THR B 210 -17.62 -40.35 -1.98
N TYR B 211 -16.48 -39.68 -1.86
CA TYR B 211 -16.04 -39.22 -0.55
C TYR B 211 -15.62 -37.77 -0.66
N LYS B 212 -15.52 -37.10 0.48
CA LYS B 212 -15.10 -35.71 0.51
C LYS B 212 -13.58 -35.63 0.74
N TYR B 213 -12.90 -34.78 -0.02
CA TYR B 213 -11.49 -34.49 0.21
C TYR B 213 -11.37 -32.98 0.37
N ASP B 214 -11.04 -32.54 1.57
CA ASP B 214 -11.10 -31.13 1.92
C ASP B 214 -12.53 -30.63 1.75
N GLU B 215 -12.68 -29.64 0.88
CA GLU B 215 -13.97 -28.97 0.73
C GLU B 215 -14.83 -29.52 -0.41
N PHE B 216 -14.35 -30.53 -1.12
CA PHE B 216 -15.04 -30.97 -2.32
C PHE B 216 -15.30 -32.48 -2.41
N TYR B 217 -16.34 -32.87 -3.15
CA TYR B 217 -16.62 -34.27 -3.39
C TYR B 217 -15.89 -34.74 -4.64
N ILE B 218 -15.34 -35.94 -4.55
CA ILE B 218 -14.72 -36.55 -5.72
C ILE B 218 -15.77 -36.69 -6.82
N ASP B 219 -15.39 -36.34 -8.04
CA ASP B 219 -16.30 -36.42 -9.17
C ASP B 219 -16.08 -37.76 -9.90
N PRO B 220 -17.08 -38.67 -9.81
CA PRO B 220 -16.93 -40.01 -10.41
C PRO B 220 -16.55 -39.93 -11.87
N ALA B 221 -16.88 -38.81 -12.52
CA ALA B 221 -16.59 -38.65 -13.94
C ALA B 221 -15.08 -38.70 -14.18
N ILE B 222 -14.33 -38.04 -13.30
CA ILE B 222 -12.87 -38.04 -13.44
C ILE B 222 -12.31 -39.39 -12.98
N GLU B 223 -12.95 -40.01 -11.99
CA GLU B 223 -12.56 -41.34 -11.54
C GLU B 223 -12.66 -42.38 -12.65
N LEU B 224 -13.67 -42.21 -13.51
CA LEU B 224 -13.86 -43.11 -14.64
C LEU B 224 -12.88 -42.79 -15.77
N ILE B 225 -12.62 -41.50 -15.97
CA ILE B 225 -11.65 -41.06 -16.96
C ILE B 225 -10.27 -41.62 -16.67
N LYS B 226 -9.96 -41.79 -15.38
CA LYS B 226 -8.71 -42.40 -14.96
C LYS B 226 -8.62 -43.85 -15.44
N CYS B 227 -9.70 -44.60 -15.24
CA CYS B 227 -9.77 -45.98 -15.68
C CYS B 227 -9.67 -46.06 -17.20
N LEU B 228 -10.29 -45.11 -17.87
CA LEU B 228 -10.27 -45.06 -19.32
C LEU B 228 -8.89 -44.75 -19.86
N ILE B 229 -8.20 -43.79 -19.25
CA ILE B 229 -6.85 -43.47 -19.70
C ILE B 229 -5.94 -44.69 -19.58
N LYS B 230 -6.04 -45.40 -18.46
CA LYS B 230 -5.19 -46.56 -18.25
C LYS B 230 -5.43 -47.64 -19.30
N SER B 231 -6.65 -47.71 -19.82
CA SER B 231 -6.96 -48.75 -20.80
C SER B 231 -6.23 -48.50 -22.12
N LEU B 232 -5.87 -47.23 -22.34
CA LEU B 232 -5.10 -46.86 -23.52
C LEU B 232 -3.80 -47.66 -23.56
N TYR B 233 -3.18 -47.81 -22.40
CA TYR B 233 -1.95 -48.60 -22.28
C TYR B 233 -2.20 -50.05 -22.67
N PHE B 234 -3.34 -50.58 -22.26
CA PHE B 234 -3.70 -51.97 -22.57
C PHE B 234 -4.10 -52.15 -24.03
N LEU B 235 -4.84 -51.19 -24.57
CA LEU B 235 -5.28 -51.27 -25.96
C LEU B 235 -4.10 -51.18 -26.95
N TYR B 236 -3.07 -50.42 -26.57
CA TYR B 236 -1.90 -50.25 -27.43
C TYR B 236 -0.84 -51.34 -27.25
N GLY B 237 -0.98 -52.11 -26.17
CA GLY B 237 -0.03 -53.17 -25.87
C GLY B 237 1.26 -52.64 -25.28
N ILE B 238 1.16 -51.45 -24.69
CA ILE B 238 2.30 -50.78 -24.06
C ILE B 238 2.40 -50.94 -22.54
N LYS B 239 1.56 -51.79 -21.94
CA LYS B 239 1.66 -52.01 -20.50
C LYS B 239 3.09 -52.39 -20.10
N PRO B 240 3.69 -51.61 -19.20
CA PRO B 240 5.05 -51.81 -18.68
C PRO B 240 5.12 -53.04 -17.78
N SER B 241 6.33 -53.52 -17.54
CA SER B 241 6.54 -54.62 -16.63
C SER B 241 5.98 -54.24 -15.26
N ASP B 242 5.51 -55.23 -14.52
CA ASP B 242 4.98 -54.95 -13.20
C ASP B 242 6.09 -54.43 -12.32
N ASP B 243 7.33 -54.66 -12.75
CA ASP B 243 8.51 -54.28 -11.98
C ASP B 243 9.01 -52.87 -12.25
N LEU B 244 8.38 -52.16 -13.18
CA LEU B 244 8.85 -50.83 -13.48
C LEU B 244 8.15 -49.89 -12.53
N VAL B 245 8.88 -49.49 -11.52
CA VAL B 245 8.28 -48.92 -10.33
C VAL B 245 9.19 -47.84 -9.76
N ILE B 246 8.59 -46.71 -9.38
CA ILE B 246 9.37 -45.62 -8.79
C ILE B 246 8.99 -45.37 -7.34
N PRO B 247 9.91 -44.79 -6.57
CA PRO B 247 9.60 -44.46 -5.17
C PRO B 247 8.53 -43.38 -5.08
N TYR B 248 7.54 -43.63 -4.24
CA TYR B 248 6.35 -42.79 -4.12
C TYR B 248 6.35 -42.06 -2.80
N ARG B 249 6.44 -42.83 -1.71
CA ARG B 249 6.34 -42.28 -0.38
C ARG B 249 7.27 -43.02 0.59
N LEU B 250 8.10 -42.28 1.33
CA LEU B 250 8.88 -42.89 2.40
C LEU B 250 7.93 -43.18 3.54
N ARG B 251 8.00 -44.37 4.12
CA ARG B 251 7.05 -44.68 5.16
C ARG B 251 7.67 -44.24 6.47
N SER B 252 7.30 -43.06 6.90
CA SER B 252 7.99 -42.38 7.99
C SER B 252 7.30 -42.73 9.29
N GLU B 253 6.23 -43.52 9.17
CA GLU B 253 5.48 -44.03 10.31
C GLU B 253 6.19 -45.22 10.92
N LEU B 254 6.94 -45.94 10.09
CA LEU B 254 7.60 -47.18 10.51
C LEU B 254 9.00 -46.97 11.12
N GLU B 255 9.32 -47.78 12.13
CA GLU B 255 10.61 -47.69 12.80
C GLU B 255 11.77 -47.90 11.83
N ASN B 256 11.56 -48.81 10.88
CA ASN B 256 12.60 -49.12 9.91
C ASN B 256 12.47 -48.28 8.64
N ILE B 257 13.43 -48.45 7.74
CA ILE B 257 13.44 -47.72 6.48
C ILE B 257 12.72 -48.51 5.42
N GLU B 258 11.58 -47.99 4.95
CA GLU B 258 10.79 -48.69 3.96
C GLU B 258 10.03 -47.69 3.05
N TYR B 259 10.00 -47.98 1.75
CA TYR B 259 9.32 -47.09 0.83
C TYR B 259 8.05 -47.71 0.26
N SER B 260 7.09 -46.87 -0.09
CA SER B 260 5.98 -47.32 -0.92
C SER B 260 6.33 -47.05 -2.37
N GLN B 261 6.00 -47.99 -3.24
CA GLN B 261 6.31 -47.82 -4.64
C GLN B 261 5.04 -47.74 -5.51
N LEU B 262 5.18 -47.14 -6.68
CA LEU B 262 4.06 -46.99 -7.59
C LEU B 262 4.56 -47.33 -8.98
N ASN B 263 3.77 -48.10 -9.72
CA ASN B 263 4.13 -48.48 -11.06
C ASN B 263 4.08 -47.25 -11.94
N ILE B 264 5.01 -47.17 -12.89
CA ILE B 264 5.07 -46.05 -13.80
C ILE B 264 3.70 -45.71 -14.43
N VAL B 265 2.94 -46.74 -14.81
CA VAL B 265 1.62 -46.51 -15.44
C VAL B 265 0.73 -45.62 -14.59
N ASP B 266 0.59 -45.99 -13.32
CA ASP B 266 -0.31 -45.29 -12.41
C ASP B 266 0.18 -43.87 -12.10
N LEU B 267 1.48 -43.70 -12.06
CA LEU B 267 2.04 -42.39 -11.81
C LEU B 267 1.71 -41.46 -12.96
N LEU B 268 1.90 -41.94 -14.19
CA LEU B 268 1.70 -41.12 -15.37
C LEU B 268 0.23 -40.79 -15.61
N VAL B 269 -0.66 -41.73 -15.31
CA VAL B 269 -2.11 -41.54 -15.45
C VAL B 269 -2.76 -40.68 -14.36
N SER B 270 -2.34 -40.89 -13.11
CA SER B 270 -3.06 -40.36 -11.94
C SER B 270 -2.96 -38.85 -11.72
N GLY B 271 -2.02 -38.19 -12.41
CA GLY B 271 -1.86 -36.76 -12.31
C GLY B 271 -1.51 -36.28 -10.91
N GLY B 272 -1.78 -35.00 -10.65
CA GLY B 272 -1.36 -34.36 -9.42
C GLY B 272 0.04 -33.75 -9.55
N ILE B 273 0.65 -33.45 -8.43
CA ILE B 273 2.01 -32.90 -8.43
C ILE B 273 3.11 -33.96 -8.59
N ASP B 274 2.90 -35.11 -7.95
CA ASP B 274 3.92 -36.16 -7.86
C ASP B 274 4.69 -36.41 -9.16
N PRO B 275 3.98 -36.59 -10.28
CA PRO B 275 4.64 -36.83 -11.57
C PRO B 275 5.66 -35.77 -12.03
N LYS B 276 5.54 -34.53 -11.56
CA LYS B 276 6.45 -33.47 -12.02
C LYS B 276 7.88 -33.81 -11.63
N PHE B 277 8.03 -34.69 -10.64
CA PHE B 277 9.33 -35.09 -10.15
C PHE B 277 10.01 -36.20 -10.95
N ILE B 278 9.21 -37.14 -11.45
CA ILE B 278 9.71 -38.18 -12.35
C ILE B 278 9.82 -37.72 -13.80
N ASN B 279 8.81 -36.97 -14.27
CA ASN B 279 8.78 -36.57 -15.66
C ASN B 279 9.44 -35.21 -15.77
N THR B 280 10.66 -35.18 -16.28
CA THR B 280 11.46 -33.96 -16.19
C THR B 280 12.26 -33.69 -17.45
N ASP B 281 12.75 -32.47 -17.57
CA ASP B 281 13.49 -32.02 -18.75
C ASP B 281 14.82 -31.33 -18.42
N PRO B 282 15.93 -32.07 -18.48
CA PRO B 282 16.07 -33.45 -18.99
C PRO B 282 15.61 -34.50 -18.00
N TYR B 283 15.35 -35.70 -18.52
CA TYR B 283 14.94 -36.84 -17.70
C TYR B 283 16.11 -37.36 -16.88
N TRP B 284 15.91 -37.51 -15.58
CA TRP B 284 16.91 -38.15 -14.73
C TRP B 284 16.58 -39.64 -14.54
N PHE B 285 15.38 -40.04 -14.93
CA PHE B 285 14.96 -41.43 -14.77
C PHE B 285 14.55 -42.05 -16.08
N THR B 286 15.14 -43.20 -16.41
CA THR B 286 14.71 -43.95 -17.58
C THR B 286 14.65 -45.46 -17.40
N ASP B 287 14.43 -46.14 -18.52
CA ASP B 287 14.22 -47.57 -18.54
C ASP B 287 14.07 -47.94 -20.00
N ASN B 288 14.33 -49.19 -20.33
CA ASN B 288 14.31 -49.61 -21.72
C ASN B 288 12.88 -49.64 -22.20
N TYR B 289 11.97 -49.67 -21.23
CA TYR B 289 10.56 -49.73 -21.53
C TYR B 289 10.13 -48.68 -22.54
N PHE B 290 10.59 -47.45 -22.35
CA PHE B 290 10.12 -46.34 -23.17
C PHE B 290 10.65 -46.44 -24.58
N SER B 291 11.96 -46.62 -24.71
CA SER B 291 12.60 -46.71 -26.01
C SER B 291 12.10 -47.94 -26.78
N ASN B 292 11.83 -49.01 -26.06
CA ASN B 292 11.37 -50.26 -26.69
C ASN B 292 9.90 -50.20 -27.11
N ALA B 293 9.06 -49.61 -26.26
CA ALA B 293 7.66 -49.44 -26.59
C ALA B 293 7.55 -48.63 -27.88
N LYS B 294 8.34 -47.57 -27.96
CA LYS B 294 8.35 -46.72 -29.15
C LYS B 294 8.79 -47.55 -30.35
N LYS B 295 9.69 -48.49 -30.12
CA LYS B 295 10.23 -49.34 -31.18
C LYS B 295 9.18 -50.29 -31.74
N VAL B 296 8.56 -51.08 -30.86
CA VAL B 296 7.55 -52.05 -31.26
C VAL B 296 6.34 -51.35 -31.90
N PHE B 297 6.01 -50.17 -31.40
CA PHE B 297 4.93 -49.38 -31.97
C PHE B 297 5.17 -49.13 -33.45
N GLU B 298 6.40 -48.77 -33.79
CA GLU B 298 6.79 -48.51 -35.17
C GLU B 298 6.74 -49.79 -36.01
N ASP B 299 7.12 -50.89 -35.39
CA ASP B 299 7.04 -52.19 -36.06
C ASP B 299 5.61 -52.42 -36.51
N HIS B 300 4.68 -52.29 -35.56
CA HIS B 300 3.26 -52.51 -35.85
C HIS B 300 2.69 -51.48 -36.82
N ARG B 301 3.08 -50.22 -36.68
CA ARG B 301 2.68 -49.22 -37.67
C ARG B 301 3.08 -49.68 -39.06
N ASN B 302 4.32 -50.17 -39.18
CA ASN B 302 4.86 -50.61 -40.45
C ASN B 302 4.11 -51.79 -41.06
N ILE B 303 3.87 -52.80 -40.25
CA ILE B 303 3.04 -53.93 -40.67
C ILE B 303 1.70 -53.43 -41.23
N TYR B 304 1.12 -52.45 -40.57
CA TYR B 304 -0.10 -51.81 -41.08
C TYR B 304 0.11 -51.11 -42.43
N GLU B 305 1.06 -50.15 -42.45
CA GLU B 305 1.31 -49.34 -43.64
C GLU B 305 1.51 -50.19 -44.88
N THR B 306 2.47 -51.11 -44.82
CA THR B 306 2.84 -51.91 -45.98
C THR B 306 1.77 -52.94 -46.36
N GLU B 307 1.15 -53.55 -45.35
CA GLU B 307 0.29 -54.71 -45.59
C GLU B 307 -1.20 -54.46 -45.48
N ILE B 308 -1.66 -54.14 -44.28
CA ILE B 308 -3.09 -54.01 -44.01
C ILE B 308 -3.77 -52.89 -44.79
N GLU B 309 -3.16 -51.70 -44.81
CA GLU B 309 -3.76 -50.56 -45.52
C GLU B 309 -3.78 -50.79 -47.03
N GLY B 310 -4.96 -50.63 -47.63
CA GLY B 310 -5.10 -50.79 -49.07
C GLY B 310 -5.32 -52.25 -49.44
N ASN B 311 -5.25 -53.13 -48.45
CA ASN B 311 -5.50 -54.55 -48.67
C ASN B 311 -7.01 -54.78 -48.70
N ASN B 312 -7.52 -55.23 -49.85
CA ASN B 312 -8.96 -55.35 -50.05
C ASN B 312 -9.55 -56.57 -49.37
N ALA B 313 -8.69 -57.40 -48.79
CA ALA B 313 -9.15 -58.61 -48.13
C ALA B 313 -9.56 -58.34 -46.68
N ILE B 314 -9.49 -57.07 -46.27
CA ILE B 314 -9.66 -56.70 -44.87
C ILE B 314 -10.94 -55.92 -44.53
N GLY B 315 -11.11 -54.74 -45.12
CA GLY B 315 -12.32 -53.97 -44.94
C GLY B 315 -12.21 -52.78 -43.99
N ASN B 316 -12.97 -51.73 -44.30
CA ASN B 316 -12.81 -50.42 -43.70
C ASN B 316 -13.05 -50.32 -42.20
N ASP B 317 -14.04 -51.04 -41.69
CA ASP B 317 -14.38 -50.96 -40.28
C ASP B 317 -13.18 -51.29 -39.39
N ILE B 318 -12.21 -51.99 -39.96
CA ILE B 318 -10.99 -52.36 -39.25
C ILE B 318 -9.79 -51.49 -39.65
N LYS B 319 -9.40 -51.55 -40.92
CA LYS B 319 -8.22 -50.81 -41.35
C LYS B 319 -8.31 -49.29 -41.14
N LEU B 320 -9.50 -48.73 -41.30
CA LEU B 320 -9.70 -47.30 -41.06
C LEU B 320 -9.49 -46.97 -39.59
N ARG B 321 -10.01 -47.79 -38.71
CA ARG B 321 -9.79 -47.61 -37.28
C ARG B 321 -8.31 -47.71 -36.95
N LEU B 322 -7.66 -48.74 -37.47
CA LEU B 322 -6.22 -48.87 -37.31
C LEU B 322 -5.51 -47.60 -37.76
N LYS B 323 -5.86 -47.09 -38.94
CA LYS B 323 -5.23 -45.87 -39.43
C LYS B 323 -5.30 -44.74 -38.41
N GLN B 324 -6.39 -44.67 -37.67
CA GLN B 324 -6.57 -43.63 -36.67
C GLN B 324 -5.77 -43.95 -35.41
N LYS B 325 -5.73 -45.23 -35.05
CA LYS B 325 -4.96 -45.66 -33.88
C LYS B 325 -3.49 -45.25 -34.02
N PHE B 326 -3.02 -45.18 -35.26
CA PHE B 326 -1.62 -44.84 -35.53
C PHE B 326 -1.37 -43.38 -35.90
N ARG B 327 -2.42 -42.58 -35.97
CA ARG B 327 -2.26 -41.14 -36.11
C ARG B 327 -1.65 -40.61 -34.82
N ILE B 328 -1.83 -41.37 -33.75
CA ILE B 328 -1.29 -41.04 -32.44
C ILE B 328 0.20 -41.32 -32.34
N ASN B 329 0.84 -40.68 -31.37
CA ASN B 329 2.22 -41.00 -31.03
C ASN B 329 2.21 -41.66 -29.66
N ILE B 330 3.10 -42.62 -29.43
CA ILE B 330 3.14 -43.29 -28.13
C ILE B 330 3.34 -42.29 -27.01
N ASN B 331 4.16 -41.28 -27.26
CA ASN B 331 4.40 -40.21 -26.29
C ASN B 331 3.12 -39.52 -25.82
N ASP B 332 2.15 -39.38 -26.72
CA ASP B 332 0.88 -38.75 -26.41
C ASP B 332 0.16 -39.46 -25.26
N ILE B 333 0.27 -40.78 -25.23
CA ILE B 333 -0.36 -41.57 -24.18
C ILE B 333 0.36 -41.41 -22.83
N TRP B 334 1.69 -41.41 -22.88
CA TRP B 334 2.50 -41.18 -21.70
C TRP B 334 2.29 -39.78 -21.12
N GLU B 335 2.03 -38.80 -21.97
CA GLU B 335 1.83 -37.42 -21.55
C GLU B 335 0.40 -37.14 -21.08
N LEU B 336 -0.52 -38.06 -21.37
CA LEU B 336 -1.91 -37.88 -21.02
C LEU B 336 -2.22 -38.32 -19.59
N ASN B 337 -2.87 -37.44 -18.82
CA ASN B 337 -3.22 -37.75 -17.43
C ASN B 337 -4.33 -36.85 -16.87
N LEU B 338 -4.73 -37.16 -15.64
CA LEU B 338 -5.86 -36.49 -15.01
C LEU B 338 -5.75 -34.98 -14.90
N ASN B 339 -4.54 -34.46 -14.72
CA ASN B 339 -4.34 -33.02 -14.60
C ASN B 339 -4.94 -32.25 -15.77
N TYR B 340 -4.92 -32.90 -16.93
CA TYR B 340 -5.38 -32.28 -18.16
C TYR B 340 -6.91 -32.20 -18.18
N PHE B 341 -7.55 -33.31 -17.84
CA PHE B 341 -9.00 -33.34 -17.76
C PHE B 341 -9.51 -32.54 -16.57
N SER B 342 -8.74 -32.56 -15.48
CA SER B 342 -9.06 -31.73 -14.32
C SER B 342 -9.26 -30.30 -14.77
N LYS B 343 -8.40 -29.86 -15.68
CA LYS B 343 -8.44 -28.51 -16.19
C LYS B 343 -9.57 -28.30 -17.20
N GLU B 344 -9.64 -29.19 -18.19
CA GLU B 344 -10.61 -29.04 -19.27
C GLU B 344 -12.06 -29.14 -18.78
N PHE B 345 -12.28 -29.96 -17.77
CA PHE B 345 -13.62 -30.15 -17.16
C PHE B 345 -13.86 -29.28 -15.92
N SER B 346 -12.84 -28.50 -15.52
CA SER B 346 -12.89 -27.76 -14.26
C SER B 346 -13.36 -28.64 -13.11
N ILE B 347 -12.77 -29.83 -13.02
CA ILE B 347 -13.03 -30.74 -11.92
C ILE B 347 -11.89 -30.71 -10.89
N MET B 348 -12.25 -30.60 -9.62
CA MET B 348 -11.29 -30.70 -8.52
C MET B 348 -10.95 -32.13 -8.24
N MET B 349 -9.68 -32.40 -8.00
CA MET B 349 -9.20 -33.74 -7.67
C MET B 349 -8.06 -33.59 -6.67
N PRO B 350 -7.83 -34.63 -5.85
CA PRO B 350 -6.69 -34.59 -4.95
C PRO B 350 -5.34 -34.55 -5.71
N ASP B 351 -4.51 -33.56 -5.38
CA ASP B 351 -3.28 -33.26 -6.11
C ASP B 351 -1.93 -33.71 -5.50
N ARG B 352 -1.95 -34.35 -4.33
CA ARG B 352 -0.72 -34.73 -3.64
C ARG B 352 -0.77 -36.17 -3.13
N PHE B 353 0.17 -37.00 -3.58
CA PHE B 353 0.20 -38.39 -3.17
C PHE B 353 -1.18 -39.02 -3.32
N ASN B 354 -1.81 -38.76 -4.47
CA ASN B 354 -3.20 -39.16 -4.63
C ASN B 354 -3.42 -40.66 -4.81
N ASN B 355 -2.34 -41.42 -4.90
CA ASN B 355 -2.45 -42.89 -4.83
C ASN B 355 -2.14 -43.44 -3.44
N ALA B 356 -1.72 -42.58 -2.53
CA ALA B 356 -1.45 -42.99 -1.14
C ALA B 356 -2.51 -42.60 -0.10
N LEU B 357 -3.60 -41.97 -0.55
CA LEU B 357 -4.52 -41.29 0.34
C LEU B 357 -5.03 -42.12 1.52
N LYS B 358 -5.06 -43.44 1.35
CA LYS B 358 -5.54 -44.31 2.42
C LYS B 358 -4.76 -44.08 3.72
N HIS B 359 -3.48 -43.72 3.61
CA HIS B 359 -2.65 -43.46 4.77
C HIS B 359 -2.92 -42.11 5.42
N PHE B 360 -3.14 -41.10 4.59
CA PHE B 360 -3.29 -39.74 5.06
C PHE B 360 -4.69 -39.42 5.59
N TYR B 361 -5.66 -40.25 5.23
CA TYR B 361 -7.07 -39.87 5.32
C TYR B 361 -7.95 -41.08 5.64
N ARG B 362 -8.96 -40.87 6.49
CA ARG B 362 -10.05 -41.84 6.61
C ARG B 362 -11.23 -41.35 5.78
N LYS B 363 -11.56 -42.08 4.73
CA LYS B 363 -12.65 -41.67 3.85
C LYS B 363 -14.03 -41.91 4.47
N GLN B 364 -14.94 -40.96 4.26
CA GLN B 364 -16.34 -41.15 4.62
C GLN B 364 -17.21 -41.01 3.37
N TYR B 365 -17.98 -42.06 3.06
CA TYR B 365 -18.65 -42.15 1.76
C TYR B 365 -20.01 -41.50 1.72
N TYR B 366 -20.33 -40.89 0.57
CA TYR B 366 -21.61 -40.24 0.36
C TYR B 366 -22.32 -40.82 -0.85
N LYS B 367 -23.64 -41.03 -0.72
CA LYS B 367 -24.48 -41.52 -1.81
C LYS B 367 -24.62 -40.49 -2.92
N ILE B 368 -24.59 -40.95 -4.16
CA ILE B 368 -24.86 -40.09 -5.31
C ILE B 368 -26.01 -40.68 -6.11
N ASP B 369 -27.11 -39.94 -6.23
CA ASP B 369 -28.24 -40.36 -7.05
C ASP B 369 -28.25 -39.63 -8.38
N TYR B 370 -28.28 -40.38 -9.47
CA TYR B 370 -28.51 -39.80 -10.79
C TYR B 370 -30.01 -39.87 -11.13
N PRO B 371 -30.52 -38.81 -11.77
CA PRO B 371 -29.76 -37.57 -11.89
C PRO B 371 -30.16 -36.48 -10.88
N GLU B 372 -30.47 -36.81 -9.63
CA GLU B 372 -30.88 -35.73 -8.74
C GLU B 372 -29.67 -35.01 -8.16
N ASN B 373 -28.67 -35.78 -7.74
CA ASN B 373 -27.41 -35.21 -7.29
C ASN B 373 -26.45 -34.89 -8.43
N TYR B 374 -26.52 -35.69 -9.49
CA TYR B 374 -25.51 -35.64 -10.52
C TYR B 374 -26.08 -35.80 -11.91
N SER B 375 -25.70 -34.93 -12.83
CA SER B 375 -26.24 -34.94 -14.19
C SER B 375 -25.12 -34.65 -15.20
N ILE B 376 -25.49 -34.41 -16.46
CA ILE B 376 -24.49 -34.20 -17.51
C ILE B 376 -23.59 -32.98 -17.29
N ASN B 377 -24.00 -32.11 -16.39
CA ASN B 377 -23.14 -30.99 -16.00
C ASN B 377 -22.32 -31.26 -14.74
N GLY B 378 -22.40 -32.50 -14.25
CA GLY B 378 -21.72 -32.89 -13.02
C GLY B 378 -22.62 -32.71 -11.83
N PHE B 379 -22.02 -32.66 -10.64
CA PHE B 379 -22.80 -32.50 -9.42
C PHE B 379 -23.72 -31.31 -9.54
N VAL B 380 -24.96 -31.49 -9.11
CA VAL B 380 -25.89 -30.39 -9.02
C VAL B 380 -25.39 -29.50 -7.88
N ASN B 381 -25.15 -28.23 -8.21
CA ASN B 381 -24.49 -27.28 -7.31
C ASN B 381 -23.01 -27.54 -7.05
N GLY B 382 -22.35 -28.21 -7.99
CA GLY B 382 -20.90 -28.34 -7.96
C GLY B 382 -20.33 -29.24 -6.88
N GLN B 383 -19.01 -29.42 -6.90
CA GLN B 383 -18.34 -30.37 -6.01
C GLN B 383 -18.27 -29.92 -4.56
N ILE B 384 -18.42 -28.62 -4.34
CA ILE B 384 -18.34 -28.09 -2.98
C ILE B 384 -19.71 -28.18 -2.31
N ASN B 385 -20.68 -27.51 -2.91
CA ASN B 385 -21.99 -27.31 -2.29
C ASN B 385 -23.09 -28.32 -2.64
N ALA B 386 -22.74 -29.38 -3.37
CA ALA B 386 -23.69 -30.46 -3.63
C ALA B 386 -24.20 -31.01 -2.31
N GLN B 387 -25.48 -31.32 -2.24
CA GLN B 387 -26.04 -31.87 -1.02
C GLN B 387 -26.13 -33.37 -1.21
N LEU B 388 -25.25 -34.10 -0.54
CA LEU B 388 -25.20 -35.54 -0.67
C LEU B 388 -25.45 -36.17 0.68
N SER B 389 -26.15 -37.31 0.70
CA SER B 389 -26.43 -37.99 1.95
C SER B 389 -25.29 -38.93 2.32
N LEU B 390 -24.98 -39.04 3.60
CA LEU B 390 -23.98 -40.00 4.05
C LEU B 390 -24.49 -41.41 3.79
N SER B 391 -23.60 -42.29 3.35
CA SER B 391 -23.94 -43.69 3.13
C SER B 391 -24.04 -44.47 4.44
N ASP B 392 -25.03 -45.35 4.53
CA ASP B 392 -25.20 -46.17 5.72
C ASP B 392 -24.12 -47.23 5.77
N ARG B 393 -23.33 -47.28 4.70
CA ARG B 393 -22.25 -48.26 4.59
C ARG B 393 -20.98 -47.85 5.34
N ASN B 394 -20.87 -46.57 5.71
CA ASN B 394 -19.67 -46.08 6.38
C ASN B 394 -19.26 -46.94 7.55
N GLN B 395 -20.26 -47.51 8.22
CA GLN B 395 -20.01 -48.34 9.39
C GLN B 395 -19.52 -49.74 9.03
N ASP B 396 -19.61 -50.10 7.75
CA ASP B 396 -19.21 -51.43 7.30
C ASP B 396 -17.78 -51.45 6.83
N ILE B 397 -17.17 -50.27 6.72
CA ILE B 397 -15.80 -50.13 6.26
C ILE B 397 -14.84 -50.95 7.11
N ILE B 398 -14.02 -51.77 6.44
CA ILE B 398 -13.03 -52.59 7.11
C ILE B 398 -11.85 -51.75 7.61
N ASN B 399 -11.52 -51.86 8.90
CA ASN B 399 -10.38 -51.11 9.45
C ASN B 399 -9.25 -52.01 9.89
N LYS B 400 -8.17 -51.98 9.12
CA LYS B 400 -6.99 -52.81 9.39
C LYS B 400 -5.74 -51.96 9.38
N PRO B 401 -5.32 -51.49 10.55
CA PRO B 401 -4.21 -50.54 10.68
C PRO B 401 -2.88 -51.12 10.22
N GLU B 402 -2.05 -50.29 9.62
CA GLU B 402 -0.67 -50.68 9.30
C GLU B 402 0.13 -50.86 10.58
N GLU B 403 0.03 -49.90 11.49
CA GLU B 403 0.56 -50.07 12.84
C GLU B 403 -0.33 -49.41 13.89
N ILE B 404 -0.21 -49.92 15.12
CA ILE B 404 -0.97 -49.43 16.26
C ILE B 404 -0.04 -48.81 17.30
N ILE B 405 -0.30 -47.56 17.66
CA ILE B 405 0.54 -46.87 18.63
C ILE B 405 -0.01 -47.04 20.04
N ASN B 406 0.70 -47.79 20.87
CA ASN B 406 0.27 -48.04 22.24
C ASN B 406 0.91 -47.04 23.21
N LEU B 407 0.09 -46.19 23.80
CA LEU B 407 0.57 -45.15 24.69
C LEU B 407 0.36 -45.57 26.13
N LEU B 408 1.45 -45.87 26.83
CA LEU B 408 1.37 -46.27 28.23
C LEU B 408 1.83 -45.14 29.14
N ASN B 409 1.69 -45.38 30.45
CA ASN B 409 2.24 -44.46 31.44
C ASN B 409 3.48 -45.04 32.13
N GLY B 410 4.00 -44.33 33.12
CA GLY B 410 5.17 -44.78 33.85
C GLY B 410 5.03 -46.19 34.42
N ASN B 411 3.80 -46.58 34.72
CA ASN B 411 3.52 -47.89 35.30
C ASN B 411 3.34 -48.96 34.24
N ASN B 412 3.60 -48.59 32.99
CA ASN B 412 3.59 -49.55 31.90
C ASN B 412 2.18 -50.08 31.58
N VAL B 413 1.16 -49.29 31.89
CA VAL B 413 -0.22 -49.66 31.57
C VAL B 413 -0.78 -48.82 30.43
N SER B 414 -1.64 -49.43 29.61
CA SER B 414 -2.10 -48.80 28.38
C SER B 414 -3.14 -47.71 28.61
N LEU B 415 -2.81 -46.49 28.22
CA LEU B 415 -3.74 -45.36 28.25
C LEU B 415 -4.64 -45.30 27.02
N MET B 416 -4.04 -45.53 25.85
CA MET B 416 -4.70 -45.32 24.59
C MET B 416 -4.09 -46.23 23.51
N ARG B 417 -4.91 -46.67 22.56
CA ARG B 417 -4.37 -47.40 21.42
C ARG B 417 -4.90 -46.80 20.10
N SER B 418 -3.99 -46.19 19.34
CA SER B 418 -4.35 -45.43 18.16
C SER B 418 -3.92 -46.13 16.87
N ASN B 419 -4.70 -45.91 15.81
CA ASN B 419 -4.47 -46.58 14.55
C ASN B 419 -3.79 -45.70 13.51
N ILE B 420 -2.77 -46.25 12.86
CA ILE B 420 -2.21 -45.64 11.67
C ILE B 420 -2.45 -46.58 10.49
N TYR B 421 -2.95 -46.04 9.38
CA TYR B 421 -3.29 -46.87 8.23
C TYR B 421 -2.28 -46.72 7.10
N GLY B 422 -1.95 -47.84 6.46
CA GLY B 422 -1.07 -47.84 5.30
C GLY B 422 -1.72 -47.28 4.05
N ASP B 423 -0.91 -47.04 3.02
CA ASP B 423 -1.39 -46.46 1.77
C ASP B 423 -1.98 -47.49 0.81
N GLY B 424 -1.67 -48.77 1.05
CA GLY B 424 -2.16 -49.83 0.20
C GLY B 424 -1.15 -50.33 -0.80
N LEU B 425 -0.15 -49.50 -1.08
CA LEU B 425 0.85 -49.79 -2.11
C LEU B 425 1.85 -50.87 -1.67
N LYS B 426 2.48 -51.52 -2.64
CA LYS B 426 3.53 -52.51 -2.37
C LYS B 426 4.82 -51.81 -1.95
N SER B 427 5.75 -52.53 -1.31
CA SER B 427 6.93 -51.87 -0.73
C SER B 427 8.29 -52.30 -1.14
N THR B 428 9.27 -51.39 -0.96
CA THR B 428 10.73 -51.60 -1.26
C THR B 428 10.91 -52.30 -2.62
N VAL B 429 11.78 -53.32 -2.77
CA VAL B 429 12.69 -53.82 -1.83
C VAL B 429 13.95 -53.97 -2.67
N ASP B 430 15.01 -53.25 -2.37
CA ASP B 430 14.96 -52.23 -1.36
C ASP B 430 15.62 -50.98 -1.92
N ASP B 431 15.97 -50.02 -1.06
CA ASP B 431 16.28 -48.64 -1.42
C ASP B 431 16.71 -48.35 -2.87
N PHE B 432 15.92 -47.50 -3.49
CA PHE B 432 16.06 -47.21 -4.92
C PHE B 432 17.12 -46.15 -5.21
N TYR B 433 17.14 -45.12 -4.38
CA TYR B 433 18.01 -43.97 -4.61
C TYR B 433 19.49 -44.34 -4.52
N SER B 434 19.83 -45.23 -3.60
CA SER B 434 21.22 -45.65 -3.42
C SER B 434 21.77 -46.35 -4.67
N ASN B 435 20.96 -47.25 -5.21
CA ASN B 435 21.42 -48.09 -6.32
C ASN B 435 21.05 -47.60 -7.72
N TYR B 436 20.45 -46.41 -7.80
CA TYR B 436 20.09 -45.86 -9.10
C TYR B 436 21.15 -44.91 -9.66
N LYS B 437 21.64 -45.23 -10.85
CA LYS B 437 22.64 -44.41 -11.53
C LYS B 437 21.99 -43.44 -12.51
N ILE B 438 22.22 -42.15 -12.29
CA ILE B 438 21.71 -41.11 -13.18
C ILE B 438 22.47 -41.15 -14.50
N PRO B 439 21.75 -41.44 -15.59
CA PRO B 439 22.38 -41.70 -16.89
C PRO B 439 23.10 -40.50 -17.45
N TYR B 440 24.38 -40.67 -17.79
CA TYR B 440 25.20 -39.62 -18.38
C TYR B 440 24.97 -39.53 -19.89
N ASN B 441 24.91 -40.69 -20.54
CA ASN B 441 24.59 -40.75 -21.96
C ASN B 441 23.07 -40.82 -22.14
N ARG B 442 22.55 -39.95 -22.99
CA ARG B 442 21.09 -39.74 -23.08
C ARG B 442 20.36 -40.72 -24.01
N ALA B 443 21.08 -41.68 -24.60
CA ALA B 443 20.46 -42.72 -25.42
C ALA B 443 21.40 -43.89 -25.68
N ASP B 453 1.71 -29.85 -24.13
CA ASP B 453 0.48 -30.08 -23.38
C ASP B 453 -0.42 -31.17 -23.97
N SER B 454 -1.27 -30.78 -24.93
CA SER B 454 -2.37 -31.63 -25.39
C SER B 454 -1.94 -32.84 -26.23
N SER B 455 -2.31 -34.02 -25.75
CA SER B 455 -1.95 -35.27 -26.43
C SER B 455 -3.02 -35.73 -27.40
N LEU B 456 -4.21 -35.15 -27.30
CA LEU B 456 -5.34 -35.58 -28.11
C LEU B 456 -5.51 -34.73 -29.36
N ASP B 457 -4.57 -33.83 -29.60
CA ASP B 457 -4.60 -32.98 -30.79
C ASP B 457 -4.83 -33.77 -32.09
N ASN B 458 -4.23 -34.95 -32.19
CA ASN B 458 -4.30 -35.72 -33.42
C ASN B 458 -5.47 -36.70 -33.56
N VAL B 459 -6.39 -36.66 -32.60
CA VAL B 459 -7.61 -37.46 -32.66
C VAL B 459 -8.71 -36.73 -33.42
N ASN B 460 -9.19 -37.31 -34.51
CA ASN B 460 -10.23 -36.68 -35.32
C ASN B 460 -11.61 -37.29 -35.06
N ILE B 461 -12.48 -36.53 -34.40
CA ILE B 461 -13.79 -37.05 -34.00
C ILE B 461 -14.69 -37.30 -35.20
N GLY B 462 -14.78 -36.32 -36.09
CA GLY B 462 -15.59 -36.45 -37.28
C GLY B 462 -15.24 -37.68 -38.09
N VAL B 463 -13.96 -37.81 -38.42
CA VAL B 463 -13.47 -38.95 -39.18
C VAL B 463 -13.82 -40.30 -38.52
N ILE B 464 -13.57 -40.40 -37.22
CA ILE B 464 -13.81 -41.65 -36.52
C ILE B 464 -15.30 -42.01 -36.49
N ASP B 465 -16.15 -41.02 -36.24
CA ASP B 465 -17.59 -41.25 -36.16
C ASP B 465 -18.23 -41.73 -37.47
N ASN B 466 -17.48 -41.62 -38.57
CA ASN B 466 -17.98 -42.08 -39.87
C ASN B 466 -17.49 -43.46 -40.29
N ILE B 467 -16.71 -44.10 -39.43
CA ILE B 467 -16.23 -45.45 -39.73
C ILE B 467 -17.30 -46.47 -39.34
N PRO B 468 -17.88 -47.15 -40.33
CA PRO B 468 -18.92 -48.13 -40.02
C PRO B 468 -18.47 -49.07 -38.90
N GLU B 469 -19.39 -49.47 -38.04
CA GLU B 469 -19.07 -50.33 -36.91
C GLU B 469 -18.59 -51.70 -37.39
N ILE B 470 -17.74 -52.34 -36.60
CA ILE B 470 -17.26 -53.67 -36.94
C ILE B 470 -18.43 -54.64 -36.81
N ILE B 471 -18.74 -55.31 -37.92
CA ILE B 471 -19.92 -56.17 -37.99
C ILE B 471 -19.51 -57.63 -38.13
N ASP B 472 -18.80 -57.96 -39.20
CA ASP B 472 -18.31 -59.32 -39.34
C ASP B 472 -16.93 -59.44 -38.69
N VAL B 473 -16.90 -60.15 -37.57
CA VAL B 473 -15.68 -60.38 -36.81
C VAL B 473 -15.22 -61.81 -37.05
N ASN B 474 -13.94 -61.97 -37.39
CA ASN B 474 -13.35 -63.30 -37.45
C ASN B 474 -12.58 -63.51 -36.17
N PRO B 475 -13.13 -64.33 -35.25
CA PRO B 475 -12.59 -64.39 -33.90
C PRO B 475 -11.26 -65.14 -33.79
N TYR B 476 -10.36 -64.62 -32.96
CA TYR B 476 -9.15 -65.31 -32.58
C TYR B 476 -9.44 -66.13 -31.32
N LYS B 477 -9.21 -67.44 -31.40
CA LYS B 477 -9.68 -68.36 -30.36
C LYS B 477 -9.23 -68.03 -28.94
N GLU B 478 -7.92 -68.07 -28.68
CA GLU B 478 -7.51 -67.79 -27.31
C GLU B 478 -7.06 -66.35 -27.24
N ASN B 479 -8.00 -65.51 -26.82
CA ASN B 479 -7.79 -64.09 -26.66
C ASN B 479 -7.69 -63.63 -25.21
N CYS B 480 -7.72 -64.57 -24.27
CA CYS B 480 -7.82 -64.17 -22.86
C CYS B 480 -7.19 -65.15 -21.86
N ASP B 481 -6.85 -64.62 -20.70
CA ASP B 481 -6.30 -65.38 -19.59
C ASP B 481 -7.41 -65.79 -18.64
N LYS B 482 -7.29 -66.96 -18.03
CA LYS B 482 -8.14 -67.24 -16.88
C LYS B 482 -7.90 -66.08 -15.93
N PHE B 483 -8.96 -65.39 -15.51
CA PHE B 483 -8.78 -64.32 -14.55
C PHE B 483 -8.51 -64.89 -13.17
N SER B 484 -7.40 -64.46 -12.57
CA SER B 484 -7.06 -64.87 -11.22
C SER B 484 -7.15 -63.68 -10.27
N PRO B 485 -8.04 -63.77 -9.28
CA PRO B 485 -8.22 -62.73 -8.26
C PRO B 485 -6.99 -62.55 -7.38
N VAL B 486 -6.70 -61.30 -7.04
CA VAL B 486 -5.62 -60.94 -6.13
C VAL B 486 -6.03 -61.21 -4.69
N GLN B 487 -5.16 -61.82 -3.91
CA GLN B 487 -5.44 -62.02 -2.49
C GLN B 487 -4.38 -61.33 -1.63
N LYS B 488 -4.82 -60.69 -0.56
CA LYS B 488 -3.94 -59.85 0.25
C LYS B 488 -4.19 -60.02 1.74
N ILE B 489 -3.14 -60.33 2.49
CA ILE B 489 -3.21 -60.41 3.94
C ILE B 489 -2.54 -59.16 4.50
N THR B 490 -3.24 -58.45 5.38
CA THR B 490 -2.74 -57.19 5.90
C THR B 490 -2.07 -57.31 7.27
N SER B 491 -0.77 -57.05 7.31
CA SER B 491 0.02 -57.17 8.53
C SER B 491 -0.10 -55.92 9.41
N THR B 492 -0.19 -56.13 10.72
CA THR B 492 -0.30 -55.04 11.67
C THR B 492 0.83 -55.05 12.70
N ARG B 493 1.45 -53.89 12.92
CA ARG B 493 2.50 -53.76 13.92
C ARG B 493 2.00 -53.06 15.17
N GLU B 494 2.33 -53.61 16.34
CA GLU B 494 2.05 -52.95 17.60
C GLU B 494 3.35 -52.29 18.05
N ILE B 495 3.29 -51.05 18.50
CA ILE B 495 4.47 -50.41 19.09
C ILE B 495 4.13 -49.54 20.28
N ASN B 496 4.98 -49.59 21.32
CA ASN B 496 4.72 -48.91 22.57
C ASN B 496 5.50 -47.61 22.73
N THR B 497 4.89 -46.62 23.36
CA THR B 497 5.55 -45.35 23.61
C THR B 497 5.03 -44.68 24.89
N ASN B 498 5.92 -44.01 25.62
CA ASN B 498 5.50 -43.21 26.77
C ASN B 498 5.26 -41.77 26.38
N ILE B 499 5.64 -41.44 25.15
CA ILE B 499 5.43 -40.09 24.60
C ILE B 499 4.34 -40.11 23.54
N PRO B 500 3.25 -39.39 23.77
CA PRO B 500 2.13 -39.37 22.82
C PRO B 500 2.57 -38.96 21.41
N TRP B 501 2.19 -39.75 20.41
CA TRP B 501 2.39 -39.36 19.02
C TRP B 501 1.24 -38.45 18.63
N PRO B 502 1.40 -37.72 17.52
CA PRO B 502 0.31 -36.90 16.98
C PRO B 502 -0.98 -37.69 16.84
N ILE B 503 -0.89 -38.94 16.39
CA ILE B 503 -2.08 -39.75 16.21
C ILE B 503 -2.78 -40.00 17.54
N ASN B 504 -2.03 -39.93 18.63
CA ASN B 504 -2.61 -40.01 19.97
C ASN B 504 -3.40 -38.75 20.30
N TYR B 505 -2.75 -37.60 20.15
CA TYR B 505 -3.40 -36.33 20.45
C TYR B 505 -4.65 -36.13 19.58
N LEU B 506 -4.63 -36.68 18.38
CA LEU B 506 -5.78 -36.59 17.49
C LEU B 506 -6.92 -37.37 18.09
N GLN B 507 -6.68 -38.65 18.36
CA GLN B 507 -7.70 -39.55 18.88
C GLN B 507 -8.39 -39.04 20.16
N ALA B 508 -7.66 -38.26 20.95
CA ALA B 508 -8.18 -37.72 22.20
C ALA B 508 -9.16 -36.59 21.93
N GLN B 509 -9.29 -36.20 20.66
CA GLN B 509 -10.18 -35.11 20.28
C GLN B 509 -11.57 -35.61 19.83
N ASN B 510 -11.80 -36.91 19.99
CA ASN B 510 -13.09 -37.51 19.72
C ASN B 510 -13.76 -38.08 20.96
N THR B 511 -15.08 -37.94 21.05
CA THR B 511 -15.87 -38.63 22.07
C THR B 511 -17.13 -39.19 21.45
N ASN B 512 -17.57 -40.33 21.97
CA ASN B 512 -18.92 -40.84 21.68
C ASN B 512 -19.87 -40.49 22.83
N ASN B 513 -19.33 -39.80 23.84
CA ASN B 513 -20.14 -39.36 24.96
C ASN B 513 -21.12 -38.27 24.52
N GLU B 514 -22.41 -38.51 24.75
CA GLU B 514 -23.43 -37.52 24.42
C GLU B 514 -23.21 -36.29 25.26
N LYS B 515 -22.75 -36.49 26.50
CA LYS B 515 -22.32 -35.37 27.33
C LYS B 515 -20.81 -35.40 27.47
N PHE B 516 -20.18 -34.24 27.24
CA PHE B 516 -18.74 -34.15 27.31
C PHE B 516 -18.29 -32.76 27.72
N SER B 517 -17.05 -32.65 28.19
CA SER B 517 -16.46 -31.38 28.56
C SER B 517 -15.13 -31.18 27.86
N LEU B 518 -14.87 -29.95 27.41
CA LEU B 518 -13.60 -29.64 26.76
C LEU B 518 -12.52 -29.48 27.81
N SER B 519 -11.34 -30.04 27.56
CA SER B 519 -10.21 -29.88 28.47
C SER B 519 -8.93 -29.66 27.70
N SER B 520 -8.04 -28.85 28.27
CA SER B 520 -6.77 -28.55 27.65
C SER B 520 -5.63 -29.41 28.21
N ASP B 521 -5.96 -30.31 29.12
CA ASP B 521 -4.97 -31.22 29.70
C ASP B 521 -5.08 -32.58 29.02
N PHE B 522 -4.09 -32.94 28.22
CA PHE B 522 -4.12 -34.21 27.53
C PHE B 522 -4.06 -35.39 28.48
N VAL B 523 -3.16 -35.31 29.47
CA VAL B 523 -3.03 -36.39 30.44
C VAL B 523 -4.34 -36.62 31.21
N GLU B 524 -4.96 -35.53 31.64
CA GLU B 524 -6.24 -35.62 32.35
C GLU B 524 -7.31 -36.26 31.47
N VAL B 525 -7.32 -35.93 30.18
CA VAL B 525 -8.34 -36.45 29.27
C VAL B 525 -8.29 -37.97 29.12
N VAL B 526 -7.09 -38.52 28.95
CA VAL B 526 -6.92 -39.95 28.72
C VAL B 526 -6.85 -40.78 30.01
N SER B 527 -6.62 -40.12 31.13
CA SER B 527 -6.65 -40.78 32.44
C SER B 527 -8.01 -40.60 33.09
N SER B 528 -8.93 -39.99 32.36
CA SER B 528 -10.23 -39.59 32.90
C SER B 528 -10.94 -40.72 33.62
N LYS B 529 -11.41 -40.42 34.82
CA LYS B 529 -12.23 -41.36 35.58
C LYS B 529 -13.69 -41.15 35.21
N ASP B 530 -13.94 -40.32 34.20
CA ASP B 530 -15.32 -40.00 33.80
C ASP B 530 -16.01 -41.11 32.96
N LYS B 531 -15.57 -41.38 31.73
CA LYS B 531 -14.57 -40.56 31.07
C LYS B 531 -15.32 -39.67 30.08
N SER B 532 -15.61 -38.45 30.53
CA SER B 532 -16.38 -37.48 29.77
C SER B 532 -15.55 -36.40 29.11
N LEU B 533 -14.28 -36.31 29.48
CA LEU B 533 -13.45 -35.23 28.97
C LEU B 533 -13.01 -35.52 27.55
N VAL B 534 -12.88 -34.47 26.75
CA VAL B 534 -12.34 -34.60 25.40
C VAL B 534 -11.30 -33.50 25.21
N TYR B 535 -10.26 -33.78 24.43
CA TYR B 535 -9.12 -32.86 24.34
C TYR B 535 -9.34 -31.73 23.34
N SER B 536 -9.11 -30.50 23.80
CA SER B 536 -9.30 -29.33 22.97
C SER B 536 -8.25 -28.23 23.21
N PHE B 537 -7.81 -27.61 22.12
CA PHE B 537 -6.97 -26.43 22.19
C PHE B 537 -7.70 -25.11 22.06
N LEU B 538 -9.04 -25.10 22.09
CA LEU B 538 -9.73 -23.85 21.82
C LEU B 538 -9.81 -23.09 23.13
N SER B 539 -8.93 -22.09 23.24
CA SER B 539 -8.70 -21.41 24.50
C SER B 539 -9.77 -20.36 24.74
N ASN B 540 -10.11 -19.64 23.68
CA ASN B 540 -11.09 -18.59 23.79
C ASN B 540 -12.45 -19.19 24.04
N VAL B 541 -12.73 -20.31 23.38
CA VAL B 541 -14.03 -20.93 23.55
C VAL B 541 -14.15 -21.47 24.97
N MET B 542 -13.14 -22.21 25.41
CA MET B 542 -13.16 -22.76 26.77
C MET B 542 -13.28 -21.64 27.79
N PHE B 543 -12.55 -20.55 27.57
CA PHE B 543 -12.63 -19.42 28.47
C PHE B 543 -14.01 -18.80 28.52
N TYR B 544 -14.65 -18.65 27.35
CA TYR B 544 -16.01 -18.11 27.31
C TYR B 544 -17.00 -19.04 28.02
N LEU B 545 -16.89 -20.33 27.76
CA LEU B 545 -17.79 -21.30 28.38
C LEU B 545 -17.70 -21.25 29.89
N ASP B 546 -16.50 -21.00 30.41
CA ASP B 546 -16.28 -20.90 31.84
C ASP B 546 -16.86 -19.61 32.42
N SER B 547 -16.75 -18.53 31.65
CA SER B 547 -17.21 -17.23 32.15
C SER B 547 -18.72 -17.23 32.39
N ILE B 548 -19.44 -18.06 31.63
CA ILE B 548 -20.91 -18.15 31.74
C ILE B 548 -21.40 -19.32 32.59
N LYS B 549 -20.48 -20.08 33.17
CA LYS B 549 -20.79 -21.30 33.93
C LYS B 549 -21.85 -21.09 35.02
N ASP B 550 -21.76 -19.97 35.73
CA ASP B 550 -22.62 -19.74 36.90
C ASP B 550 -23.88 -18.97 36.55
N ASN B 551 -24.01 -18.56 35.29
CA ASN B 551 -25.12 -17.74 34.84
C ASN B 551 -26.47 -18.43 34.90
N SER B 552 -27.52 -17.62 35.02
CA SER B 552 -28.89 -18.12 34.89
C SER B 552 -29.06 -18.73 33.50
N PRO B 553 -29.82 -19.83 33.42
CA PRO B 553 -29.92 -20.58 32.16
C PRO B 553 -30.47 -19.73 31.01
N ILE B 554 -30.20 -20.15 29.78
CA ILE B 554 -30.69 -19.42 28.61
C ILE B 554 -32.18 -19.65 28.41
N ASP B 555 -32.97 -18.57 28.43
CA ASP B 555 -34.41 -18.64 28.22
C ASP B 555 -34.91 -17.85 27.00
N THR B 556 -34.66 -16.55 26.96
CA THR B 556 -35.02 -15.75 25.79
C THR B 556 -34.29 -16.25 24.55
N ASP B 557 -34.83 -15.96 23.38
CA ASP B 557 -34.11 -16.21 22.14
C ASP B 557 -32.92 -15.24 22.07
N LYS B 558 -33.09 -14.05 22.63
CA LYS B 558 -32.03 -13.06 22.64
C LYS B 558 -30.81 -13.62 23.35
N LYS B 559 -31.04 -14.31 24.45
CA LYS B 559 -29.94 -14.89 25.21
C LYS B 559 -29.24 -16.00 24.41
N TYR B 560 -30.00 -16.76 23.63
CA TYR B 560 -29.42 -17.79 22.78
C TYR B 560 -28.50 -17.18 21.74
N TYR B 561 -28.96 -16.10 21.09
CA TYR B 561 -28.17 -15.41 20.08
C TYR B 561 -26.86 -14.85 20.66
N LEU B 562 -26.96 -14.13 21.78
CA LEU B 562 -25.77 -13.56 22.41
C LEU B 562 -24.77 -14.66 22.71
N TRP B 563 -25.28 -15.81 23.15
CA TRP B 563 -24.45 -16.98 23.41
C TRP B 563 -23.83 -17.53 22.14
N LEU B 564 -24.67 -17.84 21.15
CA LEU B 564 -24.24 -18.43 19.89
C LEU B 564 -23.21 -17.57 19.17
N ARG B 565 -23.42 -16.25 19.20
CA ARG B 565 -22.49 -15.33 18.55
C ARG B 565 -21.11 -15.39 19.19
N GLU B 566 -21.07 -15.32 20.52
CA GLU B 566 -19.81 -15.38 21.24
C GLU B 566 -19.14 -16.74 21.04
N ILE B 567 -19.95 -17.78 20.93
CA ILE B 567 -19.41 -19.10 20.62
C ILE B 567 -18.72 -19.04 19.28
N PHE B 568 -19.33 -18.38 18.31
CA PHE B 568 -18.77 -18.29 16.97
C PHE B 568 -17.51 -17.43 16.90
N ARG B 569 -17.56 -16.22 17.48
CA ARG B 569 -16.40 -15.33 17.44
C ARG B 569 -15.18 -15.98 18.08
N ASN B 570 -15.38 -16.58 19.25
CA ASN B 570 -14.29 -17.23 19.95
C ASN B 570 -13.73 -18.42 19.18
N TYR B 571 -14.60 -19.20 18.57
CA TYR B 571 -14.11 -20.29 17.74
C TYR B 571 -13.24 -19.74 16.61
N SER B 572 -13.71 -18.69 15.97
CA SER B 572 -12.94 -18.09 14.88
C SER B 572 -11.56 -17.63 15.39
N PHE B 573 -11.55 -16.94 16.52
CA PHE B 573 -10.31 -16.44 17.08
C PHE B 573 -9.33 -17.56 17.38
N ASP B 574 -9.84 -18.64 17.97
CA ASP B 574 -9.01 -19.80 18.29
C ASP B 574 -8.46 -20.47 17.05
N ILE B 575 -9.33 -20.78 16.09
CA ILE B 575 -8.96 -21.65 14.99
C ILE B 575 -8.16 -20.96 13.89
N THR B 576 -8.38 -19.67 13.67
CA THR B 576 -7.68 -18.96 12.61
C THR B 576 -6.40 -18.29 13.10
N ALA B 577 -6.08 -18.50 14.37
CA ALA B 577 -4.90 -17.87 14.96
C ALA B 577 -3.60 -18.15 14.16
N THR B 578 -2.90 -17.09 13.78
CA THR B 578 -1.57 -17.22 13.17
C THR B 578 -0.65 -16.14 13.69
N GLN B 579 0.64 -16.42 13.66
CA GLN B 579 1.68 -15.44 13.98
C GLN B 579 2.78 -15.52 12.94
N GLU B 580 3.19 -14.37 12.41
CA GLU B 580 4.29 -14.35 11.44
C GLU B 580 5.62 -14.37 12.16
N ILE B 581 6.52 -15.22 11.68
CA ILE B 581 7.84 -15.35 12.28
C ILE B 581 8.91 -15.25 11.22
N ASN B 582 10.10 -14.85 11.66
CA ASN B 582 11.29 -14.82 10.82
C ASN B 582 11.99 -16.18 10.84
N THR B 583 12.21 -16.76 9.67
CA THR B 583 12.86 -18.07 9.58
C THR B 583 14.15 -18.01 8.76
N ASN B 584 14.80 -19.15 8.59
CA ASN B 584 16.00 -19.24 7.75
C ASN B 584 15.73 -18.71 6.35
N CYS B 585 14.57 -19.08 5.81
CA CYS B 585 14.22 -18.78 4.43
C CYS B 585 13.30 -17.58 4.27
N GLY B 586 12.92 -16.95 5.38
CA GLY B 586 12.02 -15.81 5.28
C GLY B 586 11.08 -15.62 6.43
N ILE B 587 9.94 -15.00 6.13
CA ILE B 587 8.80 -14.92 7.05
C ILE B 587 7.70 -15.92 6.66
N ASN B 588 7.27 -16.70 7.64
CA ASN B 588 6.24 -17.71 7.46
C ASN B 588 5.08 -17.40 8.40
N LYS B 589 3.86 -17.63 7.95
CA LYS B 589 2.70 -17.39 8.78
C LYS B 589 2.35 -18.69 9.50
N VAL B 590 2.61 -18.73 10.79
CA VAL B 590 2.56 -19.99 11.53
C VAL B 590 1.20 -20.21 12.17
N VAL B 591 0.73 -21.46 12.14
CA VAL B 591 -0.50 -21.78 12.84
C VAL B 591 -0.16 -21.93 14.32
N THR B 592 -0.75 -21.07 15.12
CA THR B 592 -0.38 -20.93 16.53
C THR B 592 -0.65 -22.16 17.38
N TRP B 593 -1.69 -22.91 17.04
CA TRP B 593 -2.12 -24.02 17.89
C TRP B 593 -1.51 -25.34 17.46
N PHE B 594 -0.70 -25.29 16.41
CA PHE B 594 -0.18 -26.52 15.80
C PHE B 594 0.45 -27.49 16.80
N GLY B 595 1.26 -26.97 17.71
CA GLY B 595 1.95 -27.81 18.69
C GLY B 595 1.00 -28.44 19.71
N LYS B 596 0.03 -27.66 20.16
CA LYS B 596 -0.94 -28.16 21.13
C LYS B 596 -1.87 -29.19 20.50
N ALA B 597 -2.05 -29.09 19.19
CA ALA B 597 -2.93 -30.01 18.47
C ALA B 597 -2.32 -31.38 18.27
N LEU B 598 -1.10 -31.41 17.73
CA LEU B 598 -0.41 -32.65 17.40
C LEU B 598 0.66 -33.12 18.39
N ASN B 599 0.84 -32.37 19.47
CA ASN B 599 1.91 -32.64 20.42
C ASN B 599 3.32 -32.56 19.80
N ILE B 600 3.57 -31.51 19.04
CA ILE B 600 4.84 -31.33 18.35
C ILE B 600 5.50 -30.04 18.78
N LEU B 601 6.76 -30.14 19.23
CA LEU B 601 7.42 -29.04 19.90
C LEU B 601 6.49 -28.52 20.97
N ASN B 602 5.78 -29.45 21.60
CA ASN B 602 4.72 -29.11 22.54
C ASN B 602 5.18 -29.15 23.99
N THR B 603 6.45 -29.47 24.20
CA THR B 603 6.98 -29.61 25.54
C THR B 603 7.37 -28.25 26.14
N SER B 604 7.44 -27.24 25.30
CA SER B 604 7.68 -25.86 25.75
C SER B 604 6.40 -25.27 26.35
N ASP B 605 6.48 -24.00 26.73
CA ASP B 605 5.28 -23.27 27.08
C ASP B 605 4.72 -22.59 25.83
N SER B 606 5.55 -22.54 24.78
CA SER B 606 5.14 -21.98 23.50
C SER B 606 5.71 -22.80 22.35
N PHE B 607 4.84 -23.20 21.43
CA PHE B 607 5.26 -23.92 20.24
C PHE B 607 5.88 -22.97 19.22
N VAL B 608 5.36 -21.76 19.16
CA VAL B 608 5.78 -20.79 18.15
C VAL B 608 7.26 -20.43 18.29
N GLU B 609 7.68 -20.06 19.49
CA GLU B 609 9.06 -19.64 19.68
C GLU B 609 10.01 -20.82 19.56
N GLU B 610 9.55 -22.00 19.97
CA GLU B 610 10.38 -23.19 19.86
C GLU B 610 10.60 -23.57 18.39
N PHE B 611 9.62 -23.27 17.55
CA PHE B 611 9.72 -23.53 16.11
C PHE B 611 10.61 -22.49 15.43
N GLN B 612 10.48 -21.24 15.83
CA GLN B 612 11.38 -20.19 15.37
C GLN B 612 12.82 -20.57 15.69
N ASN B 613 13.04 -21.10 16.89
CA ASN B 613 14.35 -21.57 17.30
C ASN B 613 14.93 -22.71 16.47
N LEU B 614 14.22 -23.83 16.42
CA LEU B 614 14.77 -25.08 15.87
C LEU B 614 14.66 -25.21 14.34
N GLY B 615 13.75 -24.46 13.73
CA GLY B 615 13.57 -24.48 12.28
C GLY B 615 12.62 -25.53 11.71
N ALA B 616 12.30 -25.36 10.43
CA ALA B 616 11.29 -26.20 9.77
C ALA B 616 11.54 -27.70 9.90
N ILE B 617 12.79 -28.11 9.95
CA ILE B 617 13.13 -29.53 9.96
C ILE B 617 12.78 -30.20 11.30
N SER B 618 12.54 -29.40 12.33
CA SER B 618 12.27 -29.91 13.67
C SER B 618 10.86 -30.49 13.86
N LEU B 619 10.01 -30.34 12.85
CA LEU B 619 8.62 -30.81 12.93
C LEU B 619 8.42 -32.27 12.51
N ILE B 620 9.42 -32.87 11.87
CA ILE B 620 9.25 -34.22 11.34
C ILE B 620 10.16 -35.24 12.02
N ASN B 621 9.76 -36.51 11.99
CA ASN B 621 10.46 -37.56 12.72
C ASN B 621 11.73 -38.14 12.07
N LYS B 622 11.77 -38.25 10.75
CA LYS B 622 12.97 -38.77 10.11
C LYS B 622 13.71 -37.63 9.40
N LYS B 623 14.80 -37.17 10.01
CA LYS B 623 15.52 -36.01 9.49
C LYS B 623 16.53 -36.28 8.37
N GLU B 624 17.24 -37.41 8.42
CA GLU B 624 18.22 -37.66 7.37
C GLU B 624 17.86 -38.88 6.53
N ASN B 625 17.23 -38.64 5.39
CA ASN B 625 16.86 -39.72 4.49
C ASN B 625 17.64 -39.75 3.17
N LEU B 626 18.47 -38.76 2.97
CA LEU B 626 19.10 -38.55 1.67
C LEU B 626 20.04 -39.69 1.32
N SER B 627 20.16 -39.98 0.03
CA SER B 627 21.15 -40.93 -0.45
C SER B 627 21.88 -40.28 -1.60
N MET B 628 23.17 -40.01 -1.41
CA MET B 628 23.95 -39.41 -2.47
C MET B 628 23.87 -40.36 -3.64
N PRO B 629 23.51 -39.84 -4.81
CA PRO B 629 23.28 -40.73 -5.96
C PRO B 629 24.57 -41.24 -6.55
N ILE B 630 24.53 -42.41 -7.17
CA ILE B 630 25.70 -42.97 -7.82
C ILE B 630 25.83 -42.36 -9.20
N ILE B 631 27.03 -41.86 -9.51
CA ILE B 631 27.28 -41.13 -10.74
C ILE B 631 27.92 -41.99 -11.82
N GLU B 632 28.15 -41.39 -12.99
CA GLU B 632 28.94 -42.03 -14.04
C GLU B 632 30.26 -41.27 -14.15
N SER B 633 31.35 -41.93 -13.76
CA SER B 633 32.63 -41.25 -13.59
C SER B 633 33.15 -40.63 -14.88
N TYR B 634 34.04 -39.65 -14.73
CA TYR B 634 34.38 -38.74 -15.81
C TYR B 634 35.69 -39.09 -16.51
N GLU B 635 35.57 -39.55 -17.75
CA GLU B 635 36.75 -39.78 -18.58
C GLU B 635 36.64 -39.16 -19.97
N ILE B 636 37.67 -38.40 -20.34
CA ILE B 636 37.75 -37.82 -21.66
C ILE B 636 38.48 -38.78 -22.57
N PRO B 637 37.86 -39.11 -23.72
CA PRO B 637 38.37 -40.09 -24.69
C PRO B 637 39.85 -39.88 -25.05
N ASN B 638 40.58 -40.96 -25.24
CA ASN B 638 41.99 -40.88 -25.59
C ASN B 638 42.22 -40.62 -27.08
N ASP B 639 41.14 -40.62 -27.85
CA ASP B 639 41.22 -40.41 -29.29
C ASP B 639 41.24 -38.93 -29.68
N MET B 640 40.97 -38.04 -28.73
CA MET B 640 40.94 -36.60 -28.98
C MET B 640 42.30 -35.96 -28.67
N LEU B 641 43.21 -36.76 -28.13
CA LEU B 641 44.49 -36.25 -27.62
C LEU B 641 45.29 -35.48 -28.67
N GLY B 642 45.15 -35.87 -29.93
CA GLY B 642 45.92 -35.25 -31.00
C GLY B 642 45.14 -34.37 -31.96
N LEU B 643 43.87 -34.13 -31.67
CA LEU B 643 43.03 -33.34 -32.57
C LEU B 643 43.51 -31.91 -32.75
N PRO B 644 43.20 -31.30 -33.91
CA PRO B 644 43.48 -29.87 -34.12
C PRO B 644 42.50 -29.01 -33.32
N LEU B 645 42.89 -27.76 -33.09
CA LEU B 645 42.13 -26.87 -32.22
C LEU B 645 40.64 -26.86 -32.55
N ASN B 646 40.29 -26.38 -33.74
CA ASN B 646 38.90 -26.18 -34.12
C ASN B 646 38.02 -27.38 -33.78
N ASP B 647 38.56 -28.58 -34.00
CA ASP B 647 37.83 -29.81 -33.73
C ASP B 647 37.87 -30.20 -32.26
N LEU B 648 39.02 -30.05 -31.63
CA LEU B 648 39.13 -30.25 -30.19
C LEU B 648 38.16 -29.29 -29.50
N ASN B 649 38.26 -28.02 -29.88
CA ASN B 649 37.41 -26.97 -29.34
C ASN B 649 35.94 -27.37 -29.33
N GLU B 650 35.37 -27.57 -30.52
CA GLU B 650 33.94 -27.81 -30.64
C GLU B 650 33.49 -29.18 -30.11
N LYS B 651 34.44 -30.09 -29.87
CA LYS B 651 34.13 -31.37 -29.23
C LYS B 651 34.04 -31.27 -27.70
N LEU B 652 34.81 -30.37 -27.11
CA LEU B 652 34.71 -30.11 -25.68
C LEU B 652 33.45 -29.29 -25.39
N PHE B 653 33.00 -28.51 -26.37
CA PHE B 653 31.75 -27.76 -26.24
C PHE B 653 30.60 -28.73 -26.05
N ASN B 654 30.65 -29.85 -26.77
CA ASN B 654 29.64 -30.90 -26.64
C ASN B 654 29.68 -31.52 -25.26
N ILE B 655 30.89 -31.78 -24.76
CA ILE B 655 31.05 -32.35 -23.42
C ILE B 655 30.58 -31.37 -22.35
N TYR B 656 30.74 -30.08 -22.63
CA TYR B 656 30.34 -29.04 -21.69
C TYR B 656 28.82 -29.09 -21.47
N SER B 657 28.08 -29.17 -22.56
CA SER B 657 26.63 -29.23 -22.50
C SER B 657 26.18 -30.50 -21.80
N LYS B 658 26.71 -31.65 -22.23
CA LYS B 658 26.32 -32.91 -21.60
C LYS B 658 26.46 -32.78 -20.08
N ASN B 659 27.58 -32.22 -19.65
CA ASN B 659 27.85 -32.03 -18.23
C ASN B 659 26.81 -31.15 -17.52
N THR B 660 26.59 -29.95 -18.03
CA THR B 660 25.64 -29.05 -17.38
C THR B 660 24.23 -29.64 -17.35
N ALA B 661 23.89 -30.42 -18.37
CA ALA B 661 22.63 -31.18 -18.37
C ALA B 661 22.64 -32.22 -17.27
N TYR B 662 23.77 -32.91 -17.15
CA TYR B 662 23.96 -33.91 -16.10
C TYR B 662 23.75 -33.31 -14.71
N PHE B 663 24.26 -32.08 -14.52
CA PHE B 663 24.08 -31.38 -13.25
C PHE B 663 22.59 -31.25 -12.99
N LYS B 664 21.85 -30.81 -14.01
CA LYS B 664 20.42 -30.58 -13.86
C LYS B 664 19.70 -31.86 -13.46
N LYS B 665 20.07 -32.97 -14.09
CA LYS B 665 19.55 -34.29 -13.73
C LYS B 665 19.77 -34.58 -12.25
N ILE B 666 21.01 -34.40 -11.79
CA ILE B 666 21.32 -34.63 -10.39
C ILE B 666 20.40 -33.84 -9.45
N TYR B 667 20.27 -32.54 -9.73
CA TYR B 667 19.39 -31.68 -8.96
C TYR B 667 17.97 -32.26 -8.92
N TYR B 668 17.48 -32.67 -10.08
CA TYR B 668 16.15 -33.27 -10.15
C TYR B 668 16.05 -34.44 -9.16
N ASN B 669 16.99 -35.37 -9.28
CA ASN B 669 17.09 -36.51 -8.38
C ASN B 669 17.02 -36.09 -6.90
N PHE B 670 17.67 -34.99 -6.56
CA PHE B 670 17.58 -34.49 -5.20
C PHE B 670 16.18 -33.95 -4.90
N LEU B 671 15.56 -33.27 -5.86
CA LEU B 671 14.20 -32.77 -5.67
C LEU B 671 13.19 -33.90 -5.46
N ASP B 672 13.32 -34.98 -6.22
CA ASP B 672 12.46 -36.15 -6.07
C ASP B 672 12.59 -36.77 -4.68
N GLN B 673 13.83 -36.95 -4.22
CA GLN B 673 14.08 -37.44 -2.86
C GLN B 673 13.46 -36.54 -1.79
N TRP B 674 13.54 -35.23 -2.01
CA TRP B 674 12.93 -34.28 -1.10
C TRP B 674 11.44 -34.55 -1.00
N TRP B 675 10.79 -34.66 -2.16
CA TRP B 675 9.35 -34.87 -2.23
C TRP B 675 8.95 -36.17 -1.55
N THR B 676 9.60 -37.24 -1.99
CA THR B 676 9.34 -38.57 -1.49
C THR B 676 9.66 -38.72 0.01
N GLN B 677 10.85 -38.29 0.40
CA GLN B 677 11.28 -38.44 1.79
C GLN B 677 10.80 -37.34 2.76
N TYR B 678 10.82 -36.09 2.31
CA TYR B 678 10.57 -34.98 3.21
C TYR B 678 9.17 -34.40 3.10
N TYR B 679 8.80 -33.88 1.94
CA TYR B 679 7.44 -33.37 1.80
C TYR B 679 6.37 -34.38 2.25
N SER B 680 6.57 -35.65 1.92
CA SER B 680 5.65 -36.69 2.36
C SER B 680 5.36 -36.53 3.86
N GLN B 681 6.37 -36.17 4.65
CA GLN B 681 6.16 -36.03 6.09
C GLN B 681 5.43 -34.74 6.45
N TYR B 682 5.62 -33.69 5.67
CA TYR B 682 4.92 -32.43 5.94
C TYR B 682 3.47 -32.54 5.50
N PHE B 683 3.22 -33.36 4.48
CA PHE B 683 1.86 -33.56 4.02
C PHE B 683 1.10 -34.39 5.05
N ASP B 684 1.80 -35.26 5.74
CA ASP B 684 1.21 -36.03 6.83
C ASP B 684 0.80 -35.06 7.94
N LEU B 685 1.68 -34.12 8.24
CA LEU B 685 1.42 -33.09 9.22
C LEU B 685 0.21 -32.24 8.81
N ILE B 686 0.16 -31.88 7.54
CA ILE B 686 -0.94 -31.09 6.99
C ILE B 686 -2.27 -31.83 7.20
N CYS B 687 -2.30 -33.12 6.85
CA CYS B 687 -3.51 -33.92 6.97
C CYS B 687 -3.97 -34.10 8.41
N MET B 688 -3.03 -34.45 9.29
CA MET B 688 -3.36 -34.61 10.70
C MET B 688 -3.84 -33.29 11.29
N ALA B 689 -3.21 -32.19 10.88
CA ALA B 689 -3.58 -30.88 11.40
C ALA B 689 -4.99 -30.54 10.91
N LYS B 690 -5.27 -30.87 9.65
CA LYS B 690 -6.60 -30.63 9.10
C LYS B 690 -7.66 -31.49 9.80
N ARG B 691 -7.30 -32.73 10.13
CA ARG B 691 -8.20 -33.61 10.86
C ARG B 691 -8.47 -33.04 12.24
N SER B 692 -7.44 -32.46 12.86
CA SER B 692 -7.59 -31.84 14.16
C SER B 692 -8.62 -30.71 14.09
N VAL B 693 -8.54 -29.90 13.05
CA VAL B 693 -9.49 -28.82 12.84
C VAL B 693 -10.92 -29.36 12.73
N LEU B 694 -11.10 -30.44 11.98
CA LEU B 694 -12.42 -31.05 11.84
C LEU B 694 -12.93 -31.60 13.17
N ALA B 695 -12.04 -32.25 13.90
CA ALA B 695 -12.40 -32.82 15.19
C ALA B 695 -12.89 -31.71 16.11
N GLN B 696 -12.18 -30.58 16.11
CA GLN B 696 -12.55 -29.45 16.94
C GLN B 696 -13.87 -28.86 16.47
N GLU B 697 -13.98 -28.58 15.17
CA GLU B 697 -15.22 -28.09 14.59
C GLU B 697 -16.41 -28.95 15.02
N THR B 698 -16.26 -30.27 14.89
CA THR B 698 -17.31 -31.19 15.31
C THR B 698 -17.72 -30.99 16.77
N LEU B 699 -16.74 -30.88 17.65
CA LEU B 699 -17.03 -30.61 19.06
C LEU B 699 -17.90 -29.36 19.20
N ILE B 700 -17.52 -28.29 18.50
CA ILE B 700 -18.26 -27.03 18.57
C ILE B 700 -19.71 -27.20 18.11
N LYS B 701 -19.89 -27.73 16.90
CA LYS B 701 -21.22 -27.93 16.36
C LYS B 701 -22.09 -28.76 17.28
N ARG B 702 -21.53 -29.82 17.86
CA ARG B 702 -22.28 -30.63 18.81
C ARG B 702 -22.69 -29.81 20.01
N ILE B 703 -21.79 -28.95 20.50
CA ILE B 703 -22.14 -28.09 21.62
C ILE B 703 -23.30 -27.15 21.26
N ILE B 704 -23.24 -26.59 20.07
CA ILE B 704 -24.29 -25.69 19.59
C ILE B 704 -25.58 -26.47 19.39
N GLN B 705 -25.47 -27.65 18.80
CA GLN B 705 -26.66 -28.43 18.49
C GLN B 705 -27.39 -28.85 19.75
N LYS B 706 -26.64 -29.19 20.79
CA LYS B 706 -27.22 -29.58 22.08
C LYS B 706 -28.01 -28.44 22.72
N LYS B 707 -27.45 -27.23 22.66
CA LYS B 707 -28.10 -26.09 23.26
C LYS B 707 -29.39 -25.75 22.51
N LEU B 708 -29.32 -25.79 21.18
CA LEU B 708 -30.49 -25.53 20.36
C LEU B 708 -31.54 -26.62 20.59
N SER B 709 -31.08 -27.86 20.56
CA SER B 709 -31.95 -29.02 20.74
C SER B 709 -32.66 -28.93 22.09
N TYR B 710 -31.95 -28.43 23.09
CA TYR B 710 -32.48 -28.35 24.45
C TYR B 710 -33.54 -27.28 24.59
N LEU B 711 -33.24 -26.07 24.10
CA LEU B 711 -34.22 -24.99 24.11
C LEU B 711 -35.50 -25.37 23.38
N ILE B 712 -35.34 -25.98 22.21
CA ILE B 712 -36.48 -26.49 21.47
C ILE B 712 -37.22 -27.54 22.30
N GLY B 713 -36.46 -28.34 23.03
CA GLY B 713 -37.04 -29.39 23.84
C GLY B 713 -37.91 -28.86 24.95
N ASN B 714 -37.32 -28.07 25.85
CA ASN B 714 -38.12 -27.43 26.89
C ASN B 714 -37.76 -25.97 27.13
N SER B 715 -38.57 -25.06 26.62
CA SER B 715 -38.46 -23.65 26.95
C SER B 715 -39.72 -22.92 26.49
N ASN B 716 -39.96 -21.74 27.04
CA ASN B 716 -41.14 -20.97 26.70
C ASN B 716 -40.96 -20.13 25.45
N ILE B 717 -39.79 -20.23 24.82
CA ILE B 717 -39.52 -19.51 23.58
C ILE B 717 -40.62 -19.78 22.56
N SER B 718 -41.13 -18.73 21.94
CA SER B 718 -42.27 -18.86 21.02
C SER B 718 -41.94 -19.82 19.90
N SER B 719 -42.95 -20.54 19.43
CA SER B 719 -42.74 -21.53 18.38
C SER B 719 -41.97 -20.95 17.18
N ASP B 720 -42.45 -19.85 16.62
CA ASP B 720 -41.83 -19.29 15.42
C ASP B 720 -40.54 -18.53 15.71
N ASN B 721 -40.30 -18.22 16.98
CA ASN B 721 -38.98 -17.73 17.38
C ASN B 721 -37.98 -18.89 17.35
N LEU B 722 -38.38 -20.04 17.88
CA LEU B 722 -37.61 -21.26 17.72
C LEU B 722 -37.35 -21.49 16.23
N ALA B 723 -38.40 -21.35 15.42
CA ALA B 723 -38.26 -21.52 13.98
C ALA B 723 -37.11 -20.68 13.42
N LEU B 724 -37.11 -19.40 13.75
CA LEU B 724 -36.06 -18.50 13.28
C LEU B 724 -34.72 -18.98 13.83
N MET B 725 -34.70 -19.32 15.11
CA MET B 725 -33.49 -19.82 15.76
C MET B 725 -32.88 -20.99 15.00
N ASN B 726 -33.74 -21.89 14.56
CA ASN B 726 -33.29 -23.07 13.82
C ASN B 726 -32.71 -22.69 12.46
N LEU B 727 -33.41 -21.82 11.74
CA LEU B 727 -32.93 -21.39 10.45
C LEU B 727 -31.59 -20.65 10.62
N THR B 728 -31.54 -19.77 11.61
CA THR B 728 -30.38 -18.93 11.86
C THR B 728 -29.16 -19.73 12.26
N THR B 729 -29.34 -20.68 13.17
CA THR B 729 -28.23 -21.52 13.64
C THR B 729 -27.56 -22.25 12.47
N THR B 730 -28.39 -22.75 11.56
CA THR B 730 -27.90 -23.38 10.34
C THR B 730 -26.92 -22.49 9.60
N ASN B 731 -27.29 -21.22 9.44
CA ASN B 731 -26.39 -20.28 8.81
C ASN B 731 -25.11 -20.09 9.61
N THR B 732 -25.22 -20.11 10.93
CA THR B 732 -24.06 -20.00 11.79
C THR B 732 -23.14 -21.21 11.65
N LEU B 733 -23.72 -22.39 11.48
CA LEU B 733 -22.91 -23.60 11.32
C LEU B 733 -22.15 -23.57 10.01
N ARG B 734 -22.70 -22.88 9.01
CA ARG B 734 -21.99 -22.69 7.76
C ARG B 734 -20.85 -21.71 7.99
N ASP B 735 -21.14 -20.62 8.67
CA ASP B 735 -20.13 -19.63 9.02
C ASP B 735 -18.97 -20.27 9.77
N ILE B 736 -19.27 -21.31 10.55
CA ILE B 736 -18.24 -22.01 11.29
C ILE B 736 -17.36 -22.89 10.38
N SER B 737 -17.96 -23.44 9.32
CA SER B 737 -17.20 -24.21 8.35
C SER B 737 -16.30 -23.29 7.54
N ASN B 738 -16.82 -22.11 7.20
CA ASN B 738 -16.04 -21.15 6.43
C ASN B 738 -14.83 -20.72 7.22
N GLU B 739 -14.99 -20.67 8.55
CA GLU B 739 -13.91 -20.29 9.44
C GLU B 739 -12.93 -21.44 9.58
N SER B 740 -13.48 -22.65 9.70
CA SER B 740 -12.64 -23.85 9.69
C SER B 740 -11.82 -23.91 8.42
N GLN B 741 -12.40 -23.49 7.31
CA GLN B 741 -11.72 -23.58 6.02
C GLN B 741 -10.52 -22.64 5.96
N ILE B 742 -10.68 -21.43 6.48
CA ILE B 742 -9.59 -20.48 6.55
C ILE B 742 -8.42 -21.11 7.29
N ALA B 743 -8.74 -21.77 8.40
CA ALA B 743 -7.73 -22.42 9.22
C ALA B 743 -7.03 -23.58 8.50
N MET B 744 -7.78 -24.37 7.74
CA MET B 744 -7.17 -25.48 6.99
C MET B 744 -6.30 -24.96 5.84
N ASN B 745 -6.54 -23.73 5.41
CA ASN B 745 -5.68 -23.09 4.41
C ASN B 745 -4.41 -22.59 5.06
N ASN B 746 -4.58 -22.07 6.27
CA ASN B 746 -3.46 -21.64 7.08
C ASN B 746 -2.46 -22.76 7.30
N VAL B 747 -2.92 -23.95 7.68
CA VAL B 747 -1.96 -25.02 7.93
C VAL B 747 -1.32 -25.51 6.64
N ASP B 748 -2.01 -25.34 5.52
CA ASP B 748 -1.45 -25.73 4.23
C ASP B 748 -0.28 -24.81 3.79
N SER B 749 -0.47 -23.51 3.92
CA SER B 749 0.58 -22.55 3.58
C SER B 749 1.76 -22.70 4.53
N PHE B 750 1.44 -22.74 5.82
CA PHE B 750 2.43 -22.86 6.86
C PHE B 750 3.33 -24.05 6.58
N LEU B 751 2.72 -25.21 6.42
CA LEU B 751 3.49 -26.44 6.31
C LEU B 751 4.16 -26.60 4.95
N ASN B 752 3.54 -26.08 3.89
CA ASN B 752 4.18 -26.10 2.57
C ASN B 752 5.43 -25.22 2.54
N ASN B 753 5.32 -24.02 3.11
CA ASN B 753 6.49 -23.16 3.24
C ASN B 753 7.59 -23.85 4.01
N ALA B 754 7.24 -24.44 5.15
CA ALA B 754 8.21 -25.18 5.96
C ALA B 754 8.96 -26.22 5.11
N ALA B 755 8.21 -27.05 4.40
CA ALA B 755 8.81 -28.10 3.58
C ALA B 755 9.78 -27.51 2.55
N ILE B 756 9.42 -26.35 2.01
CA ILE B 756 10.27 -25.70 1.01
C ILE B 756 11.52 -25.13 1.67
N CYS B 757 11.36 -24.69 2.92
CA CYS B 757 12.47 -24.16 3.69
C CYS B 757 13.43 -25.30 3.99
N VAL B 758 12.89 -26.49 4.26
CA VAL B 758 13.72 -27.66 4.49
C VAL B 758 14.54 -28.02 3.25
N PHE B 759 13.96 -27.84 2.07
CA PHE B 759 14.74 -28.06 0.85
C PHE B 759 15.90 -27.07 0.71
N GLU B 760 15.66 -25.79 0.99
CA GLU B 760 16.71 -24.78 0.91
C GLU B 760 17.74 -25.03 2.00
N SER B 761 17.28 -25.27 3.22
CA SER B 761 18.14 -25.34 4.39
C SER B 761 18.85 -26.68 4.59
N ASN B 762 18.26 -27.76 4.10
CA ASN B 762 18.75 -29.10 4.43
C ASN B 762 19.16 -29.94 3.23
N ILE B 763 18.26 -30.11 2.28
CA ILE B 763 18.55 -30.88 1.07
C ILE B 763 19.51 -30.14 0.14
N TYR B 764 19.10 -28.96 -0.32
CA TYR B 764 19.90 -28.17 -1.27
C TYR B 764 21.40 -28.10 -0.97
N PRO B 765 21.78 -27.78 0.27
CA PRO B 765 23.20 -27.70 0.61
C PRO B 765 23.94 -29.03 0.49
N LYS B 766 23.24 -30.16 0.68
CA LYS B 766 23.87 -31.46 0.45
C LYS B 766 24.13 -31.65 -1.03
N PHE B 767 23.21 -31.16 -1.85
CA PHE B 767 23.37 -31.11 -3.30
C PHE B 767 24.62 -30.29 -3.70
N ILE B 768 24.75 -29.10 -3.11
CA ILE B 768 25.86 -28.21 -3.43
C ILE B 768 27.20 -28.82 -3.04
N SER B 769 27.23 -29.50 -1.90
CA SER B 769 28.42 -30.25 -1.49
C SER B 769 28.78 -31.25 -2.58
N PHE B 770 27.81 -32.11 -2.91
CA PHE B 770 28.01 -33.16 -3.90
C PHE B 770 28.48 -32.60 -5.24
N MET B 771 28.00 -31.41 -5.59
CA MET B 771 28.29 -30.83 -6.90
C MET B 771 29.67 -30.19 -7.01
N GLU B 772 30.18 -29.64 -5.91
CA GLU B 772 31.53 -29.10 -5.95
C GLU B 772 32.63 -30.16 -5.85
N GLN B 773 32.32 -31.28 -5.20
CA GLN B 773 33.20 -32.45 -5.29
C GLN B 773 33.23 -32.91 -6.73
N CYS B 774 32.06 -32.87 -7.36
CA CYS B 774 31.87 -33.37 -8.71
C CYS B 774 32.58 -32.52 -9.77
N ILE B 775 32.41 -31.20 -9.71
CA ILE B 775 33.06 -30.33 -10.68
C ILE B 775 34.53 -30.10 -10.35
N ASN B 776 34.90 -30.26 -9.08
CA ASN B 776 36.32 -30.28 -8.72
C ASN B 776 37.01 -31.43 -9.42
N ASN B 777 36.37 -32.60 -9.39
CA ASN B 777 36.87 -33.75 -10.12
C ASN B 777 36.93 -33.45 -11.60
N ILE B 778 35.80 -33.08 -12.19
CA ILE B 778 35.74 -32.77 -13.61
C ILE B 778 36.80 -31.75 -14.00
N ASN B 779 36.93 -30.69 -13.22
CA ASN B 779 37.94 -29.68 -13.50
C ASN B 779 39.35 -30.27 -13.58
N ILE B 780 39.66 -31.16 -12.65
CA ILE B 780 40.94 -31.88 -12.67
C ILE B 780 41.14 -32.63 -13.97
N LYS B 781 40.29 -33.62 -14.21
CA LYS B 781 40.39 -34.48 -15.38
C LYS B 781 40.47 -33.70 -16.69
N THR B 782 39.79 -32.55 -16.73
CA THR B 782 39.76 -31.74 -17.95
C THR B 782 41.06 -30.93 -18.12
N LYS B 783 41.69 -30.58 -17.01
CA LYS B 783 42.96 -29.85 -17.06
C LYS B 783 44.07 -30.83 -17.41
N GLU B 784 44.03 -31.99 -16.78
CA GLU B 784 45.00 -33.05 -17.06
C GLU B 784 44.90 -33.49 -18.51
N PHE B 785 43.68 -33.55 -19.03
CA PHE B 785 43.48 -33.93 -20.42
C PHE B 785 44.12 -32.92 -21.38
N ILE B 786 43.81 -31.64 -21.18
CA ILE B 786 44.27 -30.58 -22.07
C ILE B 786 45.80 -30.42 -22.10
N GLN B 787 46.46 -30.72 -20.98
CA GLN B 787 47.92 -30.66 -20.92
C GLN B 787 48.53 -31.76 -21.77
N LYS B 788 47.82 -32.88 -21.88
CA LYS B 788 48.31 -34.05 -22.61
C LYS B 788 48.02 -33.94 -24.10
N CYS B 789 47.47 -32.80 -24.52
CA CYS B 789 47.15 -32.60 -25.93
C CYS B 789 48.40 -32.34 -26.74
N THR B 790 48.62 -33.19 -27.74
CA THR B 790 49.84 -33.14 -28.55
C THR B 790 49.81 -32.05 -29.61
N ASN B 791 48.69 -31.93 -30.30
CA ASN B 791 48.62 -31.13 -31.53
C ASN B 791 48.26 -29.66 -31.36
N ILE B 792 48.19 -29.20 -30.12
CA ILE B 792 47.98 -27.77 -29.85
C ILE B 792 49.12 -27.18 -29.03
N ASN B 793 49.29 -25.87 -29.10
CA ASN B 793 50.40 -25.21 -28.41
C ASN B 793 50.02 -24.79 -26.99
N GLU B 794 50.92 -24.04 -26.35
CA GLU B 794 50.73 -23.66 -24.95
C GLU B 794 49.72 -22.54 -24.76
N ASP B 795 49.69 -21.58 -25.69
CA ASP B 795 48.71 -20.51 -25.63
C ASP B 795 47.30 -21.07 -25.84
N GLU B 796 47.21 -22.13 -26.63
CA GLU B 796 45.93 -22.80 -26.89
C GLU B 796 45.42 -23.54 -25.64
N LYS B 797 46.33 -24.22 -24.93
CA LYS B 797 45.97 -24.96 -23.73
C LYS B 797 45.33 -24.08 -22.66
N LEU B 798 45.88 -22.88 -22.47
CA LEU B 798 45.42 -21.98 -21.42
C LEU B 798 44.05 -21.40 -21.75
N GLN B 799 43.84 -21.08 -23.02
CA GLN B 799 42.55 -20.56 -23.46
C GLN B 799 41.49 -21.65 -23.41
N LEU B 800 41.90 -22.89 -23.68
CA LEU B 800 40.99 -24.03 -23.64
C LEU B 800 40.58 -24.44 -22.23
N ILE B 801 41.56 -24.62 -21.35
CA ILE B 801 41.27 -24.93 -19.97
C ILE B 801 40.28 -23.92 -19.40
N ASN B 802 40.50 -22.65 -19.74
CA ASN B 802 39.64 -21.56 -19.30
C ASN B 802 38.21 -21.64 -19.82
N GLN B 803 38.09 -22.01 -21.09
CA GLN B 803 36.77 -22.13 -21.70
C GLN B 803 35.94 -23.24 -21.04
N ASN B 804 36.61 -24.31 -20.63
CA ASN B 804 35.94 -25.51 -20.14
C ASN B 804 35.78 -25.69 -18.63
N VAL B 805 36.17 -24.70 -17.85
CA VAL B 805 36.15 -24.83 -16.39
C VAL B 805 34.78 -24.55 -15.74
N PHE B 806 34.41 -25.38 -14.77
CA PHE B 806 33.14 -25.23 -14.06
C PHE B 806 33.28 -24.57 -12.68
N ASN B 807 32.31 -23.74 -12.33
CA ASN B 807 32.23 -23.11 -11.02
C ASN B 807 30.82 -23.26 -10.44
N SER B 808 30.66 -22.94 -9.17
CA SER B 808 29.40 -23.17 -8.47
C SER B 808 28.16 -22.64 -9.19
N LEU B 809 28.28 -21.51 -9.87
CA LEU B 809 27.13 -20.91 -10.52
C LEU B 809 26.52 -21.81 -11.61
N ASP B 810 27.36 -22.70 -12.17
CA ASP B 810 26.90 -23.66 -13.17
C ASP B 810 25.87 -24.65 -12.62
N PHE B 811 25.76 -24.75 -11.29
CA PHE B 811 24.81 -25.69 -10.69
C PHE B 811 23.93 -25.15 -9.55
N GLU B 812 23.87 -23.83 -9.40
CA GLU B 812 23.01 -23.23 -8.38
C GLU B 812 21.60 -23.04 -8.93
N PHE B 813 20.78 -24.10 -8.89
CA PHE B 813 19.54 -24.14 -9.64
C PHE B 813 18.34 -23.66 -8.82
N LEU B 814 18.57 -23.37 -7.55
CA LEU B 814 17.46 -23.06 -6.68
C LEU B 814 16.64 -21.93 -7.25
N ASN B 815 15.35 -22.19 -7.43
CA ASN B 815 14.40 -21.14 -7.75
C ASN B 815 13.24 -21.28 -6.77
N ILE B 816 13.14 -20.32 -5.85
CA ILE B 816 12.19 -20.42 -4.75
C ILE B 816 10.76 -20.21 -5.26
N GLN B 817 10.61 -19.37 -6.27
CA GLN B 817 9.29 -19.17 -6.88
C GLN B 817 8.78 -20.46 -7.52
N ASN B 818 9.67 -21.24 -8.12
CA ASN B 818 9.30 -22.54 -8.66
C ASN B 818 8.92 -23.52 -7.57
N MET B 819 9.64 -23.49 -6.46
CA MET B 819 9.28 -24.34 -5.34
C MET B 819 7.83 -24.05 -4.98
N LYS B 820 7.52 -22.76 -4.81
CA LYS B 820 6.17 -22.32 -4.41
C LYS B 820 5.10 -22.67 -5.45
N SER B 821 5.43 -22.51 -6.73
CA SER B 821 4.47 -22.77 -7.79
C SER B 821 4.07 -24.24 -7.92
N LEU B 822 4.83 -25.11 -7.28
CA LEU B 822 4.52 -26.55 -7.31
C LEU B 822 3.10 -26.80 -6.83
N PHE B 823 2.71 -26.08 -5.78
CA PHE B 823 1.45 -26.36 -5.11
C PHE B 823 0.27 -25.63 -5.72
N SER B 824 0.52 -24.84 -6.75
CA SER B 824 -0.58 -24.23 -7.47
C SER B 824 -0.92 -25.19 -8.59
N SER B 825 -2.00 -25.93 -8.39
CA SER B 825 -2.48 -26.91 -9.34
C SER B 825 -3.74 -26.33 -9.93
N GLU B 826 -4.33 -27.05 -10.88
CA GLU B 826 -5.62 -26.63 -11.40
C GLU B 826 -6.59 -26.64 -10.23
N THR B 827 -6.51 -27.68 -9.42
CA THR B 827 -7.43 -27.85 -8.31
C THR B 827 -7.32 -26.70 -7.30
N ALA B 828 -6.10 -26.34 -6.93
CA ALA B 828 -5.89 -25.24 -5.98
C ALA B 828 -6.52 -23.95 -6.50
N LEU B 829 -6.41 -23.75 -7.82
CA LEU B 829 -6.99 -22.60 -8.49
C LEU B 829 -8.52 -22.69 -8.47
N LEU B 830 -9.06 -23.81 -8.96
CA LEU B 830 -10.50 -24.01 -8.97
C LEU B 830 -11.09 -23.75 -7.59
N ILE B 831 -10.40 -24.21 -6.55
CA ILE B 831 -10.88 -24.03 -5.20
C ILE B 831 -10.91 -22.56 -4.81
N LYS B 832 -9.85 -21.83 -5.18
CA LYS B 832 -9.80 -20.38 -4.95
C LYS B 832 -11.03 -19.69 -5.56
N GLU B 833 -11.33 -20.00 -6.81
CA GLU B 833 -12.39 -19.34 -7.55
C GLU B 833 -13.79 -19.72 -7.05
N GLU B 834 -13.92 -20.94 -6.53
CA GLU B 834 -15.20 -21.39 -6.00
C GLU B 834 -15.46 -20.84 -4.61
N THR B 835 -14.39 -20.66 -3.83
CA THR B 835 -14.50 -20.19 -2.46
C THR B 835 -14.20 -18.70 -2.20
N TRP B 836 -13.94 -17.93 -3.24
CA TRP B 836 -13.64 -16.52 -3.01
C TRP B 836 -14.86 -15.75 -2.46
N PRO B 837 -14.63 -14.58 -1.86
CA PRO B 837 -15.64 -13.78 -1.16
C PRO B 837 -16.79 -13.26 -2.01
N TYR B 838 -16.70 -13.30 -3.35
CA TYR B 838 -17.80 -12.75 -4.14
C TYR B 838 -19.08 -13.60 -4.07
N GLU B 839 -20.17 -13.02 -3.55
CA GLU B 839 -21.47 -13.65 -3.65
C GLU B 839 -22.31 -13.08 -4.78
N LEU B 840 -21.99 -11.87 -5.18
CA LEU B 840 -22.63 -11.25 -6.33
C LEU B 840 -21.65 -10.32 -7.01
N VAL B 841 -21.48 -10.48 -8.33
CA VAL B 841 -20.77 -9.49 -9.11
C VAL B 841 -21.59 -9.15 -10.33
N LEU B 842 -22.15 -7.96 -10.36
CA LEU B 842 -23.10 -7.61 -11.42
C LEU B 842 -22.39 -7.09 -12.67
N TYR B 843 -22.64 -7.76 -13.79
CA TYR B 843 -22.12 -7.30 -15.06
C TYR B 843 -23.25 -6.95 -16.01
N ALA B 844 -23.00 -6.04 -16.93
CA ALA B 844 -23.97 -5.67 -17.94
C ALA B 844 -23.29 -5.22 -19.22
N PHE B 845 -23.88 -5.57 -20.36
CA PHE B 845 -23.41 -5.07 -21.64
C PHE B 845 -24.48 -5.14 -22.73
N LYS B 846 -24.25 -4.40 -23.81
CA LYS B 846 -25.22 -4.32 -24.91
C LYS B 846 -24.86 -5.23 -26.08
N GLU B 847 -25.70 -6.25 -26.30
CA GLU B 847 -25.65 -7.03 -27.53
C GLU B 847 -26.58 -6.38 -28.55
N PRO B 848 -26.39 -6.70 -29.84
CA PRO B 848 -27.35 -6.12 -30.78
C PRO B 848 -28.78 -6.60 -30.48
N GLY B 849 -29.70 -5.65 -30.32
CA GLY B 849 -31.08 -5.96 -30.00
C GLY B 849 -31.27 -6.62 -28.63
N ASN B 850 -30.23 -6.61 -27.80
CA ASN B 850 -30.35 -7.20 -26.48
C ASN B 850 -29.48 -6.51 -25.43
N ASN B 851 -30.00 -6.34 -24.22
CA ASN B 851 -29.21 -5.90 -23.07
C ASN B 851 -28.94 -7.08 -22.16
N VAL B 852 -27.67 -7.33 -21.84
CA VAL B 852 -27.31 -8.46 -21.01
C VAL B 852 -26.96 -8.03 -19.58
N ILE B 853 -27.60 -8.67 -18.61
CA ILE B 853 -27.28 -8.48 -17.20
C ILE B 853 -27.04 -9.87 -16.63
N GLY B 854 -26.00 -9.99 -15.81
CA GLY B 854 -25.65 -11.28 -15.23
C GLY B 854 -24.79 -11.17 -14.00
N ASP B 855 -24.48 -12.32 -13.41
CA ASP B 855 -23.66 -12.39 -12.22
C ASP B 855 -22.42 -13.24 -12.48
N ALA B 856 -21.26 -12.66 -12.21
CA ALA B 856 -19.97 -13.31 -12.46
C ALA B 856 -19.38 -14.00 -11.25
N SER B 857 -20.06 -13.95 -10.11
CA SER B 857 -19.49 -14.44 -8.85
C SER B 857 -19.17 -15.92 -8.94
N GLY B 858 -19.90 -16.62 -9.80
CA GLY B 858 -19.73 -18.06 -9.94
C GLY B 858 -20.49 -18.79 -8.85
N LYS B 859 -21.31 -18.03 -8.12
CA LYS B 859 -22.20 -18.61 -7.13
C LYS B 859 -23.60 -18.88 -7.72
N ASN B 860 -24.54 -19.21 -6.83
CA ASN B 860 -25.88 -19.63 -7.23
C ASN B 860 -26.86 -18.49 -7.53
N THR B 861 -26.36 -17.26 -7.53
CA THR B 861 -27.20 -16.07 -7.67
C THR B 861 -28.12 -16.14 -8.89
N SER B 862 -29.42 -15.98 -8.66
CA SER B 862 -30.42 -15.88 -9.72
C SER B 862 -30.77 -14.42 -9.90
N ILE B 863 -31.00 -14.00 -11.14
CA ILE B 863 -31.31 -12.61 -11.41
C ILE B 863 -32.63 -12.49 -12.15
N GLU B 864 -33.50 -11.63 -11.65
CA GLU B 864 -34.77 -11.37 -12.29
C GLU B 864 -34.90 -9.85 -12.45
N TYR B 865 -35.25 -9.41 -13.65
CA TYR B 865 -35.30 -7.98 -13.89
C TYR B 865 -36.32 -7.59 -14.96
N SER B 866 -36.79 -6.35 -14.88
CA SER B 866 -37.68 -5.79 -15.88
C SER B 866 -37.07 -5.92 -17.27
N LYS B 867 -37.88 -6.31 -18.24
CA LYS B 867 -37.39 -6.53 -19.59
C LYS B 867 -36.85 -5.26 -20.24
N ASP B 868 -37.45 -4.13 -19.92
CA ASP B 868 -37.09 -2.86 -20.57
C ASP B 868 -35.99 -2.03 -19.88
N ILE B 869 -35.34 -2.57 -18.85
CA ILE B 869 -34.24 -1.86 -18.22
C ILE B 869 -33.14 -1.49 -19.22
N GLY B 870 -32.74 -0.22 -19.23
CA GLY B 870 -31.73 0.26 -20.18
C GLY B 870 -30.32 0.29 -19.60
N LEU B 871 -29.33 0.34 -20.49
CA LEU B 871 -27.94 0.38 -20.08
C LEU B 871 -27.25 1.67 -20.57
N VAL B 872 -26.40 2.24 -19.72
CA VAL B 872 -25.65 3.43 -20.08
C VAL B 872 -24.23 3.35 -19.57
N TYR B 873 -23.27 3.86 -20.35
CA TYR B 873 -21.90 3.85 -19.86
C TYR B 873 -21.75 4.70 -18.62
N GLY B 874 -21.16 4.06 -17.61
CA GLY B 874 -20.92 4.60 -16.28
C GLY B 874 -19.49 5.07 -16.13
N ILE B 875 -18.91 4.68 -15.00
CA ILE B 875 -17.51 4.90 -14.73
C ILE B 875 -16.59 3.99 -15.57
N ASN B 876 -16.56 2.70 -15.26
CA ASN B 876 -15.76 1.75 -16.03
C ASN B 876 -16.50 0.80 -16.99
N SER B 877 -17.83 0.85 -17.00
CA SER B 877 -18.61 -0.14 -17.74
C SER B 877 -20.05 0.31 -17.91
N ASP B 878 -20.88 -0.55 -18.46
CA ASP B 878 -22.30 -0.20 -18.63
C ASP B 878 -23.04 -0.21 -17.28
N ALA B 879 -23.82 0.84 -17.06
CA ALA B 879 -24.58 0.99 -15.83
C ALA B 879 -26.06 0.71 -16.10
N LEU B 880 -26.75 0.21 -15.08
CA LEU B 880 -28.19 0.00 -15.19
C LEU B 880 -28.94 1.31 -14.95
N TYR B 881 -29.94 1.57 -15.79
CA TYR B 881 -30.83 2.71 -15.58
C TYR B 881 -32.16 2.24 -15.04
N LEU B 882 -32.48 2.69 -13.83
CA LEU B 882 -33.80 2.45 -13.25
C LEU B 882 -34.58 3.75 -13.29
N ASN B 883 -35.78 3.72 -13.87
CA ASN B 883 -36.57 4.94 -14.07
C ASN B 883 -37.31 5.44 -12.82
N GLY B 884 -37.36 4.61 -11.79
CA GLY B 884 -37.99 4.99 -10.55
C GLY B 884 -39.46 4.59 -10.48
N SER B 885 -40.07 4.33 -11.64
CA SER B 885 -41.49 4.01 -11.64
C SER B 885 -41.78 2.51 -11.62
N ASN B 886 -41.63 1.85 -12.76
CA ASN B 886 -41.95 0.42 -12.81
C ASN B 886 -40.75 -0.53 -12.78
N GLN B 887 -39.54 0.01 -12.83
CA GLN B 887 -38.37 -0.82 -13.06
C GLN B 887 -37.68 -1.29 -11.78
N SER B 888 -37.37 -2.58 -11.74
CA SER B 888 -36.74 -3.18 -10.59
C SER B 888 -35.92 -4.38 -11.02
N ILE B 889 -34.95 -4.75 -10.19
CA ILE B 889 -34.15 -5.92 -10.43
C ILE B 889 -33.90 -6.61 -9.08
N SER B 890 -33.79 -7.92 -9.09
CA SER B 890 -33.68 -8.67 -7.85
C SER B 890 -32.68 -9.81 -7.94
N PHE B 891 -31.90 -9.99 -6.89
CA PHE B 891 -30.83 -10.98 -6.87
C PHE B 891 -31.08 -11.97 -5.75
N SER B 892 -30.93 -13.25 -6.06
CA SER B 892 -31.30 -14.29 -5.13
C SER B 892 -30.15 -15.23 -4.82
N ASN B 893 -29.76 -15.28 -3.55
CA ASN B 893 -28.67 -16.16 -3.10
C ASN B 893 -28.94 -16.50 -1.65
N ASP B 894 -28.74 -17.75 -1.26
CA ASP B 894 -29.05 -18.12 0.12
C ASP B 894 -28.19 -17.35 1.13
N PHE B 895 -27.01 -16.91 0.70
CA PHE B 895 -26.14 -16.11 1.55
C PHE B 895 -26.79 -14.79 1.94
N PHE B 896 -27.58 -14.23 1.02
CA PHE B 896 -28.14 -12.88 1.18
C PHE B 896 -29.01 -12.69 2.43
N GLU B 897 -29.54 -13.80 2.95
CA GLU B 897 -30.41 -13.74 4.12
C GLU B 897 -29.66 -13.34 5.38
N ASN B 898 -28.34 -13.45 5.33
CA ASN B 898 -27.48 -13.14 6.46
C ASN B 898 -27.80 -14.01 7.67
N GLY B 899 -27.93 -13.38 8.84
CA GLY B 899 -28.10 -14.14 10.05
C GLY B 899 -27.52 -13.41 11.24
N LEU B 900 -27.09 -14.17 12.23
CA LEU B 900 -26.40 -13.64 13.39
C LEU B 900 -24.89 -13.39 13.20
N THR B 901 -24.18 -14.42 12.69
CA THR B 901 -22.73 -14.42 12.71
C THR B 901 -21.92 -14.10 11.44
N ASN B 902 -22.55 -13.98 10.28
CA ASN B 902 -21.80 -13.77 9.04
C ASN B 902 -21.42 -12.31 8.79
N SER B 903 -20.37 -12.09 8.01
CA SER B 903 -19.98 -10.74 7.66
C SER B 903 -20.19 -10.56 6.16
N PHE B 904 -20.38 -9.31 5.73
CA PHE B 904 -20.57 -9.04 4.32
C PHE B 904 -20.24 -7.60 3.97
N SER B 905 -20.05 -7.35 2.68
CA SER B 905 -19.84 -6.01 2.22
C SER B 905 -20.75 -5.82 1.03
N ILE B 906 -21.25 -4.58 0.89
CA ILE B 906 -22.02 -4.20 -0.27
C ILE B 906 -21.32 -3.03 -0.88
N TYR B 907 -21.09 -3.08 -2.18
CA TYR B 907 -20.70 -1.87 -2.85
C TYR B 907 -21.20 -1.72 -4.27
N PHE B 908 -21.18 -0.48 -4.73
CA PHE B 908 -21.66 -0.15 -6.06
C PHE B 908 -21.42 1.32 -6.34
N TRP B 909 -21.43 1.66 -7.62
CA TRP B 909 -21.45 3.05 -8.04
C TRP B 909 -22.90 3.45 -8.26
N LEU B 910 -23.21 4.68 -7.89
CA LEU B 910 -24.57 5.17 -7.99
C LEU B 910 -24.57 6.62 -8.43
N ARG B 911 -25.36 6.95 -9.44
CA ARG B 911 -25.60 8.34 -9.77
C ARG B 911 -27.08 8.54 -9.74
N ASN B 912 -27.50 9.53 -8.97
CA ASN B 912 -28.90 9.75 -8.73
C ASN B 912 -29.32 11.10 -9.25
N LEU B 913 -30.37 11.13 -10.04
CA LEU B 913 -30.86 12.42 -10.46
C LEU B 913 -31.84 12.78 -9.35
N GLY B 914 -31.29 13.55 -8.41
CA GLY B 914 -31.95 13.83 -7.14
C GLY B 914 -33.06 14.83 -7.22
N LYS B 915 -34.26 14.45 -6.77
CA LYS B 915 -35.37 15.37 -6.78
C LYS B 915 -36.03 15.52 -5.40
N ASP B 916 -36.82 14.52 -5.05
CA ASP B 916 -37.61 14.54 -3.82
C ASP B 916 -36.72 14.32 -2.61
N THR B 917 -37.19 14.74 -1.45
CA THR B 917 -36.52 14.41 -0.20
C THR B 917 -37.09 13.15 0.46
N ILE B 918 -38.22 12.66 -0.06
CA ILE B 918 -38.98 11.61 0.63
C ILE B 918 -38.34 10.22 0.65
N LYS B 919 -38.32 9.62 1.84
CA LYS B 919 -37.66 8.33 2.08
C LYS B 919 -38.17 7.24 1.14
N SER B 920 -37.25 6.63 0.39
CA SER B 920 -37.61 5.68 -0.65
C SER B 920 -36.62 4.52 -0.69
N LYS B 921 -37.14 3.31 -0.85
CA LYS B 921 -36.29 2.14 -0.94
C LYS B 921 -35.43 2.24 -2.18
N LEU B 922 -34.12 2.03 -2.01
CA LEU B 922 -33.20 1.90 -3.14
C LEU B 922 -32.86 0.44 -3.31
N ILE B 923 -32.18 -0.11 -2.31
CA ILE B 923 -31.77 -1.51 -2.34
C ILE B 923 -31.68 -2.04 -0.92
N GLY B 924 -32.04 -3.31 -0.74
CA GLY B 924 -31.99 -3.92 0.57
C GLY B 924 -32.49 -5.35 0.56
N SER B 925 -32.39 -6.00 1.72
CA SER B 925 -32.95 -7.33 1.89
C SER B 925 -33.72 -7.36 3.20
N LYS B 926 -35.04 -7.51 3.12
CA LYS B 926 -35.86 -7.42 4.30
C LYS B 926 -36.98 -8.44 4.26
N GLU B 927 -37.21 -9.09 5.39
CA GLU B 927 -38.35 -9.97 5.57
C GLU B 927 -38.71 -9.95 7.03
N ASP B 928 -40.01 -9.95 7.31
CA ASP B 928 -40.49 -9.94 8.68
C ASP B 928 -39.86 -8.79 9.45
N ASN B 929 -39.57 -7.70 8.73
CA ASN B 929 -38.98 -6.51 9.34
C ASN B 929 -37.59 -6.74 9.98
N CYS B 930 -36.76 -7.52 9.30
CA CYS B 930 -35.37 -7.70 9.70
C CYS B 930 -34.52 -7.54 8.46
N GLY B 931 -33.21 -7.42 8.65
CA GLY B 931 -32.33 -7.16 7.53
C GLY B 931 -31.86 -5.72 7.39
N TRP B 932 -31.48 -5.37 6.16
CA TRP B 932 -30.89 -4.07 5.90
C TRP B 932 -31.53 -3.43 4.67
N GLU B 933 -31.56 -2.10 4.67
CA GLU B 933 -32.02 -1.33 3.52
C GLU B 933 -31.22 -0.03 3.37
N ILE B 934 -30.92 0.32 2.12
CA ILE B 934 -30.43 1.65 1.81
C ILE B 934 -31.55 2.46 1.17
N TYR B 935 -31.85 3.61 1.75
CA TYR B 935 -32.92 4.49 1.30
C TYR B 935 -32.38 5.76 0.67
N PHE B 936 -33.14 6.37 -0.23
CA PHE B 936 -32.88 7.75 -0.59
C PHE B 936 -33.59 8.58 0.45
N GLN B 937 -32.90 9.57 1.02
CA GLN B 937 -33.56 10.51 1.93
C GLN B 937 -32.93 11.90 1.87
N ASP B 938 -33.75 12.93 1.98
CA ASP B 938 -33.26 14.30 1.88
C ASP B 938 -32.32 14.41 0.68
N THR B 939 -31.09 14.83 0.92
CA THR B 939 -30.13 14.93 -0.16
C THR B 939 -29.22 13.71 -0.20
N GLY B 940 -29.36 12.86 0.80
CA GLY B 940 -28.47 11.72 0.97
C GLY B 940 -29.03 10.31 0.82
N LEU B 941 -28.35 9.38 1.48
CA LEU B 941 -28.82 8.02 1.70
C LEU B 941 -29.04 7.79 3.19
N VAL B 942 -29.87 6.80 3.52
CA VAL B 942 -29.89 6.26 4.88
C VAL B 942 -29.57 4.77 4.84
N PHE B 943 -28.62 4.32 5.66
CA PHE B 943 -28.38 2.90 5.82
C PHE B 943 -29.13 2.44 7.05
N ASN B 944 -29.99 1.43 6.86
CA ASN B 944 -30.78 0.91 7.96
C ASN B 944 -30.47 -0.55 8.19
N MET B 945 -30.34 -0.91 9.46
CA MET B 945 -30.04 -2.29 9.85
C MET B 945 -30.89 -2.58 11.08
N ILE B 946 -31.65 -3.67 11.03
CA ILE B 946 -32.53 -4.00 12.14
C ILE B 946 -32.63 -5.50 12.41
N ASP B 947 -32.54 -5.88 13.68
CA ASP B 947 -32.59 -7.28 14.07
C ASP B 947 -33.98 -7.72 14.55
N SER B 948 -34.11 -9.01 14.84
CA SER B 948 -35.39 -9.60 15.19
C SER B 948 -35.87 -9.16 16.58
N ASN B 949 -35.00 -8.51 17.33
CA ASN B 949 -35.38 -8.00 18.64
C ASN B 949 -35.74 -6.52 18.59
N GLY B 950 -35.61 -5.91 17.41
CA GLY B 950 -35.98 -4.53 17.22
C GLY B 950 -34.86 -3.51 17.28
N ASN B 951 -33.65 -3.95 17.62
CA ASN B 951 -32.48 -3.07 17.65
C ASN B 951 -32.11 -2.56 16.28
N GLU B 952 -31.73 -1.30 16.17
CA GLU B 952 -31.59 -0.67 14.87
C GLU B 952 -30.33 0.15 14.69
N LYS B 953 -29.82 0.15 13.47
CA LYS B 953 -28.91 1.17 12.99
C LYS B 953 -29.65 1.99 11.94
N ASN B 954 -29.77 3.30 12.17
CA ASN B 954 -30.33 4.18 11.17
C ASN B 954 -29.40 5.36 10.97
N ILE B 955 -28.70 5.38 9.84
CA ILE B 955 -27.55 6.28 9.68
C ILE B 955 -27.65 7.10 8.42
N TYR B 956 -27.74 8.42 8.59
CA TYR B 956 -27.82 9.35 7.46
C TYR B 956 -26.46 9.67 6.81
N LEU B 957 -26.35 9.38 5.52
CA LEU B 957 -25.15 9.73 4.76
C LEU B 957 -25.43 10.96 3.92
N SER B 958 -24.86 12.09 4.32
CA SER B 958 -25.19 13.39 3.74
C SER B 958 -24.70 13.59 2.29
N ASP B 959 -25.46 14.37 1.53
CA ASP B 959 -25.03 14.86 0.20
C ASP B 959 -24.62 13.81 -0.83
N VAL B 960 -25.40 12.76 -1.01
CA VAL B 960 -25.10 11.83 -2.09
C VAL B 960 -25.87 12.05 -3.41
N SER B 961 -26.96 12.83 -3.40
CA SER B 961 -27.58 13.09 -4.70
C SER B 961 -27.24 14.50 -5.14
N ASN B 962 -26.12 14.60 -5.85
CA ASN B 962 -25.71 15.77 -6.62
C ASN B 962 -25.79 15.55 -8.13
N ASN B 963 -26.35 14.40 -8.51
CA ASN B 963 -26.28 13.89 -9.88
C ASN B 963 -24.83 13.78 -10.38
N SER B 964 -23.98 13.30 -9.48
CA SER B 964 -22.63 12.90 -9.81
C SER B 964 -22.42 11.47 -9.32
N TRP B 965 -21.63 10.69 -10.03
CA TRP B 965 -21.36 9.32 -9.62
C TRP B 965 -20.69 9.30 -8.24
N HIS B 966 -21.03 8.30 -7.44
CA HIS B 966 -20.42 8.11 -6.12
C HIS B 966 -20.20 6.63 -5.90
N TYR B 967 -19.14 6.29 -5.18
CA TYR B 967 -18.83 4.91 -4.88
C TYR B 967 -19.22 4.60 -3.44
N ILE B 968 -20.27 3.80 -3.28
CA ILE B 968 -20.78 3.45 -1.97
C ILE B 968 -20.18 2.13 -1.49
N THR B 969 -19.54 2.15 -0.32
CA THR B 969 -19.06 0.92 0.29
C THR B 969 -19.58 0.75 1.71
N ILE B 970 -20.21 -0.41 1.95
CA ILE B 970 -20.70 -0.74 3.29
C ILE B 970 -20.10 -2.06 3.73
N SER B 971 -19.57 -2.06 4.96
CA SER B 971 -18.85 -3.21 5.51
C SER B 971 -19.41 -3.61 6.88
N VAL B 972 -19.82 -4.87 7.00
CA VAL B 972 -20.38 -5.43 8.23
C VAL B 972 -19.48 -6.54 8.75
N ASP B 973 -18.84 -6.31 9.89
CA ASP B 973 -17.85 -7.23 10.42
C ASP B 973 -18.30 -7.74 11.79
N ARG B 974 -18.70 -9.01 11.85
CA ARG B 974 -19.18 -9.60 13.10
C ARG B 974 -18.06 -10.03 14.05
N LEU B 975 -16.85 -10.18 13.53
CA LEU B 975 -15.74 -10.57 14.37
C LEU B 975 -15.26 -9.38 15.16
N LYS B 976 -15.20 -8.22 14.52
CA LYS B 976 -14.82 -6.99 15.21
C LYS B 976 -16.03 -6.18 15.69
N GLU B 977 -17.23 -6.68 15.35
CA GLU B 977 -18.51 -6.05 15.72
C GLU B 977 -18.54 -4.61 15.22
N GLN B 978 -18.08 -4.42 13.98
CA GLN B 978 -17.86 -3.08 13.45
C GLN B 978 -18.53 -2.86 12.10
N LEU B 979 -19.29 -1.78 12.01
CA LEU B 979 -19.85 -1.30 10.75
C LEU B 979 -18.99 -0.16 10.18
N LEU B 980 -18.67 -0.26 8.89
CA LEU B 980 -17.89 0.75 8.20
C LEU B 980 -18.65 1.22 6.96
N ILE B 981 -18.83 2.53 6.82
CA ILE B 981 -19.44 3.06 5.61
C ILE B 981 -18.55 4.10 4.92
N PHE B 982 -18.23 3.84 3.65
CA PHE B 982 -17.41 4.74 2.86
C PHE B 982 -18.23 5.36 1.72
N ILE B 983 -18.01 6.65 1.49
CA ILE B 983 -18.49 7.28 0.25
C ILE B 983 -17.28 7.77 -0.55
N ASP B 984 -17.11 7.25 -1.76
CA ASP B 984 -15.93 7.54 -2.54
C ASP B 984 -14.67 7.16 -1.76
N ASP B 985 -13.72 8.09 -1.65
CA ASP B 985 -12.44 7.80 -0.98
C ASP B 985 -12.42 8.18 0.51
N ASN B 986 -13.58 8.56 1.05
CA ASN B 986 -13.72 8.94 2.45
C ASN B 986 -14.44 7.90 3.30
N LEU B 987 -14.12 7.87 4.59
CA LEU B 987 -14.82 6.97 5.50
C LEU B 987 -15.84 7.79 6.28
N VAL B 988 -17.12 7.62 5.92
CA VAL B 988 -18.16 8.47 6.49
C VAL B 988 -18.76 7.99 7.82
N ALA B 989 -18.68 6.69 8.10
CA ALA B 989 -19.20 6.18 9.37
C ALA B 989 -18.41 4.97 9.85
N ASN B 990 -18.11 4.98 11.14
CA ASN B 990 -17.46 3.88 11.79
C ASN B 990 -18.18 3.67 13.11
N GLU B 991 -18.86 2.54 13.24
CA GLU B 991 -19.79 2.34 14.36
C GLU B 991 -19.66 0.95 14.97
N SER B 992 -20.00 0.84 16.24
CA SER B 992 -20.14 -0.48 16.84
C SER B 992 -21.48 -1.09 16.44
N ILE B 993 -21.52 -2.38 16.17
CA ILE B 993 -22.79 -3.08 15.93
C ILE B 993 -22.97 -4.22 16.92
N LYS B 994 -22.29 -4.12 18.06
CA LYS B 994 -22.39 -5.13 19.10
C LYS B 994 -23.83 -5.29 19.59
N GLU B 995 -24.62 -4.22 19.41
CA GLU B 995 -26.00 -4.23 19.88
C GLU B 995 -26.99 -4.84 18.90
N ILE B 996 -26.57 -5.02 17.65
CA ILE B 996 -27.41 -5.65 16.63
C ILE B 996 -27.18 -7.16 16.60
N LEU B 997 -28.23 -7.96 16.79
CA LEU B 997 -28.03 -9.40 16.85
C LEU B 997 -28.42 -10.17 15.59
N ASN B 998 -29.69 -10.50 15.42
CA ASN B 998 -30.07 -11.39 14.32
C ASN B 998 -30.81 -10.64 13.23
N ILE B 999 -30.13 -10.47 12.11
CA ILE B 999 -30.64 -9.76 10.94
C ILE B 999 -31.17 -10.65 9.81
N TYR B 1000 -31.47 -11.92 10.12
CA TYR B 1000 -31.96 -12.85 9.10
C TYR B 1000 -33.09 -12.20 8.29
N SER B 1001 -32.92 -12.22 6.98
CA SER B 1001 -33.78 -11.55 6.01
C SER B 1001 -34.14 -12.61 4.96
N SER B 1002 -34.73 -12.20 3.84
CA SER B 1002 -34.92 -13.17 2.76
C SER B 1002 -33.62 -13.44 2.01
N ASN B 1003 -33.69 -14.37 1.07
CA ASN B 1003 -32.54 -14.72 0.25
C ASN B 1003 -32.51 -13.84 -1.00
N ILE B 1004 -33.37 -12.83 -1.00
CA ILE B 1004 -33.49 -11.91 -2.11
C ILE B 1004 -33.09 -10.48 -1.73
N ILE B 1005 -32.20 -9.89 -2.52
CA ILE B 1005 -31.89 -8.47 -2.43
C ILE B 1005 -32.67 -7.78 -3.52
N SER B 1006 -33.39 -6.72 -3.19
CA SER B 1006 -34.20 -6.04 -4.19
C SER B 1006 -33.66 -4.65 -4.47
N LEU B 1007 -33.41 -4.39 -5.74
CA LEU B 1007 -33.01 -3.06 -6.17
C LEU B 1007 -34.25 -2.42 -6.77
N LEU B 1008 -34.82 -1.46 -6.04
CA LEU B 1008 -36.07 -0.81 -6.41
C LEU B 1008 -35.81 0.59 -6.98
N SER B 1009 -35.17 1.43 -6.17
CA SER B 1009 -34.85 2.79 -6.58
C SER B 1009 -36.16 3.55 -6.79
N GLU B 1010 -37.10 3.36 -5.87
CA GLU B 1010 -38.41 3.99 -5.95
C GLU B 1010 -38.30 5.49 -6.10
N ASN B 1011 -39.08 6.05 -7.02
CA ASN B 1011 -39.27 7.51 -7.08
C ASN B 1011 -38.04 8.32 -7.46
N ASN B 1012 -36.88 7.66 -7.56
CA ASN B 1012 -35.64 8.33 -7.91
C ASN B 1012 -34.92 7.66 -9.06
N PRO B 1013 -35.17 8.11 -10.30
CA PRO B 1013 -34.43 7.53 -11.43
C PRO B 1013 -32.94 7.64 -11.15
N SER B 1014 -32.21 6.56 -11.36
CA SER B 1014 -30.81 6.53 -11.03
C SER B 1014 -30.00 5.63 -11.95
N TYR B 1015 -28.68 5.63 -11.75
CA TYR B 1015 -27.80 4.68 -12.43
C TYR B 1015 -27.03 3.88 -11.39
N ILE B 1016 -26.95 2.57 -11.60
CA ILE B 1016 -26.23 1.67 -10.70
C ILE B 1016 -25.24 0.85 -11.48
N GLU B 1017 -24.01 0.75 -10.96
CA GLU B 1017 -22.93 0.09 -11.68
C GLU B 1017 -22.04 -0.72 -10.74
N GLY B 1018 -21.61 -1.89 -11.23
CA GLY B 1018 -20.67 -2.71 -10.50
C GLY B 1018 -21.12 -3.15 -9.13
N LEU B 1019 -22.43 -3.34 -8.95
CA LEU B 1019 -22.96 -3.83 -7.69
C LEU B 1019 -22.25 -5.12 -7.28
N THR B 1020 -21.80 -5.18 -6.04
CA THR B 1020 -21.10 -6.37 -5.56
C THR B 1020 -21.50 -6.71 -4.11
N ILE B 1021 -21.63 -8.00 -3.84
CA ILE B 1021 -21.80 -8.46 -2.47
C ILE B 1021 -20.64 -9.40 -2.12
N LEU B 1022 -20.05 -9.20 -0.94
CA LEU B 1022 -18.96 -10.04 -0.48
C LEU B 1022 -19.35 -10.71 0.83
N ASN B 1023 -18.80 -11.88 1.09
CA ASN B 1023 -19.05 -12.57 2.34
C ASN B 1023 -18.03 -12.21 3.42
N LYS B 1024 -17.18 -11.23 3.13
CA LYS B 1024 -16.17 -10.77 4.08
C LYS B 1024 -16.24 -9.24 4.22
N PRO B 1025 -15.65 -8.71 5.31
CA PRO B 1025 -15.61 -7.26 5.46
C PRO B 1025 -14.59 -6.61 4.53
N THR B 1026 -14.70 -5.30 4.36
CA THR B 1026 -13.81 -4.54 3.49
C THR B 1026 -12.95 -3.58 4.32
N THR B 1027 -11.68 -3.42 3.98
CA THR B 1027 -10.85 -2.44 4.69
C THR B 1027 -10.71 -1.17 3.88
N SER B 1028 -10.07 -0.17 4.48
CA SER B 1028 -9.97 1.15 3.84
C SER B 1028 -8.97 1.10 2.70
N GLN B 1029 -7.90 0.32 2.87
CA GLN B 1029 -6.96 0.14 1.77
C GLN B 1029 -7.68 -0.46 0.56
N GLU B 1030 -8.45 -1.52 0.77
CA GLU B 1030 -9.18 -2.16 -0.34
C GLU B 1030 -10.15 -1.20 -1.04
N VAL B 1031 -10.89 -0.40 -0.27
CA VAL B 1031 -11.79 0.59 -0.85
C VAL B 1031 -11.04 1.55 -1.77
N LEU B 1032 -10.00 2.19 -1.23
CA LEU B 1032 -9.16 3.09 -2.02
C LEU B 1032 -8.64 2.43 -3.29
N SER B 1033 -8.18 1.20 -3.15
CA SER B 1033 -7.68 0.44 -4.29
C SER B 1033 -8.78 0.17 -5.33
N ASN B 1034 -9.95 -0.29 -4.88
CA ASN B 1034 -11.08 -0.48 -5.78
C ASN B 1034 -11.44 0.80 -6.50
N TYR B 1035 -11.61 1.86 -5.71
CA TYR B 1035 -12.06 3.16 -6.20
C TYR B 1035 -11.14 3.75 -7.28
N PHE B 1036 -9.85 3.82 -6.99
CA PHE B 1036 -8.93 4.45 -7.94
C PHE B 1036 -8.57 3.56 -9.12
N GLU B 1037 -8.45 2.26 -8.89
CA GLU B 1037 -8.10 1.34 -9.97
C GLU B 1037 -9.12 1.45 -11.07
N VAL B 1038 -10.39 1.30 -10.70
CA VAL B 1038 -11.50 1.40 -11.65
C VAL B 1038 -11.51 2.78 -12.32
N LEU B 1039 -11.17 3.80 -11.56
CA LEU B 1039 -11.25 5.17 -12.06
C LEU B 1039 -10.25 5.52 -13.18
N ASN B 1040 -9.08 4.89 -13.25
CA ASN B 1040 -8.29 5.23 -14.43
C ASN B 1040 -8.31 4.13 -15.48
N ASN B 1041 -9.23 4.33 -16.41
CA ASN B 1041 -9.41 3.55 -17.63
C ASN B 1041 -8.98 4.31 -18.88
N SER B 1042 -8.32 5.45 -18.69
CA SER B 1042 -7.89 6.34 -19.77
C SER B 1042 -8.91 7.42 -20.12
N TYR B 1043 -10.08 7.37 -19.50
CA TYR B 1043 -11.09 8.37 -19.79
C TYR B 1043 -10.93 9.63 -18.95
N ILE B 1044 -11.11 10.77 -19.59
CA ILE B 1044 -11.23 12.06 -18.90
C ILE B 1044 -12.69 12.29 -18.56
N ARG B 1045 -12.96 12.90 -17.41
CA ARG B 1045 -14.34 13.07 -16.96
C ARG B 1045 -14.78 14.53 -16.76
N ASP B 1046 -16.10 14.73 -16.83
CA ASP B 1046 -16.68 16.03 -16.57
C ASP B 1046 -16.96 16.20 -15.08
N SER B 1047 -17.51 17.35 -14.69
CA SER B 1047 -17.68 17.66 -13.28
C SER B 1047 -18.52 16.59 -12.58
N ASN B 1048 -19.30 15.82 -13.34
CA ASN B 1048 -20.14 14.75 -12.79
C ASN B 1048 -19.52 13.35 -12.89
N GLU B 1049 -18.28 13.29 -13.37
CA GLU B 1049 -17.53 12.05 -13.56
C GLU B 1049 -18.12 11.16 -14.63
N GLU B 1050 -18.91 11.76 -15.50
CA GLU B 1050 -19.28 11.13 -16.76
C GLU B 1050 -18.14 11.38 -17.73
N ARG B 1051 -18.00 10.53 -18.73
CA ARG B 1051 -16.95 10.71 -19.71
C ARG B 1051 -17.05 12.05 -20.44
N LEU B 1052 -15.92 12.75 -20.54
CA LEU B 1052 -15.84 13.98 -21.32
C LEU B 1052 -16.00 13.62 -22.79
N GLU B 1053 -16.90 14.30 -23.49
CA GLU B 1053 -17.15 14.02 -24.89
C GLU B 1053 -16.64 15.14 -25.79
N TYR B 1054 -16.20 14.79 -26.98
CA TYR B 1054 -15.89 15.80 -27.98
C TYR B 1054 -17.20 16.36 -28.54
N ASN B 1055 -17.14 17.57 -29.09
CA ASN B 1055 -18.31 18.22 -29.69
C ASN B 1055 -19.52 18.36 -28.79
N LYS B 1056 -19.29 18.47 -27.49
CA LYS B 1056 -20.35 18.68 -26.51
C LYS B 1056 -20.04 19.97 -25.75
N THR B 1057 -21.09 20.75 -25.45
CA THR B 1057 -20.91 22.04 -24.78
C THR B 1057 -20.80 21.93 -23.27
N TYR B 1058 -19.70 22.44 -22.74
CA TYR B 1058 -19.43 22.48 -21.30
C TYR B 1058 -19.10 23.91 -20.89
N GLN B 1059 -19.18 24.19 -19.59
CA GLN B 1059 -18.60 25.41 -19.04
C GLN B 1059 -17.34 25.05 -18.27
N LEU B 1060 -16.36 25.95 -18.26
CA LEU B 1060 -15.04 25.63 -17.70
C LEU B 1060 -14.81 26.24 -16.32
N TYR B 1061 -14.36 25.41 -15.38
CA TYR B 1061 -14.13 25.85 -14.00
C TYR B 1061 -12.74 25.43 -13.49
N ASN B 1062 -12.09 26.33 -12.77
CA ASN B 1062 -10.81 26.04 -12.14
C ASN B 1062 -11.02 25.47 -10.74
N TYR B 1063 -10.24 24.46 -10.40
CA TYR B 1063 -10.33 23.79 -9.09
C TYR B 1063 -10.34 24.76 -7.89
N VAL B 1064 -9.62 25.88 -8.01
CA VAL B 1064 -9.50 26.81 -6.90
C VAL B 1064 -10.72 27.72 -6.70
N PHE B 1065 -11.29 28.22 -7.79
CA PHE B 1065 -12.60 28.83 -7.66
C PHE B 1065 -13.56 27.92 -8.42
N SER B 1066 -14.28 27.10 -7.67
CA SER B 1066 -15.06 26.02 -8.25
C SER B 1066 -16.44 26.46 -8.72
N ASP B 1067 -16.91 27.56 -8.15
CA ASP B 1067 -18.21 28.12 -8.50
C ASP B 1067 -18.12 29.25 -9.51
N LYS B 1068 -16.89 29.57 -9.93
CA LYS B 1068 -16.70 30.68 -10.88
C LYS B 1068 -16.24 30.20 -12.25
N PRO B 1069 -17.15 30.28 -13.24
CA PRO B 1069 -16.89 29.85 -14.61
C PRO B 1069 -15.97 30.81 -15.36
N ILE B 1070 -15.25 30.26 -16.33
CA ILE B 1070 -14.44 31.06 -17.24
C ILE B 1070 -15.33 31.95 -18.12
N CYS B 1071 -14.93 33.19 -18.31
CA CYS B 1071 -15.64 34.15 -19.16
C CYS B 1071 -14.65 34.84 -20.08
N GLU B 1072 -15.14 35.41 -21.18
CA GLU B 1072 -14.27 36.10 -22.12
C GLU B 1072 -14.32 37.62 -21.95
N VAL B 1073 -13.15 38.27 -22.06
CA VAL B 1073 -13.07 39.73 -21.98
C VAL B 1073 -12.04 40.27 -22.96
N LYS B 1074 -12.40 41.30 -23.71
CA LYS B 1074 -11.49 41.92 -24.66
C LYS B 1074 -10.66 43.03 -23.99
N GLN B 1075 -9.40 43.15 -24.38
CA GLN B 1075 -8.54 44.21 -23.87
C GLN B 1075 -8.17 45.20 -24.97
N ASN B 1076 -7.23 44.83 -25.84
CA ASN B 1076 -6.97 45.67 -27.00
C ASN B 1076 -7.44 44.94 -28.25
N ASN B 1077 -8.64 45.29 -28.71
CA ASN B 1077 -9.20 44.74 -29.94
C ASN B 1077 -8.91 43.26 -30.15
N ASN B 1078 -8.84 42.53 -29.04
CA ASN B 1078 -8.69 41.08 -29.05
C ASN B 1078 -9.14 40.53 -27.70
N ILE B 1079 -9.45 39.23 -27.64
CA ILE B 1079 -10.27 38.72 -26.55
C ILE B 1079 -9.63 37.59 -25.72
N TYR B 1080 -9.69 37.74 -24.41
CA TYR B 1080 -9.04 36.82 -23.47
C TYR B 1080 -10.02 36.04 -22.59
N LEU B 1081 -9.48 35.16 -21.75
CA LEU B 1081 -10.30 34.34 -20.86
C LEU B 1081 -9.97 34.57 -19.39
N THR B 1082 -10.99 34.87 -18.60
CA THR B 1082 -10.82 35.16 -17.18
C THR B 1082 -11.96 34.55 -16.37
N ILE B 1083 -12.00 34.86 -15.08
CA ILE B 1083 -13.13 34.49 -14.23
C ILE B 1083 -13.73 35.74 -13.60
N ASN B 1084 -14.93 35.61 -13.04
CA ASN B 1084 -15.65 36.78 -12.57
C ASN B 1084 -15.49 36.91 -11.06
N ASN B 1085 -14.67 37.86 -10.64
CA ASN B 1085 -14.46 38.14 -9.21
C ASN B 1085 -15.25 39.36 -8.75
N THR B 1086 -15.92 40.02 -9.69
CA THR B 1086 -16.81 41.12 -9.35
C THR B 1086 -18.19 40.51 -9.38
N ASN B 1087 -18.77 40.31 -8.19
CA ASN B 1087 -19.98 39.52 -8.07
C ASN B 1087 -21.11 40.07 -8.94
N ASN B 1088 -21.63 39.22 -9.82
CA ASN B 1088 -22.59 39.64 -10.83
C ASN B 1088 -22.13 40.87 -11.63
N LEU B 1089 -20.94 40.78 -12.23
CA LEU B 1089 -20.46 41.81 -13.14
C LEU B 1089 -21.14 41.57 -14.48
N ASN B 1090 -21.98 40.54 -14.51
CA ASN B 1090 -22.76 40.19 -15.69
C ASN B 1090 -21.89 39.85 -16.89
N LEU B 1091 -20.73 39.27 -16.62
CA LEU B 1091 -19.98 38.58 -17.64
C LEU B 1091 -20.73 37.25 -17.83
N GLN B 1092 -20.91 36.84 -19.07
CA GLN B 1092 -21.61 35.59 -19.34
C GLN B 1092 -20.65 34.40 -19.28
N ALA B 1093 -21.09 33.32 -18.64
CA ALA B 1093 -20.31 32.10 -18.66
C ALA B 1093 -20.03 31.75 -20.10
N SER B 1094 -18.76 31.56 -20.43
CA SER B 1094 -18.37 31.23 -21.79
C SER B 1094 -18.65 29.75 -22.09
N LYS B 1095 -18.99 29.47 -23.34
CA LYS B 1095 -19.40 28.12 -23.72
C LYS B 1095 -18.31 27.40 -24.51
N PHE B 1096 -17.86 26.26 -23.99
CA PHE B 1096 -16.72 25.54 -24.57
C PHE B 1096 -17.11 24.23 -25.26
N LYS B 1097 -16.34 23.88 -26.30
CA LYS B 1097 -16.47 22.58 -26.96
C LYS B 1097 -15.09 22.05 -27.34
N LEU B 1098 -14.78 20.80 -26.95
CA LEU B 1098 -13.51 20.17 -27.31
C LEU B 1098 -13.57 19.53 -28.70
N LEU B 1099 -12.56 19.76 -29.52
CA LEU B 1099 -12.54 19.21 -30.88
C LEU B 1099 -11.34 18.31 -31.12
N SER B 1100 -11.53 17.24 -31.88
CA SER B 1100 -10.47 16.29 -32.19
C SER B 1100 -10.10 16.27 -33.68
N ILE B 1101 -8.83 16.08 -33.97
CA ILE B 1101 -8.34 15.98 -35.34
C ILE B 1101 -9.03 14.82 -36.05
N ASN B 1102 -9.58 13.90 -35.25
CA ASN B 1102 -10.25 12.73 -35.78
C ASN B 1102 -11.77 12.83 -35.62
N PRO B 1103 -12.49 12.86 -36.76
CA PRO B 1103 -13.94 12.94 -36.79
C PRO B 1103 -14.60 11.79 -36.06
N ASN B 1104 -14.00 10.60 -36.14
CA ASN B 1104 -14.58 9.40 -35.53
C ASN B 1104 -14.43 9.36 -34.01
N LYS B 1105 -13.62 10.24 -33.44
CA LYS B 1105 -13.36 10.16 -32.02
C LYS B 1105 -14.49 10.80 -31.21
N GLN B 1106 -15.05 10.04 -30.28
CA GLN B 1106 -16.16 10.51 -29.47
C GLN B 1106 -15.74 10.94 -28.06
N TYR B 1107 -15.17 10.02 -27.30
CA TYR B 1107 -14.77 10.30 -25.92
C TYR B 1107 -13.32 10.77 -25.75
N VAL B 1108 -13.10 11.67 -24.79
CA VAL B 1108 -11.79 12.26 -24.54
C VAL B 1108 -10.96 11.38 -23.61
N GLN B 1109 -9.73 11.09 -24.02
CA GLN B 1109 -8.87 10.21 -23.26
C GLN B 1109 -7.53 10.85 -22.85
N LYS B 1110 -6.91 10.26 -21.84
CA LYS B 1110 -5.62 10.69 -21.34
C LYS B 1110 -4.65 10.80 -22.52
N LEU B 1111 -3.99 11.96 -22.64
CA LEU B 1111 -2.97 12.18 -23.67
C LEU B 1111 -3.50 12.56 -25.07
N ASP B 1112 -4.81 12.65 -25.21
CA ASP B 1112 -5.41 13.14 -26.46
C ASP B 1112 -4.92 14.55 -26.84
N GLU B 1113 -4.80 14.80 -28.14
CA GLU B 1113 -4.56 16.15 -28.64
C GLU B 1113 -5.89 16.82 -28.95
N VAL B 1114 -6.03 18.06 -28.49
CA VAL B 1114 -7.33 18.72 -28.41
C VAL B 1114 -7.30 20.16 -28.93
N ILE B 1115 -8.40 20.58 -29.55
CA ILE B 1115 -8.62 21.98 -29.88
C ILE B 1115 -9.82 22.52 -29.09
N ILE B 1116 -9.62 23.62 -28.38
CA ILE B 1116 -10.69 24.22 -27.58
C ILE B 1116 -11.42 25.29 -28.37
N SER B 1117 -12.74 25.18 -28.44
CA SER B 1117 -13.55 26.13 -29.19
C SER B 1117 -14.60 26.78 -28.29
N VAL B 1118 -15.09 27.94 -28.71
CA VAL B 1118 -16.12 28.66 -27.98
C VAL B 1118 -17.14 29.24 -28.96
N LEU B 1119 -18.41 29.28 -28.55
CA LEU B 1119 -19.44 29.93 -29.35
C LEU B 1119 -19.78 31.29 -28.77
N ASP B 1120 -19.37 32.35 -29.46
CA ASP B 1120 -19.73 33.71 -29.04
C ASP B 1120 -20.69 34.35 -30.06
N ASN B 1121 -20.14 34.78 -31.20
CA ASN B 1121 -20.96 35.20 -32.34
C ASN B 1121 -20.75 34.17 -33.44
N MET B 1122 -19.51 34.10 -33.92
CA MET B 1122 -19.04 32.98 -34.72
C MET B 1122 -18.40 31.98 -33.76
N GLU B 1123 -17.69 31.00 -34.30
CA GLU B 1123 -16.95 30.05 -33.47
C GLU B 1123 -15.51 30.51 -33.29
N LYS B 1124 -15.08 30.68 -32.04
CA LYS B 1124 -13.74 31.15 -31.73
C LYS B 1124 -12.86 30.04 -31.14
N TYR B 1125 -11.60 29.97 -31.59
CA TYR B 1125 -10.68 28.91 -31.18
C TYR B 1125 -9.51 29.45 -30.37
N ILE B 1126 -9.00 28.64 -29.44
CA ILE B 1126 -8.01 29.10 -28.46
C ILE B 1126 -6.57 29.10 -28.96
N ASP B 1127 -5.88 30.20 -28.72
CA ASP B 1127 -4.46 30.32 -29.06
C ASP B 1127 -3.66 30.84 -27.86
N ILE B 1128 -2.35 30.59 -27.87
CA ILE B 1128 -1.46 31.14 -26.85
C ILE B 1128 -0.72 32.38 -27.35
N SER B 1129 -0.80 33.46 -26.59
CA SER B 1129 -0.11 34.69 -26.94
C SER B 1129 1.38 34.61 -26.58
N GLU B 1130 2.10 35.69 -26.80
CA GLU B 1130 3.52 35.73 -26.48
C GLU B 1130 3.73 35.94 -24.99
N ASP B 1131 2.70 36.43 -24.31
CA ASP B 1131 2.72 36.60 -22.86
C ASP B 1131 2.20 35.36 -22.14
N ASN B 1132 1.95 34.30 -22.90
CA ASN B 1132 1.43 33.05 -22.37
C ASN B 1132 0.01 33.17 -21.82
N ARG B 1133 -0.73 34.16 -22.32
CA ARG B 1133 -2.11 34.35 -21.93
C ARG B 1133 -3.02 33.83 -23.04
N LEU B 1134 -3.99 33.02 -22.67
CA LEU B 1134 -4.88 32.39 -23.65
C LEU B 1134 -5.89 33.38 -24.21
N GLN B 1135 -6.14 33.28 -25.52
CA GLN B 1135 -7.07 34.17 -26.20
C GLN B 1135 -7.89 33.47 -27.29
N LEU B 1136 -9.11 33.94 -27.50
CA LEU B 1136 -9.99 33.38 -28.52
C LEU B 1136 -9.76 34.06 -29.86
N ILE B 1137 -9.50 33.26 -30.89
CA ILE B 1137 -9.19 33.82 -32.19
C ILE B 1137 -10.13 33.35 -33.31
N ASP B 1138 -9.91 33.92 -34.49
CA ASP B 1138 -10.79 33.75 -35.64
C ASP B 1138 -10.56 32.46 -36.41
N ASN B 1139 -9.31 32.02 -36.47
CA ASN B 1139 -8.86 31.06 -37.47
C ASN B 1139 -8.45 29.71 -36.88
N LYS B 1140 -9.20 28.66 -37.20
CA LYS B 1140 -8.92 27.30 -36.69
C LYS B 1140 -7.49 26.85 -36.97
N ASN B 1141 -6.94 27.29 -38.10
CA ASN B 1141 -5.58 26.94 -38.47
C ASN B 1141 -4.55 27.32 -37.42
N ASN B 1142 -4.68 28.53 -36.88
CA ASN B 1142 -3.75 29.02 -35.86
C ASN B 1142 -4.00 28.39 -34.50
N ALA B 1143 -5.15 27.76 -34.34
CA ALA B 1143 -5.52 27.17 -33.06
C ALA B 1143 -4.38 26.29 -32.56
N LYS B 1144 -4.09 26.38 -31.26
CA LYS B 1144 -3.04 25.55 -30.67
C LYS B 1144 -3.61 24.21 -30.25
N LYS B 1145 -2.88 23.14 -30.54
CA LYS B 1145 -3.31 21.79 -30.17
C LYS B 1145 -2.74 21.45 -28.80
N MET B 1146 -3.64 21.27 -27.83
CA MET B 1146 -3.23 21.05 -26.45
C MET B 1146 -3.39 19.60 -26.05
N ILE B 1147 -2.55 19.15 -25.12
CA ILE B 1147 -2.66 17.81 -24.59
C ILE B 1147 -3.48 17.80 -23.32
N ILE B 1148 -4.56 17.00 -23.31
CA ILE B 1148 -5.40 16.85 -22.14
C ILE B 1148 -5.06 15.57 -21.37
N SER B 1149 -5.07 15.67 -20.04
CA SER B 1149 -4.70 14.56 -19.17
C SER B 1149 -5.41 14.78 -17.84
N ASN B 1150 -5.10 13.96 -16.84
CA ASN B 1150 -5.73 14.12 -15.54
C ASN B 1150 -4.91 13.59 -14.39
N ASP B 1151 -5.31 13.98 -13.18
CA ASP B 1151 -4.68 13.50 -11.97
C ASP B 1151 -5.39 12.22 -11.58
N ILE B 1152 -4.60 11.22 -11.19
CA ILE B 1152 -5.16 9.90 -10.87
C ILE B 1152 -6.03 9.94 -9.61
N PHE B 1153 -5.78 10.90 -8.73
CA PHE B 1153 -6.52 11.03 -7.48
C PHE B 1153 -7.63 12.06 -7.49
N ILE B 1154 -7.76 12.80 -8.58
CA ILE B 1154 -8.84 13.76 -8.72
C ILE B 1154 -9.72 13.28 -9.85
N SER B 1155 -10.90 12.78 -9.52
CA SER B 1155 -11.74 12.03 -10.46
C SER B 1155 -12.49 12.87 -11.48
N ASN B 1156 -12.96 14.05 -11.07
CA ASN B 1156 -13.74 14.93 -11.94
C ASN B 1156 -12.97 16.06 -12.61
N CYS B 1157 -11.64 16.06 -12.46
CA CYS B 1157 -10.83 17.16 -12.97
C CYS B 1157 -9.83 16.75 -14.04
N LEU B 1158 -9.37 17.73 -14.81
CA LEU B 1158 -8.41 17.53 -15.88
C LEU B 1158 -7.30 18.58 -15.90
N THR B 1159 -6.23 18.30 -16.63
CA THR B 1159 -5.12 19.23 -16.82
C THR B 1159 -4.88 19.50 -18.31
N LEU B 1160 -4.32 20.66 -18.64
CA LEU B 1160 -4.04 21.02 -20.03
C LEU B 1160 -2.62 21.55 -20.23
N SER B 1161 -1.93 21.07 -21.26
CA SER B 1161 -0.55 21.49 -21.50
C SER B 1161 -0.25 21.81 -22.96
N TYR B 1162 0.73 22.69 -23.17
CA TYR B 1162 1.29 22.94 -24.50
C TYR B 1162 2.80 22.93 -24.42
N ASN B 1163 3.44 22.09 -25.24
CA ASN B 1163 4.90 22.01 -25.26
C ASN B 1163 5.49 21.82 -23.87
N GLY B 1164 4.78 21.09 -23.02
CA GLY B 1164 5.25 20.83 -21.67
C GLY B 1164 4.86 21.91 -20.68
N LYS B 1165 4.28 23.01 -21.19
CA LYS B 1165 3.83 24.10 -20.34
C LYS B 1165 2.35 23.94 -20.01
N TYR B 1166 2.06 23.75 -18.73
CA TYR B 1166 0.68 23.53 -18.25
C TYR B 1166 -0.16 24.80 -18.08
N ILE B 1167 -1.47 24.63 -18.14
CA ILE B 1167 -2.41 25.76 -18.12
C ILE B 1167 -3.07 25.98 -16.75
N CYS B 1168 -3.08 27.25 -16.33
CA CYS B 1168 -3.53 27.62 -15.00
C CYS B 1168 -4.09 29.04 -14.97
N LEU B 1169 -4.35 29.55 -13.77
CA LEU B 1169 -4.90 30.89 -13.60
C LEU B 1169 -3.82 31.85 -13.14
N SER B 1170 -3.77 33.03 -13.75
CA SER B 1170 -2.72 33.99 -13.43
C SER B 1170 -2.98 34.67 -12.09
N MET B 1171 -2.05 35.53 -11.70
CA MET B 1171 -2.22 36.39 -10.54
C MET B 1171 -3.30 37.41 -10.84
N LYS B 1172 -3.86 38.03 -9.80
CA LYS B 1172 -4.82 39.10 -9.97
C LYS B 1172 -4.23 40.20 -10.83
N ASP B 1173 -5.02 40.74 -11.76
CA ASP B 1173 -4.55 41.85 -12.59
C ASP B 1173 -5.47 43.07 -12.65
N GLU B 1174 -6.66 42.89 -13.19
CA GLU B 1174 -7.50 44.02 -13.63
C GLU B 1174 -8.27 44.88 -12.61
N ASN B 1175 -9.03 44.28 -11.68
CA ASN B 1175 -8.95 42.87 -11.33
C ASN B 1175 -9.55 41.87 -12.31
N HIS B 1176 -8.70 40.97 -12.79
CA HIS B 1176 -9.09 39.79 -13.55
C HIS B 1176 -8.00 38.74 -13.34
N ASN B 1177 -8.38 37.47 -13.37
CA ASN B 1177 -7.40 36.39 -13.33
C ASN B 1177 -7.39 35.67 -14.67
N TRP B 1178 -6.31 35.84 -15.43
CA TRP B 1178 -6.23 35.32 -16.79
C TRP B 1178 -5.84 33.84 -16.87
N MET B 1179 -6.38 33.15 -17.87
CA MET B 1179 -5.88 31.81 -18.18
C MET B 1179 -4.53 31.98 -18.83
N ILE B 1180 -3.53 31.31 -18.30
CA ILE B 1180 -2.17 31.47 -18.79
C ILE B 1180 -1.49 30.12 -18.97
N CYS B 1181 -0.49 30.08 -19.85
CA CYS B 1181 0.33 28.88 -19.97
C CYS B 1181 1.64 29.17 -19.24
N ASN B 1182 1.77 28.64 -18.03
CA ASN B 1182 2.93 28.91 -17.19
C ASN B 1182 3.12 27.76 -16.20
N ASN B 1183 4.37 27.42 -15.91
CA ASN B 1183 4.65 26.26 -15.06
C ASN B 1183 4.96 26.52 -13.59
N ASP B 1184 4.96 27.79 -13.19
CA ASP B 1184 5.47 28.18 -11.86
C ASP B 1184 4.46 28.40 -10.72
N MET B 1185 3.17 28.19 -10.98
CA MET B 1185 2.14 28.43 -9.96
C MET B 1185 1.88 27.20 -9.08
N SER B 1186 1.03 27.36 -8.07
CA SER B 1186 0.66 26.26 -7.18
C SER B 1186 -0.04 25.14 -7.92
N LYS B 1187 0.26 23.90 -7.53
CA LYS B 1187 -0.25 22.73 -8.23
C LYS B 1187 -1.77 22.76 -8.39
N TYR B 1188 -2.47 23.30 -7.40
CA TYR B 1188 -3.93 23.26 -7.41
C TYR B 1188 -4.52 24.06 -8.56
N LEU B 1189 -3.79 25.08 -9.01
CA LEU B 1189 -4.28 25.94 -10.10
C LEU B 1189 -4.26 25.28 -11.48
N TYR B 1190 -3.72 24.08 -11.60
CA TYR B 1190 -3.66 23.40 -12.89
C TYR B 1190 -4.80 22.39 -13.09
N LEU B 1191 -5.67 22.30 -12.09
CA LEU B 1191 -6.83 21.42 -12.16
C LEU B 1191 -8.08 22.15 -12.64
N TRP B 1192 -8.69 21.63 -13.70
CA TRP B 1192 -9.91 22.20 -14.23
C TRP B 1192 -11.00 21.14 -14.26
N SER B 1193 -12.25 21.55 -14.39
CA SER B 1193 -13.31 20.59 -14.71
C SER B 1193 -14.33 21.22 -15.63
N PHE B 1194 -14.90 20.41 -16.51
CA PHE B 1194 -15.99 20.85 -17.39
C PHE B 1194 -17.33 20.43 -16.81
N LYS B 1195 -18.24 21.40 -16.68
CA LYS B 1195 -19.61 21.12 -16.22
C LYS B 1195 -20.60 21.32 -17.36
N PRO B 1196 -21.41 20.29 -17.64
CA PRO B 1196 -22.44 20.37 -18.69
C PRO B 1196 -23.78 20.88 -18.12
N SER C 9 20.43 84.74 5.38
CA SER C 9 21.77 84.45 4.88
C SER C 9 21.96 82.97 4.58
N GLN C 10 22.75 82.31 5.42
CA GLN C 10 23.10 80.91 5.23
C GLN C 10 23.40 80.27 6.58
N VAL C 11 23.97 79.07 6.57
CA VAL C 11 24.45 78.44 7.80
C VAL C 11 25.93 78.74 8.01
N GLN C 12 26.25 79.38 9.14
CA GLN C 12 27.63 79.64 9.50
C GLN C 12 27.97 79.04 10.86
N LEU C 13 29.11 78.38 10.94
CA LEU C 13 29.61 77.86 12.20
C LEU C 13 31.06 78.28 12.42
N VAL C 14 31.32 78.89 13.58
CA VAL C 14 32.67 79.37 13.90
C VAL C 14 33.10 78.96 15.30
N GLU C 15 34.13 78.13 15.38
CA GLU C 15 34.69 77.73 16.66
C GLU C 15 35.64 78.79 17.18
N SER C 16 35.76 78.89 18.51
CA SER C 16 36.80 79.69 19.12
C SER C 16 37.45 78.98 20.31
N GLY C 17 38.74 78.68 20.20
CA GLY C 17 39.53 78.31 21.35
C GLY C 17 40.99 78.27 20.99
N GLY C 18 41.85 78.56 21.96
CA GLY C 18 43.28 78.70 21.70
C GLY C 18 43.96 77.35 21.52
N GLY C 19 43.76 76.47 22.48
CA GLY C 19 44.34 75.13 22.43
C GLY C 19 45.83 75.02 22.72
N LEU C 20 46.31 75.72 23.75
CA LEU C 20 47.66 75.44 24.24
C LEU C 20 47.72 75.34 25.75
N VAL C 21 47.94 74.13 26.24
CA VAL C 21 48.48 73.90 27.58
C VAL C 21 49.16 72.53 27.56
N GLN C 22 50.27 72.40 28.26
CA GLN C 22 50.94 71.10 28.38
C GLN C 22 50.13 70.21 29.31
N PRO C 23 50.24 68.87 29.22
CA PRO C 23 49.35 67.96 29.96
C PRO C 23 49.38 68.20 31.47
N GLY C 24 48.29 68.71 32.03
CA GLY C 24 47.09 69.02 31.27
C GLY C 24 45.94 69.38 32.20
N GLY C 25 45.43 70.59 32.08
CA GLY C 25 44.46 71.11 33.03
C GLY C 25 43.05 71.32 32.53
N SER C 26 42.88 72.19 31.54
CA SER C 26 41.53 72.58 31.11
C SER C 26 41.50 73.47 29.87
N LEU C 27 40.35 73.47 29.19
CA LEU C 27 40.08 74.39 28.07
C LEU C 27 38.58 74.43 27.73
N ARG C 28 38.11 75.61 27.36
CA ARG C 28 36.70 75.78 26.98
C ARG C 28 36.56 76.23 25.53
N LEU C 29 36.09 75.31 24.68
CA LEU C 29 35.83 75.61 23.27
C LEU C 29 34.49 76.29 23.06
N SER C 30 34.35 77.02 21.95
CA SER C 30 33.15 77.78 21.68
C SER C 30 32.74 77.69 20.20
N CYS C 31 31.44 77.63 19.95
CA CYS C 31 30.92 77.62 18.60
C CYS C 31 29.76 78.61 18.47
N ALA C 32 29.92 79.61 17.61
CA ALA C 32 28.87 80.61 17.40
C ALA C 32 28.11 80.29 16.12
N ALA C 33 26.80 80.07 16.26
CA ALA C 33 25.98 79.68 15.12
C ALA C 33 25.13 80.84 14.61
N SER C 34 24.91 80.86 13.30
CA SER C 34 24.01 81.84 12.69
C SER C 34 23.24 81.20 11.54
N GLY C 35 22.06 81.73 11.27
CA GLY C 35 21.20 81.21 10.22
C GLY C 35 20.14 80.28 10.77
N PHE C 36 20.39 79.75 11.97
CA PHE C 36 19.47 78.79 12.59
C PHE C 36 19.50 78.90 14.11
N THR C 37 18.44 78.44 14.76
CA THR C 37 18.38 78.41 16.22
C THR C 37 19.14 77.18 16.68
N LEU C 38 20.21 77.39 17.46
CA LEU C 38 21.09 76.29 17.83
C LEU C 38 20.33 75.16 18.51
N GLY C 39 19.48 75.51 19.47
CA GLY C 39 18.77 74.52 20.27
C GLY C 39 17.70 73.71 19.56
N SER C 40 17.50 73.95 18.28
CA SER C 40 16.50 73.18 17.52
C SER C 40 17.13 72.03 16.74
N ARG C 41 18.45 71.85 16.90
CA ARG C 41 19.16 70.82 16.15
C ARG C 41 20.08 69.95 17.00
N TYR C 42 20.35 68.74 16.50
CA TYR C 42 21.36 67.84 17.04
C TYR C 42 22.74 68.30 16.56
N MET C 43 23.64 68.56 17.49
CA MET C 43 24.98 69.04 17.16
C MET C 43 26.05 68.10 17.67
N SER C 44 27.22 68.13 17.04
CA SER C 44 28.33 67.28 17.46
C SER C 44 29.68 68.01 17.49
N TRP C 45 30.60 67.50 18.31
CA TRP C 45 32.01 67.90 18.25
C TRP C 45 32.82 66.75 17.65
N VAL C 46 33.73 67.08 16.76
CA VAL C 46 34.60 66.07 16.16
C VAL C 46 36.00 66.63 15.86
N ARG C 47 37.02 65.82 16.07
CA ARG C 47 38.40 66.28 15.90
C ARG C 47 39.11 65.48 14.82
N GLN C 48 40.05 66.12 14.13
CA GLN C 48 40.90 65.43 13.17
C GLN C 48 42.36 65.67 13.51
N ALA C 49 43.04 64.60 13.94
CA ALA C 49 44.45 64.68 14.32
C ALA C 49 45.32 64.75 13.08
N PRO C 50 46.52 65.34 13.20
CA PRO C 50 47.36 65.43 12.00
C PRO C 50 47.54 64.05 11.38
N GLY C 51 47.27 63.95 10.08
CA GLY C 51 47.41 62.68 9.38
C GLY C 51 46.53 61.56 9.93
N GLU C 52 45.21 61.78 9.95
CA GLU C 52 44.30 60.77 10.49
C GLU C 52 42.82 61.14 10.32
N GLY C 53 41.95 60.14 10.47
CA GLY C 53 40.53 60.34 10.24
C GLY C 53 39.83 61.14 11.31
N PHE C 54 38.52 61.27 11.19
CA PHE C 54 37.70 61.97 12.17
C PHE C 54 37.33 61.05 13.32
N GLU C 55 37.28 61.61 14.53
CA GLU C 55 36.81 60.87 15.69
C GLU C 55 35.63 61.60 16.32
N TRP C 56 34.55 60.87 16.59
CA TRP C 56 33.41 61.49 17.25
C TRP C 56 33.72 61.84 18.70
N VAL C 57 33.53 63.11 19.05
CA VAL C 57 33.83 63.59 20.39
C VAL C 57 32.58 63.65 21.26
N SER C 58 31.66 64.54 20.89
CA SER C 58 30.49 64.81 21.71
C SER C 58 29.24 65.01 20.85
N SER C 59 28.08 64.99 21.50
CA SER C 59 26.83 65.36 20.85
C SER C 59 25.84 65.94 21.84
N ILE C 60 25.06 66.92 21.38
CA ILE C 60 24.05 67.58 22.22
C ILE C 60 22.69 67.60 21.50
N GLU C 61 21.65 67.25 22.25
CA GLU C 61 20.29 67.27 21.71
C GLU C 61 19.59 68.62 21.86
N PRO C 62 18.52 68.83 21.08
CA PRO C 62 17.61 69.96 21.30
C PRO C 62 17.13 69.99 22.74
N SER C 63 16.88 68.80 23.30
CA SER C 63 16.40 68.68 24.68
C SER C 63 17.46 69.07 25.70
N GLY C 64 18.67 69.36 25.20
CA GLY C 64 19.76 69.78 26.06
C GLY C 64 20.61 68.63 26.55
N THR C 65 20.12 67.40 26.33
CA THR C 65 20.84 66.20 26.72
C THR C 65 22.15 66.05 25.95
N ALA C 66 23.19 65.60 26.64
CA ALA C 66 24.51 65.47 26.02
C ALA C 66 25.07 64.06 26.11
N TRP C 67 25.47 63.52 24.95
CA TRP C 67 26.07 62.20 24.87
C TRP C 67 27.53 62.33 24.45
N ASP C 68 28.41 61.61 25.13
CA ASP C 68 29.84 61.68 24.79
C ASP C 68 30.42 60.31 24.46
N GLY C 69 31.27 60.27 23.44
CA GLY C 69 31.87 59.03 22.99
C GLY C 69 32.94 58.51 23.93
N ASP C 70 33.54 57.38 23.56
CA ASP C 70 34.60 56.76 24.35
C ASP C 70 35.63 57.79 24.75
N SER C 71 36.00 58.64 23.81
CA SER C 71 36.96 59.70 24.07
C SER C 71 36.34 60.75 24.97
N ALA C 72 36.99 61.00 26.09
CA ALA C 72 36.58 62.08 26.99
C ALA C 72 35.18 61.90 27.56
N LYS C 73 34.88 60.72 28.09
CA LYS C 73 33.77 60.55 29.00
C LYS C 73 34.35 60.67 30.41
N GLY C 74 33.73 61.47 31.25
CA GLY C 74 34.27 61.74 32.57
C GLY C 74 35.37 62.77 32.47
N ARG C 75 35.45 63.43 31.32
CA ARG C 75 36.41 64.51 31.11
C ARG C 75 35.69 65.76 30.61
N PHE C 76 35.08 65.65 29.43
CA PHE C 76 34.41 66.78 28.80
C PHE C 76 32.91 66.82 29.08
N THR C 77 32.37 68.03 29.23
CA THR C 77 30.94 68.22 29.41
C THR C 77 30.39 69.20 28.38
N THR C 78 29.53 68.70 27.50
CA THR C 78 28.97 69.51 26.43
C THR C 78 27.79 70.35 26.93
N SER C 79 27.76 71.62 26.53
CA SER C 79 26.82 72.58 27.08
C SER C 79 26.34 73.57 26.02
N ARG C 80 25.28 74.31 26.34
CA ARG C 80 24.75 75.30 25.40
C ARG C 80 24.20 76.55 26.10
N ASP C 81 24.21 77.67 25.38
CA ASP C 81 23.52 78.88 25.82
C ASP C 81 22.63 79.36 24.69
N ASP C 82 21.32 79.30 24.90
CA ASP C 82 20.36 79.51 23.83
C ASP C 82 20.23 80.98 23.42
N ALA C 83 20.23 81.87 24.40
CA ALA C 83 20.14 83.29 24.12
C ALA C 83 21.33 83.77 23.28
N LYS C 84 22.52 83.28 23.62
CA LYS C 84 23.75 83.66 22.91
C LYS C 84 23.96 82.81 21.66
N ASN C 85 23.08 81.83 21.46
CA ASN C 85 23.14 80.93 20.31
C ASN C 85 24.53 80.36 20.08
N THR C 86 25.10 79.77 21.13
CA THR C 86 26.48 79.31 21.09
C THR C 86 26.64 77.95 21.76
N LEU C 87 27.34 77.05 21.09
CA LEU C 87 27.61 75.71 21.60
C LEU C 87 28.96 75.69 22.31
N TYR C 88 28.97 75.23 23.56
CA TYR C 88 30.20 75.19 24.35
C TYR C 88 30.68 73.76 24.61
N LEU C 89 31.99 73.60 24.70
CA LEU C 89 32.60 72.33 25.05
C LEU C 89 33.67 72.54 26.14
N GLN C 90 33.46 71.92 27.30
CA GLN C 90 34.35 72.13 28.43
C GLN C 90 35.27 70.92 28.63
N MET C 91 36.55 71.11 28.32
CA MET C 91 37.52 70.01 28.38
C MET C 91 38.35 70.10 29.65
N SER C 92 38.69 68.94 30.20
CA SER C 92 39.55 68.89 31.39
C SER C 92 40.43 67.64 31.34
N ASN C 93 41.51 67.65 32.12
CA ASN C 93 42.43 66.51 32.19
C ASN C 93 42.89 66.12 30.78
N LEU C 94 43.38 67.12 30.04
CA LEU C 94 43.81 66.88 28.66
C LEU C 94 45.18 66.19 28.57
N GLN C 95 45.38 65.46 27.48
CA GLN C 95 46.62 64.72 27.27
C GLN C 95 47.17 65.02 25.87
N PRO C 96 48.35 64.47 25.54
CA PRO C 96 48.94 64.69 24.21
C PRO C 96 48.17 64.01 23.07
N GLU C 97 47.41 62.97 23.38
CA GLU C 97 46.68 62.23 22.35
C GLU C 97 45.38 62.96 22.01
N ASP C 98 45.18 64.10 22.64
CA ASP C 98 44.02 64.95 22.38
C ASP C 98 44.32 66.05 21.35
N THR C 99 45.52 66.03 20.77
CA THR C 99 45.92 67.05 19.80
C THR C 99 45.29 66.85 18.43
N GLY C 100 44.91 67.97 17.80
CA GLY C 100 44.29 67.96 16.49
C GLY C 100 43.44 69.21 16.31
N VAL C 101 42.77 69.33 15.17
CA VAL C 101 41.87 70.45 14.94
C VAL C 101 40.42 70.07 15.26
N TYR C 102 39.80 70.84 16.16
CA TYR C 102 38.45 70.55 16.65
C TYR C 102 37.36 71.29 15.89
N TYR C 103 36.53 70.54 15.17
CA TYR C 103 35.41 71.10 14.41
C TYR C 103 34.09 71.00 15.18
N CYS C 104 33.28 72.06 15.14
CA CYS C 104 31.91 71.95 15.63
C CYS C 104 31.04 71.60 14.43
N ALA C 105 30.35 70.47 14.52
CA ALA C 105 29.62 69.95 13.36
C ALA C 105 28.10 69.83 13.53
N THR C 106 27.45 69.43 12.45
CA THR C 106 26.02 69.64 12.29
C THR C 106 25.10 68.47 12.68
N GLY C 107 25.64 67.29 12.91
CA GLY C 107 24.76 66.14 13.10
C GLY C 107 24.70 65.55 14.49
N TYR C 108 24.22 64.31 14.58
CA TYR C 108 24.46 63.49 15.76
C TYR C 108 25.51 62.41 15.43
N ARG C 109 26.48 62.26 16.33
CA ARG C 109 27.55 61.31 16.13
C ARG C 109 28.23 61.53 14.79
N THR C 110 28.38 62.79 14.39
CA THR C 110 28.90 63.04 13.07
C THR C 110 30.36 62.61 13.02
N ASP C 111 30.63 61.57 12.24
CA ASP C 111 31.98 61.04 12.07
C ASP C 111 32.65 61.50 10.80
N THR C 112 31.89 62.11 9.89
CA THR C 112 32.31 62.19 8.50
C THR C 112 31.73 63.39 7.78
N ARG C 113 32.33 63.76 6.65
CA ARG C 113 31.78 64.84 5.85
C ARG C 113 30.60 64.26 5.08
N ILE C 114 29.41 64.74 5.40
CA ILE C 114 28.18 64.28 4.77
C ILE C 114 27.53 65.41 3.99
N PRO C 115 27.26 65.19 2.70
CA PRO C 115 26.59 66.23 1.92
C PRO C 115 25.33 66.72 2.63
N GLY C 116 25.21 68.04 2.76
CA GLY C 116 24.10 68.66 3.46
C GLY C 116 24.46 69.14 4.85
N GLY C 117 25.51 68.56 5.41
CA GLY C 117 25.97 68.95 6.73
C GLY C 117 26.73 70.26 6.70
N SER C 118 26.74 70.95 7.83
CA SER C 118 27.53 72.16 7.97
C SER C 118 28.63 71.97 9.03
N TRP C 119 29.71 72.74 8.89
CA TRP C 119 30.86 72.60 9.77
C TRP C 119 31.40 73.97 10.12
N GLY C 120 32.31 74.00 11.09
CA GLY C 120 33.09 75.20 11.35
C GLY C 120 34.31 75.18 10.48
N GLN C 121 35.22 76.13 10.66
CA GLN C 121 36.48 76.15 9.92
C GLN C 121 37.56 75.34 10.64
N GLY C 122 37.31 75.01 11.89
CA GLY C 122 38.27 74.28 12.72
C GLY C 122 38.94 75.14 13.77
N THR C 123 39.38 74.49 14.84
CA THR C 123 40.05 75.16 15.96
C THR C 123 41.23 74.31 16.44
N GLN C 124 42.42 74.91 16.46
CA GLN C 124 43.63 74.16 16.80
C GLN C 124 43.75 73.87 18.29
N VAL C 125 44.19 72.65 18.60
CA VAL C 125 44.52 72.27 19.97
C VAL C 125 45.82 71.49 20.00
N THR C 126 46.81 72.03 20.70
CA THR C 126 48.07 71.34 20.93
C THR C 126 48.30 71.21 22.44
N VAL C 127 48.41 69.96 22.90
CA VAL C 127 48.61 69.71 24.33
C VAL C 127 49.91 68.95 24.56
#